data_9GE5
#
_entry.id   9GE5
#
loop_
_entity.id
_entity.type
_entity.pdbx_description
1 polymer 'RuvB-like 1'
2 polymer 'RuvB-like 2'
3 polymer 'Chromatin-remodeling ATPase INO80'
4 polymer 'INO80 complex subunit B'
5 polymer 'INO80 complex subunit C'
6 polymer 'Actin-related protein 5'
7 polymer 'Hexasomal DNA Strand 1'
8 polymer 'Hexasomal DNA strand 2'
9 polymer 'Histone H3.1'
10 polymer 'Histone H4'
11 polymer 'Histone H2A type 1-B/E'
12 polymer 'Histone H2B type 1-B'
13 non-polymer "ADENOSINE-5'-TRIPHOSPHATE"
14 non-polymer "ADENOSINE-5'-DIPHOSPHATE"
15 non-polymer 'ZINC ION'
#
loop_
_entity_poly.entity_id
_entity_poly.type
_entity_poly.pdbx_seq_one_letter_code
_entity_poly.pdbx_strand_id
1 'polypeptide(L)'
;KIEEVKSTTKTQRIASHSHVKGLGLDESGLAKQAASGLVGQENAREACGVIVELIKSKKMAGRAVLLAGPPGTGKTALAL
AIAQELGSKVPFCPMVGSEVYSTEIKKTEVLMENFRRAIGLRIKETKEVYEGEVTELTPCETENPMGGYGKTISHVIIGL
KTAKGTKQLKLDPSIFESLQKERVEAGDVIYIEANSGAVKRQGRCDTYATEFDLEAEEYVPLPKGDVHKKKEIIQDVTLH
DLDVANARPQGGQDILSMMGQLMKPKKTEITDKLRGEINKVVNKYIDQGIAELVPGVLFVDEVHMLDIECFTYLHRALES
SIAPIVIFASNRGNCVIRGTEDITSPHGIPLDLLDRVMIIRTMLYTPQEMKQIIKIRAQTEGINISEEALNHLGEIGTKT
TLRYSVQLLTPANLLAKINGKDSIEKEHVEEISELFYDAKSSAKILADQQDKY
;
A,B,C
2 'polypeptide(L)'
;DVTRIERIGAHSHIRGLGLDDALEPRQASQGMVGQLAARRAAGVVLEMIREGKIAGRAVLIAGQPGTGKTAIAMGMAQAL
GPDTPFTAIAGSEIFSLEMSKTEALTQAFRRSIGVRIKEETEIIEGEVVEIQIDRPATGTGSKVGKLTLKTTEMETIYDL
GTKMIESLTKDKVQAGDVITIDKATGKISKLGRSFTRARDYDAMGSQTKFVQCPDGELQKRKEVVHTVSLHEIDVINSRT
QGFLALFSGDTGEIKSEVREQINAKVAEWREEGKAEIIPGVLFIDEVHMLDIESFSFLNRALESDMAPVLIMATNRGITR
IRGTSYQSPHGIPIDLLDRLLIVSTTPYSEKDTKQILRIRCEEEDVEMSEDAYTVLTRIGLETSLRYAIQLITAASLVCR
KRKGTEVQVDDIKRVYSLFLDESRSTQYMKEYQDAFLFN
;
D,E,F
3 'polypeptide(L)'
;LKGYQLKGMNWLANLYEQGINGILADEMGLGKTVQSIALLAHLAERENIWGPFLIISPASTLNNWHQEFTRFVPKFKVLP
YWGNPHDRKVIRRFWSQKTLYTQDAPFHVVITSYQLVVQDVKYFQRVKWQYMVLDEAQALKSSSSVRWKILLQFQCRNRL
LLTGTPIQNTMAELWALLHFIMPTLFDSHEEFNEWFSKDIESHAENKSAIDENQLSRLHMILKPFMLRRIKKDVENELSD
KIEILMYCQLTSRQKLLYQALKNKISIEDLLQSSMGSTQQAQNTTSSLMNLVMQFRKVCNHPELFERQETWSPFHISLKP
YHISKFIYRHGQIRVFNHSRDRWLRVLSPFAPDYIQRSLFHRKGINEESCFSFLRFIDISPAEMANLMLQGLLARWLALF
LSLKASYRLHQLRSWGAPEGESHQRYLRNKDFLLGVNFPLSFPNLCSCPLLKSLVFSSHCKAVSGYSDQVVHQRRSATSS
LRRCLLTELPSFLCVASPRVTAVPLDSYCNDRSAEYERRVLKEGGSLAAKQCLLNGAPELAADWLNRRSQFFPEPAGGLW
SIRPQNGWSFIRIPGKESLITDSGKLYALDVLLTRLKSQGHRVLIYSQMTRMIDLLEEYMVYRKHTYMRLDGSSKISERR
DMVADFQNRNDIFVFLLSTRAGGLGINLTAADTVIFYDSDWNPTVDQQAMDRAHRLGQTKQVTVYRLICKGTIEERILQR
AKEKSEIQRMVIS
;
G
4 'polypeptide(L)'
;LTEEMLLKREERARKRRLQAARRAEEHKNQTIERLTKTAATSGRGGRGGARGERRGGRAAAPAPMVRYCSGAQGSTLSFP
PGVPAPTAVSQRPSPSGPPPRCSVPGCPHPRRYACSRTGQALCSLQCYRINLQMR
;
H
5 'polypeptide(L)'
;KDPNFVHSGHGGAVAGKKNRTWKNLKQILASERALPWQLNDPNYFSIDAPPSFKPAKKYSDVSGLLANYTDPQSKLRFST
IEEFSYIRRLPSDVVTGYLALRKATSI
;
I
6 'polypeptide(L)'
;PFRDARAAPDPVLEAGPVAHGPLPVPLVLDNGSFQVRAGWACPGQDPGPEPRLQFRAVCARGRGGARGASGPQVGNALGS
LEPLRWMLRSPFDRNVPVNLELQELLLDYSFQHLGVSSQGCVDHPIVLTEAVCNPLYSRQMMSELLFECYGIPKVAYGID
SLFSFYHNKPKNSMCSGLIISSGYQCTHVLPILEGRLDAKNCKRINLGGSQAAGYLQRLLQLKYPGHLAAITLSRMEEIL
HEHSYIAEDYVEELHKWRCPDYYENNVHKMQLPFSSKLLGSTLTSEEKQERRQQQLRRLQELNARRREEKLQLDQERLDR
LLYVQELLEDGQMDQFHKALIELNMDSPEELQSYIQKLSIAVEQAKQKILQAEVNLEVDVVDSKPETPDLEQLEPSLEDV
ESMNDFDPLFSEETPGVEKPVTTVQPVFNLAAYHQLFVGTERIRAPEIIFQPSLIGEEQAGIAETLQYILDRYPKDIQEM
LVQNVFLTGGNTMYPGMKARMEKELLEMRPFRSSFQVQLASNPVLDAWYGARDWALNHLDDNEVWITRKEYEEKGGEYLK
EHCASNIYVPIRLPKQ
;
J
7 'polydeoxyribonucleotide'
;(DA)(DT)(DA)(DT)(DC)(DT)(DG)(DA)(DC)(DA)(DC)(DG)(DT)(DG)(DC)(DC)(DT)(DG)(DG)(DA)
(DG)(DA)(DC)(DT)(DA)(DG)(DG)(DG)(DA)(DG)(DT)(DA)(DA)(DT)(DC)(DC)(DC)(DC)(DT)(DT)
(DG)(DG)(DC)(DG)(DG)(DT)(DT)(DA)(DA)(DA)(DA)(DC)(DG)(DC)(DG)(DG)(DG)(DG)(DG)(DA)
(DC)(DA)(DG)(DC)(DG)(DC)(DG)(DT)(DA)(DC)(DG)(DT)(DG)(DC)(DG)(DT)(DT)(DT)(DA)(DA)
(DG)(DC)(DG)(DG)(DT)(DG)(DC)(DT)(DA)(DG)(DA)(DG)(DC)(DT)(DG)(DT)(DC)(DT)(DA)(DC)
(DG)(DA)(DC)(DC)(DA)(DA)(DT)(DT)(DG)(DA)(DG)(DC)(DG)
;
K
8 'polydeoxyribonucleotide'
;(DC)(DG)(DC)(DT)(DC)(DA)(DA)(DT)(DT)(DG)(DG)(DT)(DC)(DG)(DT)(DA)(DG)(DA)(DC)(DA)
(DG)(DC)(DT)(DC)(DT)(DA)(DG)(DC)(DA)(DC)(DC)(DG)(DC)(DT)(DT)(DA)(DA)(DA)(DC)(DG)
(DC)(DA)(DC)(DG)(DT)(DA)(DC)(DG)(DC)(DG)(DC)(DT)(DG)(DT)(DC)(DC)(DC)(DC)(DC)(DG)
(DC)(DG)(DT)(DT)(DT)(DT)(DA)(DA)(DC)(DC)(DG)(DC)(DC)(DA)(DA)(DG)(DG)(DG)(DG)(DA)
(DT)(DT)(DA)(DC)(DT)(DC)(DC)(DC)(DT)(DA)(DG)(DT)(DC)(DT)(DC)(DC)(DA)(DG)(DG)(DC)
(DA)(DC)(DG)(DT)(DG)(DT)(DC)(DA)(DG)(DA)(DT)(DA)(DT)
;
L
9 'polypeptide(L)'
;RPGTVALREIRRYQKSTELLIRKLPFQRLVREIAQDFKTDLRFQSSAVMALQEACEAYLVGLFEDTNLCAIHAKRVTIMP
KDIQLARRIRGERA
;
M,Q
10 'polypeptide(L)'
;LRDNIQGITKPAIRRLARRGGVKRISGLIYEETRGVLKVFLENVIRDAVTYTEHAKRKTVTAMDVVYALKRQGRTLYGFG
G
;
N,R
11 'polypeptide(L)'
;RAKAKTRSSRAGLQFPVGRVHRLLRKGNYSERVGAGAPVYLAAVLEYLTAEILELAGNAARDNKKTRIIPRHLQLAIRND
EELNKLLGRVTIAQGGVLPNIQAVLLPK
;
S
12 'polypeptide(L)'
;SRKESYSIYVYKVLKQVHPDTGISSKAMGIMNSFVNDIFERIAGEASRLAHYNKRSTITSREIQTAVRLLLPGELAKHAV
SEGTKAVTKYTS
;
T
#
loop_
_chem_comp.id
_chem_comp.type
_chem_comp.name
_chem_comp.formula
ADP non-polymer ADENOSINE-5'-DIPHOSPHATE 'C10 H15 N5 O10 P2'
ATP non-polymer ADENOSINE-5'-TRIPHOSPHATE 'C10 H16 N5 O13 P3'
DA DNA linking 2'-DEOXYADENOSINE-5'-MONOPHOSPHATE 'C10 H14 N5 O6 P'
DC DNA linking 2'-DEOXYCYTIDINE-5'-MONOPHOSPHATE 'C9 H14 N3 O7 P'
DG DNA linking 2'-DEOXYGUANOSINE-5'-MONOPHOSPHATE 'C10 H14 N5 O7 P'
DT DNA linking THYMIDINE-5'-MONOPHOSPHATE 'C10 H15 N2 O8 P'
ZN non-polymer 'ZINC ION' 'Zn 2'
#
# COMPACT_ATOMS: atom_id res chain seq x y z
N THR A 11 40.44 -11.13 -1.14
CA THR A 11 41.41 -10.10 -1.61
C THR A 11 40.83 -9.31 -2.77
N GLN A 12 41.49 -8.22 -3.17
CA GLN A 12 41.09 -7.36 -4.28
C GLN A 12 41.18 -8.08 -5.64
N ARG A 13 40.31 -7.73 -6.60
CA ARG A 13 40.32 -8.26 -7.97
C ARG A 13 41.34 -7.54 -8.84
N ILE A 14 41.97 -8.23 -9.79
CA ILE A 14 42.94 -7.65 -10.70
C ILE A 14 42.21 -6.98 -11.88
N ALA A 15 42.02 -5.67 -11.82
CA ALA A 15 41.46 -4.89 -12.93
C ALA A 15 42.50 -4.56 -14.00
N SER A 16 42.07 -4.03 -15.15
CA SER A 16 42.93 -3.64 -16.28
C SER A 16 44.08 -2.70 -15.88
N HIS A 17 43.82 -1.70 -15.04
CA HIS A 17 44.83 -0.73 -14.57
C HIS A 17 45.32 -0.99 -13.14
N SER A 18 45.01 -2.14 -12.52
CA SER A 18 45.46 -2.42 -11.15
C SER A 18 46.98 -2.60 -11.03
N HIS A 19 47.70 -2.76 -12.14
CA HIS A 19 49.15 -2.90 -12.15
C HIS A 19 49.91 -1.57 -12.06
N VAL A 20 49.29 -0.41 -12.27
CA VAL A 20 49.97 0.90 -12.24
C VAL A 20 49.74 1.60 -10.91
N LYS A 21 50.83 2.02 -10.26
CA LYS A 21 50.86 2.55 -8.89
C LYS A 21 51.32 4.01 -8.80
N GLY A 22 51.68 4.65 -9.90
CA GLY A 22 52.12 6.05 -9.93
C GLY A 22 52.81 6.40 -11.24
N LEU A 23 53.31 7.64 -11.39
CA LEU A 23 54.15 8.02 -12.52
C LEU A 23 55.58 7.51 -12.37
N GLY A 24 56.07 7.25 -11.16
CA GLY A 24 57.38 6.63 -10.96
C GLY A 24 58.57 7.45 -11.48
N LEU A 25 58.42 8.78 -11.55
CA LEU A 25 59.52 9.69 -11.89
C LEU A 25 60.56 9.71 -10.77
N ASP A 26 61.83 9.89 -11.09
CA ASP A 26 62.85 10.12 -10.07
C ASP A 26 62.81 11.57 -9.55
N GLU A 27 63.53 11.86 -8.47
CA GLU A 27 63.50 13.16 -7.78
C GLU A 27 63.91 14.37 -8.65
N SER A 28 64.57 14.17 -9.79
CA SER A 28 64.88 15.23 -10.75
C SER A 28 63.72 15.57 -11.69
N GLY A 29 62.63 14.81 -11.64
CA GLY A 29 61.48 14.90 -12.53
C GLY A 29 61.59 14.06 -13.81
N LEU A 30 62.74 13.42 -14.09
CA LEU A 30 62.87 12.53 -15.25
C LEU A 30 62.16 11.19 -15.01
N ALA A 31 61.69 10.58 -16.10
CA ALA A 31 61.06 9.27 -16.08
C ALA A 31 62.09 8.14 -16.11
N LYS A 32 61.99 7.21 -15.16
CA LYS A 32 62.74 5.93 -15.20
C LYS A 32 62.24 5.07 -16.36
N GLN A 33 63.05 4.14 -16.86
CA GLN A 33 62.65 3.29 -17.98
C GLN A 33 61.47 2.36 -17.63
N ALA A 34 61.45 1.84 -16.41
CA ALA A 34 60.36 1.05 -15.86
C ALA A 34 60.29 1.25 -14.34
N ALA A 35 59.14 1.71 -13.83
CA ALA A 35 58.93 1.94 -12.40
C ALA A 35 57.43 2.07 -12.08
N SER A 36 57.04 1.82 -10.84
CA SER A 36 55.65 1.98 -10.37
C SER A 36 54.60 1.29 -11.24
N GLY A 37 54.99 0.24 -11.96
CA GLY A 37 54.13 -0.52 -12.87
C GLY A 37 54.04 0.01 -14.30
N LEU A 38 54.59 1.18 -14.63
CA LEU A 38 54.66 1.69 -16.00
C LEU A 38 55.99 1.32 -16.68
N VAL A 39 56.01 1.26 -18.02
CA VAL A 39 57.24 1.15 -18.82
C VAL A 39 57.24 2.08 -20.02
N GLY A 40 58.43 2.43 -20.53
CA GLY A 40 58.57 3.23 -21.75
C GLY A 40 57.98 4.63 -21.59
N GLN A 41 57.35 5.14 -22.65
CA GLN A 41 56.47 6.32 -22.60
C GLN A 41 57.08 7.60 -22.00
N GLU A 42 58.41 7.73 -22.00
CA GLU A 42 59.13 8.75 -21.23
C GLU A 42 58.61 10.16 -21.51
N ASN A 43 58.55 10.57 -22.79
CA ASN A 43 58.15 11.92 -23.17
C ASN A 43 56.76 12.29 -22.68
N ALA A 44 55.81 11.34 -22.68
CA ALA A 44 54.46 11.61 -22.22
C ALA A 44 54.37 11.67 -20.70
N ARG A 45 55.04 10.74 -20.02
CA ARG A 45 54.86 10.56 -18.57
C ARG A 45 55.74 11.49 -17.75
N GLU A 46 56.88 11.90 -18.28
CA GLU A 46 57.64 13.06 -17.79
C GLU A 46 56.78 14.34 -17.83
N ALA A 47 56.01 14.54 -18.90
CA ALA A 47 55.11 15.68 -19.03
C ALA A 47 53.96 15.63 -18.01
N CYS A 48 53.36 14.46 -17.76
CA CYS A 48 52.36 14.32 -16.70
C CYS A 48 52.90 14.67 -15.31
N GLY A 49 54.20 14.53 -15.06
CA GLY A 49 54.82 15.06 -13.85
C GLY A 49 54.57 16.55 -13.66
N VAL A 50 54.69 17.35 -14.72
CA VAL A 50 54.42 18.79 -14.68
C VAL A 50 52.95 19.07 -14.39
N ILE A 51 52.03 18.22 -14.85
CA ILE A 51 50.61 18.37 -14.51
C ILE A 51 50.34 18.02 -13.06
N VAL A 52 50.98 17.01 -12.49
CA VAL A 52 50.86 16.72 -11.05
C VAL A 52 51.39 17.88 -10.22
N GLU A 53 52.54 18.44 -10.58
CA GLU A 53 53.04 19.65 -9.92
C GLU A 53 52.04 20.81 -10.02
N LEU A 54 51.36 20.96 -11.17
CA LEU A 54 50.35 22.01 -11.35
C LEU A 54 49.16 21.80 -10.42
N ILE A 55 48.59 20.60 -10.40
CA ILE A 55 47.41 20.30 -9.60
C ILE A 55 47.71 20.44 -8.11
N LYS A 56 48.86 19.94 -7.64
CA LYS A 56 49.27 20.08 -6.23
C LYS A 56 49.60 21.51 -5.82
N SER A 57 49.96 22.38 -6.77
CA SER A 57 50.24 23.80 -6.48
C SER A 57 48.99 24.66 -6.21
N LYS A 58 47.79 24.18 -6.52
CA LYS A 58 46.48 24.84 -6.26
C LYS A 58 46.27 26.26 -6.82
N LYS A 59 47.22 26.87 -7.53
CA LYS A 59 47.14 28.26 -8.01
C LYS A 59 46.13 28.47 -9.14
N MET A 60 45.76 27.42 -9.88
CA MET A 60 45.15 27.53 -11.21
C MET A 60 43.72 26.98 -11.27
N ALA A 61 42.89 27.56 -12.13
CA ALA A 61 41.57 27.07 -12.44
C ALA A 61 41.41 26.82 -13.94
N GLY A 62 40.63 25.81 -14.30
CA GLY A 62 40.17 25.56 -15.67
C GLY A 62 41.23 25.15 -16.69
N ARG A 63 42.51 25.25 -16.36
CA ARG A 63 43.62 24.80 -17.20
C ARG A 63 43.46 23.34 -17.57
N ALA A 64 43.73 22.94 -18.81
CA ALA A 64 43.38 21.60 -19.29
C ALA A 64 44.39 20.95 -20.24
N VAL A 65 44.35 19.63 -20.30
CA VAL A 65 45.33 18.75 -20.96
C VAL A 65 44.64 17.72 -21.82
N LEU A 66 45.17 17.43 -23.00
CA LEU A 66 44.66 16.38 -23.88
C LEU A 66 45.72 15.31 -24.12
N LEU A 67 45.43 14.08 -23.72
CA LEU A 67 46.23 12.91 -24.03
C LEU A 67 45.75 12.35 -25.36
N ALA A 68 46.58 12.41 -26.40
CA ALA A 68 46.23 11.98 -27.76
C ALA A 68 47.20 10.92 -28.29
N GLY A 69 46.69 9.93 -29.04
CA GLY A 69 47.50 8.85 -29.60
C GLY A 69 46.71 7.54 -29.78
N PRO A 70 47.26 6.56 -30.51
CA PRO A 70 46.56 5.33 -30.87
C PRO A 70 45.95 4.56 -29.69
N PRO A 71 44.98 3.67 -29.93
CA PRO A 71 44.52 2.72 -28.92
C PRO A 71 45.66 1.88 -28.34
N GLY A 72 45.58 1.52 -27.06
CA GLY A 72 46.55 0.66 -26.38
C GLY A 72 47.92 1.30 -26.12
N THR A 73 47.97 2.61 -25.84
CA THR A 73 49.23 3.37 -25.72
C THR A 73 49.45 4.06 -24.37
N GLY A 74 48.50 4.01 -23.43
CA GLY A 74 48.67 4.54 -22.08
C GLY A 74 47.83 5.75 -21.73
N LYS A 75 46.89 6.18 -22.57
CA LYS A 75 46.13 7.41 -22.33
C LYS A 75 45.17 7.27 -21.15
N THR A 76 44.71 6.06 -20.84
CA THR A 76 44.00 5.82 -19.59
C THR A 76 45.00 5.51 -18.49
N ALA A 77 46.06 4.75 -18.78
CA ALA A 77 47.03 4.37 -17.76
C ALA A 77 47.70 5.58 -17.11
N LEU A 78 48.21 6.54 -17.89
CA LEU A 78 48.81 7.76 -17.34
C LEU A 78 47.80 8.62 -16.58
N ALA A 79 46.57 8.76 -17.06
CA ALA A 79 45.56 9.53 -16.33
C ALA A 79 45.21 8.89 -14.97
N LEU A 80 45.13 7.55 -14.88
CA LEU A 80 44.99 6.90 -13.58
C LEU A 80 46.30 6.94 -12.77
N ALA A 81 47.46 6.95 -13.41
CA ALA A 81 48.72 7.15 -12.71
C ALA A 81 48.79 8.53 -12.05
N ILE A 82 48.28 9.58 -12.71
CA ILE A 82 48.13 10.90 -12.10
C ILE A 82 47.28 10.78 -10.84
N ALA A 83 46.14 10.09 -10.88
CA ALA A 83 45.31 9.91 -9.69
C ALA A 83 46.08 9.22 -8.55
N GLN A 84 46.94 8.24 -8.86
CA GLN A 84 47.77 7.63 -7.83
C GLN A 84 48.85 8.58 -7.28
N GLU A 85 49.41 9.49 -8.09
CA GLU A 85 50.36 10.49 -7.59
C GLU A 85 49.69 11.55 -6.72
N LEU A 86 48.45 11.93 -7.03
CA LEU A 86 47.66 12.83 -6.20
C LEU A 86 47.22 12.15 -4.89
N GLY A 87 46.88 10.87 -4.94
CA GLY A 87 46.39 10.10 -3.80
C GLY A 87 44.97 10.48 -3.38
N SER A 88 44.37 9.68 -2.50
CA SER A 88 42.95 9.81 -2.11
C SER A 88 42.58 11.17 -1.48
N LYS A 89 43.56 11.94 -1.01
CA LYS A 89 43.36 13.26 -0.42
C LYS A 89 42.89 14.32 -1.43
N VAL A 90 43.01 14.09 -2.73
CA VAL A 90 42.65 15.06 -3.78
C VAL A 90 41.57 14.47 -4.68
N PRO A 91 40.44 15.15 -4.92
CA PRO A 91 39.38 14.62 -5.76
C PRO A 91 39.86 14.33 -7.17
N PHE A 92 39.47 13.17 -7.69
CA PHE A 92 39.70 12.80 -9.08
C PHE A 92 38.42 12.18 -9.59
N CYS A 93 37.67 12.92 -10.40
CA CYS A 93 36.40 12.48 -10.92
C CYS A 93 36.58 11.91 -12.33
N PRO A 94 36.40 10.60 -12.56
CA PRO A 94 36.42 10.03 -13.90
C PRO A 94 35.03 10.13 -14.52
N MET A 95 34.92 10.48 -15.80
CA MET A 95 33.69 10.35 -16.56
C MET A 95 33.95 10.00 -18.02
N VAL A 96 32.97 9.41 -18.68
CA VAL A 96 32.99 9.14 -20.11
C VAL A 96 32.24 10.23 -20.83
N GLY A 97 32.74 10.76 -21.95
CA GLY A 97 32.04 11.77 -22.74
C GLY A 97 30.61 11.35 -23.10
N SER A 98 30.36 10.06 -23.26
CA SER A 98 29.03 9.52 -23.52
C SER A 98 28.04 9.60 -22.33
N GLU A 99 28.48 9.92 -21.12
CA GLU A 99 27.56 10.13 -19.98
C GLU A 99 26.80 11.45 -20.09
N VAL A 100 27.27 12.38 -20.91
CA VAL A 100 26.64 13.69 -21.10
C VAL A 100 25.21 13.60 -21.65
N TYR A 101 24.86 12.56 -22.38
CA TYR A 101 23.50 12.34 -22.90
C TYR A 101 22.54 11.80 -21.83
N SER A 102 22.26 12.61 -20.81
CA SER A 102 21.17 12.36 -19.86
C SER A 102 19.79 12.46 -20.52
N THR A 103 18.76 11.87 -19.89
CA THR A 103 17.34 12.05 -20.29
C THR A 103 16.52 12.77 -19.23
N GLU A 104 17.15 13.37 -18.22
CA GLU A 104 16.47 14.20 -17.22
C GLU A 104 17.00 15.64 -17.16
N ILE A 105 18.22 15.89 -17.65
CA ILE A 105 18.85 17.21 -17.67
C ILE A 105 19.59 17.48 -18.98
N LYS A 106 19.77 18.75 -19.33
CA LYS A 106 20.48 19.14 -20.54
C LYS A 106 21.95 18.74 -20.51
N LYS A 107 22.55 18.57 -21.68
CA LYS A 107 23.95 18.16 -21.83
C LYS A 107 24.90 19.06 -21.06
N THR A 108 24.75 20.38 -21.14
CA THR A 108 25.64 21.31 -20.42
C THR A 108 25.53 21.18 -18.90
N GLU A 109 24.40 20.71 -18.37
CA GLU A 109 24.27 20.47 -16.94
C GLU A 109 25.12 19.28 -16.53
N VAL A 110 25.17 18.19 -17.30
CA VAL A 110 26.02 17.05 -16.95
C VAL A 110 27.49 17.44 -16.98
N LEU A 111 27.92 18.33 -17.87
CA LEU A 111 29.26 18.89 -17.77
C LEU A 111 29.41 19.66 -16.46
N MET A 112 28.47 20.55 -16.14
CA MET A 112 28.63 21.41 -14.97
C MET A 112 28.61 20.62 -13.66
N GLU A 113 27.76 19.60 -13.51
CA GLU A 113 27.81 18.72 -12.35
C GLU A 113 29.18 18.07 -12.23
N ASN A 114 29.72 17.51 -13.31
CA ASN A 114 31.02 16.87 -13.21
C ASN A 114 32.15 17.86 -12.96
N PHE A 115 32.10 19.09 -13.47
CA PHE A 115 33.06 20.12 -13.10
C PHE A 115 32.98 20.47 -11.61
N ARG A 116 31.81 20.32 -10.98
CA ARG A 116 31.62 20.58 -9.54
C ARG A 116 31.92 19.36 -8.67
N ARG A 117 31.93 18.13 -9.21
CA ARG A 117 32.43 16.94 -8.49
C ARG A 117 33.94 16.97 -8.30
N ALA A 118 34.66 17.72 -9.12
CA ALA A 118 36.12 17.77 -9.09
C ALA A 118 36.72 18.85 -8.17
N ILE A 119 35.93 19.52 -7.34
CA ILE A 119 36.43 20.47 -6.34
C ILE A 119 35.99 19.98 -4.96
N GLY A 120 36.93 19.80 -4.02
CA GLY A 120 36.65 19.19 -2.73
C GLY A 120 36.89 20.14 -1.56
N LEU A 121 35.95 20.17 -0.63
CA LEU A 121 36.19 20.61 0.73
C LEU A 121 36.70 19.44 1.57
N ARG A 122 37.53 19.80 2.53
CA ARG A 122 38.27 18.93 3.44
C ARG A 122 38.02 19.45 4.85
N ILE A 123 37.03 18.88 5.54
CA ILE A 123 36.51 19.40 6.81
C ILE A 123 36.98 18.51 7.96
N LYS A 124 37.53 19.09 9.02
CA LYS A 124 38.02 18.31 10.18
C LYS A 124 37.03 18.40 11.33
N GLU A 125 36.68 17.28 11.94
CA GLU A 125 35.90 17.25 13.18
C GLU A 125 36.31 16.07 14.04
N THR A 126 36.15 16.18 15.36
CA THR A 126 36.35 15.05 16.26
C THR A 126 35.13 14.14 16.23
N LYS A 127 35.33 12.86 15.94
CA LYS A 127 34.32 11.83 16.17
C LYS A 127 34.22 11.63 17.67
N GLU A 128 33.01 11.55 18.20
CA GLU A 128 32.76 11.32 19.62
C GLU A 128 31.59 10.35 19.75
N VAL A 129 31.90 9.11 20.07
CA VAL A 129 30.92 8.04 20.23
C VAL A 129 30.77 7.73 21.70
N TYR A 130 29.53 7.72 22.20
CA TYR A 130 29.20 7.07 23.46
C TYR A 130 28.36 5.84 23.16
N GLU A 131 28.66 4.69 23.74
CA GLU A 131 27.77 3.52 23.61
C GLU A 131 27.73 2.65 24.86
N GLY A 132 26.64 1.94 25.08
CA GLY A 132 26.46 1.06 26.25
C GLY A 132 25.01 0.75 26.59
N GLU A 133 24.77 -0.07 27.61
CA GLU A 133 23.43 -0.22 28.18
C GLU A 133 23.02 1.09 28.85
N VAL A 134 21.79 1.54 28.65
CA VAL A 134 21.21 2.68 29.35
C VAL A 134 20.78 2.28 30.75
N THR A 135 21.39 2.82 31.79
CA THR A 135 21.06 2.51 33.20
C THR A 135 19.93 3.37 33.76
N GLU A 136 19.77 4.62 33.31
CA GLU A 136 18.63 5.48 33.69
C GLU A 136 18.38 6.59 32.68
N LEU A 137 17.15 7.13 32.67
CA LEU A 137 16.75 8.35 31.99
C LEU A 137 16.01 9.28 32.98
N THR A 138 16.43 10.53 33.10
CA THR A 138 15.75 11.53 33.97
C THR A 138 15.71 12.92 33.32
N PRO A 139 14.57 13.29 32.71
CA PRO A 139 14.30 14.67 32.30
C PRO A 139 14.34 15.64 33.49
N CYS A 140 14.86 16.86 33.26
CA CYS A 140 15.07 17.86 34.29
C CYS A 140 14.48 19.22 33.92
N GLY A 150 12.11 27.38 30.10
CA GLY A 150 11.07 26.74 30.91
C GLY A 150 11.67 25.63 31.76
N LYS A 151 11.12 25.42 32.97
CA LYS A 151 11.62 24.46 33.98
C LYS A 151 11.53 22.97 33.61
N THR A 152 10.73 22.63 32.60
CA THR A 152 10.24 21.26 32.33
C THR A 152 11.32 20.30 31.84
N ILE A 153 11.91 20.54 30.66
CA ILE A 153 13.04 19.77 30.11
C ILE A 153 14.12 20.72 29.58
N SER A 154 15.02 21.14 30.46
CA SER A 154 16.27 21.81 30.08
C SER A 154 17.21 20.84 29.35
N HIS A 155 17.26 19.61 29.85
CA HIS A 155 18.10 18.50 29.39
C HIS A 155 17.53 17.20 29.96
N VAL A 156 17.99 16.07 29.42
CA VAL A 156 17.75 14.75 30.03
C VAL A 156 19.08 14.16 30.46
N ILE A 157 19.23 13.81 31.74
CA ILE A 157 20.36 12.98 32.15
C ILE A 157 20.11 11.55 31.68
N ILE A 158 21.13 10.92 31.10
CA ILE A 158 21.13 9.51 30.73
C ILE A 158 22.35 8.84 31.34
N GLY A 159 22.19 7.65 31.89
CA GLY A 159 23.30 6.84 32.42
C GLY A 159 23.67 5.73 31.45
N LEU A 160 24.97 5.50 31.21
CA LEU A 160 25.48 4.47 30.31
C LEU A 160 26.41 3.51 31.04
N LYS A 161 26.43 2.24 30.62
CA LYS A 161 27.31 1.19 31.16
C LYS A 161 27.88 0.32 30.06
N THR A 162 29.14 -0.07 30.19
CA THR A 162 29.79 -1.13 29.39
C THR A 162 30.69 -1.96 30.28
N ALA A 163 31.22 -3.08 29.80
CA ALA A 163 32.16 -3.88 30.59
C ALA A 163 33.42 -3.13 31.01
N LYS A 164 33.68 -1.92 30.48
CA LYS A 164 34.82 -1.06 30.83
C LYS A 164 34.47 0.03 31.83
N GLY A 165 33.20 0.27 32.15
CA GLY A 165 32.78 1.25 33.16
C GLY A 165 31.45 1.94 32.86
N THR A 166 31.26 3.14 33.42
CA THR A 166 30.02 3.92 33.30
C THR A 166 30.27 5.41 33.11
N LYS A 167 29.33 6.11 32.49
CA LYS A 167 29.23 7.58 32.48
C LYS A 167 27.78 8.03 32.61
N GLN A 168 27.56 9.24 33.09
CA GLN A 168 26.31 9.97 32.91
C GLN A 168 26.52 11.08 31.88
N LEU A 169 25.56 11.27 30.98
CA LEU A 169 25.57 12.32 29.96
C LEU A 169 24.36 13.23 30.13
N LYS A 170 24.54 14.50 29.81
CA LYS A 170 23.52 15.53 29.79
C LYS A 170 23.07 15.77 28.35
N LEU A 171 21.96 15.15 27.94
CA LEU A 171 21.44 15.25 26.58
C LEU A 171 20.64 16.53 26.32
N ASP A 172 20.90 17.15 25.18
CA ASP A 172 20.00 18.12 24.55
C ASP A 172 18.61 17.50 24.29
N PRO A 173 17.49 18.19 24.57
CA PRO A 173 16.14 17.70 24.29
C PRO A 173 15.91 17.20 22.86
N SER A 174 16.64 17.71 21.86
CA SER A 174 16.60 17.19 20.49
C SER A 174 17.18 15.76 20.38
N ILE A 175 18.20 15.44 21.17
CA ILE A 175 18.71 14.07 21.24
C ILE A 175 17.72 13.18 21.98
N PHE A 176 17.14 13.61 23.10
CA PHE A 176 16.11 12.81 23.78
C PHE A 176 14.88 12.56 22.90
N GLU A 177 14.46 13.54 22.10
CA GLU A 177 13.42 13.33 21.09
C GLU A 177 13.83 12.20 20.11
N SER A 178 15.11 12.08 19.78
CA SER A 178 15.64 10.98 18.97
C SER A 178 15.66 9.64 19.72
N LEU A 179 15.99 9.61 21.02
CA LEU A 179 15.85 8.40 21.83
C LEU A 179 14.41 7.90 21.81
N GLN A 180 13.43 8.80 21.95
CA GLN A 180 12.03 8.43 21.87
C GLN A 180 11.60 8.02 20.45
N LYS A 181 12.25 8.56 19.40
CA LYS A 181 12.06 8.13 17.99
C LYS A 181 12.42 6.66 17.81
N GLU A 182 13.55 6.25 18.38
CA GLU A 182 14.05 4.88 18.39
C GLU A 182 13.31 3.96 19.39
N ARG A 183 12.30 4.47 20.11
CA ARG A 183 11.57 3.76 21.17
C ARG A 183 12.45 3.18 22.27
N VAL A 184 13.52 3.89 22.64
CA VAL A 184 14.48 3.47 23.67
C VAL A 184 13.91 3.55 25.09
N GLU A 185 14.26 2.59 25.94
CA GLU A 185 13.94 2.54 27.37
C GLU A 185 15.16 2.07 28.19
N ALA A 186 15.17 2.25 29.51
CA ALA A 186 16.27 1.75 30.34
C ALA A 186 16.48 0.24 30.16
N GLY A 187 17.74 -0.19 30.09
CA GLY A 187 18.13 -1.56 29.74
C GLY A 187 18.31 -1.82 28.24
N ASP A 188 18.06 -0.87 27.35
CA ASP A 188 18.52 -0.96 25.96
C ASP A 188 20.01 -0.65 25.81
N VAL A 189 20.64 -1.19 24.76
CA VAL A 189 22.03 -0.88 24.39
C VAL A 189 22.03 0.12 23.25
N ILE A 190 22.63 1.28 23.47
CA ILE A 190 22.50 2.44 22.60
C ILE A 190 23.85 2.88 22.09
N TYR A 191 23.89 3.36 20.85
CA TYR A 191 25.00 4.09 20.25
C TYR A 191 24.58 5.53 20.04
N ILE A 192 25.27 6.47 20.69
CA ILE A 192 25.11 7.92 20.54
C ILE A 192 26.33 8.46 19.82
N GLU A 193 26.15 9.21 18.74
CA GLU A 193 27.24 9.89 18.06
C GLU A 193 27.17 11.40 18.36
N ALA A 194 27.77 11.82 19.47
CA ALA A 194 27.52 13.12 20.09
C ALA A 194 27.92 14.33 19.24
N ASN A 195 28.81 14.17 18.27
CA ASN A 195 29.16 15.25 17.34
C ASN A 195 28.13 15.46 16.22
N SER A 196 27.16 14.54 16.05
CA SER A 196 26.24 14.52 14.91
C SER A 196 24.78 14.37 15.31
N GLY A 197 24.52 13.88 16.51
CA GLY A 197 23.17 13.60 17.00
C GLY A 197 22.54 12.34 16.44
N ALA A 198 23.30 11.47 15.77
CA ALA A 198 22.81 10.16 15.39
C ALA A 198 22.64 9.27 16.63
N VAL A 199 21.56 8.50 16.66
CA VAL A 199 21.22 7.58 17.74
C VAL A 199 20.73 6.27 17.15
N LYS A 200 21.24 5.13 17.63
CA LYS A 200 20.73 3.81 17.22
C LYS A 200 20.57 2.86 18.41
N ARG A 201 19.44 2.16 18.47
CA ARG A 201 19.27 0.99 19.33
C ARG A 201 20.02 -0.20 18.73
N GLN A 202 21.00 -0.76 19.43
CA GLN A 202 21.64 -2.01 19.01
C GLN A 202 20.78 -3.23 19.38
N GLY A 203 20.14 -3.22 20.54
CA GLY A 203 19.27 -4.28 21.04
C GLY A 203 19.03 -4.12 22.53
N ARG A 204 18.22 -4.98 23.14
CA ARG A 204 18.04 -4.99 24.61
C ARG A 204 19.27 -5.61 25.27
N CYS A 205 19.75 -5.12 26.41
CA CYS A 205 20.94 -5.70 27.03
C CYS A 205 20.67 -7.11 27.55
N ASP A 206 21.57 -8.06 27.34
CA ASP A 206 21.31 -9.47 27.67
C ASP A 206 21.20 -9.78 29.18
N THR A 207 21.51 -8.84 30.07
CA THR A 207 21.15 -8.97 31.49
C THR A 207 19.63 -8.99 31.70
N TYR A 208 18.86 -8.43 30.77
CA TYR A 208 17.39 -8.51 30.73
C TYR A 208 16.86 -9.64 29.83
N ALA A 209 17.71 -10.52 29.28
CA ALA A 209 17.30 -11.58 28.37
C ALA A 209 16.37 -12.64 29.00
N THR A 210 16.13 -12.57 30.30
CA THR A 210 15.23 -13.48 31.02
C THR A 210 14.00 -12.76 31.61
N GLU A 211 13.74 -11.52 31.18
CA GLU A 211 12.55 -10.74 31.59
C GLU A 211 11.23 -11.41 31.19
N PHE A 212 11.23 -12.12 30.07
CA PHE A 212 10.22 -13.07 29.61
C PHE A 212 10.95 -14.23 28.93
N ASP A 213 10.36 -15.43 28.82
CA ASP A 213 11.04 -16.54 28.15
C ASP A 213 11.08 -16.36 26.63
N LEU A 214 10.05 -15.73 26.06
CA LEU A 214 9.89 -15.52 24.63
C LEU A 214 9.21 -14.17 24.38
N GLU A 215 9.98 -13.17 23.96
CA GLU A 215 9.49 -11.83 23.63
C GLU A 215 10.18 -11.30 22.36
N ALA A 216 9.46 -10.50 21.58
CA ALA A 216 9.90 -9.97 20.29
C ALA A 216 10.90 -8.82 20.42
N GLU A 217 12.03 -9.06 21.07
CA GLU A 217 13.21 -8.20 21.08
C GLU A 217 14.45 -9.03 20.81
N GLU A 218 15.47 -8.45 20.19
CA GLU A 218 16.77 -9.10 20.08
C GLU A 218 17.68 -8.56 21.17
N TYR A 219 18.34 -9.48 21.87
CA TYR A 219 19.20 -9.17 23.01
C TYR A 219 20.66 -9.21 22.57
N VAL A 220 21.45 -8.24 23.01
CA VAL A 220 22.87 -8.15 22.67
C VAL A 220 23.72 -8.14 23.93
N PRO A 221 24.94 -8.70 23.90
CA PRO A 221 25.80 -8.74 25.07
C PRO A 221 26.21 -7.32 25.45
N LEU A 222 26.38 -7.07 26.75
CA LEU A 222 26.85 -5.77 27.23
C LEU A 222 28.17 -5.41 26.52
N PRO A 223 28.27 -4.26 25.84
CA PRO A 223 29.43 -3.96 25.00
C PRO A 223 30.76 -4.13 25.73
N LYS A 224 31.70 -4.84 25.11
CA LYS A 224 33.07 -5.00 25.65
C LYS A 224 33.93 -3.76 25.43
N GLY A 225 33.49 -2.85 24.56
CA GLY A 225 34.20 -1.61 24.22
C GLY A 225 34.09 -0.54 25.31
N ASP A 226 34.91 0.50 25.18
CA ASP A 226 34.86 1.67 26.05
C ASP A 226 33.48 2.35 26.01
N VAL A 227 33.07 2.98 27.11
CA VAL A 227 31.83 3.77 27.16
C VAL A 227 31.89 4.93 26.17
N HIS A 228 33.08 5.50 26.00
CA HIS A 228 33.36 6.74 25.28
C HIS A 228 34.59 6.56 24.39
N LYS A 229 34.50 6.98 23.12
CA LYS A 229 35.59 6.90 22.14
C LYS A 229 35.74 8.20 21.37
N LYS A 230 36.97 8.61 21.10
CA LYS A 230 37.36 9.83 20.38
C LYS A 230 38.17 9.46 19.14
N LYS A 231 38.02 10.20 18.05
CA LYS A 231 38.97 10.21 16.92
C LYS A 231 39.05 11.60 16.33
N GLU A 232 40.17 11.98 15.74
CA GLU A 232 40.13 12.96 14.65
C GLU A 232 39.56 12.24 13.42
N ILE A 233 38.52 12.79 12.78
CA ILE A 233 38.10 12.36 11.44
C ILE A 233 38.07 13.53 10.49
N ILE A 234 38.33 13.21 9.23
CA ILE A 234 38.47 14.16 8.15
C ILE A 234 37.43 13.81 7.11
N GLN A 235 36.51 14.74 6.83
CA GLN A 235 35.38 14.54 5.94
C GLN A 235 35.70 15.12 4.56
N ASP A 236 35.44 14.36 3.51
CA ASP A 236 35.59 14.81 2.12
C ASP A 236 34.21 15.09 1.54
N VAL A 237 33.95 16.31 1.08
CA VAL A 237 32.68 16.67 0.44
C VAL A 237 32.94 17.55 -0.78
N THR A 238 32.32 17.27 -1.92
CA THR A 238 32.55 18.04 -3.15
C THR A 238 31.61 19.23 -3.24
N LEU A 239 31.94 20.27 -4.01
CA LEU A 239 30.98 21.34 -4.23
C LEU A 239 29.69 20.82 -4.89
N HIS A 240 29.77 19.78 -5.72
CA HIS A 240 28.56 19.19 -6.30
C HIS A 240 27.64 18.58 -5.24
N ASP A 241 28.16 17.97 -4.19
CA ASP A 241 27.31 17.45 -3.12
C ASP A 241 26.51 18.56 -2.45
N LEU A 242 27.11 19.75 -2.26
CA LEU A 242 26.39 20.93 -1.79
C LEU A 242 25.37 21.41 -2.82
N ASP A 243 25.76 21.59 -4.08
CA ASP A 243 24.85 22.01 -5.15
C ASP A 243 23.62 21.10 -5.24
N VAL A 244 23.76 19.79 -5.04
CA VAL A 244 22.63 18.87 -5.03
C VAL A 244 21.83 18.99 -3.74
N ALA A 245 22.47 18.80 -2.59
CA ALA A 245 21.74 18.62 -1.34
C ALA A 245 21.02 19.88 -0.85
N ASN A 246 21.34 21.06 -1.39
CA ASN A 246 20.69 22.32 -1.05
C ASN A 246 19.74 22.85 -2.13
N ALA A 247 19.68 22.27 -3.33
CA ALA A 247 18.90 22.86 -4.42
C ALA A 247 17.41 22.55 -4.35
N ARG A 248 17.06 21.27 -4.36
CA ARG A 248 15.68 20.83 -4.16
C ARG A 248 15.37 20.89 -2.67
N PRO A 249 14.11 21.09 -2.25
CA PRO A 249 13.72 20.82 -0.87
C PRO A 249 14.18 19.41 -0.50
N GLN A 250 14.77 19.23 0.66
CA GLN A 250 15.21 17.90 1.06
C GLN A 250 14.01 16.96 1.22
N GLY A 251 14.25 15.65 1.23
CA GLY A 251 13.23 14.69 1.64
C GLY A 251 12.71 15.01 3.05
N GLY A 252 13.60 15.47 3.93
CA GLY A 252 13.28 15.94 5.29
C GLY A 252 12.71 14.85 6.20
N GLN A 253 12.79 13.60 5.75
CA GLN A 253 11.99 12.48 6.21
C GLN A 253 12.86 11.22 6.21
N ASP A 254 13.32 10.87 7.41
CA ASP A 254 14.38 9.88 7.69
C ASP A 254 13.87 8.42 7.55
N ILE A 255 13.30 8.08 6.40
CA ILE A 255 12.26 7.06 6.20
C ILE A 255 10.99 7.39 6.96
N LEU A 256 11.05 7.54 8.30
CA LEU A 256 9.93 7.70 9.23
C LEU A 256 9.00 8.87 8.86
N SER A 257 8.00 8.57 8.03
CA SER A 257 7.15 9.53 7.33
C SER A 257 6.15 8.80 6.42
N MET A 258 5.44 9.51 5.54
CA MET A 258 4.99 8.87 4.29
C MET A 258 4.87 9.81 3.08
N MET A 259 4.96 11.14 3.22
CA MET A 259 4.92 12.04 2.06
C MET A 259 6.04 11.78 1.05
N GLY A 260 7.23 11.41 1.54
CA GLY A 260 8.38 11.04 0.71
C GLY A 260 8.17 9.81 -0.18
N GLN A 261 7.03 9.13 -0.09
CA GLN A 261 6.62 8.07 -1.03
C GLN A 261 6.04 8.62 -2.35
N LEU A 262 5.49 9.84 -2.36
CA LEU A 262 4.64 10.34 -3.46
C LEU A 262 5.42 11.05 -4.58
N MET A 263 6.26 12.04 -4.25
CA MET A 263 7.06 12.79 -5.22
C MET A 263 8.35 12.05 -5.52
N LYS A 264 8.50 11.47 -6.72
CA LYS A 264 9.74 10.76 -7.06
C LYS A 264 10.93 11.73 -7.14
N PRO A 265 12.11 11.37 -6.60
CA PRO A 265 13.30 12.16 -6.78
C PRO A 265 13.79 12.01 -8.22
N LYS A 266 14.27 13.11 -8.79
CA LYS A 266 14.81 13.15 -10.14
C LYS A 266 15.88 14.22 -10.25
N LYS A 267 16.81 14.04 -11.17
CA LYS A 267 17.83 15.03 -11.50
C LYS A 267 17.17 16.31 -12.03
N THR A 268 17.80 17.47 -11.87
CA THR A 268 17.20 18.77 -12.25
C THR A 268 18.26 19.77 -12.69
N GLU A 269 17.92 20.73 -13.56
CA GLU A 269 18.85 21.75 -14.06
C GLU A 269 19.19 22.78 -12.98
N ILE A 270 19.98 22.42 -11.97
CA ILE A 270 20.32 23.27 -10.81
C ILE A 270 20.74 24.68 -11.27
N THR A 271 20.12 25.70 -10.69
CA THR A 271 20.24 27.08 -11.17
C THR A 271 21.68 27.61 -11.14
N ASP A 272 21.98 28.69 -11.86
CA ASP A 272 23.27 29.36 -11.77
C ASP A 272 23.44 30.12 -10.44
N LYS A 273 22.36 30.74 -9.94
CA LYS A 273 22.41 31.62 -8.76
C LYS A 273 22.80 30.90 -7.47
N LEU A 274 22.21 29.74 -7.22
CA LEU A 274 22.51 28.90 -6.07
C LEU A 274 24.00 28.59 -5.99
N ARG A 275 24.64 28.25 -7.11
CA ARG A 275 26.09 28.01 -7.10
C ARG A 275 26.84 29.27 -6.68
N GLY A 276 26.36 30.45 -7.07
CA GLY A 276 26.85 31.72 -6.53
C GLY A 276 26.80 31.76 -5.01
N GLU A 277 25.68 31.36 -4.40
CA GLU A 277 25.61 31.33 -2.93
C GLU A 277 26.43 30.21 -2.30
N ILE A 278 26.51 29.01 -2.87
CA ILE A 278 27.42 27.98 -2.35
C ILE A 278 28.86 28.48 -2.37
N ASN A 279 29.30 29.15 -3.44
CA ASN A 279 30.63 29.74 -3.47
C ASN A 279 30.79 30.79 -2.37
N LYS A 280 29.77 31.61 -2.12
CA LYS A 280 29.82 32.64 -1.07
C LYS A 280 29.83 32.05 0.34
N VAL A 281 29.10 30.96 0.61
CA VAL A 281 29.17 30.27 1.90
C VAL A 281 30.49 29.54 2.09
N VAL A 282 30.97 28.80 1.10
CA VAL A 282 32.27 28.12 1.18
C VAL A 282 33.41 29.12 1.39
N ASN A 283 33.41 30.26 0.71
CA ASN A 283 34.37 31.32 1.00
C ASN A 283 34.34 31.74 2.47
N LYS A 284 33.16 31.89 3.07
CA LYS A 284 33.04 32.26 4.48
C LYS A 284 33.66 31.20 5.39
N TYR A 285 33.45 29.92 5.10
CA TYR A 285 33.96 28.84 5.95
C TYR A 285 35.46 28.59 5.79
N ILE A 286 36.03 28.68 4.60
CA ILE A 286 37.49 28.54 4.46
C ILE A 286 38.23 29.73 5.05
N ASP A 287 37.62 30.91 5.14
CA ASP A 287 38.17 32.04 5.91
C ASP A 287 38.16 31.78 7.42
N GLN A 288 37.10 31.17 7.95
CA GLN A 288 37.04 30.78 9.37
C GLN A 288 37.86 29.54 9.70
N GLY A 289 38.52 28.90 8.74
CA GLY A 289 39.38 27.74 8.96
C GLY A 289 38.63 26.46 9.35
N ILE A 290 37.31 26.45 9.32
CA ILE A 290 36.48 25.27 9.56
C ILE A 290 36.65 24.25 8.43
N ALA A 291 36.98 24.72 7.22
CA ALA A 291 37.21 23.89 6.04
C ALA A 291 38.51 24.29 5.34
N GLU A 292 39.08 23.40 4.53
CA GLU A 292 40.13 23.74 3.57
C GLU A 292 39.78 23.14 2.21
N LEU A 293 40.43 23.62 1.15
CA LEU A 293 40.06 23.31 -0.23
C LEU A 293 41.12 22.48 -0.95
N VAL A 294 40.65 21.50 -1.72
CA VAL A 294 41.46 20.71 -2.65
C VAL A 294 40.82 20.75 -4.03
N PRO A 295 41.20 21.71 -4.88
CA PRO A 295 40.89 21.66 -6.30
C PRO A 295 41.48 20.40 -6.91
N GLY A 296 40.64 19.52 -7.42
CA GLY A 296 41.02 18.21 -7.91
C GLY A 296 41.19 18.19 -9.42
N VAL A 297 40.90 17.05 -10.02
CA VAL A 297 40.90 16.86 -11.47
C VAL A 297 39.56 16.30 -11.93
N LEU A 298 39.07 16.75 -13.08
CA LEU A 298 38.04 16.06 -13.83
C LEU A 298 38.72 15.35 -15.00
N PHE A 299 38.51 14.05 -15.13
CA PHE A 299 39.08 13.28 -16.22
C PHE A 299 37.98 12.80 -17.15
N VAL A 300 38.04 13.22 -18.41
CA VAL A 300 37.05 12.94 -19.44
C VAL A 300 37.63 11.93 -20.42
N ASP A 301 37.26 10.67 -20.23
CA ASP A 301 37.45 9.61 -21.19
C ASP A 301 36.59 9.84 -22.43
N GLU A 302 37.07 9.47 -23.61
CA GLU A 302 36.29 9.58 -24.84
C GLU A 302 35.77 10.99 -25.12
N VAL A 303 36.61 12.02 -24.93
CA VAL A 303 36.20 13.41 -25.12
C VAL A 303 35.60 13.67 -26.51
N HIS A 304 36.05 12.94 -27.53
CA HIS A 304 35.53 13.07 -28.89
C HIS A 304 34.05 12.72 -29.01
N MET A 305 33.48 12.03 -28.01
CA MET A 305 32.08 11.64 -28.00
C MET A 305 31.15 12.76 -27.48
N LEU A 306 31.72 13.89 -27.04
CA LEU A 306 30.98 15.11 -26.77
C LEU A 306 30.42 15.73 -28.05
N ASP A 307 29.24 16.33 -27.96
CA ASP A 307 28.59 17.04 -29.06
C ASP A 307 29.20 18.44 -29.28
N ILE A 308 29.06 19.04 -30.45
CA ILE A 308 29.53 20.41 -30.71
C ILE A 308 28.94 21.43 -29.74
N GLU A 309 27.71 21.22 -29.29
CA GLU A 309 27.09 22.04 -28.24
C GLU A 309 27.84 21.93 -26.91
N CYS A 310 28.28 20.73 -26.55
CA CYS A 310 29.05 20.51 -25.34
C CYS A 310 30.44 21.11 -25.47
N PHE A 311 31.10 20.94 -26.62
CA PHE A 311 32.40 21.57 -26.84
C PHE A 311 32.30 23.08 -26.74
N THR A 312 31.22 23.68 -27.22
CA THR A 312 31.01 25.12 -27.12
C THR A 312 30.64 25.58 -25.71
N TYR A 313 30.11 24.71 -24.85
CA TYR A 313 30.02 25.02 -23.43
C TYR A 313 31.39 25.00 -22.75
N LEU A 314 32.29 24.07 -23.12
CA LEU A 314 33.64 24.08 -22.57
C LEU A 314 34.43 25.33 -22.96
N HIS A 315 34.11 26.00 -24.07
CA HIS A 315 34.71 27.31 -24.40
C HIS A 315 34.43 28.37 -23.32
N ARG A 316 33.41 28.21 -22.47
CA ARG A 316 33.23 29.01 -21.26
C ARG A 316 33.77 28.30 -20.04
N ALA A 317 33.43 27.03 -19.83
CA ALA A 317 33.74 26.36 -18.57
C ALA A 317 35.25 26.34 -18.26
N LEU A 318 36.10 26.13 -19.26
CA LEU A 318 37.56 26.11 -19.06
C LEU A 318 38.16 27.49 -18.74
N GLU A 319 37.44 28.59 -18.96
CA GLU A 319 37.94 29.93 -18.64
C GLU A 319 37.71 30.30 -17.17
N SER A 320 36.69 29.69 -16.55
CA SER A 320 36.08 30.16 -15.31
C SER A 320 36.99 30.05 -14.10
N SER A 321 37.14 31.12 -13.33
CA SER A 321 38.08 31.26 -12.20
C SER A 321 37.86 30.31 -11.01
N ILE A 322 36.84 29.45 -11.04
CA ILE A 322 36.60 28.41 -10.03
C ILE A 322 36.86 26.99 -10.53
N ALA A 323 37.02 26.78 -11.84
CA ALA A 323 36.99 25.44 -12.45
C ALA A 323 38.17 24.52 -12.04
N PRO A 324 37.98 23.19 -11.99
CA PRO A 324 39.03 22.22 -11.70
C PRO A 324 40.05 22.15 -12.84
N ILE A 325 41.16 21.45 -12.67
CA ILE A 325 42.01 21.07 -13.81
C ILE A 325 41.29 19.96 -14.57
N VAL A 326 41.31 19.99 -15.91
CA VAL A 326 40.62 19.00 -16.74
C VAL A 326 41.58 18.22 -17.61
N ILE A 327 41.46 16.90 -17.63
CA ILE A 327 42.27 16.01 -18.46
C ILE A 327 41.36 15.26 -19.44
N PHE A 328 41.69 15.29 -20.72
CA PHE A 328 40.92 14.70 -21.80
C PHE A 328 41.68 13.54 -22.45
N ALA A 329 40.99 12.52 -22.92
CA ALA A 329 41.57 11.45 -23.71
C ALA A 329 40.86 11.27 -25.06
N SER A 330 41.60 11.11 -26.15
CA SER A 330 41.06 10.74 -27.46
C SER A 330 42.04 9.90 -28.28
N ASN A 331 41.52 9.08 -29.18
CA ASN A 331 42.31 8.17 -30.02
C ASN A 331 41.94 8.23 -31.52
N ARG A 332 41.13 9.22 -31.93
CA ARG A 332 40.67 9.38 -33.32
C ARG A 332 41.60 10.25 -34.16
N GLY A 333 41.57 10.06 -35.48
CA GLY A 333 42.38 10.79 -36.45
C GLY A 333 41.77 12.12 -36.86
N ASN A 334 41.79 12.44 -38.15
CA ASN A 334 41.13 13.65 -38.66
C ASN A 334 39.66 13.37 -39.03
N CYS A 335 38.85 12.92 -38.08
CA CYS A 335 37.46 12.53 -38.32
C CYS A 335 36.48 13.71 -38.31
N VAL A 336 35.19 13.45 -38.59
CA VAL A 336 34.12 14.44 -38.41
C VAL A 336 33.86 14.73 -36.94
N ILE A 337 33.61 15.97 -36.57
CA ILE A 337 33.21 16.35 -35.21
C ILE A 337 31.76 15.92 -34.99
N ARG A 338 31.50 15.19 -33.92
CA ARG A 338 30.17 14.71 -33.53
C ARG A 338 29.13 15.83 -33.57
N GLY A 339 28.04 15.60 -34.30
CA GLY A 339 26.90 16.52 -34.38
C GLY A 339 27.08 17.75 -35.28
N THR A 340 28.18 17.89 -36.02
CA THR A 340 28.38 19.03 -36.95
C THR A 340 27.92 18.77 -38.38
N GLU A 341 27.40 17.59 -38.68
CA GLU A 341 27.14 17.04 -40.02
C GLU A 341 28.41 16.75 -40.84
N ASP A 342 29.29 17.73 -41.07
CA ASP A 342 30.37 17.59 -42.06
C ASP A 342 31.72 18.22 -41.71
N ILE A 343 31.89 18.85 -40.53
CA ILE A 343 33.16 19.49 -40.19
C ILE A 343 34.17 18.47 -39.69
N THR A 344 35.27 18.25 -40.40
CA THR A 344 36.39 17.43 -39.90
C THR A 344 37.38 18.25 -39.07
N SER A 345 37.86 17.69 -37.95
CA SER A 345 38.90 18.32 -37.13
C SER A 345 39.75 17.28 -36.41
N PRO A 346 41.05 17.51 -36.20
CA PRO A 346 41.94 16.58 -35.54
C PRO A 346 41.42 16.07 -34.20
N HIS A 347 41.70 14.81 -33.89
CA HIS A 347 41.28 14.13 -32.65
C HIS A 347 39.77 14.08 -32.41
N GLY A 348 38.94 14.53 -33.35
CA GLY A 348 37.50 14.66 -33.20
C GLY A 348 37.06 15.85 -32.35
N ILE A 349 37.98 16.77 -32.02
CA ILE A 349 37.75 17.93 -31.16
C ILE A 349 37.78 19.20 -32.02
N PRO A 350 36.82 20.13 -31.90
CA PRO A 350 36.83 21.37 -32.68
C PRO A 350 38.12 22.15 -32.48
N LEU A 351 38.70 22.70 -33.55
CA LEU A 351 39.95 23.46 -33.47
C LEU A 351 39.92 24.56 -32.40
N ASP A 352 38.78 25.21 -32.23
CA ASP A 352 38.62 26.31 -31.27
C ASP A 352 38.57 25.86 -29.81
N LEU A 353 38.31 24.57 -29.54
CA LEU A 353 38.57 23.95 -28.23
C LEU A 353 39.98 23.38 -28.17
N LEU A 354 40.47 22.82 -29.26
CA LEU A 354 41.81 22.24 -29.30
C LEU A 354 42.88 23.30 -29.05
N ASP A 355 42.61 24.55 -29.41
CA ASP A 355 43.44 25.72 -29.11
C ASP A 355 43.42 26.14 -27.63
N ARG A 356 42.69 25.44 -26.76
CA ARG A 356 42.57 25.69 -25.31
C ARG A 356 43.23 24.62 -24.44
N VAL A 357 43.88 23.60 -25.00
CA VAL A 357 44.49 22.50 -24.23
C VAL A 357 45.97 22.30 -24.53
N MET A 358 46.73 21.92 -23.51
CA MET A 358 48.10 21.42 -23.70
C MET A 358 48.02 19.97 -24.20
N ILE A 359 48.59 19.65 -25.36
CA ILE A 359 48.45 18.31 -25.94
C ILE A 359 49.68 17.46 -25.62
N ILE A 360 49.46 16.25 -25.14
CA ILE A 360 50.49 15.25 -24.87
C ILE A 360 50.33 14.13 -25.90
N ARG A 361 51.36 13.86 -26.72
CA ARG A 361 51.31 12.74 -27.67
C ARG A 361 51.74 11.43 -27.01
N THR A 362 51.15 10.33 -27.45
CA THR A 362 51.30 9.00 -26.83
C THR A 362 51.81 8.03 -27.89
N MET A 363 52.91 7.33 -27.64
CA MET A 363 53.65 6.56 -28.66
C MET A 363 53.18 5.11 -28.77
N LEU A 364 53.36 4.48 -29.95
CA LEU A 364 53.24 3.03 -30.08
C LEU A 364 54.45 2.34 -29.46
N TYR A 365 54.23 1.27 -28.70
CA TYR A 365 55.28 0.47 -28.10
C TYR A 365 56.08 -0.34 -29.13
N THR A 366 57.39 -0.44 -28.95
CA THR A 366 58.20 -1.48 -29.58
C THR A 366 57.96 -2.83 -28.90
N PRO A 367 58.18 -3.97 -29.57
CA PRO A 367 58.00 -5.29 -28.96
C PRO A 367 58.80 -5.49 -27.67
N GLN A 368 59.97 -4.89 -27.56
CA GLN A 368 60.83 -4.93 -26.37
C GLN A 368 60.22 -4.20 -25.18
N GLU A 369 59.38 -3.18 -25.40
CA GLU A 369 58.55 -2.60 -24.34
C GLU A 369 57.36 -3.50 -24.03
N MET A 370 56.67 -4.02 -25.06
CA MET A 370 55.50 -4.88 -24.83
C MET A 370 55.84 -6.09 -23.97
N LYS A 371 56.98 -6.76 -24.19
CA LYS A 371 57.40 -7.89 -23.37
C LYS A 371 57.47 -7.52 -21.88
N GLN A 372 57.95 -6.33 -21.55
CA GLN A 372 57.99 -5.87 -20.15
C GLN A 372 56.59 -5.63 -19.61
N ILE A 373 55.68 -5.03 -20.39
CA ILE A 373 54.29 -4.87 -19.96
C ILE A 373 53.65 -6.24 -19.72
N ILE A 374 53.86 -7.21 -20.61
CA ILE A 374 53.33 -8.56 -20.44
C ILE A 374 53.87 -9.17 -19.15
N LYS A 375 55.16 -9.01 -18.86
CA LYS A 375 55.73 -9.52 -17.61
C LYS A 375 55.10 -8.86 -16.39
N ILE A 376 54.96 -7.54 -16.40
CA ILE A 376 54.36 -6.77 -15.30
C ILE A 376 52.90 -7.18 -15.09
N ARG A 377 52.14 -7.33 -16.17
CA ARG A 377 50.79 -7.88 -16.09
C ARG A 377 50.80 -9.29 -15.53
N ALA A 378 51.65 -10.18 -16.02
CA ALA A 378 51.70 -11.56 -15.52
C ALA A 378 51.98 -11.61 -14.01
N GLN A 379 53.01 -10.91 -13.53
CA GLN A 379 53.34 -10.93 -12.10
C GLN A 379 52.30 -10.21 -11.24
N THR A 380 51.53 -9.27 -11.81
CA THR A 380 50.40 -8.65 -11.10
C THR A 380 49.21 -9.59 -11.03
N GLU A 381 48.89 -10.21 -12.16
CA GLU A 381 47.74 -11.10 -12.34
C GLU A 381 47.92 -12.44 -11.60
N GLY A 382 49.14 -12.71 -11.13
CA GLY A 382 49.49 -13.89 -10.31
C GLY A 382 50.00 -15.08 -11.12
N ILE A 383 50.43 -14.87 -12.37
CA ILE A 383 50.81 -15.93 -13.29
C ILE A 383 52.32 -16.05 -13.33
N ASN A 384 52.84 -17.26 -13.06
CA ASN A 384 54.20 -17.62 -13.42
C ASN A 384 54.26 -17.93 -14.92
N ILE A 385 55.24 -17.41 -15.65
CA ILE A 385 55.37 -17.63 -17.09
C ILE A 385 56.81 -17.96 -17.46
N SER A 386 57.02 -19.03 -18.22
CA SER A 386 58.36 -19.41 -18.69
C SER A 386 58.87 -18.44 -19.74
N GLU A 387 60.18 -18.20 -19.78
CA GLU A 387 60.80 -17.19 -20.65
C GLU A 387 60.48 -17.43 -22.14
N GLU A 388 60.39 -18.69 -22.55
CA GLU A 388 59.97 -19.08 -23.89
C GLU A 388 58.55 -18.61 -24.22
N ALA A 389 57.59 -18.79 -23.30
CA ALA A 389 56.22 -18.31 -23.50
C ALA A 389 56.13 -16.79 -23.43
N LEU A 390 56.91 -16.13 -22.57
CA LEU A 390 56.96 -14.67 -22.52
C LEU A 390 57.54 -14.07 -23.82
N ASN A 391 58.56 -14.70 -24.40
CA ASN A 391 59.01 -14.36 -25.74
C ASN A 391 57.90 -14.54 -26.76
N HIS A 392 57.14 -15.63 -26.70
CA HIS A 392 56.06 -15.89 -27.63
C HIS A 392 54.92 -14.88 -27.53
N LEU A 393 54.48 -14.47 -26.34
CA LEU A 393 53.54 -13.34 -26.21
C LEU A 393 54.14 -12.03 -26.74
N GLY A 394 55.46 -11.85 -26.66
CA GLY A 394 56.16 -10.78 -27.35
C GLY A 394 55.99 -10.86 -28.87
N GLU A 395 56.12 -12.06 -29.46
CA GLU A 395 55.84 -12.26 -30.89
C GLU A 395 54.39 -11.94 -31.21
N ILE A 396 53.41 -12.37 -30.40
CA ILE A 396 52.01 -11.98 -30.61
C ILE A 396 51.84 -10.45 -30.56
N GLY A 397 52.61 -9.77 -29.72
CA GLY A 397 52.68 -8.30 -29.71
C GLY A 397 53.18 -7.69 -31.02
N THR A 398 53.97 -8.41 -31.82
CA THR A 398 54.31 -7.96 -33.18
C THR A 398 53.16 -8.14 -34.16
N LYS A 399 52.33 -9.17 -33.99
CA LYS A 399 51.22 -9.50 -34.90
C LYS A 399 50.01 -8.62 -34.68
N THR A 400 49.71 -8.30 -33.42
CA THR A 400 48.41 -7.74 -33.03
C THR A 400 48.59 -6.38 -32.34
N THR A 401 48.27 -6.30 -31.05
CA THR A 401 48.25 -5.10 -30.22
C THR A 401 48.54 -5.51 -28.78
N LEU A 402 48.99 -4.58 -27.94
CA LEU A 402 49.29 -4.87 -26.55
C LEU A 402 48.12 -5.53 -25.82
N ARG A 403 46.90 -5.00 -25.99
CA ARG A 403 45.72 -5.49 -25.27
C ARG A 403 45.42 -6.96 -25.57
N TYR A 404 45.55 -7.41 -26.82
CA TYR A 404 45.32 -8.81 -27.14
C TYR A 404 46.33 -9.69 -26.42
N SER A 405 47.63 -9.41 -26.54
CA SER A 405 48.64 -10.23 -25.87
C SER A 405 48.44 -10.27 -24.37
N VAL A 406 48.19 -9.14 -23.70
CA VAL A 406 47.90 -9.11 -22.27
C VAL A 406 46.69 -9.99 -21.95
N GLN A 407 45.62 -9.89 -22.72
CA GLN A 407 44.40 -10.65 -22.48
C GLN A 407 44.61 -12.16 -22.57
N LEU A 408 45.67 -12.68 -23.21
CA LEU A 408 45.89 -14.12 -23.30
C LEU A 408 46.37 -14.78 -22.01
N LEU A 409 46.92 -14.03 -21.04
CA LEU A 409 47.57 -14.61 -19.86
C LEU A 409 46.65 -15.49 -19.02
N THR A 410 45.58 -14.96 -18.42
CA THR A 410 44.66 -15.79 -17.64
C THR A 410 44.10 -16.98 -18.43
N PRO A 411 43.58 -16.84 -19.65
CA PRO A 411 43.17 -17.99 -20.45
C PRO A 411 44.27 -19.06 -20.54
N ALA A 412 45.51 -18.67 -20.81
CA ALA A 412 46.61 -19.62 -20.91
C ALA A 412 46.94 -20.25 -19.55
N ASN A 413 46.80 -19.50 -18.45
CA ASN A 413 46.99 -20.03 -17.11
C ASN A 413 45.97 -21.11 -16.79
N LEU A 414 44.71 -20.94 -17.19
CA LEU A 414 43.67 -21.92 -16.94
C LEU A 414 43.93 -23.21 -17.72
N LEU A 415 44.31 -23.15 -18.99
CA LEU A 415 44.76 -24.36 -19.68
C LEU A 415 46.01 -24.98 -19.04
N ALA A 416 46.98 -24.19 -18.60
CA ALA A 416 48.15 -24.74 -17.92
C ALA A 416 47.77 -25.46 -16.61
N LYS A 417 46.86 -24.87 -15.83
CA LYS A 417 46.35 -25.44 -14.58
C LYS A 417 45.58 -26.73 -14.81
N ILE A 418 44.70 -26.77 -15.82
CA ILE A 418 44.00 -27.99 -16.23
C ILE A 418 44.98 -29.05 -16.74
N ASN A 419 46.03 -28.66 -17.47
CA ASN A 419 47.12 -29.55 -17.88
C ASN A 419 48.14 -29.84 -16.76
N GLY A 420 47.84 -29.48 -15.51
CA GLY A 420 48.58 -29.92 -14.34
C GLY A 420 49.92 -29.23 -14.06
N LYS A 421 50.13 -28.01 -14.56
CA LYS A 421 51.33 -27.19 -14.25
C LYS A 421 50.97 -25.80 -13.73
N ASP A 422 51.78 -25.28 -12.81
CA ASP A 422 51.60 -23.99 -12.17
C ASP A 422 52.37 -22.84 -12.86
N SER A 423 52.69 -23.00 -14.15
CA SER A 423 53.42 -22.01 -14.95
C SER A 423 53.01 -22.12 -16.43
N ILE A 424 52.99 -21.00 -17.17
CA ILE A 424 52.72 -21.02 -18.62
C ILE A 424 53.91 -21.63 -19.37
N GLU A 425 53.65 -22.56 -20.29
CA GLU A 425 54.61 -23.08 -21.26
C GLU A 425 54.02 -23.07 -22.67
N LYS A 426 54.87 -23.19 -23.70
CA LYS A 426 54.54 -22.88 -25.10
C LYS A 426 53.17 -23.39 -25.53
N GLU A 427 52.88 -24.68 -25.38
CA GLU A 427 51.63 -25.23 -25.90
C GLU A 427 50.37 -24.63 -25.25
N HIS A 428 50.46 -24.08 -24.03
CA HIS A 428 49.29 -23.46 -23.40
C HIS A 428 48.96 -22.14 -24.07
N VAL A 429 49.96 -21.31 -24.37
CA VAL A 429 49.75 -20.03 -25.06
C VAL A 429 49.50 -20.23 -26.56
N GLU A 430 50.12 -21.22 -27.17
CA GLU A 430 49.86 -21.59 -28.56
C GLU A 430 48.44 -22.14 -28.76
N GLU A 431 47.89 -22.90 -27.81
CA GLU A 431 46.47 -23.28 -27.80
C GLU A 431 45.56 -22.04 -27.77
N ILE A 432 45.75 -21.14 -26.82
CA ILE A 432 44.90 -19.94 -26.72
C ILE A 432 44.99 -19.08 -27.99
N SER A 433 46.18 -18.95 -28.57
CA SER A 433 46.38 -18.21 -29.82
C SER A 433 45.59 -18.80 -30.99
N GLU A 434 45.36 -20.11 -31.02
CA GLU A 434 44.49 -20.77 -32.00
C GLU A 434 43.00 -20.71 -31.61
N LEU A 435 42.70 -20.62 -30.31
CA LEU A 435 41.35 -20.76 -29.78
C LEU A 435 40.57 -19.43 -29.72
N PHE A 436 41.22 -18.31 -29.40
CA PHE A 436 40.62 -16.98 -29.34
C PHE A 436 41.26 -16.02 -30.34
N TYR A 437 40.49 -15.51 -31.30
CA TYR A 437 40.98 -14.61 -32.34
C TYR A 437 41.08 -13.16 -31.88
N ASP A 438 41.95 -12.40 -32.55
CA ASP A 438 42.03 -10.94 -32.48
C ASP A 438 41.13 -10.24 -33.51
N ALA A 439 41.05 -8.92 -33.45
CA ALA A 439 40.29 -8.13 -34.43
C ALA A 439 40.80 -8.32 -35.86
N LYS A 440 42.12 -8.38 -36.10
CA LYS A 440 42.68 -8.57 -37.44
C LYS A 440 42.26 -9.90 -38.06
N SER A 441 42.46 -11.01 -37.36
CA SER A 441 42.18 -12.34 -37.92
C SER A 441 40.69 -12.55 -38.12
N SER A 442 39.87 -12.17 -37.14
CA SER A 442 38.41 -12.25 -37.31
C SER A 442 37.91 -11.34 -38.44
N ALA A 443 38.45 -10.13 -38.62
CA ALA A 443 38.09 -9.29 -39.77
C ALA A 443 38.45 -9.95 -41.11
N LYS A 444 39.56 -10.70 -41.18
CA LYS A 444 39.90 -11.49 -42.38
C LYS A 444 38.89 -12.61 -42.62
N ILE A 445 38.49 -13.32 -41.56
CA ILE A 445 37.45 -14.35 -41.64
C ILE A 445 36.09 -13.76 -42.09
N LEU A 446 35.71 -12.56 -41.65
CA LEU A 446 34.50 -11.92 -42.17
C LEU A 446 34.61 -11.56 -43.65
N ALA A 447 35.72 -10.95 -44.07
CA ALA A 447 35.88 -10.52 -45.47
C ALA A 447 35.85 -11.71 -46.45
N ASP A 448 36.37 -12.86 -46.04
CA ASP A 448 36.37 -14.08 -46.85
C ASP A 448 35.04 -14.86 -46.84
N GLN A 449 34.02 -14.41 -46.11
CA GLN A 449 32.66 -14.95 -46.12
C GLN A 449 31.60 -13.84 -46.11
N GLN A 450 31.91 -12.70 -46.71
CA GLN A 450 31.18 -11.43 -46.58
C GLN A 450 29.69 -11.53 -46.94
N ASP A 451 29.32 -12.47 -47.78
CA ASP A 451 27.96 -12.70 -48.29
C ASP A 451 27.10 -13.64 -47.41
N LYS A 452 27.56 -14.02 -46.21
CA LYS A 452 26.83 -14.91 -45.28
C LYS A 452 26.60 -14.33 -43.87
N TYR A 453 26.54 -13.00 -43.74
CA TYR A 453 26.38 -12.28 -42.47
C TYR A 453 25.34 -11.14 -42.52
N LYS B 1 -57.68 -14.55 -28.19
CA LYS B 1 -58.01 -13.52 -29.21
C LYS B 1 -56.75 -12.86 -29.76
N ILE B 2 -56.13 -11.93 -29.04
CA ILE B 2 -55.00 -11.11 -29.54
C ILE B 2 -53.67 -11.88 -29.41
N GLU B 3 -52.75 -11.69 -30.35
CA GLU B 3 -51.34 -12.04 -30.17
C GLU B 3 -50.45 -10.79 -30.11
N GLU B 4 -49.53 -10.73 -29.15
CA GLU B 4 -48.60 -9.61 -28.94
C GLU B 4 -47.12 -10.07 -28.91
N VAL B 5 -46.21 -9.18 -29.32
CA VAL B 5 -44.75 -9.34 -29.25
C VAL B 5 -44.06 -7.97 -29.40
N LYS B 6 -42.79 -7.83 -28.99
CA LYS B 6 -41.92 -6.66 -29.28
C LYS B 6 -40.45 -7.06 -29.47
N SER B 7 -39.73 -6.31 -30.30
CA SER B 7 -38.26 -6.33 -30.43
C SER B 7 -37.76 -5.10 -31.22
N THR B 8 -36.99 -4.21 -30.58
CA THR B 8 -36.43 -2.99 -31.23
C THR B 8 -34.95 -2.72 -30.89
N THR B 9 -34.28 -3.64 -30.19
CA THR B 9 -32.84 -3.54 -29.88
C THR B 9 -32.00 -3.70 -31.15
N LYS B 10 -31.15 -2.71 -31.45
CA LYS B 10 -30.29 -2.70 -32.64
C LYS B 10 -29.28 -3.84 -32.62
N THR B 11 -28.97 -4.39 -33.79
CA THR B 11 -27.93 -5.43 -33.97
C THR B 11 -26.54 -4.92 -33.61
N GLN B 12 -25.58 -5.82 -33.43
CA GLN B 12 -24.17 -5.45 -33.60
C GLN B 12 -23.96 -4.87 -35.00
N ARG B 13 -23.01 -3.94 -35.15
CA ARG B 13 -22.70 -3.31 -36.43
C ARG B 13 -21.96 -4.29 -37.33
N ILE B 14 -22.21 -4.24 -38.63
CA ILE B 14 -21.51 -5.10 -39.59
C ILE B 14 -20.15 -4.50 -39.90
N ALA B 15 -19.10 -5.33 -40.01
CA ALA B 15 -17.71 -4.88 -40.05
C ALA B 15 -16.90 -5.59 -41.13
N SER B 16 -15.73 -5.06 -41.48
CA SER B 16 -14.96 -5.51 -42.65
C SER B 16 -14.43 -6.96 -42.57
N HIS B 17 -14.52 -7.62 -41.40
CA HIS B 17 -14.28 -9.06 -41.24
C HIS B 17 -15.38 -9.86 -40.55
N SER B 18 -16.56 -9.30 -40.25
CA SER B 18 -17.56 -10.03 -39.44
C SER B 18 -18.16 -11.26 -40.13
N HIS B 19 -17.94 -11.46 -41.44
CA HIS B 19 -18.31 -12.71 -42.12
C HIS B 19 -17.35 -13.88 -41.86
N VAL B 20 -16.15 -13.63 -41.36
CA VAL B 20 -15.17 -14.69 -41.00
C VAL B 20 -15.61 -15.42 -39.72
N LYS B 21 -15.90 -16.71 -39.80
CA LYS B 21 -16.34 -17.53 -38.65
C LYS B 21 -15.41 -18.69 -38.29
N GLY B 22 -14.37 -18.96 -39.07
CA GLY B 22 -13.44 -20.08 -38.84
C GLY B 22 -12.58 -20.38 -40.06
N LEU B 23 -11.72 -21.39 -40.01
CA LEU B 23 -10.85 -21.75 -41.16
C LEU B 23 -11.57 -22.58 -42.23
N GLY B 24 -12.74 -23.16 -41.94
CA GLY B 24 -13.49 -23.94 -42.92
C GLY B 24 -12.76 -25.20 -43.38
N LEU B 25 -12.11 -25.91 -42.46
CA LEU B 25 -11.43 -27.17 -42.75
C LEU B 25 -12.41 -28.35 -42.77
N ASP B 26 -12.01 -29.47 -43.36
CA ASP B 26 -12.55 -30.78 -43.04
C ASP B 26 -11.60 -31.55 -42.09
N GLU B 27 -12.04 -32.68 -41.57
CA GLU B 27 -11.32 -33.42 -40.52
C GLU B 27 -9.91 -33.87 -40.94
N SER B 28 -9.63 -34.00 -42.24
CA SER B 28 -8.28 -34.36 -42.73
C SER B 28 -7.28 -33.20 -42.60
N GLY B 29 -7.77 -31.98 -42.39
CA GLY B 29 -6.99 -30.75 -42.46
C GLY B 29 -7.01 -30.07 -43.83
N LEU B 30 -7.58 -30.68 -44.87
CA LEU B 30 -7.86 -29.98 -46.13
C LEU B 30 -8.85 -28.83 -45.90
N ALA B 31 -8.71 -27.78 -46.69
CA ALA B 31 -9.67 -26.68 -46.72
C ALA B 31 -10.88 -27.05 -47.59
N LYS B 32 -12.11 -26.83 -47.11
CA LYS B 32 -13.30 -26.83 -47.98
C LYS B 32 -13.25 -25.63 -48.92
N GLN B 33 -13.78 -25.74 -50.14
CA GLN B 33 -13.68 -24.68 -51.14
C GLN B 33 -14.27 -23.34 -50.67
N ALA B 34 -15.44 -23.38 -50.04
CA ALA B 34 -16.05 -22.22 -49.41
C ALA B 34 -16.86 -22.65 -48.18
N ALA B 35 -16.41 -22.25 -46.99
CA ALA B 35 -17.00 -22.64 -45.71
C ALA B 35 -16.59 -21.66 -44.62
N SER B 36 -17.35 -21.61 -43.52
CA SER B 36 -17.12 -20.67 -42.40
C SER B 36 -17.03 -19.19 -42.82
N GLY B 37 -17.60 -18.85 -43.98
CA GLY B 37 -17.56 -17.53 -44.58
C GLY B 37 -16.31 -17.21 -45.42
N LEU B 38 -15.34 -18.11 -45.55
CA LEU B 38 -14.16 -17.88 -46.40
C LEU B 38 -14.30 -18.51 -47.78
N VAL B 39 -13.44 -18.10 -48.72
CA VAL B 39 -13.23 -18.78 -50.01
C VAL B 39 -11.75 -18.90 -50.33
N GLY B 40 -11.38 -19.84 -51.20
CA GLY B 40 -10.03 -19.92 -51.77
C GLY B 40 -8.92 -20.15 -50.72
N GLN B 41 -7.71 -19.66 -51.02
CA GLN B 41 -6.55 -19.64 -50.13
C GLN B 41 -6.18 -21.00 -49.50
N GLU B 42 -6.51 -22.13 -50.11
CA GLU B 42 -6.36 -23.44 -49.48
C GLU B 42 -4.92 -23.70 -49.02
N ASN B 43 -3.93 -23.32 -49.85
CA ASN B 43 -2.52 -23.46 -49.51
C ASN B 43 -2.11 -22.63 -48.28
N ALA B 44 -2.88 -21.62 -47.88
CA ALA B 44 -2.69 -20.89 -46.63
C ALA B 44 -3.62 -21.39 -45.52
N ARG B 45 -4.88 -21.71 -45.82
CA ARG B 45 -5.84 -22.18 -44.80
C ARG B 45 -5.45 -23.51 -44.22
N GLU B 46 -4.91 -24.43 -45.01
CA GLU B 46 -4.35 -25.68 -44.49
C GLU B 46 -3.21 -25.40 -43.50
N ALA B 47 -2.30 -24.47 -43.83
CA ALA B 47 -1.19 -24.10 -42.96
C ALA B 47 -1.69 -23.46 -41.66
N CYS B 48 -2.65 -22.53 -41.73
CA CYS B 48 -3.30 -22.00 -40.54
C CYS B 48 -3.98 -23.11 -39.73
N GLY B 49 -4.49 -24.14 -40.39
CA GLY B 49 -5.00 -25.34 -39.75
C GLY B 49 -3.95 -25.98 -38.85
N VAL B 50 -2.75 -26.22 -39.37
CA VAL B 50 -1.64 -26.72 -38.55
C VAL B 50 -1.32 -25.77 -37.40
N ILE B 51 -1.41 -24.45 -37.59
CA ILE B 51 -1.17 -23.52 -36.49
C ILE B 51 -2.28 -23.53 -35.44
N VAL B 52 -3.57 -23.68 -35.75
CA VAL B 52 -4.56 -23.88 -34.66
C VAL B 52 -4.38 -25.20 -33.95
N GLU B 53 -3.84 -26.24 -34.59
CA GLU B 53 -3.40 -27.43 -33.82
C GLU B 53 -2.24 -27.05 -32.90
N LEU B 54 -1.30 -26.25 -33.39
CA LEU B 54 -0.13 -25.83 -32.62
C LEU B 54 -0.52 -25.02 -31.38
N ILE B 55 -1.44 -24.07 -31.47
CA ILE B 55 -1.91 -23.33 -30.29
C ILE B 55 -2.55 -24.30 -29.30
N LYS B 56 -3.51 -25.10 -29.75
CA LYS B 56 -4.27 -26.00 -28.88
C LYS B 56 -3.42 -27.11 -28.27
N SER B 57 -2.22 -27.36 -28.79
CA SER B 57 -1.27 -28.29 -28.17
C SER B 57 -0.63 -27.78 -26.87
N LYS B 58 -0.62 -26.46 -26.62
CA LYS B 58 0.10 -25.75 -25.53
C LYS B 58 1.62 -25.96 -25.44
N LYS B 59 2.19 -27.02 -26.04
CA LYS B 59 3.58 -27.48 -25.87
C LYS B 59 4.65 -26.43 -26.17
N MET B 60 4.50 -25.64 -27.23
CA MET B 60 5.55 -24.76 -27.72
C MET B 60 5.58 -23.37 -27.08
N ALA B 61 6.76 -22.78 -27.03
CA ALA B 61 6.97 -21.38 -26.72
C ALA B 61 7.60 -20.64 -27.90
N GLY B 62 7.10 -19.46 -28.22
CA GLY B 62 7.75 -18.55 -29.15
C GLY B 62 7.84 -18.99 -30.62
N ARG B 63 7.11 -20.03 -31.04
CA ARG B 63 6.92 -20.31 -32.47
C ARG B 63 6.23 -19.13 -33.13
N ALA B 64 6.66 -18.75 -34.33
CA ALA B 64 6.12 -17.58 -35.03
C ALA B 64 5.85 -17.88 -36.51
N VAL B 65 4.75 -17.36 -37.05
CA VAL B 65 4.43 -17.48 -38.49
C VAL B 65 4.18 -16.13 -39.11
N LEU B 66 4.59 -15.97 -40.36
CA LEU B 66 4.42 -14.73 -41.12
C LEU B 66 3.45 -15.01 -42.27
N LEU B 67 2.31 -14.33 -42.29
CA LEU B 67 1.41 -14.31 -43.43
C LEU B 67 1.91 -13.26 -44.41
N ALA B 68 2.34 -13.66 -45.60
CA ALA B 68 2.86 -12.74 -46.61
C ALA B 68 2.05 -12.82 -47.90
N GLY B 69 1.85 -11.68 -48.57
CA GLY B 69 1.09 -11.60 -49.83
C GLY B 69 0.51 -10.21 -50.09
N PRO B 70 0.20 -9.86 -51.35
CA PRO B 70 -0.28 -8.54 -51.73
C PRO B 70 -1.43 -7.99 -50.89
N PRO B 71 -1.65 -6.67 -50.89
CA PRO B 71 -2.85 -6.08 -50.32
C PRO B 71 -4.13 -6.72 -50.86
N GLY B 72 -5.11 -6.91 -50.00
CA GLY B 72 -6.43 -7.47 -50.36
C GLY B 72 -6.48 -8.99 -50.38
N THR B 73 -5.38 -9.69 -50.10
CA THR B 73 -5.33 -11.16 -50.18
C THR B 73 -5.88 -11.90 -48.96
N GLY B 74 -6.38 -11.21 -47.93
CA GLY B 74 -7.04 -11.88 -46.81
C GLY B 74 -6.15 -12.24 -45.61
N LYS B 75 -4.96 -11.66 -45.44
CA LYS B 75 -4.02 -12.06 -44.39
C LYS B 75 -4.57 -11.73 -43.02
N THR B 76 -5.13 -10.53 -42.84
CA THR B 76 -5.84 -10.20 -41.61
C THR B 76 -7.08 -11.06 -41.45
N ALA B 77 -7.84 -11.34 -42.52
CA ALA B 77 -9.00 -12.22 -42.43
C ALA B 77 -8.64 -13.65 -41.98
N LEU B 78 -7.55 -14.22 -42.46
CA LEU B 78 -7.05 -15.51 -41.99
C LEU B 78 -6.57 -15.46 -40.54
N ALA B 79 -5.89 -14.40 -40.11
CA ALA B 79 -5.52 -14.25 -38.72
C ALA B 79 -6.77 -14.13 -37.81
N LEU B 80 -7.83 -13.46 -38.26
CA LEU B 80 -9.12 -13.49 -37.58
C LEU B 80 -9.77 -14.88 -37.63
N ALA B 81 -9.61 -15.64 -38.71
CA ALA B 81 -10.14 -16.99 -38.79
C ALA B 81 -9.50 -17.89 -37.74
N ILE B 82 -8.19 -17.79 -37.55
CA ILE B 82 -7.50 -18.46 -36.44
C ILE B 82 -8.12 -18.05 -35.11
N ALA B 83 -8.34 -16.76 -34.88
CA ALA B 83 -8.92 -16.28 -33.63
C ALA B 83 -10.32 -16.85 -33.37
N GLN B 84 -11.17 -16.91 -34.39
CA GLN B 84 -12.51 -17.51 -34.28
C GLN B 84 -12.43 -19.01 -34.02
N GLU B 85 -11.50 -19.72 -34.66
CA GLU B 85 -11.35 -21.17 -34.52
C GLU B 85 -10.88 -21.59 -33.12
N LEU B 86 -10.12 -20.73 -32.42
CA LEU B 86 -9.75 -20.94 -31.01
C LEU B 86 -10.91 -20.72 -30.02
N GLY B 87 -11.97 -20.01 -30.42
CA GLY B 87 -13.06 -19.63 -29.52
C GLY B 87 -12.65 -18.56 -28.49
N SER B 88 -13.53 -18.29 -27.54
CA SER B 88 -13.37 -17.19 -26.57
C SER B 88 -12.26 -17.44 -25.52
N LYS B 89 -12.06 -18.71 -25.12
CA LYS B 89 -11.26 -19.07 -23.93
C LYS B 89 -9.77 -18.72 -24.07
N VAL B 90 -9.15 -19.09 -25.18
CA VAL B 90 -7.73 -18.84 -25.44
C VAL B 90 -7.54 -17.37 -25.83
N PRO B 91 -6.64 -16.61 -25.20
CA PRO B 91 -6.46 -15.20 -25.53
C PRO B 91 -5.82 -15.06 -26.90
N PHE B 92 -6.41 -14.21 -27.74
CA PHE B 92 -5.80 -13.74 -28.96
C PHE B 92 -5.58 -12.25 -28.79
N CYS B 93 -4.33 -11.79 -28.78
CA CYS B 93 -4.01 -10.39 -28.61
C CYS B 93 -3.72 -9.76 -29.98
N PRO B 94 -4.64 -8.95 -30.54
CA PRO B 94 -4.35 -8.20 -31.75
C PRO B 94 -3.43 -7.03 -31.44
N MET B 95 -2.56 -6.68 -32.38
CA MET B 95 -1.67 -5.53 -32.33
C MET B 95 -1.41 -5.03 -33.74
N VAL B 96 -1.14 -3.75 -33.91
CA VAL B 96 -0.70 -3.15 -35.18
C VAL B 96 0.75 -2.70 -35.03
N GLY B 97 1.59 -2.90 -36.06
CA GLY B 97 3.02 -2.65 -35.94
C GLY B 97 3.38 -1.26 -35.41
N SER B 98 2.65 -0.20 -35.80
CA SER B 98 2.93 1.14 -35.32
C SER B 98 2.52 1.43 -33.87
N GLU B 99 1.91 0.49 -33.14
CA GLU B 99 1.61 0.66 -31.71
C GLU B 99 2.84 0.62 -30.79
N VAL B 100 4.00 0.11 -31.23
CA VAL B 100 5.19 0.07 -30.36
C VAL B 100 5.76 1.44 -30.03
N TYR B 101 5.46 2.47 -30.81
CA TYR B 101 6.04 3.80 -30.66
C TYR B 101 5.36 4.62 -29.56
N SER B 102 5.24 4.06 -28.35
CA SER B 102 4.73 4.77 -27.17
C SER B 102 5.59 5.99 -26.84
N THR B 103 4.98 7.01 -26.24
CA THR B 103 5.69 8.16 -25.65
C THR B 103 5.93 8.00 -24.16
N GLU B 104 5.54 6.89 -23.55
CA GLU B 104 5.64 6.68 -22.11
C GLU B 104 6.66 5.61 -21.70
N ILE B 105 6.95 4.65 -22.58
CA ILE B 105 7.88 3.54 -22.33
C ILE B 105 8.62 3.16 -23.63
N LYS B 106 9.83 2.64 -23.53
CA LYS B 106 10.64 2.28 -24.70
C LYS B 106 9.95 1.26 -25.61
N LYS B 107 10.15 1.39 -26.92
CA LYS B 107 9.55 0.50 -27.94
C LYS B 107 9.78 -0.96 -27.61
N THR B 108 11.00 -1.29 -27.21
CA THR B 108 11.43 -2.64 -26.86
C THR B 108 10.63 -3.25 -25.72
N GLU B 109 10.07 -2.45 -24.82
CA GLU B 109 9.28 -2.93 -23.71
C GLU B 109 7.79 -3.00 -24.04
N VAL B 110 7.26 -2.14 -24.93
CA VAL B 110 5.85 -2.25 -25.38
C VAL B 110 5.56 -3.62 -25.98
N LEU B 111 6.52 -4.22 -26.67
CA LEU B 111 6.40 -5.59 -27.14
C LEU B 111 6.28 -6.58 -25.98
N MET B 112 7.05 -6.44 -24.91
CA MET B 112 6.91 -7.31 -23.76
C MET B 112 5.56 -7.17 -23.08
N GLU B 113 4.92 -5.99 -23.09
CA GLU B 113 3.55 -5.91 -22.61
C GLU B 113 2.66 -6.83 -23.43
N ASN B 114 2.71 -6.78 -24.76
CA ASN B 114 1.90 -7.67 -25.58
C ASN B 114 2.28 -9.15 -25.42
N PHE B 115 3.56 -9.51 -25.39
CA PHE B 115 3.98 -10.89 -25.12
C PHE B 115 3.43 -11.41 -23.79
N ARG B 116 3.45 -10.61 -22.73
CA ARG B 116 2.90 -11.01 -21.43
C ARG B 116 1.38 -10.93 -21.42
N ARG B 117 0.75 -10.20 -22.33
CA ARG B 117 -0.72 -10.13 -22.45
C ARG B 117 -1.29 -11.30 -23.23
N ALA B 118 -0.54 -11.88 -24.16
CA ALA B 118 -0.95 -13.05 -24.93
C ALA B 118 -0.78 -14.39 -24.21
N ILE B 119 -0.32 -14.44 -22.96
CA ILE B 119 -0.35 -15.63 -22.11
C ILE B 119 -1.49 -15.48 -21.11
N GLY B 120 -2.49 -16.34 -21.19
CA GLY B 120 -3.65 -16.30 -20.30
C GLY B 120 -3.52 -17.31 -19.17
N LEU B 121 -4.19 -17.04 -18.08
CA LEU B 121 -4.19 -17.82 -16.86
C LEU B 121 -5.61 -17.85 -16.31
N ARG B 122 -6.04 -18.99 -15.80
CA ARG B 122 -7.33 -19.19 -15.14
C ARG B 122 -7.11 -19.59 -13.70
N ILE B 123 -7.83 -18.98 -12.76
CA ILE B 123 -7.61 -19.18 -11.32
C ILE B 123 -8.93 -19.48 -10.60
N LYS B 124 -8.95 -20.51 -9.76
CA LYS B 124 -9.97 -20.68 -8.71
C LYS B 124 -9.60 -19.81 -7.51
N GLU B 125 -10.11 -18.59 -7.46
CA GLU B 125 -9.92 -17.71 -6.31
C GLU B 125 -11.00 -18.01 -5.25
N THR B 126 -10.63 -18.75 -4.20
CA THR B 126 -11.54 -19.04 -3.08
C THR B 126 -11.61 -17.82 -2.16
N LYS B 127 -12.34 -16.77 -2.55
CA LYS B 127 -12.57 -15.58 -1.71
C LYS B 127 -13.41 -15.95 -0.49
N GLU B 128 -13.28 -15.20 0.60
CA GLU B 128 -14.28 -15.20 1.67
C GLU B 128 -14.66 -13.78 2.11
N VAL B 129 -15.90 -13.63 2.52
CA VAL B 129 -16.56 -12.34 2.66
C VAL B 129 -17.49 -12.32 3.85
N TYR B 130 -17.66 -11.13 4.42
CA TYR B 130 -18.72 -10.85 5.38
C TYR B 130 -19.74 -9.91 4.73
N GLU B 131 -21.04 -10.15 4.88
CA GLU B 131 -22.03 -9.15 4.44
C GLU B 131 -23.25 -9.13 5.34
N GLY B 132 -23.97 -8.01 5.35
CA GLY B 132 -25.20 -7.85 6.12
C GLY B 132 -25.52 -6.39 6.44
N GLU B 133 -26.64 -6.16 7.13
CA GLU B 133 -26.90 -4.90 7.79
C GLU B 133 -25.97 -4.74 9.00
N VAL B 134 -25.27 -3.61 9.12
CA VAL B 134 -24.50 -3.26 10.33
C VAL B 134 -25.46 -2.89 11.44
N THR B 135 -25.67 -3.79 12.40
CA THR B 135 -26.52 -3.52 13.58
C THR B 135 -25.72 -2.86 14.72
N GLU B 136 -24.40 -3.01 14.76
CA GLU B 136 -23.53 -2.42 15.77
C GLU B 136 -22.14 -2.10 15.18
N LEU B 137 -21.49 -1.04 15.63
CA LEU B 137 -20.11 -0.69 15.27
C LEU B 137 -19.41 -0.07 16.49
N THR B 138 -18.46 -0.79 17.08
CA THR B 138 -17.85 -0.44 18.36
C THR B 138 -16.34 -0.70 18.35
N PRO B 139 -15.48 0.32 18.28
CA PRO B 139 -14.03 0.16 18.32
C PRO B 139 -13.49 -0.12 19.74
N CYS B 140 -12.28 -0.68 19.83
CA CYS B 140 -11.57 -1.01 21.07
C CYS B 140 -10.13 -0.46 21.07
N GLU B 141 -9.64 -0.02 22.23
CA GLU B 141 -8.45 0.85 22.35
C GLU B 141 -7.31 0.25 23.19
N THR B 142 -6.08 0.73 22.94
CA THR B 142 -4.82 0.27 23.57
C THR B 142 -3.94 1.45 24.01
N GLU B 143 -2.91 1.15 24.82
CA GLU B 143 -2.02 2.08 25.52
C GLU B 143 -1.30 3.11 24.59
N ASN B 144 -0.89 4.22 25.20
CA ASN B 144 -0.28 5.37 24.51
C ASN B 144 0.99 4.97 23.75
N LYS B 151 -4.47 7.31 23.99
CA LYS B 151 -4.74 5.92 23.54
C LYS B 151 -5.17 5.92 22.06
N THR B 152 -5.09 4.77 21.40
CA THR B 152 -5.45 4.60 19.97
C THR B 152 -6.21 3.30 19.72
N ILE B 153 -6.93 3.21 18.60
CA ILE B 153 -7.72 2.02 18.23
C ILE B 153 -6.79 0.82 17.99
N SER B 154 -7.30 -0.39 18.26
CA SER B 154 -6.54 -1.65 18.28
C SER B 154 -7.31 -2.84 17.73
N HIS B 155 -8.63 -2.81 17.83
CA HIS B 155 -9.54 -3.90 17.53
C HIS B 155 -10.94 -3.31 17.30
N VAL B 156 -11.84 -4.04 16.65
CA VAL B 156 -13.16 -3.55 16.28
C VAL B 156 -14.20 -4.63 16.47
N ILE B 157 -15.36 -4.25 16.98
CA ILE B 157 -16.57 -5.07 16.93
C ILE B 157 -17.48 -4.49 15.87
N ILE B 158 -17.90 -5.32 14.92
CA ILE B 158 -19.00 -5.02 14.00
C ILE B 158 -20.07 -6.10 14.14
N GLY B 159 -21.29 -5.70 14.43
CA GLY B 159 -22.43 -6.60 14.40
C GLY B 159 -23.07 -6.58 13.02
N LEU B 160 -23.19 -7.73 12.36
CA LEU B 160 -23.87 -7.85 11.07
C LEU B 160 -25.11 -8.72 11.19
N LYS B 161 -26.16 -8.43 10.41
CA LYS B 161 -27.40 -9.22 10.32
C LYS B 161 -27.77 -9.50 8.87
N THR B 162 -28.27 -10.70 8.62
CA THR B 162 -28.78 -11.16 7.32
C THR B 162 -30.07 -11.96 7.53
N ALA B 163 -30.79 -12.29 6.47
CA ALA B 163 -32.03 -13.05 6.60
C ALA B 163 -31.83 -14.41 7.32
N LYS B 164 -30.63 -15.00 7.27
CA LYS B 164 -30.31 -16.30 7.87
C LYS B 164 -29.55 -16.24 9.21
N GLY B 165 -29.37 -15.08 9.81
CA GLY B 165 -28.78 -14.97 11.14
C GLY B 165 -28.15 -13.62 11.47
N THR B 166 -27.38 -13.58 12.55
CA THR B 166 -26.55 -12.42 12.91
C THR B 166 -25.28 -12.88 13.61
N LYS B 167 -24.18 -12.14 13.44
CA LYS B 167 -22.89 -12.42 14.08
C LYS B 167 -22.25 -11.12 14.55
N GLN B 168 -21.58 -11.20 15.69
CA GLN B 168 -20.82 -10.09 16.27
C GLN B 168 -19.33 -10.33 15.99
N LEU B 169 -18.85 -9.82 14.87
CA LEU B 169 -17.50 -10.06 14.37
C LEU B 169 -16.46 -9.27 15.16
N LYS B 170 -15.26 -9.83 15.26
CA LYS B 170 -14.06 -9.21 15.82
C LYS B 170 -13.09 -8.93 14.67
N LEU B 171 -12.71 -7.68 14.42
CA LEU B 171 -11.99 -7.29 13.20
C LEU B 171 -10.84 -6.31 13.43
N ASP B 172 -9.91 -6.32 12.47
CA ASP B 172 -8.68 -5.54 12.42
C ASP B 172 -8.98 -4.02 12.34
N PRO B 173 -8.25 -3.14 13.03
CA PRO B 173 -8.50 -1.70 13.02
C PRO B 173 -8.38 -1.06 11.63
N SER B 174 -7.66 -1.67 10.69
CA SER B 174 -7.65 -1.25 9.28
C SER B 174 -9.04 -1.38 8.64
N ILE B 175 -9.84 -2.37 9.05
CA ILE B 175 -11.24 -2.48 8.64
C ILE B 175 -12.06 -1.34 9.24
N PHE B 176 -11.80 -0.90 10.48
CA PHE B 176 -12.46 0.30 11.01
C PHE B 176 -12.07 1.54 10.19
N GLU B 177 -10.79 1.74 9.88
CA GLU B 177 -10.40 2.87 9.05
C GLU B 177 -11.11 2.81 7.68
N SER B 178 -11.24 1.62 7.11
CA SER B 178 -11.96 1.41 5.85
C SER B 178 -13.47 1.65 5.94
N LEU B 179 -14.13 1.27 7.03
CA LEU B 179 -15.54 1.56 7.27
C LEU B 179 -15.77 3.05 7.45
N GLN B 180 -14.90 3.73 8.18
CA GLN B 180 -14.97 5.19 8.37
C GLN B 180 -14.82 5.91 7.03
N LYS B 181 -13.87 5.49 6.18
CA LYS B 181 -13.67 6.02 4.82
C LYS B 181 -14.94 5.94 3.97
N GLU B 182 -15.64 4.80 4.00
CA GLU B 182 -16.91 4.62 3.30
C GLU B 182 -18.12 5.20 4.04
N ARG B 183 -17.92 5.92 5.14
CA ARG B 183 -18.99 6.55 5.92
C ARG B 183 -20.09 5.58 6.36
N VAL B 184 -19.69 4.36 6.71
CA VAL B 184 -20.63 3.34 7.17
C VAL B 184 -21.15 3.67 8.57
N GLU B 185 -22.44 3.46 8.79
CA GLU B 185 -23.18 3.71 10.03
C GLU B 185 -24.12 2.54 10.35
N ALA B 186 -24.68 2.50 11.56
CA ALA B 186 -25.70 1.50 11.88
C ALA B 186 -26.88 1.56 10.90
N GLY B 187 -27.41 0.40 10.52
CA GLY B 187 -28.50 0.24 9.55
C GLY B 187 -28.06 0.19 8.09
N ASP B 188 -26.79 0.44 7.78
CA ASP B 188 -26.26 0.25 6.43
C ASP B 188 -26.10 -1.21 6.07
N VAL B 189 -26.35 -1.58 4.82
CA VAL B 189 -26.05 -2.90 4.28
C VAL B 189 -24.72 -2.84 3.56
N ILE B 190 -23.77 -3.67 3.97
CA ILE B 190 -22.39 -3.61 3.50
C ILE B 190 -21.88 -4.99 3.14
N TYR B 191 -20.85 -5.01 2.31
CA TYR B 191 -20.10 -6.20 1.90
C TYR B 191 -18.61 -5.98 2.16
N ILE B 192 -17.95 -6.92 2.83
CA ILE B 192 -16.53 -6.84 3.17
C ILE B 192 -15.81 -8.04 2.56
N GLU B 193 -14.82 -7.83 1.70
CA GLU B 193 -13.98 -8.91 1.19
C GLU B 193 -12.81 -9.18 2.14
N ALA B 194 -12.87 -10.27 2.91
CA ALA B 194 -11.94 -10.51 4.01
C ALA B 194 -10.50 -10.80 3.58
N ASN B 195 -10.28 -11.24 2.33
CA ASN B 195 -8.94 -11.42 1.76
C ASN B 195 -8.21 -10.09 1.52
N SER B 196 -8.95 -9.00 1.36
CA SER B 196 -8.49 -7.79 0.69
C SER B 196 -8.79 -6.52 1.49
N GLY B 197 -9.49 -6.63 2.61
CA GLY B 197 -9.93 -5.51 3.45
C GLY B 197 -10.94 -4.57 2.78
N ALA B 198 -11.40 -4.87 1.58
CA ALA B 198 -12.25 -3.98 0.80
C ALA B 198 -13.67 -3.93 1.34
N VAL B 199 -14.27 -2.74 1.40
CA VAL B 199 -15.62 -2.50 1.91
C VAL B 199 -16.47 -1.86 0.82
N LYS B 200 -17.67 -2.36 0.55
CA LYS B 200 -18.66 -1.73 -0.32
C LYS B 200 -19.92 -1.43 0.47
N ARG B 201 -20.29 -0.16 0.58
CA ARG B 201 -21.54 0.28 1.21
C ARG B 201 -22.63 0.30 0.16
N GLN B 202 -23.65 -0.56 0.26
CA GLN B 202 -24.74 -0.56 -0.71
C GLN B 202 -25.75 0.56 -0.45
N GLY B 203 -26.09 0.81 0.82
CA GLY B 203 -27.08 1.80 1.28
C GLY B 203 -27.81 1.29 2.52
N ARG B 204 -28.72 2.07 3.11
CA ARG B 204 -29.53 1.57 4.23
C ARG B 204 -30.46 0.41 3.85
N CYS B 205 -30.72 -0.46 4.81
CA CYS B 205 -31.66 -1.57 4.65
C CYS B 205 -33.09 -1.09 4.40
N ASP B 206 -33.85 -1.78 3.54
CA ASP B 206 -35.26 -1.51 3.26
C ASP B 206 -36.16 -1.47 4.51
N THR B 207 -35.75 -2.07 5.63
CA THR B 207 -36.46 -1.95 6.90
C THR B 207 -36.62 -0.49 7.34
N TYR B 208 -35.74 0.40 6.90
CA TYR B 208 -35.77 1.84 7.20
C TYR B 208 -36.30 2.70 6.05
N ALA B 209 -36.85 2.12 4.99
CA ALA B 209 -37.05 2.78 3.69
C ALA B 209 -37.89 4.08 3.70
N THR B 210 -38.71 4.33 4.73
CA THR B 210 -39.51 5.56 4.85
C THR B 210 -39.27 6.31 6.16
N GLU B 211 -38.09 6.17 6.76
CA GLU B 211 -37.74 6.89 8.00
C GLU B 211 -37.59 8.42 7.81
N PHE B 212 -37.52 8.90 6.57
CA PHE B 212 -37.50 10.30 6.19
C PHE B 212 -38.43 10.52 4.99
N ASP B 213 -38.90 11.75 4.77
CA ASP B 213 -39.59 12.08 3.52
C ASP B 213 -38.60 12.37 2.40
N LEU B 214 -37.39 12.86 2.72
CA LEU B 214 -36.28 13.01 1.78
C LEU B 214 -34.97 12.52 2.39
N GLU B 215 -34.20 11.75 1.63
CA GLU B 215 -32.79 11.47 1.90
C GLU B 215 -32.09 11.17 0.57
N ALA B 216 -30.77 11.33 0.48
CA ALA B 216 -30.02 11.09 -0.76
C ALA B 216 -29.92 9.60 -1.16
N GLU B 217 -30.17 8.68 -0.23
CA GLU B 217 -29.99 7.24 -0.36
C GLU B 217 -30.88 6.56 -1.42
N GLU B 218 -30.42 5.44 -1.96
CA GLU B 218 -31.33 4.39 -2.45
C GLU B 218 -31.18 3.16 -1.56
N TYR B 219 -32.28 2.72 -0.95
CA TYR B 219 -32.31 1.63 0.01
C TYR B 219 -32.16 0.26 -0.68
N VAL B 220 -31.75 -0.78 0.05
CA VAL B 220 -31.54 -2.12 -0.51
C VAL B 220 -32.11 -3.23 0.39
N PRO B 221 -32.49 -4.39 -0.17
CA PRO B 221 -33.03 -5.49 0.61
C PRO B 221 -31.96 -6.14 1.48
N LEU B 222 -32.37 -6.73 2.61
CA LEU B 222 -31.51 -7.44 3.53
C LEU B 222 -30.84 -8.65 2.83
N PRO B 223 -29.50 -8.82 2.87
CA PRO B 223 -28.84 -9.95 2.21
C PRO B 223 -29.30 -11.31 2.73
N LYS B 224 -29.23 -12.34 1.89
CA LYS B 224 -29.57 -13.73 2.24
C LYS B 224 -28.34 -14.61 2.50
N GLY B 225 -28.55 -15.74 3.18
CA GLY B 225 -27.49 -16.63 3.65
C GLY B 225 -26.74 -16.11 4.90
N ASP B 226 -25.84 -16.93 5.44
CA ASP B 226 -25.04 -16.59 6.63
C ASP B 226 -24.15 -15.35 6.42
N VAL B 227 -23.79 -14.66 7.50
CA VAL B 227 -22.94 -13.47 7.50
C VAL B 227 -21.55 -13.75 6.92
N HIS B 228 -20.89 -14.83 7.35
CA HIS B 228 -19.52 -15.17 6.96
C HIS B 228 -19.53 -16.37 6.03
N LYS B 229 -19.06 -16.19 4.79
CA LYS B 229 -19.12 -17.23 3.76
C LYS B 229 -18.00 -17.11 2.75
N LYS B 230 -17.61 -18.24 2.16
CA LYS B 230 -16.53 -18.36 1.19
C LYS B 230 -17.06 -18.91 -0.13
N LYS B 231 -16.48 -18.47 -1.25
CA LYS B 231 -16.98 -18.80 -2.59
C LYS B 231 -15.85 -18.99 -3.61
N GLU B 232 -16.10 -19.89 -4.55
CA GLU B 232 -15.11 -20.39 -5.50
C GLU B 232 -15.16 -19.57 -6.81
N ILE B 233 -14.73 -18.30 -6.76
CA ILE B 233 -14.76 -17.43 -7.95
C ILE B 233 -13.76 -17.93 -8.98
N ILE B 234 -14.15 -17.98 -10.26
CA ILE B 234 -13.25 -18.36 -11.35
C ILE B 234 -12.83 -17.10 -12.11
N GLN B 235 -11.55 -16.79 -12.11
CA GLN B 235 -10.99 -15.57 -12.71
C GLN B 235 -10.23 -15.94 -13.99
N ASP B 236 -10.50 -15.25 -15.09
CA ASP B 236 -9.68 -15.28 -16.31
C ASP B 236 -8.84 -14.00 -16.38
N VAL B 237 -7.52 -14.14 -16.49
CA VAL B 237 -6.56 -13.06 -16.30
C VAL B 237 -5.32 -13.29 -17.17
N THR B 238 -4.59 -12.27 -17.62
CA THR B 238 -3.34 -12.47 -18.37
C THR B 238 -2.13 -12.34 -17.45
N LEU B 239 -0.96 -12.86 -17.81
CA LEU B 239 0.23 -12.63 -16.99
C LEU B 239 0.55 -11.14 -16.90
N HIS B 240 0.34 -10.38 -17.97
CA HIS B 240 0.51 -8.92 -17.94
C HIS B 240 -0.33 -8.27 -16.84
N ASP B 241 -1.54 -8.76 -16.62
CA ASP B 241 -2.39 -8.21 -15.57
C ASP B 241 -1.86 -8.51 -14.17
N LEU B 242 -1.02 -9.54 -13.99
CA LEU B 242 -0.24 -9.72 -12.77
C LEU B 242 1.00 -8.80 -12.77
N ASP B 243 1.72 -8.68 -13.90
CA ASP B 243 2.89 -7.81 -13.99
C ASP B 243 2.57 -6.35 -13.64
N VAL B 244 1.47 -5.79 -14.17
CA VAL B 244 1.18 -4.37 -13.98
C VAL B 244 0.56 -4.07 -12.62
N ALA B 245 -0.33 -4.92 -12.11
CA ALA B 245 -1.02 -4.65 -10.85
C ALA B 245 -0.03 -4.57 -9.68
N ASN B 246 1.03 -5.39 -9.68
CA ASN B 246 2.11 -5.28 -8.70
C ASN B 246 3.04 -4.09 -8.93
N ALA B 247 3.10 -3.50 -10.12
CA ALA B 247 3.98 -2.38 -10.42
C ALA B 247 3.43 -1.02 -9.96
N ARG B 248 2.12 -0.80 -10.03
CA ARG B 248 1.45 0.39 -9.46
C ARG B 248 0.16 0.00 -8.73
N PRO B 249 0.26 -0.61 -7.54
CA PRO B 249 -0.88 -1.26 -6.89
C PRO B 249 -1.95 -0.29 -6.40
N GLN B 250 -3.18 -0.48 -6.86
CA GLN B 250 -4.37 0.15 -6.28
C GLN B 250 -4.96 -0.66 -5.11
N GLY B 251 -4.53 -1.91 -4.93
CA GLY B 251 -5.08 -2.80 -3.89
C GLY B 251 -4.64 -2.43 -2.48
N GLY B 252 -5.15 -3.15 -1.49
CA GLY B 252 -5.00 -2.75 -0.08
C GLY B 252 -5.85 -1.53 0.26
N GLN B 253 -5.73 -1.03 1.48
CA GLN B 253 -6.61 0.02 2.02
C GLN B 253 -5.87 1.26 2.56
N ASP B 254 -4.54 1.27 2.52
CA ASP B 254 -3.73 2.34 3.09
C ASP B 254 -3.77 3.65 2.28
N ILE B 255 -3.28 4.73 2.89
CA ILE B 255 -3.23 6.06 2.28
C ILE B 255 -2.45 6.04 0.97
N LEU B 256 -1.34 5.29 0.90
CA LEU B 256 -0.50 5.26 -0.29
C LEU B 256 -1.19 4.62 -1.50
N SER B 257 -1.86 3.48 -1.34
CA SER B 257 -2.61 2.86 -2.43
C SER B 257 -3.83 3.69 -2.81
N MET B 258 -4.55 4.23 -1.83
CA MET B 258 -5.68 5.12 -2.07
C MET B 258 -5.27 6.39 -2.85
N MET B 259 -4.09 6.94 -2.56
CA MET B 259 -3.52 8.08 -3.27
C MET B 259 -3.04 7.69 -4.67
N GLY B 260 -2.26 6.63 -4.80
CA GLY B 260 -1.67 6.20 -6.07
C GLY B 260 -2.68 5.82 -7.14
N GLN B 261 -3.92 5.51 -6.73
CA GLN B 261 -5.04 5.29 -7.62
C GLN B 261 -5.56 6.56 -8.31
N LEU B 262 -5.41 7.74 -7.70
CA LEU B 262 -5.94 9.01 -8.22
C LEU B 262 -5.01 9.69 -9.23
N MET B 263 -3.70 9.61 -9.02
CA MET B 263 -2.68 10.28 -9.85
C MET B 263 -2.69 9.75 -11.30
N LYS B 264 -2.10 10.49 -12.25
CA LYS B 264 -2.11 10.09 -13.67
C LYS B 264 -1.47 8.70 -13.84
N PRO B 265 -2.15 7.72 -14.44
CA PRO B 265 -1.68 6.34 -14.53
C PRO B 265 -0.66 6.17 -15.67
N LYS B 266 0.52 6.77 -15.52
CA LYS B 266 1.62 6.61 -16.47
C LYS B 266 2.03 5.14 -16.58
N LYS B 267 2.39 4.66 -17.77
CA LYS B 267 3.08 3.36 -17.92
C LYS B 267 4.48 3.42 -17.28
N THR B 268 5.10 2.26 -17.05
CA THR B 268 6.47 2.21 -16.49
C THR B 268 7.24 1.02 -17.03
N GLU B 269 8.56 1.15 -17.19
CA GLU B 269 9.42 0.13 -17.82
C GLU B 269 9.70 -1.02 -16.85
N ILE B 270 8.75 -1.96 -16.74
CA ILE B 270 8.73 -3.06 -15.76
C ILE B 270 10.05 -3.82 -15.67
N THR B 271 10.60 -3.98 -14.47
CA THR B 271 11.87 -4.66 -14.26
C THR B 271 11.74 -6.17 -14.46
N ASP B 272 12.72 -6.81 -15.07
CA ASP B 272 12.74 -8.27 -15.27
C ASP B 272 12.56 -9.05 -13.95
N LYS B 273 13.13 -8.55 -12.85
CA LYS B 273 12.97 -9.13 -11.51
C LYS B 273 11.51 -9.27 -11.08
N LEU B 274 10.64 -8.33 -11.44
CA LEU B 274 9.21 -8.48 -11.12
C LEU B 274 8.58 -9.61 -11.91
N ARG B 275 8.90 -9.76 -13.19
CA ARG B 275 8.41 -10.90 -13.96
C ARG B 275 8.96 -12.21 -13.40
N GLY B 276 10.18 -12.21 -12.88
CA GLY B 276 10.74 -13.34 -12.14
C GLY B 276 9.88 -13.73 -10.94
N GLU B 277 9.46 -12.76 -10.12
CA GLU B 277 8.49 -13.03 -9.05
C GLU B 277 7.16 -13.53 -9.60
N ILE B 278 6.55 -12.90 -10.60
CA ILE B 278 5.27 -13.39 -11.13
C ILE B 278 5.40 -14.82 -11.66
N ASN B 279 6.48 -15.14 -12.38
CA ASN B 279 6.70 -16.51 -12.85
C ASN B 279 6.81 -17.49 -11.67
N LYS B 280 7.57 -17.17 -10.63
CA LYS B 280 7.66 -18.02 -9.44
C LYS B 280 6.31 -18.18 -8.75
N VAL B 281 5.51 -17.12 -8.67
CA VAL B 281 4.17 -17.17 -8.08
C VAL B 281 3.25 -18.07 -8.89
N VAL B 282 3.10 -17.84 -10.20
CA VAL B 282 2.15 -18.61 -11.00
C VAL B 282 2.58 -20.07 -11.18
N ASN B 283 3.88 -20.38 -11.19
CA ASN B 283 4.32 -21.78 -11.12
C ASN B 283 3.86 -22.46 -9.81
N LYS B 284 3.82 -21.76 -8.66
CA LYS B 284 3.17 -22.31 -7.47
C LYS B 284 1.67 -22.49 -7.65
N TYR B 285 0.93 -21.54 -8.21
CA TYR B 285 -0.52 -21.74 -8.43
C TYR B 285 -0.83 -22.90 -9.38
N ILE B 286 0.02 -23.17 -10.36
CA ILE B 286 -0.12 -24.34 -11.23
C ILE B 286 0.22 -25.62 -10.47
N ASP B 287 1.30 -25.64 -9.68
CA ASP B 287 1.69 -26.82 -8.89
C ASP B 287 0.72 -27.15 -7.75
N GLN B 288 0.04 -26.16 -7.17
CA GLN B 288 -1.07 -26.38 -6.24
C GLN B 288 -2.33 -26.91 -6.92
N GLY B 289 -2.41 -26.89 -8.26
CA GLY B 289 -3.62 -27.24 -9.00
C GLY B 289 -4.74 -26.20 -8.91
N ILE B 290 -4.46 -25.01 -8.36
CA ILE B 290 -5.42 -23.89 -8.34
C ILE B 290 -5.66 -23.38 -9.76
N ALA B 291 -4.59 -23.28 -10.55
CA ALA B 291 -4.60 -22.64 -11.85
C ALA B 291 -4.81 -23.61 -13.03
N GLU B 292 -5.08 -23.02 -14.18
CA GLU B 292 -4.77 -23.59 -15.49
C GLU B 292 -4.07 -22.50 -16.31
N LEU B 293 -3.02 -22.85 -17.05
CA LEU B 293 -2.43 -21.95 -18.03
C LEU B 293 -3.10 -22.11 -19.38
N VAL B 294 -3.33 -21.01 -20.11
CA VAL B 294 -3.83 -20.98 -21.48
C VAL B 294 -2.95 -20.07 -22.33
N PRO B 295 -1.79 -20.55 -22.78
CA PRO B 295 -0.94 -19.79 -23.68
C PRO B 295 -1.64 -19.62 -25.03
N GLY B 296 -1.79 -18.38 -25.49
CA GLY B 296 -2.55 -18.05 -26.67
C GLY B 296 -1.68 -17.51 -27.80
N VAL B 297 -2.17 -16.46 -28.47
CA VAL B 297 -1.57 -15.90 -29.68
C VAL B 297 -1.33 -14.41 -29.52
N LEU B 298 -0.20 -13.92 -30.00
CA LEU B 298 0.00 -12.49 -30.28
C LEU B 298 0.01 -12.31 -31.80
N PHE B 299 -0.87 -11.48 -32.33
CA PHE B 299 -0.91 -11.18 -33.75
C PHE B 299 -0.47 -9.75 -33.99
N VAL B 300 0.63 -9.56 -34.71
CA VAL B 300 1.15 -8.23 -35.06
C VAL B 300 0.88 -7.95 -36.53
N ASP B 301 -0.28 -7.35 -36.81
CA ASP B 301 -0.59 -6.91 -38.16
C ASP B 301 0.34 -5.76 -38.56
N GLU B 302 0.57 -5.55 -39.86
CA GLU B 302 1.47 -4.52 -40.37
C GLU B 302 2.87 -4.55 -39.74
N VAL B 303 3.44 -5.73 -39.51
CA VAL B 303 4.72 -5.87 -38.79
C VAL B 303 5.87 -5.13 -39.46
N HIS B 304 5.76 -4.84 -40.75
CA HIS B 304 6.83 -4.32 -41.63
C HIS B 304 7.37 -2.94 -41.28
N MET B 305 6.81 -2.28 -40.26
CA MET B 305 7.28 -0.99 -39.74
C MET B 305 7.55 -0.97 -38.25
N LEU B 306 7.72 -2.14 -37.64
CA LEU B 306 8.56 -2.23 -36.46
C LEU B 306 9.97 -1.72 -36.82
N ASP B 307 10.63 -1.06 -35.88
CA ASP B 307 11.99 -0.55 -36.05
C ASP B 307 13.01 -1.70 -36.04
N ILE B 308 14.22 -1.54 -36.57
CA ILE B 308 15.27 -2.55 -36.40
C ILE B 308 15.61 -2.78 -34.92
N GLU B 309 15.35 -1.81 -34.05
CA GLU B 309 15.35 -2.01 -32.59
C GLU B 309 14.39 -3.12 -32.19
N CYS B 310 13.15 -3.04 -32.66
CA CYS B 310 12.11 -3.99 -32.37
C CYS B 310 12.43 -5.35 -32.98
N PHE B 311 12.80 -5.40 -34.26
CA PHE B 311 13.14 -6.67 -34.88
C PHE B 311 14.30 -7.34 -34.14
N THR B 312 15.32 -6.61 -33.75
CA THR B 312 16.44 -7.21 -33.03
C THR B 312 16.07 -7.60 -31.61
N TYR B 313 15.09 -6.95 -30.98
CA TYR B 313 14.53 -7.47 -29.75
C TYR B 313 13.71 -8.74 -29.96
N LEU B 314 12.93 -8.84 -31.04
CA LEU B 314 12.11 -10.02 -31.29
C LEU B 314 12.96 -11.30 -31.36
N HIS B 315 14.23 -11.22 -31.76
CA HIS B 315 15.11 -12.39 -31.70
C HIS B 315 15.14 -12.99 -30.30
N ARG B 316 15.41 -12.17 -29.28
CA ARG B 316 15.48 -12.65 -27.90
C ARG B 316 14.10 -13.03 -27.37
N ALA B 317 13.05 -12.32 -27.75
CA ALA B 317 11.72 -12.61 -27.25
C ALA B 317 11.17 -13.95 -27.76
N LEU B 318 11.20 -14.21 -29.06
CA LEU B 318 10.68 -15.45 -29.66
C LEU B 318 11.46 -16.70 -29.22
N GLU B 319 12.68 -16.56 -28.75
CA GLU B 319 13.46 -17.69 -28.23
C GLU B 319 13.17 -18.00 -26.76
N SER B 320 12.50 -17.10 -26.04
CA SER B 320 12.26 -17.28 -24.61
C SER B 320 11.33 -18.45 -24.35
N SER B 321 11.69 -19.36 -23.45
CA SER B 321 10.86 -20.52 -23.09
C SER B 321 9.52 -20.15 -22.47
N ILE B 322 9.29 -18.88 -22.13
CA ILE B 322 8.00 -18.35 -21.68
C ILE B 322 7.06 -17.99 -22.84
N ALA B 323 7.59 -17.49 -23.96
CA ALA B 323 6.85 -16.65 -24.90
C ALA B 323 5.63 -17.32 -25.57
N PRO B 324 4.58 -16.56 -25.92
CA PRO B 324 3.39 -17.04 -26.61
C PRO B 324 3.69 -17.36 -28.08
N ILE B 325 2.77 -18.06 -28.75
CA ILE B 325 2.82 -18.24 -30.20
C ILE B 325 2.59 -16.90 -30.88
N VAL B 326 3.24 -16.62 -32.00
CA VAL B 326 3.17 -15.33 -32.68
C VAL B 326 2.71 -15.46 -34.12
N ILE B 327 1.93 -14.50 -34.59
CA ILE B 327 1.54 -14.37 -35.99
C ILE B 327 1.90 -12.97 -36.43
N PHE B 328 2.50 -12.84 -37.60
CA PHE B 328 2.78 -11.56 -38.24
C PHE B 328 2.01 -11.49 -39.56
N ALA B 329 1.72 -10.30 -40.03
CA ALA B 329 1.32 -10.08 -41.41
C ALA B 329 2.22 -9.06 -42.09
N SER B 330 2.47 -9.23 -43.38
CA SER B 330 3.12 -8.22 -44.20
C SER B 330 2.57 -8.24 -45.62
N ASN B 331 2.69 -7.11 -46.30
CA ASN B 331 2.12 -6.83 -47.63
C ASN B 331 3.15 -6.13 -48.53
N ARG B 332 4.44 -6.26 -48.24
CA ARG B 332 5.52 -5.49 -48.88
C ARG B 332 6.50 -6.35 -49.64
N GLY B 333 7.06 -5.78 -50.70
CA GLY B 333 8.05 -6.43 -51.55
C GLY B 333 9.43 -6.34 -50.95
N ASN B 334 10.42 -6.04 -51.78
CA ASN B 334 11.83 -5.91 -51.42
C ASN B 334 12.15 -4.55 -50.75
N CYS B 335 11.32 -4.14 -49.79
CA CYS B 335 11.29 -2.83 -49.14
C CYS B 335 12.55 -2.50 -48.32
N VAL B 336 12.82 -1.22 -48.05
CA VAL B 336 13.86 -0.78 -47.11
C VAL B 336 13.37 -0.84 -45.66
N ILE B 337 14.12 -1.50 -44.79
CA ILE B 337 13.73 -1.72 -43.38
C ILE B 337 13.80 -0.41 -42.61
N ARG B 338 12.69 0.02 -42.00
CA ARG B 338 12.64 1.27 -41.25
C ARG B 338 13.66 1.32 -40.13
N GLY B 339 14.29 2.47 -39.97
CA GLY B 339 15.38 2.71 -39.02
C GLY B 339 16.76 2.32 -39.53
N THR B 340 16.87 1.63 -40.66
CA THR B 340 18.19 1.23 -41.22
C THR B 340 18.74 2.17 -42.30
N GLU B 341 17.86 2.85 -43.05
CA GLU B 341 18.08 3.62 -44.30
C GLU B 341 18.79 2.89 -45.47
N ASP B 342 19.82 2.09 -45.21
CA ASP B 342 20.60 1.38 -46.22
C ASP B 342 19.98 0.05 -46.67
N ILE B 343 19.23 -0.65 -45.81
CA ILE B 343 19.09 -2.10 -45.92
C ILE B 343 17.72 -2.49 -46.46
N THR B 344 17.72 -3.22 -47.58
CA THR B 344 16.51 -3.75 -48.22
C THR B 344 16.38 -5.26 -48.03
N SER B 345 15.19 -5.76 -47.74
CA SER B 345 14.96 -7.18 -47.47
C SER B 345 13.53 -7.61 -47.82
N PRO B 346 13.24 -8.91 -47.96
CA PRO B 346 11.89 -9.39 -48.17
C PRO B 346 10.93 -8.89 -47.09
N HIS B 347 9.69 -8.60 -47.47
CA HIS B 347 8.57 -8.32 -46.56
C HIS B 347 8.78 -7.17 -45.59
N GLY B 348 9.80 -6.34 -45.79
CA GLY B 348 10.18 -5.28 -44.85
C GLY B 348 10.79 -5.80 -43.55
N ILE B 349 11.13 -7.08 -43.47
CA ILE B 349 11.62 -7.78 -42.28
C ILE B 349 13.10 -8.13 -42.44
N PRO B 350 14.00 -7.90 -41.47
CA PRO B 350 15.39 -8.32 -41.57
C PRO B 350 15.53 -9.83 -41.79
N LEU B 351 16.47 -10.26 -42.64
CA LEU B 351 16.74 -11.69 -42.87
C LEU B 351 17.06 -12.45 -41.57
N ASP B 352 17.72 -11.77 -40.63
CA ASP B 352 18.07 -12.29 -39.31
C ASP B 352 16.83 -12.75 -38.53
N LEU B 353 15.69 -12.08 -38.68
CA LEU B 353 14.41 -12.49 -38.12
C LEU B 353 13.68 -13.45 -39.07
N LEU B 354 13.82 -13.28 -40.38
CA LEU B 354 13.08 -14.07 -41.34
C LEU B 354 13.39 -15.57 -41.27
N ASP B 355 14.59 -15.97 -40.84
CA ASP B 355 14.89 -17.38 -40.55
C ASP B 355 14.07 -17.97 -39.39
N ARG B 356 13.60 -17.15 -38.45
CA ARG B 356 12.91 -17.58 -37.23
C ARG B 356 11.40 -17.77 -37.41
N VAL B 357 10.84 -17.50 -38.60
CA VAL B 357 9.40 -17.59 -38.88
C VAL B 357 9.09 -18.61 -39.97
N MET B 358 8.01 -19.36 -39.79
CA MET B 358 7.42 -20.21 -40.84
C MET B 358 6.54 -19.34 -41.73
N ILE B 359 6.92 -19.12 -42.99
CA ILE B 359 6.20 -18.20 -43.86
C ILE B 359 5.04 -18.90 -44.52
N ILE B 360 3.85 -18.32 -44.44
CA ILE B 360 2.66 -18.78 -45.15
C ILE B 360 2.41 -17.84 -46.32
N ARG B 361 2.35 -18.37 -47.53
CA ARG B 361 2.25 -17.57 -48.76
C ARG B 361 0.80 -17.46 -49.18
N THR B 362 0.35 -16.24 -49.48
CA THR B 362 -1.07 -15.94 -49.77
C THR B 362 -1.25 -15.62 -51.25
N MET B 363 -2.14 -16.31 -51.95
CA MET B 363 -2.32 -16.11 -53.40
C MET B 363 -3.19 -14.89 -53.72
N LEU B 364 -3.13 -14.40 -54.95
CA LEU B 364 -4.14 -13.48 -55.49
C LEU B 364 -5.40 -14.23 -55.95
N TYR B 365 -6.54 -13.55 -55.99
CA TYR B 365 -7.82 -14.15 -56.39
C TYR B 365 -8.08 -14.14 -57.89
N THR B 366 -8.69 -15.22 -58.38
CA THR B 366 -9.31 -15.25 -59.71
C THR B 366 -10.66 -14.52 -59.71
N PRO B 367 -11.14 -14.00 -60.85
CA PRO B 367 -12.46 -13.36 -60.93
C PRO B 367 -13.60 -14.22 -60.37
N GLN B 368 -13.52 -15.52 -60.53
CA GLN B 368 -14.51 -16.47 -60.05
C GLN B 368 -14.49 -16.65 -58.53
N GLU B 369 -13.41 -16.29 -57.85
CA GLU B 369 -13.39 -16.14 -56.38
C GLU B 369 -13.89 -14.76 -55.96
N MET B 370 -13.63 -13.69 -56.72
CA MET B 370 -14.18 -12.36 -56.43
C MET B 370 -15.71 -12.43 -56.31
N LYS B 371 -16.39 -13.03 -57.29
CA LYS B 371 -17.86 -13.18 -57.27
C LYS B 371 -18.32 -13.84 -55.98
N GLN B 372 -17.62 -14.87 -55.53
CA GLN B 372 -18.03 -15.65 -54.37
C GLN B 372 -17.82 -14.89 -53.06
N ILE B 373 -16.72 -14.15 -52.90
CA ILE B 373 -16.55 -13.26 -51.74
C ILE B 373 -17.65 -12.19 -51.78
N ILE B 374 -17.88 -11.55 -52.92
CA ILE B 374 -18.88 -10.48 -53.04
C ILE B 374 -20.27 -11.00 -52.68
N LYS B 375 -20.66 -12.19 -53.12
CA LYS B 375 -21.92 -12.82 -52.72
C LYS B 375 -21.99 -13.00 -51.21
N ILE B 376 -20.96 -13.60 -50.61
CA ILE B 376 -20.91 -13.85 -49.17
C ILE B 376 -20.94 -12.53 -48.38
N ARG B 377 -20.32 -11.50 -48.92
CA ARG B 377 -20.35 -10.15 -48.35
C ARG B 377 -21.74 -9.55 -48.42
N ALA B 378 -22.42 -9.61 -49.56
CA ALA B 378 -23.77 -9.06 -49.70
C ALA B 378 -24.77 -9.69 -48.72
N GLN B 379 -24.75 -11.02 -48.59
CA GLN B 379 -25.58 -11.70 -47.58
C GLN B 379 -25.06 -11.54 -46.14
N THR B 380 -23.98 -10.78 -45.93
CA THR B 380 -23.53 -10.28 -44.61
C THR B 380 -23.96 -8.83 -44.38
N GLU B 381 -23.84 -7.95 -45.37
CA GLU B 381 -24.36 -6.57 -45.30
C GLU B 381 -25.89 -6.52 -45.16
N GLY B 382 -26.57 -7.63 -45.47
CA GLY B 382 -28.03 -7.75 -45.38
C GLY B 382 -28.76 -7.21 -46.61
N ILE B 383 -28.16 -7.35 -47.80
CA ILE B 383 -28.64 -6.75 -49.05
C ILE B 383 -28.81 -7.80 -50.14
N ASN B 384 -29.80 -7.62 -51.00
CA ASN B 384 -30.13 -8.52 -52.10
C ASN B 384 -29.67 -7.93 -53.44
N ILE B 385 -29.19 -8.79 -54.33
CA ILE B 385 -28.54 -8.40 -55.58
C ILE B 385 -28.97 -9.30 -56.74
N SER B 386 -29.27 -8.74 -57.91
CA SER B 386 -29.59 -9.52 -59.11
C SER B 386 -28.34 -10.05 -59.82
N GLU B 387 -28.49 -11.10 -60.64
CA GLU B 387 -27.35 -11.86 -61.16
C GLU B 387 -26.46 -11.04 -62.09
N GLU B 388 -27.01 -10.22 -62.99
CA GLU B 388 -26.18 -9.37 -63.84
C GLU B 388 -25.51 -8.25 -63.03
N ALA B 389 -26.13 -7.80 -61.94
CA ALA B 389 -25.55 -6.82 -61.05
C ALA B 389 -24.33 -7.40 -60.31
N LEU B 390 -24.48 -8.60 -59.72
CA LEU B 390 -23.37 -9.29 -59.09
C LEU B 390 -22.25 -9.58 -60.10
N ASN B 391 -22.60 -9.98 -61.32
CA ASN B 391 -21.60 -10.13 -62.37
C ASN B 391 -20.91 -8.81 -62.70
N HIS B 392 -21.59 -7.66 -62.66
CA HIS B 392 -20.91 -6.39 -62.89
C HIS B 392 -19.96 -5.99 -61.76
N LEU B 393 -20.25 -6.32 -60.49
CA LEU B 393 -19.26 -6.15 -59.43
C LEU B 393 -18.02 -7.04 -59.65
N GLY B 394 -18.21 -8.26 -60.13
CA GLY B 394 -17.12 -9.13 -60.52
C GLY B 394 -16.32 -8.55 -61.69
N GLU B 395 -17.00 -8.03 -62.70
CA GLU B 395 -16.38 -7.34 -63.84
C GLU B 395 -15.48 -6.19 -63.35
N ILE B 396 -16.02 -5.31 -62.51
CA ILE B 396 -15.26 -4.22 -61.90
C ILE B 396 -14.07 -4.76 -61.09
N GLY B 397 -14.26 -5.88 -60.39
CA GLY B 397 -13.22 -6.51 -59.58
C GLY B 397 -12.04 -7.02 -60.39
N THR B 398 -12.25 -7.39 -61.66
CA THR B 398 -11.13 -7.74 -62.56
C THR B 398 -10.27 -6.52 -62.89
N LYS B 399 -10.89 -5.33 -63.02
CA LYS B 399 -10.20 -4.11 -63.46
C LYS B 399 -9.53 -3.36 -62.30
N THR B 400 -10.18 -3.38 -61.13
CA THR B 400 -9.86 -2.52 -59.99
C THR B 400 -9.14 -3.28 -58.88
N THR B 401 -9.85 -3.76 -57.86
CA THR B 401 -9.34 -4.49 -56.70
C THR B 401 -10.50 -5.11 -55.91
N LEU B 402 -10.27 -6.16 -55.11
CA LEU B 402 -11.33 -6.83 -54.35
C LEU B 402 -12.05 -5.86 -53.41
N ARG B 403 -11.30 -5.07 -52.64
CA ARG B 403 -11.91 -4.17 -51.66
C ARG B 403 -12.85 -3.18 -52.31
N TYR B 404 -12.48 -2.61 -53.45
CA TYR B 404 -13.32 -1.65 -54.14
C TYR B 404 -14.65 -2.29 -54.57
N SER B 405 -14.65 -3.47 -55.19
CA SER B 405 -15.91 -4.12 -55.54
C SER B 405 -16.80 -4.41 -54.34
N VAL B 406 -16.25 -4.74 -53.17
CA VAL B 406 -17.04 -4.84 -51.95
C VAL B 406 -17.58 -3.48 -51.51
N GLN B 407 -16.75 -2.44 -51.53
CA GLN B 407 -17.13 -1.11 -51.06
C GLN B 407 -18.25 -0.48 -51.89
N LEU B 408 -18.46 -0.88 -53.14
CA LEU B 408 -19.58 -0.36 -53.95
C LEU B 408 -20.95 -0.89 -53.50
N LEU B 409 -21.03 -1.97 -52.71
CA LEU B 409 -22.29 -2.62 -52.37
C LEU B 409 -23.29 -1.69 -51.69
N THR B 410 -23.03 -1.24 -50.46
CA THR B 410 -24.04 -0.47 -49.72
C THR B 410 -24.35 0.89 -50.34
N PRO B 411 -23.42 1.67 -50.93
CA PRO B 411 -23.78 2.83 -51.73
C PRO B 411 -24.81 2.50 -52.81
N ALA B 412 -24.67 1.37 -53.51
CA ALA B 412 -25.66 0.96 -54.49
C ALA B 412 -26.99 0.58 -53.84
N ASN B 413 -26.97 -0.12 -52.70
CA ASN B 413 -28.18 -0.44 -51.96
C ASN B 413 -28.95 0.83 -51.52
N LEU B 414 -28.25 1.89 -51.10
CA LEU B 414 -28.91 3.16 -50.83
C LEU B 414 -29.58 3.68 -52.09
N LEU B 415 -28.90 3.76 -53.23
CA LEU B 415 -29.55 4.21 -54.47
C LEU B 415 -30.76 3.33 -54.82
N ALA B 416 -30.66 2.02 -54.63
CA ALA B 416 -31.77 1.11 -54.91
C ALA B 416 -33.03 1.48 -54.11
N LYS B 417 -32.93 1.64 -52.78
CA LYS B 417 -34.09 2.01 -51.96
C LYS B 417 -34.46 3.50 -52.01
N ILE B 418 -33.54 4.39 -52.39
CA ILE B 418 -33.84 5.79 -52.69
C ILE B 418 -34.81 5.91 -53.88
N ASN B 419 -34.74 5.02 -54.86
CA ASN B 419 -35.78 4.91 -55.90
C ASN B 419 -36.67 3.65 -55.77
N GLY B 420 -36.85 3.17 -54.54
CA GLY B 420 -37.93 2.25 -54.14
C GLY B 420 -37.76 0.77 -54.49
N LYS B 421 -36.59 0.33 -54.97
CA LYS B 421 -36.34 -1.08 -55.33
C LYS B 421 -35.97 -1.94 -54.12
N ASP B 422 -36.22 -3.24 -54.21
CA ASP B 422 -35.91 -4.21 -53.15
C ASP B 422 -34.44 -4.69 -53.14
N SER B 423 -33.76 -4.58 -54.28
CA SER B 423 -32.43 -5.17 -54.55
C SER B 423 -31.55 -4.25 -55.38
N ILE B 424 -30.23 -4.44 -55.31
CA ILE B 424 -29.29 -3.82 -56.24
C ILE B 424 -29.53 -4.40 -57.64
N GLU B 425 -29.81 -3.54 -58.62
CA GLU B 425 -29.78 -3.85 -60.05
C GLU B 425 -28.49 -3.33 -60.69
N LYS B 426 -28.13 -3.79 -61.90
CA LYS B 426 -26.86 -3.39 -62.52
C LYS B 426 -26.76 -1.88 -62.69
N GLU B 427 -27.85 -1.20 -63.03
CA GLU B 427 -27.84 0.26 -63.19
C GLU B 427 -27.45 0.99 -61.89
N HIS B 428 -27.72 0.43 -60.70
CA HIS B 428 -27.31 1.06 -59.44
C HIS B 428 -25.81 0.91 -59.21
N VAL B 429 -25.23 -0.24 -59.55
CA VAL B 429 -23.77 -0.43 -59.50
C VAL B 429 -23.08 0.45 -60.53
N GLU B 430 -23.61 0.46 -61.75
CA GLU B 430 -23.07 1.20 -62.88
C GLU B 430 -23.12 2.71 -62.62
N GLU B 431 -24.18 3.23 -61.99
CA GLU B 431 -24.26 4.62 -61.54
C GLU B 431 -23.27 4.93 -60.41
N ILE B 432 -23.17 4.07 -59.39
CA ILE B 432 -22.24 4.25 -58.28
C ILE B 432 -20.79 4.32 -58.75
N SER B 433 -20.39 3.52 -59.72
CA SER B 433 -19.05 3.56 -60.28
C SER B 433 -18.70 4.92 -60.91
N GLU B 434 -19.69 5.73 -61.30
CA GLU B 434 -19.45 7.09 -61.80
C GLU B 434 -19.20 8.11 -60.68
N LEU B 435 -19.63 7.85 -59.45
CA LEU B 435 -19.43 8.78 -58.33
C LEU B 435 -18.13 8.51 -57.58
N PHE B 436 -17.91 7.25 -57.20
CA PHE B 436 -16.82 6.84 -56.33
C PHE B 436 -15.65 6.27 -57.14
N TYR B 437 -14.66 7.09 -57.46
CA TYR B 437 -13.43 6.63 -58.10
C TYR B 437 -12.67 5.66 -57.18
N ASP B 438 -11.75 4.90 -57.77
CA ASP B 438 -10.83 4.02 -57.03
C ASP B 438 -9.38 4.56 -57.08
N ALA B 439 -8.44 3.89 -56.40
CA ALA B 439 -7.03 4.25 -56.45
C ALA B 439 -6.47 4.36 -57.88
N LYS B 440 -6.78 3.41 -58.77
CA LYS B 440 -6.25 3.37 -60.14
C LYS B 440 -6.80 4.52 -60.97
N SER B 441 -8.13 4.65 -61.04
CA SER B 441 -8.79 5.69 -61.85
C SER B 441 -8.52 7.09 -61.32
N SER B 442 -8.47 7.28 -59.99
CA SER B 442 -8.08 8.58 -59.44
C SER B 442 -6.62 8.91 -59.75
N ALA B 443 -5.69 7.95 -59.64
CA ALA B 443 -4.30 8.18 -59.99
C ALA B 443 -4.13 8.60 -61.46
N LYS B 444 -4.98 8.13 -62.39
CA LYS B 444 -4.99 8.63 -63.78
C LYS B 444 -5.31 10.12 -63.85
N ILE B 445 -6.47 10.56 -63.36
CA ILE B 445 -6.85 11.98 -63.47
C ILE B 445 -5.89 12.89 -62.70
N LEU B 446 -5.39 12.42 -61.57
CA LEU B 446 -4.44 13.14 -60.73
C LEU B 446 -3.06 13.26 -61.39
N ALA B 447 -2.61 12.27 -62.15
CA ALA B 447 -1.38 12.36 -62.92
C ALA B 447 -1.53 13.22 -64.18
N ASP B 448 -2.71 13.26 -64.81
CA ASP B 448 -2.99 14.17 -65.93
C ASP B 448 -3.02 15.63 -65.50
N GLN B 449 -3.72 15.93 -64.40
CA GLN B 449 -3.88 17.29 -63.88
C GLN B 449 -2.72 17.74 -62.96
N GLN B 450 -1.59 17.01 -62.95
CA GLN B 450 -0.53 17.16 -61.93
C GLN B 450 0.06 18.57 -61.81
N ASP B 451 -0.10 19.42 -62.81
CA ASP B 451 0.34 20.82 -62.80
C ASP B 451 -0.38 21.68 -61.73
N LYS B 452 -1.54 21.25 -61.22
CA LYS B 452 -2.45 22.08 -60.41
C LYS B 452 -2.57 21.70 -58.92
N TYR B 453 -1.88 20.64 -58.46
CA TYR B 453 -2.03 20.05 -57.13
C TYR B 453 -0.86 20.38 -56.19
N THR C 11 12.29 58.15 -16.13
CA THR C 11 11.19 58.02 -17.13
C THR C 11 10.97 56.57 -17.52
N GLN C 12 9.94 56.29 -18.33
CA GLN C 12 9.91 55.10 -19.18
C GLN C 12 11.08 55.13 -20.18
N ARG C 13 11.54 53.96 -20.65
CA ARG C 13 12.74 53.82 -21.49
C ARG C 13 12.41 53.46 -22.94
N ILE C 14 13.10 54.09 -23.89
CA ILE C 14 12.79 54.08 -25.32
C ILE C 14 13.11 52.71 -25.95
N ALA C 15 12.41 52.36 -27.02
CA ALA C 15 12.59 51.12 -27.77
C ALA C 15 12.42 51.33 -29.28
N SER C 16 12.52 50.25 -30.06
CA SER C 16 12.59 50.30 -31.52
C SER C 16 11.28 50.76 -32.21
N HIS C 17 10.17 50.86 -31.47
CA HIS C 17 8.86 51.33 -32.00
C HIS C 17 8.17 52.43 -31.18
N SER C 18 8.80 53.01 -30.16
CA SER C 18 8.12 53.92 -29.21
C SER C 18 7.47 55.16 -29.83
N HIS C 19 7.92 55.61 -31.00
CA HIS C 19 7.32 56.74 -31.72
C HIS C 19 6.04 56.36 -32.46
N VAL C 20 5.84 55.08 -32.80
CA VAL C 20 4.67 54.64 -33.59
C VAL C 20 3.40 54.79 -32.77
N LYS C 21 2.66 55.88 -33.01
CA LYS C 21 1.45 56.26 -32.28
C LYS C 21 0.16 55.91 -33.02
N GLY C 22 0.23 55.57 -34.31
CA GLY C 22 -0.93 55.26 -35.15
C GLY C 22 -0.58 55.21 -36.63
N LEU C 23 -1.57 54.99 -37.49
CA LEU C 23 -1.40 54.96 -38.94
C LEU C 23 -1.47 56.35 -39.58
N GLY C 24 -2.00 57.36 -38.88
CA GLY C 24 -1.93 58.76 -39.31
C GLY C 24 -2.67 59.03 -40.62
N LEU C 25 -3.83 58.40 -40.79
CA LEU C 25 -4.67 58.54 -41.99
C LEU C 25 -5.50 59.83 -41.95
N ASP C 26 -5.88 60.35 -43.12
CA ASP C 26 -7.05 61.22 -43.26
C ASP C 26 -8.33 60.41 -43.03
N GLU C 27 -9.43 61.06 -42.62
CA GLU C 27 -10.69 60.32 -42.42
C GLU C 27 -11.31 59.82 -43.74
N SER C 28 -10.85 60.30 -44.91
CA SER C 28 -11.14 59.69 -46.20
C SER C 28 -10.52 58.30 -46.39
N GLY C 29 -9.62 57.87 -45.48
CA GLY C 29 -8.89 56.61 -45.55
C GLY C 29 -7.55 56.68 -46.30
N LEU C 30 -7.21 57.83 -46.90
CA LEU C 30 -5.90 58.08 -47.51
C LEU C 30 -4.82 58.33 -46.45
N ALA C 31 -3.57 58.06 -46.79
CA ALA C 31 -2.44 58.18 -45.86
C ALA C 31 -1.63 59.46 -46.06
N LYS C 32 -1.32 60.17 -44.97
CA LYS C 32 -0.39 61.30 -44.96
C LYS C 32 1.05 60.84 -45.19
N GLN C 33 1.88 61.71 -45.77
CA GLN C 33 3.30 61.46 -46.01
C GLN C 33 4.04 61.09 -44.72
N ALA C 34 3.81 61.82 -43.64
CA ALA C 34 4.36 61.55 -42.32
C ALA C 34 3.40 61.99 -41.22
N ALA C 35 2.93 61.08 -40.38
CA ALA C 35 2.01 61.35 -39.29
C ALA C 35 2.00 60.22 -38.26
N SER C 36 1.55 60.52 -37.04
CA SER C 36 1.46 59.57 -35.93
C SER C 36 2.74 58.75 -35.68
N GLY C 37 3.90 59.34 -35.98
CA GLY C 37 5.23 58.75 -35.82
C GLY C 37 5.69 57.83 -36.95
N LEU C 38 4.89 57.63 -38.00
CA LEU C 38 5.27 56.90 -39.22
C LEU C 38 5.60 57.86 -40.38
N VAL C 39 6.32 57.38 -41.38
CA VAL C 39 6.53 58.06 -42.68
C VAL C 39 6.58 57.06 -43.84
N GLY C 40 6.03 57.42 -45.00
CA GLY C 40 6.02 56.55 -46.19
C GLY C 40 5.06 55.34 -46.10
N GLN C 41 5.31 54.31 -46.90
CA GLN C 41 4.48 53.09 -47.01
C GLN C 41 2.99 53.37 -47.28
N GLU C 42 2.65 54.45 -47.98
CA GLU C 42 1.31 55.01 -48.02
C GLU C 42 0.23 53.96 -48.36
N ASN C 43 0.39 53.24 -49.47
CA ASN C 43 -0.58 52.22 -49.88
C ASN C 43 -0.66 51.05 -48.87
N ALA C 44 0.44 50.69 -48.21
CA ALA C 44 0.40 49.67 -47.17
C ALA C 44 -0.25 50.19 -45.89
N ARG C 45 -0.11 51.49 -45.57
CA ARG C 45 -0.85 52.10 -44.46
C ARG C 45 -2.34 52.20 -44.79
N GLU C 46 -2.71 52.55 -46.02
CA GLU C 46 -4.10 52.54 -46.49
C GLU C 46 -4.71 51.13 -46.35
N ALA C 47 -3.97 50.08 -46.74
CA ALA C 47 -4.40 48.70 -46.53
C ALA C 47 -4.61 48.41 -45.05
N CYS C 48 -3.67 48.81 -44.19
CA CYS C 48 -3.87 48.68 -42.75
C CYS C 48 -5.08 49.48 -42.26
N GLY C 49 -5.41 50.62 -42.86
CA GLY C 49 -6.63 51.36 -42.56
C GLY C 49 -7.88 50.50 -42.78
N VAL C 50 -7.98 49.82 -43.92
CA VAL C 50 -9.09 48.87 -44.17
C VAL C 50 -9.07 47.75 -43.13
N ILE C 51 -7.89 47.25 -42.73
CA ILE C 51 -7.80 46.22 -41.69
C ILE C 51 -8.25 46.74 -40.33
N VAL C 52 -7.97 48.00 -39.96
CA VAL C 52 -8.50 48.58 -38.73
C VAL C 52 -10.02 48.65 -38.78
N GLU C 53 -10.61 49.10 -39.89
CA GLU C 53 -12.07 49.10 -40.03
C GLU C 53 -12.63 47.68 -39.92
N LEU C 54 -12.00 46.71 -40.58
CA LEU C 54 -12.37 45.29 -40.53
C LEU C 54 -12.40 44.79 -39.09
N ILE C 55 -11.36 45.06 -38.30
CA ILE C 55 -11.26 44.61 -36.92
C ILE C 55 -12.30 45.31 -36.03
N LYS C 56 -12.48 46.64 -36.18
CA LYS C 56 -13.49 47.40 -35.42
C LYS C 56 -14.92 46.97 -35.75
N SER C 57 -15.19 46.43 -36.94
CA SER C 57 -16.56 46.04 -37.34
C SER C 57 -17.16 44.88 -36.55
N LYS C 58 -16.34 44.04 -35.92
CA LYS C 58 -16.72 42.77 -35.25
C LYS C 58 -17.49 41.74 -36.12
N LYS C 59 -17.71 41.98 -37.42
CA LYS C 59 -18.44 41.06 -38.30
C LYS C 59 -17.75 39.70 -38.48
N MET C 60 -16.45 39.70 -38.72
CA MET C 60 -15.73 38.58 -39.34
C MET C 60 -14.97 37.68 -38.37
N ALA C 61 -14.61 36.49 -38.82
CA ALA C 61 -13.72 35.56 -38.14
C ALA C 61 -12.62 35.06 -39.08
N GLY C 62 -11.41 34.87 -38.57
CA GLY C 62 -10.35 34.11 -39.26
C GLY C 62 -9.75 34.74 -40.52
N ARG C 63 -10.37 35.77 -41.11
CA ARG C 63 -9.79 36.52 -42.24
C ARG C 63 -8.47 37.15 -41.83
N ALA C 64 -7.45 37.05 -42.66
CA ALA C 64 -6.07 37.26 -42.25
C ALA C 64 -5.21 37.91 -43.31
N VAL C 65 -4.13 38.55 -42.88
CA VAL C 65 -3.19 39.24 -43.77
C VAL C 65 -1.76 38.84 -43.50
N LEU C 66 -0.95 38.79 -44.55
CA LEU C 66 0.49 38.71 -44.45
C LEU C 66 1.08 40.04 -44.88
N LEU C 67 1.91 40.64 -44.05
CA LEU C 67 2.84 41.66 -44.52
C LEU C 67 4.11 40.98 -44.98
N ALA C 68 4.52 41.25 -46.21
CA ALA C 68 5.74 40.71 -46.78
C ALA C 68 6.58 41.83 -47.37
N GLY C 69 7.88 41.81 -47.11
CA GLY C 69 8.83 42.79 -47.61
C GLY C 69 10.22 42.61 -47.00
N PRO C 70 11.27 43.19 -47.59
CA PRO C 70 12.64 43.05 -47.11
C PRO C 70 12.84 43.39 -45.62
N PRO C 71 13.95 42.94 -44.99
CA PRO C 71 14.30 43.31 -43.63
C PRO C 71 14.31 44.83 -43.42
N GLY C 72 13.78 45.31 -42.29
CA GLY C 72 13.87 46.71 -41.92
C GLY C 72 13.00 47.66 -42.74
N THR C 73 11.97 47.15 -43.43
CA THR C 73 11.06 47.98 -44.22
C THR C 73 9.85 48.48 -43.45
N GLY C 74 9.48 47.91 -42.30
CA GLY C 74 8.43 48.46 -41.44
C GLY C 74 7.27 47.51 -41.16
N LYS C 75 7.39 46.24 -41.53
CA LYS C 75 6.26 45.30 -41.48
C LYS C 75 5.96 44.80 -40.06
N THR C 76 6.77 45.13 -39.06
CA THR C 76 6.37 45.02 -37.67
C THR C 76 5.80 46.34 -37.16
N ALA C 77 6.37 47.49 -37.57
CA ALA C 77 5.85 48.79 -37.19
C ALA C 77 4.38 48.98 -37.61
N LEU C 78 3.97 48.56 -38.82
CA LEU C 78 2.58 48.63 -39.25
C LEU C 78 1.66 47.72 -38.42
N ALA C 79 2.05 46.48 -38.13
CA ALA C 79 1.25 45.61 -37.28
C ALA C 79 1.11 46.15 -35.85
N LEU C 80 2.09 46.87 -35.30
CA LEU C 80 1.93 47.59 -34.05
C LEU C 80 1.09 48.86 -34.21
N ALA C 81 1.20 49.59 -35.31
CA ALA C 81 0.37 50.76 -35.54
C ALA C 81 -1.11 50.39 -35.54
N ILE C 82 -1.47 49.23 -36.10
CA ILE C 82 -2.84 48.70 -35.99
C ILE C 82 -3.25 48.56 -34.53
N ALA C 83 -2.40 48.01 -33.66
CA ALA C 83 -2.72 47.95 -32.23
C ALA C 83 -2.93 49.34 -31.62
N GLN C 84 -2.15 50.34 -32.03
CA GLN C 84 -2.33 51.70 -31.53
C GLN C 84 -3.66 52.31 -32.02
N GLU C 85 -4.05 52.08 -33.27
CA GLU C 85 -5.33 52.54 -33.80
C GLU C 85 -6.54 51.85 -33.13
N LEU C 86 -6.36 50.63 -32.63
CA LEU C 86 -7.37 49.92 -31.86
C LEU C 86 -7.40 50.33 -30.39
N GLY C 87 -6.26 50.73 -29.82
CA GLY C 87 -6.09 51.08 -28.41
C GLY C 87 -6.20 49.88 -27.46
N SER C 88 -5.98 50.11 -26.16
CA SER C 88 -5.83 49.05 -25.15
C SER C 88 -7.03 48.11 -24.97
N LYS C 89 -8.23 48.51 -25.42
CA LYS C 89 -9.49 47.85 -25.07
C LYS C 89 -9.72 46.52 -25.78
N VAL C 90 -9.15 46.29 -26.96
CA VAL C 90 -9.26 45.01 -27.70
C VAL C 90 -7.98 44.21 -27.56
N PRO C 91 -8.03 42.89 -27.34
CA PRO C 91 -6.83 42.11 -27.15
C PRO C 91 -6.03 42.05 -28.44
N PHE C 92 -4.76 42.45 -28.38
CA PHE C 92 -3.79 42.26 -29.46
C PHE C 92 -2.70 41.34 -28.92
N CYS C 93 -2.58 40.14 -29.47
CA CYS C 93 -1.72 39.10 -28.90
C CYS C 93 -0.54 38.85 -29.85
N PRO C 94 0.71 39.21 -29.47
CA PRO C 94 1.88 39.02 -30.32
C PRO C 94 2.55 37.66 -30.14
N MET C 95 3.23 37.17 -31.17
CA MET C 95 4.09 35.99 -31.17
C MET C 95 5.21 36.11 -32.19
N VAL C 96 6.30 35.37 -32.02
CA VAL C 96 7.11 34.93 -33.17
C VAL C 96 6.63 33.56 -33.59
N GLY C 97 6.84 33.15 -34.84
CA GLY C 97 6.59 31.76 -35.23
C GLY C 97 7.32 30.78 -34.30
N SER C 98 8.54 31.11 -33.88
CA SER C 98 9.35 30.27 -32.99
C SER C 98 8.80 30.06 -31.58
N GLU C 99 7.69 30.70 -31.18
CA GLU C 99 7.07 30.41 -29.89
C GLU C 99 6.46 29.01 -29.85
N VAL C 100 6.10 28.43 -31.00
CA VAL C 100 5.30 27.20 -31.03
C VAL C 100 6.04 25.96 -30.56
N TYR C 101 7.37 25.93 -30.64
CA TYR C 101 8.18 24.74 -30.33
C TYR C 101 8.39 24.54 -28.83
N SER C 102 7.29 24.51 -28.07
CA SER C 102 7.31 24.19 -26.65
C SER C 102 7.73 22.74 -26.41
N THR C 103 8.36 22.47 -25.27
CA THR C 103 8.63 21.12 -24.77
C THR C 103 7.43 20.53 -24.04
N GLU C 104 6.56 21.36 -23.47
CA GLU C 104 5.45 20.91 -22.66
C GLU C 104 4.31 20.32 -23.49
N ILE C 105 4.10 20.87 -24.68
CA ILE C 105 2.82 20.80 -25.39
C ILE C 105 3.03 20.90 -26.91
N LYS C 106 2.15 20.29 -27.71
CA LYS C 106 2.33 20.23 -29.17
C LYS C 106 2.23 21.57 -29.87
N LYS C 107 2.96 21.74 -30.99
CA LYS C 107 3.05 22.99 -31.75
C LYS C 107 1.68 23.60 -32.04
N THR C 108 0.76 22.77 -32.55
CA THR C 108 -0.56 23.25 -32.96
C THR C 108 -1.37 23.74 -31.77
N GLU C 109 -1.15 23.21 -30.57
CA GLU C 109 -1.86 23.69 -29.39
C GLU C 109 -1.33 25.05 -28.96
N VAL C 110 -0.05 25.35 -29.12
CA VAL C 110 0.46 26.70 -28.85
C VAL C 110 -0.18 27.72 -29.78
N LEU C 111 -0.38 27.36 -31.05
CA LEU C 111 -1.19 28.18 -31.94
C LEU C 111 -2.64 28.27 -31.48
N MET C 112 -3.29 27.15 -31.13
CA MET C 112 -4.69 27.21 -30.72
C MET C 112 -4.90 28.05 -29.45
N GLU C 113 -4.03 27.96 -28.45
CA GLU C 113 -4.08 28.84 -27.30
C GLU C 113 -3.93 30.30 -27.69
N ASN C 114 -2.96 30.67 -28.54
CA ASN C 114 -2.86 32.06 -28.97
C ASN C 114 -4.07 32.50 -29.81
N PHE C 115 -4.69 31.64 -30.60
CA PHE C 115 -5.97 31.94 -31.24
C PHE C 115 -7.07 32.24 -30.22
N ARG C 116 -7.04 31.65 -29.02
CA ARG C 116 -7.98 31.95 -27.93
C ARG C 116 -7.57 33.13 -27.06
N ARG C 117 -6.29 33.54 -27.03
CA ARG C 117 -5.88 34.78 -26.34
C ARG C 117 -6.41 36.02 -27.05
N ALA C 118 -6.49 35.96 -28.37
CA ALA C 118 -6.95 37.08 -29.19
C ALA C 118 -8.48 37.29 -29.22
N ILE C 119 -9.24 36.76 -28.26
CA ILE C 119 -10.67 37.07 -28.11
C ILE C 119 -10.94 37.39 -26.64
N GLY C 120 -11.55 38.53 -26.34
CA GLY C 120 -11.77 38.99 -24.96
C GLY C 120 -13.25 39.09 -24.61
N LEU C 121 -13.63 38.59 -23.45
CA LEU C 121 -14.83 39.07 -22.78
C LEU C 121 -14.54 40.39 -22.09
N ARG C 122 -15.58 41.21 -21.98
CA ARG C 122 -15.60 42.39 -21.12
C ARG C 122 -16.88 42.32 -20.31
N ILE C 123 -16.77 41.84 -19.08
CA ILE C 123 -17.89 41.36 -18.27
C ILE C 123 -18.00 42.20 -17.00
N LYS C 124 -19.13 42.88 -16.79
CA LYS C 124 -19.28 43.89 -15.74
C LYS C 124 -20.13 43.38 -14.59
N GLU C 125 -19.66 43.58 -13.36
CA GLU C 125 -20.34 43.10 -12.16
C GLU C 125 -20.12 44.03 -10.97
N THR C 126 -21.07 44.02 -10.05
CA THR C 126 -21.05 44.71 -8.77
C THR C 126 -20.22 43.95 -7.74
N LYS C 127 -19.43 44.67 -6.96
CA LYS C 127 -18.87 44.20 -5.70
C LYS C 127 -19.55 44.96 -4.57
N GLU C 128 -20.07 44.26 -3.58
CA GLU C 128 -20.59 44.88 -2.36
C GLU C 128 -20.12 44.13 -1.14
N VAL C 129 -19.67 44.86 -0.12
CA VAL C 129 -19.02 44.28 1.05
C VAL C 129 -19.30 45.16 2.28
N TYR C 130 -19.39 44.54 3.44
CA TYR C 130 -19.37 45.23 4.72
C TYR C 130 -18.00 45.04 5.35
N GLU C 131 -17.37 46.09 5.86
CA GLU C 131 -16.05 45.96 6.49
C GLU C 131 -15.85 46.99 7.60
N GLY C 132 -15.02 46.68 8.59
CA GLY C 132 -14.70 47.58 9.68
C GLY C 132 -14.11 46.90 10.89
N GLU C 133 -13.63 47.68 11.85
CA GLU C 133 -13.26 47.19 13.17
C GLU C 133 -14.52 46.76 13.92
N VAL C 134 -14.59 45.53 14.43
CA VAL C 134 -15.72 45.06 15.22
C VAL C 134 -15.69 45.64 16.63
N THR C 135 -16.61 46.56 16.91
CA THR C 135 -16.72 47.23 18.20
C THR C 135 -17.42 46.37 19.25
N GLU C 136 -18.46 45.62 18.88
CA GLU C 136 -19.10 44.66 19.77
C GLU C 136 -19.81 43.55 18.99
N LEU C 137 -19.93 42.37 19.58
CA LEU C 137 -20.81 41.31 19.11
C LEU C 137 -21.91 41.12 20.15
N THR C 138 -23.14 41.43 19.76
CA THR C 138 -24.29 41.51 20.67
C THR C 138 -25.44 40.67 20.14
N PRO C 139 -25.57 39.40 20.53
CA PRO C 139 -26.75 38.61 20.22
C PRO C 139 -27.98 39.23 20.88
N CYS C 140 -29.10 39.29 20.16
CA CYS C 140 -30.34 39.88 20.65
C CYS C 140 -31.41 38.79 20.85
N GLU C 141 -31.88 38.63 22.09
CA GLU C 141 -32.88 37.62 22.45
C GLU C 141 -34.32 38.10 22.23
N THR C 142 -35.25 37.16 22.11
CA THR C 142 -36.69 37.42 22.23
C THR C 142 -37.16 37.00 23.63
N GLU C 143 -37.84 37.89 24.36
CA GLU C 143 -38.20 37.64 25.77
C GLU C 143 -39.09 36.42 25.94
N ASN C 144 -40.01 36.20 25.00
CA ASN C 144 -40.67 34.91 24.83
C ASN C 144 -39.72 33.96 24.06
N PRO C 145 -39.32 32.82 24.63
CA PRO C 145 -38.72 31.74 23.86
C PRO C 145 -39.80 30.96 23.08
N MET C 146 -39.39 30.13 22.12
CA MET C 146 -40.27 29.08 21.58
C MET C 146 -40.41 27.92 22.58
N GLY C 147 -41.48 27.13 22.45
CA GLY C 147 -41.85 26.13 23.45
C GLY C 147 -40.78 25.08 23.72
N GLY C 148 -40.46 24.88 25.00
CA GLY C 148 -39.52 23.86 25.48
C GLY C 148 -38.04 24.28 25.50
N TYR C 149 -37.69 25.48 25.00
CA TYR C 149 -36.31 25.96 24.92
C TYR C 149 -36.06 27.16 25.83
N GLY C 150 -34.85 27.25 26.38
CA GLY C 150 -34.52 28.15 27.49
C GLY C 150 -34.44 29.62 27.06
N LYS C 151 -33.78 29.88 25.92
CA LYS C 151 -33.74 31.21 25.28
C LYS C 151 -33.49 31.12 23.79
N THR C 152 -33.86 32.18 23.07
CA THR C 152 -33.85 32.23 21.61
C THR C 152 -33.41 33.58 21.09
N ILE C 153 -32.64 33.57 20.01
CA ILE C 153 -32.02 34.74 19.37
C ILE C 153 -32.69 35.00 18.03
N SER C 154 -33.16 36.22 17.80
CA SER C 154 -33.70 36.63 16.49
C SER C 154 -32.59 37.05 15.54
N HIS C 155 -31.56 37.72 16.05
CA HIS C 155 -30.44 38.23 15.25
C HIS C 155 -29.23 38.55 16.12
N VAL C 156 -28.07 38.67 15.49
CA VAL C 156 -26.85 39.18 16.11
C VAL C 156 -26.62 40.59 15.61
N ILE C 157 -26.28 41.51 16.51
CA ILE C 157 -25.74 42.81 16.11
C ILE C 157 -24.22 42.71 16.12
N ILE C 158 -23.59 43.14 15.03
CA ILE C 158 -22.16 43.40 14.97
C ILE C 158 -22.00 44.91 14.82
N GLY C 159 -21.36 45.55 15.78
CA GLY C 159 -20.93 46.94 15.59
C GLY C 159 -19.69 46.97 14.73
N LEU C 160 -19.67 47.74 13.64
CA LEU C 160 -18.49 47.91 12.80
C LEU C 160 -18.10 49.39 12.72
N LYS C 161 -16.80 49.68 12.78
CA LYS C 161 -16.24 51.03 12.68
C LYS C 161 -15.31 51.16 11.47
N THR C 162 -15.36 52.31 10.82
CA THR C 162 -14.46 52.75 9.76
C THR C 162 -14.14 54.23 9.97
N ALA C 163 -13.14 54.78 9.27
CA ALA C 163 -12.77 56.18 9.45
C ALA C 163 -13.92 57.17 9.23
N LYS C 164 -14.92 56.80 8.41
CA LYS C 164 -16.10 57.62 8.12
C LYS C 164 -17.19 57.55 9.21
N GLY C 165 -17.22 56.51 10.05
CA GLY C 165 -18.23 56.37 11.10
C GLY C 165 -18.30 54.98 11.74
N THR C 166 -19.32 54.76 12.58
CA THR C 166 -19.62 53.46 13.20
C THR C 166 -21.07 53.08 12.93
N LYS C 167 -21.34 51.81 12.63
CA LYS C 167 -22.70 51.31 12.34
C LYS C 167 -22.95 49.95 12.99
N GLN C 168 -24.12 49.79 13.59
CA GLN C 168 -24.59 48.49 14.06
C GLN C 168 -25.27 47.75 12.90
N LEU C 169 -24.59 46.74 12.36
CA LEU C 169 -25.23 45.83 11.41
C LEU C 169 -26.01 44.75 12.16
N LYS C 170 -27.17 44.36 11.62
CA LYS C 170 -28.00 43.27 12.10
C LYS C 170 -27.82 42.07 11.17
N LEU C 171 -27.57 40.88 11.70
CA LEU C 171 -27.28 39.67 10.92
C LEU C 171 -28.00 38.44 11.50
N ASP C 172 -28.30 37.45 10.66
CA ASP C 172 -28.96 36.22 11.11
C ASP C 172 -28.03 35.39 12.01
N PRO C 173 -28.56 34.64 12.98
CA PRO C 173 -27.75 34.07 14.05
C PRO C 173 -26.77 32.99 13.58
N SER C 174 -26.93 32.42 12.38
CA SER C 174 -25.93 31.50 11.83
C SER C 174 -24.54 32.13 11.71
N ILE C 175 -24.44 33.46 11.65
CA ILE C 175 -23.15 34.15 11.60
C ILE C 175 -22.30 33.85 12.83
N PHE C 176 -22.90 33.66 14.01
CA PHE C 176 -22.14 33.51 15.25
C PHE C 176 -21.32 32.21 15.27
N GLU C 177 -21.79 31.16 14.59
CA GLU C 177 -21.03 29.92 14.42
C GLU C 177 -19.71 30.22 13.69
N SER C 178 -19.79 30.90 12.54
CA SER C 178 -18.60 31.28 11.75
C SER C 178 -17.67 32.26 12.49
N LEU C 179 -18.22 33.16 13.30
CA LEU C 179 -17.46 34.05 14.18
C LEU C 179 -16.91 33.39 15.45
N GLN C 180 -16.93 32.05 15.53
CA GLN C 180 -15.99 31.30 16.35
C GLN C 180 -15.25 30.18 15.59
N LYS C 181 -15.36 30.14 14.26
CA LYS C 181 -14.39 29.48 13.38
C LYS C 181 -13.25 30.44 13.05
N GLU C 182 -13.60 31.63 12.58
CA GLU C 182 -12.73 32.79 12.70
C GLU C 182 -12.57 33.09 14.19
N ARG C 183 -11.35 33.31 14.66
CA ARG C 183 -11.05 33.48 16.10
C ARG C 183 -11.30 34.91 16.59
N VAL C 184 -12.44 35.49 16.20
CA VAL C 184 -12.70 36.93 16.34
C VAL C 184 -12.77 37.39 17.79
N GLU C 185 -12.24 38.58 18.06
CA GLU C 185 -12.33 39.30 19.34
C GLU C 185 -12.59 40.80 19.11
N ALA C 186 -13.17 41.51 20.06
CA ALA C 186 -13.51 42.92 19.88
C ALA C 186 -12.26 43.76 19.59
N GLY C 187 -12.31 44.59 18.54
CA GLY C 187 -11.15 45.33 18.03
C GLY C 187 -10.35 44.61 16.94
N ASP C 188 -10.76 43.42 16.49
CA ASP C 188 -10.40 42.93 15.16
C ASP C 188 -11.00 43.81 14.07
N VAL C 189 -10.43 43.82 12.87
CA VAL C 189 -11.09 44.31 11.65
C VAL C 189 -11.44 43.13 10.75
N ILE C 190 -12.68 43.14 10.28
CA ILE C 190 -13.34 42.03 9.59
C ILE C 190 -14.08 42.54 8.37
N TYR C 191 -14.43 41.63 7.46
CA TYR C 191 -15.30 41.95 6.34
C TYR C 191 -16.29 40.83 6.03
N ILE C 192 -17.43 41.19 5.45
CA ILE C 192 -18.55 40.32 5.11
C ILE C 192 -18.99 40.59 3.68
N GLU C 193 -19.04 39.58 2.83
CA GLU C 193 -19.37 39.73 1.41
C GLU C 193 -20.88 39.87 1.19
N ALA C 194 -21.38 41.06 0.85
CA ALA C 194 -22.83 41.32 0.86
C ALA C 194 -23.60 40.49 -0.18
N ASN C 195 -22.93 40.07 -1.25
CA ASN C 195 -23.52 39.20 -2.27
C ASN C 195 -23.55 37.70 -1.89
N SER C 196 -23.00 37.31 -0.74
CA SER C 196 -22.66 35.91 -0.42
C SER C 196 -22.87 35.53 1.06
N GLY C 197 -22.80 36.49 1.98
CA GLY C 197 -22.97 36.29 3.42
C GLY C 197 -21.74 35.71 4.14
N ALA C 198 -20.66 35.39 3.42
CA ALA C 198 -19.41 34.93 4.03
C ALA C 198 -18.75 36.05 4.85
N VAL C 199 -18.05 35.69 5.94
CA VAL C 199 -17.29 36.61 6.82
C VAL C 199 -15.84 36.16 6.99
N LYS C 200 -14.91 37.11 7.07
CA LYS C 200 -13.46 36.88 7.15
C LYS C 200 -12.79 37.87 8.11
N ARG C 201 -11.73 37.46 8.80
CA ARG C 201 -10.92 38.29 9.71
C ARG C 201 -9.64 38.77 9.05
N GLN C 202 -9.32 40.06 9.09
CA GLN C 202 -8.04 40.58 8.57
C GLN C 202 -6.93 40.66 9.62
N GLY C 203 -7.24 41.00 10.87
CA GLY C 203 -6.27 41.15 11.97
C GLY C 203 -6.73 42.17 13.01
N ARG C 204 -6.01 42.32 14.13
CA ARG C 204 -6.30 43.40 15.08
C ARG C 204 -6.11 44.77 14.43
N CYS C 205 -7.01 45.68 14.73
CA CYS C 205 -7.01 47.02 14.19
C CYS C 205 -5.82 47.84 14.74
N ASP C 206 -5.18 48.63 13.89
CA ASP C 206 -3.93 49.37 14.16
C ASP C 206 -4.00 50.31 15.37
N THR C 207 -5.19 50.75 15.78
CA THR C 207 -5.35 51.55 17.00
C THR C 207 -4.82 50.83 18.25
N TYR C 208 -4.82 49.49 18.26
CA TYR C 208 -4.34 48.68 19.38
C TYR C 208 -2.89 48.21 19.25
N ALA C 209 -2.12 48.68 18.27
CA ALA C 209 -0.73 48.27 17.99
C ALA C 209 0.30 48.71 19.06
N THR C 210 -0.13 48.93 20.30
CA THR C 210 0.71 49.32 21.44
C THR C 210 0.34 48.63 22.77
N GLU C 211 -0.71 47.79 22.82
CA GLU C 211 -1.12 47.17 24.09
C GLU C 211 -0.18 46.05 24.59
N PHE C 212 0.81 45.67 23.80
CA PHE C 212 1.97 44.88 24.20
C PHE C 212 3.21 45.41 23.47
N ASP C 213 4.42 45.27 24.02
CA ASP C 213 5.62 45.67 23.27
C ASP C 213 5.94 44.74 22.09
N LEU C 214 5.52 43.46 22.16
CA LEU C 214 5.51 42.51 21.04
C LEU C 214 4.23 41.70 21.05
N GLU C 215 3.60 41.47 19.91
CA GLU C 215 2.54 40.47 19.78
C GLU C 215 2.56 39.88 18.37
N ALA C 216 2.23 38.59 18.21
CA ALA C 216 2.51 37.84 16.99
C ALA C 216 1.46 38.02 15.88
N GLU C 217 1.13 39.24 15.51
CA GLU C 217 0.28 39.53 14.35
C GLU C 217 0.66 40.86 13.69
N GLU C 218 0.57 40.96 12.35
CA GLU C 218 0.70 42.26 11.67
C GLU C 218 -0.62 43.05 11.79
N TYR C 219 -0.53 44.26 12.33
CA TYR C 219 -1.71 45.08 12.62
C TYR C 219 -2.24 45.75 11.35
N VAL C 220 -3.57 45.86 11.25
CA VAL C 220 -4.26 46.31 10.03
C VAL C 220 -4.81 47.74 10.21
N PRO C 221 -4.49 48.69 9.32
CA PRO C 221 -4.98 50.07 9.45
C PRO C 221 -6.50 50.13 9.29
N LEU C 222 -7.15 51.07 9.99
CA LEU C 222 -8.61 51.17 10.01
C LEU C 222 -9.17 51.42 8.59
N PRO C 223 -10.16 50.64 8.12
CA PRO C 223 -10.76 50.86 6.80
C PRO C 223 -11.38 52.24 6.66
N LYS C 224 -11.35 52.81 5.46
CA LYS C 224 -11.86 54.17 5.18
C LYS C 224 -12.86 54.17 4.02
N GLY C 225 -13.80 55.11 4.04
CA GLY C 225 -15.13 54.95 3.44
C GLY C 225 -16.14 54.39 4.45
N ASP C 226 -17.40 54.22 4.06
CA ASP C 226 -18.47 53.74 4.95
C ASP C 226 -18.31 52.25 5.32
N VAL C 227 -19.04 51.79 6.33
CA VAL C 227 -19.08 50.37 6.74
C VAL C 227 -19.60 49.47 5.63
N HIS C 228 -20.51 49.96 4.78
CA HIS C 228 -21.02 49.25 3.60
C HIS C 228 -20.46 49.88 2.33
N LYS C 229 -19.72 49.12 1.53
CA LYS C 229 -19.11 49.56 0.28
C LYS C 229 -19.75 48.89 -0.92
N LYS C 230 -19.92 49.65 -1.99
CA LYS C 230 -20.48 49.23 -3.28
C LYS C 230 -19.67 49.84 -4.43
N LYS C 231 -19.36 49.04 -5.44
CA LYS C 231 -18.93 49.55 -6.75
C LYS C 231 -19.28 48.60 -7.88
N GLU C 232 -19.37 49.12 -9.09
CA GLU C 232 -19.28 48.32 -10.32
C GLU C 232 -17.83 48.23 -10.78
N ILE C 233 -17.45 47.09 -11.37
CA ILE C 233 -16.18 46.93 -12.06
C ILE C 233 -16.42 46.23 -13.39
N ILE C 234 -15.79 46.74 -14.45
CA ILE C 234 -15.85 46.17 -15.80
C ILE C 234 -14.60 45.29 -15.95
N GLN C 235 -14.72 44.02 -15.57
CA GLN C 235 -13.62 43.06 -15.62
C GLN C 235 -13.40 42.61 -17.06
N ASP C 236 -12.19 42.22 -17.43
CA ASP C 236 -11.90 41.65 -18.75
C ASP C 236 -11.04 40.40 -18.66
N VAL C 237 -11.42 39.38 -19.43
CA VAL C 237 -10.74 38.08 -19.47
C VAL C 237 -10.66 37.62 -20.92
N THR C 238 -9.52 37.09 -21.36
CA THR C 238 -9.45 36.43 -22.67
C THR C 238 -10.15 35.08 -22.59
N LEU C 239 -10.64 34.56 -23.70
CA LEU C 239 -11.16 33.20 -23.69
C LEU C 239 -10.07 32.21 -23.28
N HIS C 240 -8.80 32.49 -23.59
CA HIS C 240 -7.72 31.64 -23.11
C HIS C 240 -7.61 31.62 -21.57
N ASP C 241 -7.86 32.73 -20.88
CA ASP C 241 -7.92 32.72 -19.42
C ASP C 241 -9.05 31.81 -18.92
N LEU C 242 -10.23 31.84 -19.56
CA LEU C 242 -11.29 30.90 -19.25
C LEU C 242 -10.87 29.46 -19.53
N ASP C 243 -10.16 29.21 -20.64
CA ASP C 243 -9.67 27.88 -20.97
C ASP C 243 -8.77 27.35 -19.84
N VAL C 244 -7.79 28.13 -19.37
CA VAL C 244 -6.90 27.66 -18.30
C VAL C 244 -7.58 27.58 -16.93
N ALA C 245 -8.40 28.57 -16.55
CA ALA C 245 -9.06 28.53 -15.25
C ALA C 245 -10.03 27.36 -15.12
N ASN C 246 -10.73 26.98 -16.19
CA ASN C 246 -11.52 25.76 -16.20
C ASN C 246 -10.65 24.51 -16.26
N ALA C 247 -9.59 24.48 -17.06
CA ALA C 247 -8.76 23.28 -17.17
C ALA C 247 -7.97 22.93 -15.90
N ARG C 248 -7.68 23.90 -15.02
CA ARG C 248 -6.90 23.69 -13.80
C ARG C 248 -7.39 24.58 -12.64
N PRO C 249 -8.51 24.24 -11.98
CA PRO C 249 -9.07 25.01 -10.88
C PRO C 249 -8.09 25.28 -9.74
N GLN C 250 -8.31 26.35 -8.97
CA GLN C 250 -7.35 26.84 -7.96
C GLN C 250 -7.85 26.83 -6.50
N GLY C 251 -9.13 26.57 -6.24
CA GLY C 251 -9.66 26.43 -4.88
C GLY C 251 -9.18 25.14 -4.22
N GLY C 252 -8.75 25.18 -2.96
CA GLY C 252 -7.90 24.13 -2.38
C GLY C 252 -8.57 23.08 -1.51
N GLN C 253 -9.89 23.10 -1.35
CA GLN C 253 -10.60 22.22 -0.41
C GLN C 253 -10.77 20.77 -0.91
N ASP C 254 -9.80 20.22 -1.63
CA ASP C 254 -9.73 18.78 -1.94
C ASP C 254 -8.31 18.33 -2.26
N ILE C 255 -8.00 17.05 -2.02
CA ILE C 255 -6.65 16.52 -2.22
C ILE C 255 -6.20 16.54 -3.67
N LEU C 256 -7.11 16.41 -4.64
CA LEU C 256 -6.71 16.48 -6.05
C LEU C 256 -6.17 17.88 -6.37
N SER C 257 -6.82 18.93 -5.89
CA SER C 257 -6.39 20.30 -6.09
C SER C 257 -5.11 20.60 -5.32
N MET C 258 -4.97 20.21 -4.06
CA MET C 258 -3.71 20.44 -3.36
C MET C 258 -2.55 19.67 -3.99
N MET C 259 -2.74 18.40 -4.30
CA MET C 259 -1.72 17.62 -5.01
C MET C 259 -1.38 18.29 -6.35
N GLY C 260 -2.39 18.65 -7.13
CA GLY C 260 -2.23 19.34 -8.41
C GLY C 260 -1.63 20.75 -8.34
N GLN C 261 -1.43 21.29 -7.14
CA GLN C 261 -0.92 22.64 -6.90
C GLN C 261 0.44 22.60 -6.19
N LEU C 262 0.77 21.51 -5.49
CA LEU C 262 2.13 21.19 -5.04
C LEU C 262 2.98 20.59 -6.17
N MET C 263 2.40 19.76 -7.04
CA MET C 263 3.07 19.33 -8.27
C MET C 263 3.39 20.54 -9.16
N LYS C 264 4.42 20.40 -9.98
CA LYS C 264 4.82 21.40 -10.97
C LYS C 264 3.64 21.76 -11.90
N PRO C 265 3.38 23.05 -12.20
CA PRO C 265 2.36 23.43 -13.17
C PRO C 265 2.81 23.00 -14.55
N LYS C 266 1.89 22.56 -15.39
CA LYS C 266 2.19 22.04 -16.73
C LYS C 266 1.18 22.57 -17.75
N LYS C 267 1.64 23.02 -18.92
CA LYS C 267 0.72 23.28 -20.05
C LYS C 267 0.12 21.96 -20.51
N THR C 268 -1.17 21.88 -20.75
CA THR C 268 -1.85 20.64 -21.16
C THR C 268 -2.70 20.83 -22.41
N GLU C 269 -2.81 19.79 -23.24
CA GLU C 269 -3.53 19.83 -24.52
C GLU C 269 -5.05 19.90 -24.33
N ILE C 270 -5.57 21.08 -23.98
CA ILE C 270 -6.99 21.34 -23.70
C ILE C 270 -7.89 20.79 -24.81
N THR C 271 -8.95 20.06 -24.47
CA THR C 271 -9.77 19.40 -25.48
C THR C 271 -10.66 20.36 -26.25
N ASP C 272 -11.07 19.98 -27.47
CA ASP C 272 -12.11 20.71 -28.21
C ASP C 272 -13.44 20.71 -27.45
N LYS C 273 -13.66 19.78 -26.50
CA LYS C 273 -14.85 19.84 -25.64
C LYS C 273 -14.82 21.01 -24.69
N LEU C 274 -13.72 21.32 -24.00
CA LEU C 274 -13.69 22.49 -23.12
C LEU C 274 -13.92 23.79 -23.90
N ARG C 275 -13.27 23.93 -25.06
CA ARG C 275 -13.55 25.05 -25.97
C ARG C 275 -15.05 25.11 -26.28
N GLY C 276 -15.66 23.97 -26.61
CA GLY C 276 -17.08 23.87 -26.90
C GLY C 276 -17.95 24.33 -25.73
N GLU C 277 -17.74 23.83 -24.52
CA GLU C 277 -18.56 24.22 -23.37
C GLU C 277 -18.41 25.70 -23.02
N ILE C 278 -17.19 26.25 -23.08
CA ILE C 278 -16.99 27.68 -22.83
C ILE C 278 -17.71 28.49 -23.90
N ASN C 279 -17.68 28.09 -25.18
CA ASN C 279 -18.44 28.79 -26.21
C ASN C 279 -19.94 28.76 -25.89
N LYS C 280 -20.48 27.61 -25.49
CA LYS C 280 -21.91 27.45 -25.18
C LYS C 280 -22.33 28.36 -24.04
N VAL C 281 -21.52 28.53 -23.00
CA VAL C 281 -21.87 29.40 -21.87
C VAL C 281 -21.58 30.88 -22.11
N VAL C 282 -20.52 31.30 -22.79
CA VAL C 282 -20.39 32.74 -23.07
C VAL C 282 -21.49 33.23 -23.99
N ASN C 283 -22.04 32.39 -24.88
CA ASN C 283 -23.25 32.74 -25.60
C ASN C 283 -24.43 32.97 -24.64
N LYS C 284 -24.62 32.11 -23.63
CA LYS C 284 -25.69 32.28 -22.62
C LYS C 284 -25.63 33.66 -21.96
N TYR C 285 -24.44 34.21 -21.71
CA TYR C 285 -24.32 35.55 -21.12
C TYR C 285 -24.31 36.70 -22.13
N ILE C 286 -23.74 36.52 -23.31
CA ILE C 286 -23.76 37.56 -24.35
C ILE C 286 -25.19 37.82 -24.81
N ASP C 287 -26.02 36.77 -24.94
CA ASP C 287 -27.43 36.91 -25.27
C ASP C 287 -28.20 37.74 -24.21
N GLN C 288 -27.82 37.62 -22.94
CA GLN C 288 -28.43 38.34 -21.82
C GLN C 288 -27.86 39.75 -21.61
N GLY C 289 -26.90 40.19 -22.41
CA GLY C 289 -26.24 41.49 -22.27
C GLY C 289 -25.31 41.61 -21.06
N ILE C 290 -25.07 40.51 -20.34
CA ILE C 290 -24.19 40.47 -19.17
C ILE C 290 -22.73 40.71 -19.58
N ALA C 291 -22.31 40.11 -20.69
CA ALA C 291 -20.95 40.11 -21.19
C ALA C 291 -20.85 40.80 -22.55
N GLU C 292 -19.95 41.77 -22.70
CA GLU C 292 -19.50 42.20 -24.03
C GLU C 292 -18.45 41.22 -24.56
N LEU C 293 -18.23 41.27 -25.88
CA LEU C 293 -17.23 40.46 -26.57
C LEU C 293 -16.41 41.37 -27.48
N VAL C 294 -15.09 41.24 -27.44
CA VAL C 294 -14.16 41.94 -28.32
C VAL C 294 -13.31 40.93 -29.10
N PRO C 295 -13.72 40.56 -30.31
CA PRO C 295 -12.87 39.85 -31.25
C PRO C 295 -11.61 40.68 -31.51
N GLY C 296 -10.47 40.18 -31.07
CA GLY C 296 -9.21 40.89 -31.12
C GLY C 296 -8.38 40.54 -32.34
N VAL C 297 -7.07 40.70 -32.20
CA VAL C 297 -6.07 40.44 -33.24
C VAL C 297 -5.01 39.49 -32.71
N LEU C 298 -4.62 38.50 -33.51
CA LEU C 298 -3.41 37.72 -33.25
C LEU C 298 -2.36 38.20 -34.23
N PHE C 299 -1.19 38.62 -33.76
CA PHE C 299 -0.08 39.00 -34.62
C PHE C 299 1.06 38.00 -34.48
N VAL C 300 1.43 37.34 -35.56
CA VAL C 300 2.61 36.48 -35.61
C VAL C 300 3.66 37.16 -36.48
N ASP C 301 4.81 37.46 -35.90
CA ASP C 301 5.99 37.82 -36.67
C ASP C 301 6.82 36.58 -37.00
N GLU C 302 7.70 36.68 -37.98
CA GLU C 302 8.58 35.60 -38.40
C GLU C 302 7.81 34.31 -38.71
N VAL C 303 6.68 34.43 -39.41
CA VAL C 303 5.79 33.32 -39.68
C VAL C 303 6.47 32.17 -40.41
N HIS C 304 7.50 32.48 -41.18
CA HIS C 304 8.35 31.48 -41.85
C HIS C 304 9.02 30.48 -40.90
N MET C 305 9.07 30.75 -39.59
CA MET C 305 9.54 29.81 -38.58
C MET C 305 8.54 28.74 -38.18
N LEU C 306 7.25 28.90 -38.48
CA LEU C 306 6.31 27.79 -38.38
C LEU C 306 6.68 26.72 -39.41
N ASP C 307 6.46 25.45 -39.10
CA ASP C 307 6.72 24.35 -40.02
C ASP C 307 5.46 23.90 -40.77
N ILE C 308 5.59 22.96 -41.70
CA ILE C 308 4.43 22.54 -42.49
C ILE C 308 3.33 21.92 -41.64
N GLU C 309 3.63 21.32 -40.50
CA GLU C 309 2.59 20.86 -39.57
C GLU C 309 1.83 22.04 -38.96
N CYS C 310 2.51 23.09 -38.50
CA CYS C 310 1.85 24.30 -38.07
C CYS C 310 1.01 24.89 -39.20
N PHE C 311 1.59 25.07 -40.39
CA PHE C 311 0.87 25.66 -41.49
C PHE C 311 -0.37 24.83 -41.84
N THR C 312 -0.26 23.52 -41.84
CA THR C 312 -1.39 22.67 -42.17
C THR C 312 -2.42 22.59 -41.04
N TYR C 313 -2.10 23.08 -39.83
CA TYR C 313 -3.13 23.37 -38.83
C TYR C 313 -3.79 24.73 -39.05
N LEU C 314 -3.03 25.76 -39.43
CA LEU C 314 -3.59 27.08 -39.71
C LEU C 314 -4.65 27.04 -40.81
N HIS C 315 -4.61 26.06 -41.71
CA HIS C 315 -5.68 25.84 -42.68
C HIS C 315 -7.06 25.67 -42.01
N ARG C 316 -7.17 24.91 -40.91
CA ARG C 316 -8.41 24.81 -40.11
C ARG C 316 -8.63 26.08 -39.28
N ALA C 317 -7.61 26.55 -38.57
CA ALA C 317 -7.81 27.65 -37.63
C ALA C 317 -8.24 28.96 -38.32
N LEU C 318 -7.67 29.32 -39.46
CA LEU C 318 -8.07 30.53 -40.18
C LEU C 318 -9.46 30.42 -40.81
N GLU C 319 -9.97 29.20 -41.01
CA GLU C 319 -11.32 29.02 -41.55
C GLU C 319 -12.39 29.04 -40.47
N SER C 320 -12.06 28.61 -39.26
CA SER C 320 -13.03 28.36 -38.20
C SER C 320 -13.82 29.61 -37.81
N SER C 321 -15.15 29.48 -37.69
CA SER C 321 -16.08 30.58 -37.49
C SER C 321 -15.93 31.34 -36.16
N ILE C 322 -15.12 30.84 -35.23
CA ILE C 322 -14.82 31.50 -33.95
C ILE C 322 -13.61 32.44 -34.04
N ALA C 323 -12.64 32.14 -34.89
CA ALA C 323 -11.27 32.64 -34.82
C ALA C 323 -11.12 34.18 -34.88
N PRO C 324 -10.04 34.74 -34.32
CA PRO C 324 -9.71 36.17 -34.39
C PRO C 324 -9.28 36.59 -35.80
N ILE C 325 -9.13 37.89 -36.06
CA ILE C 325 -8.44 38.39 -37.26
C ILE C 325 -6.93 38.20 -37.06
N VAL C 326 -6.21 37.66 -38.05
CA VAL C 326 -4.80 37.29 -37.86
C VAL C 326 -3.88 38.08 -38.77
N ILE C 327 -2.81 38.62 -38.21
CA ILE C 327 -1.75 39.33 -38.93
C ILE C 327 -0.48 38.49 -38.90
N PHE C 328 0.10 38.24 -40.06
CA PHE C 328 1.34 37.53 -40.24
C PHE C 328 2.39 38.49 -40.77
N ALA C 329 3.65 38.31 -40.41
CA ALA C 329 4.76 39.02 -41.03
C ALA C 329 5.89 38.08 -41.42
N SER C 330 6.54 38.35 -42.55
CA SER C 330 7.68 37.57 -43.04
C SER C 330 8.65 38.42 -43.87
N ASN C 331 9.95 38.14 -43.78
CA ASN C 331 10.98 38.80 -44.58
C ASN C 331 11.51 37.94 -45.73
N ARG C 332 10.97 36.73 -45.90
CA ARG C 332 11.59 35.70 -46.74
C ARG C 332 11.26 35.83 -48.22
N GLY C 333 12.19 35.34 -49.03
CA GLY C 333 12.01 35.03 -50.43
C GLY C 333 11.39 33.64 -50.63
N ASN C 334 11.79 32.95 -51.69
CA ASN C 334 11.24 31.67 -52.14
C ASN C 334 11.71 30.43 -51.34
N CYS C 335 11.89 30.54 -50.03
CA CYS C 335 12.59 29.56 -49.19
C CYS C 335 12.00 28.15 -49.19
N VAL C 336 12.78 27.15 -48.75
CA VAL C 336 12.23 25.85 -48.37
C VAL C 336 11.42 25.95 -47.08
N ILE C 337 10.25 25.34 -47.06
CA ILE C 337 9.35 25.34 -45.89
C ILE C 337 9.97 24.49 -44.77
N ARG C 338 10.08 25.03 -43.56
CA ARG C 338 10.61 24.29 -42.39
C ARG C 338 9.83 22.99 -42.18
N GLY C 339 10.52 21.90 -41.85
CA GLY C 339 9.87 20.58 -41.73
C GLY C 339 9.55 19.90 -43.06
N THR C 340 10.15 20.37 -44.16
CA THR C 340 10.20 19.68 -45.46
C THR C 340 11.62 19.73 -46.02
N GLU C 341 11.99 18.78 -46.86
CA GLU C 341 13.38 18.65 -47.31
C GLU C 341 13.77 19.72 -48.33
N ASP C 342 12.98 19.89 -49.40
CA ASP C 342 13.32 20.73 -50.55
C ASP C 342 12.11 21.44 -51.20
N ILE C 343 10.99 21.59 -50.49
CA ILE C 343 9.80 22.26 -51.04
C ILE C 343 9.96 23.78 -50.95
N THR C 344 10.55 24.41 -51.96
CA THR C 344 10.61 25.88 -52.07
C THR C 344 9.23 26.48 -52.26
N SER C 345 8.91 27.57 -51.57
CA SER C 345 7.62 28.27 -51.73
C SER C 345 7.73 29.77 -51.44
N PRO C 346 6.95 30.65 -52.10
CA PRO C 346 7.05 32.09 -51.89
C PRO C 346 6.88 32.49 -50.42
N HIS C 347 7.63 33.50 -49.97
CA HIS C 347 7.65 33.98 -48.58
C HIS C 347 7.85 32.90 -47.51
N GLY C 348 8.38 31.73 -47.86
CA GLY C 348 8.58 30.62 -46.94
C GLY C 348 7.30 29.96 -46.45
N ILE C 349 6.14 30.32 -47.02
CA ILE C 349 4.81 29.85 -46.61
C ILE C 349 4.24 28.92 -47.70
N PRO C 350 3.64 27.76 -47.37
CA PRO C 350 3.06 26.87 -48.37
C PRO C 350 2.07 27.57 -49.28
N LEU C 351 2.06 27.26 -50.57
CA LEU C 351 1.17 27.93 -51.54
C LEU C 351 -0.31 27.80 -51.20
N ASP C 352 -0.75 26.71 -50.56
CA ASP C 352 -2.14 26.51 -50.14
C ASP C 352 -2.50 27.17 -48.78
N LEU C 353 -1.53 27.68 -48.01
CA LEU C 353 -1.81 28.70 -46.97
C LEU C 353 -1.73 30.10 -47.55
N LEU C 354 -0.77 30.36 -48.43
CA LEU C 354 -0.59 31.68 -49.03
C LEU C 354 -1.82 32.08 -49.86
N ASP C 355 -2.51 31.11 -50.44
CA ASP C 355 -3.82 31.24 -51.06
C ASP C 355 -4.92 31.76 -50.12
N ARG C 356 -4.86 31.44 -48.83
CA ARG C 356 -5.86 31.78 -47.81
C ARG C 356 -5.65 33.15 -47.15
N VAL C 357 -4.68 33.95 -47.58
CA VAL C 357 -4.39 35.26 -46.96
C VAL C 357 -4.24 36.36 -47.99
N MET C 358 -4.62 37.58 -47.62
CA MET C 358 -4.29 38.76 -48.41
C MET C 358 -2.85 39.17 -48.12
N ILE C 359 -2.07 39.55 -49.12
CA ILE C 359 -0.68 39.97 -48.92
C ILE C 359 -0.59 41.48 -49.06
N ILE C 360 0.09 42.14 -48.13
CA ILE C 360 0.40 43.56 -48.18
C ILE C 360 1.90 43.71 -48.48
N ARG C 361 2.24 44.26 -49.64
CA ARG C 361 3.62 44.48 -50.09
C ARG C 361 4.21 45.69 -49.37
N THR C 362 5.33 45.51 -48.67
CA THR C 362 6.03 46.59 -47.97
C THR C 362 7.33 46.91 -48.70
N MET C 363 7.55 48.18 -49.06
CA MET C 363 8.60 48.60 -49.99
C MET C 363 9.89 49.07 -49.31
N LEU C 364 11.00 49.17 -50.03
CA LEU C 364 12.21 49.84 -49.57
C LEU C 364 12.01 51.35 -49.51
N TYR C 365 12.72 52.03 -48.60
CA TYR C 365 12.72 53.49 -48.49
C TYR C 365 13.74 54.16 -49.41
N THR C 366 13.39 55.31 -49.94
CA THR C 366 14.32 56.23 -50.62
C THR C 366 15.16 57.02 -49.61
N PRO C 367 16.34 57.57 -50.00
CA PRO C 367 17.21 58.32 -49.09
C PRO C 367 16.49 59.42 -48.30
N GLN C 368 15.61 60.17 -48.94
CA GLN C 368 14.85 61.23 -48.28
C GLN C 368 13.92 60.67 -47.19
N GLU C 369 13.26 59.54 -47.45
CA GLU C 369 12.40 58.91 -46.44
C GLU C 369 13.23 58.38 -45.27
N MET C 370 14.39 57.79 -45.52
CA MET C 370 15.28 57.34 -44.44
C MET C 370 15.72 58.52 -43.56
N LYS C 371 16.13 59.63 -44.15
CA LYS C 371 16.49 60.86 -43.41
C LYS C 371 15.30 61.36 -42.57
N GLN C 372 14.09 61.29 -43.10
CA GLN C 372 12.88 61.65 -42.37
C GLN C 372 12.58 60.68 -41.20
N ILE C 373 12.79 59.37 -41.36
CA ILE C 373 12.71 58.41 -40.24
C ILE C 373 13.75 58.75 -39.18
N ILE C 374 15.01 58.98 -39.55
CA ILE C 374 16.09 59.30 -38.61
C ILE C 374 15.77 60.57 -37.83
N LYS C 375 15.20 61.60 -38.45
CA LYS C 375 14.74 62.79 -37.73
C LYS C 375 13.64 62.45 -36.71
N ILE C 376 12.65 61.66 -37.10
CA ILE C 376 11.56 61.25 -36.20
C ILE C 376 12.07 60.38 -35.04
N ARG C 377 13.08 59.54 -35.28
CA ARG C 377 13.77 58.83 -34.19
C ARG C 377 14.47 59.80 -33.26
N ALA C 378 15.32 60.69 -33.76
CA ALA C 378 16.15 61.54 -32.90
C ALA C 378 15.31 62.34 -31.89
N GLN C 379 14.25 63.01 -32.36
CA GLN C 379 13.39 63.81 -31.47
C GLN C 379 12.50 62.99 -30.52
N THR C 380 12.54 61.64 -30.57
CA THR C 380 11.84 60.74 -29.63
C THR C 380 12.80 59.83 -28.86
N GLU C 381 14.04 59.68 -29.31
CA GLU C 381 15.15 59.06 -28.59
C GLU C 381 15.83 60.04 -27.61
N GLY C 382 15.41 61.31 -27.61
CA GLY C 382 15.90 62.36 -26.71
C GLY C 382 17.17 63.06 -27.21
N ILE C 383 17.32 63.23 -28.53
CA ILE C 383 18.60 63.57 -29.17
C ILE C 383 18.46 64.80 -30.10
N ASN C 384 19.43 65.71 -30.04
CA ASN C 384 19.55 66.86 -30.95
C ASN C 384 20.61 66.59 -32.01
N ILE C 385 20.32 66.76 -33.29
CA ILE C 385 21.29 66.49 -34.37
C ILE C 385 21.50 67.71 -35.25
N SER C 386 22.75 68.01 -35.59
CA SER C 386 23.06 69.07 -36.55
C SER C 386 22.66 68.66 -37.97
N GLU C 387 22.42 69.63 -38.85
CA GLU C 387 22.03 69.34 -40.24
C GLU C 387 23.15 68.63 -41.00
N GLU C 388 24.41 69.04 -40.81
CA GLU C 388 25.56 68.36 -41.40
C GLU C 388 25.75 66.93 -40.87
N ALA C 389 25.27 66.61 -39.66
CA ALA C 389 25.22 65.23 -39.19
C ALA C 389 24.07 64.46 -39.84
N LEU C 390 22.85 64.99 -39.84
CA LEU C 390 21.69 64.31 -40.42
C LEU C 390 21.88 64.04 -41.93
N ASN C 391 22.39 65.02 -42.67
CA ASN C 391 22.70 64.87 -44.10
C ASN C 391 23.87 63.91 -44.38
N HIS C 392 24.68 63.55 -43.38
CA HIS C 392 25.64 62.45 -43.50
C HIS C 392 24.98 61.11 -43.13
N LEU C 393 24.17 61.10 -42.08
CA LEU C 393 23.58 59.88 -41.55
C LEU C 393 22.52 59.28 -42.47
N GLY C 394 21.76 60.09 -43.20
CA GLY C 394 20.88 59.59 -44.27
C GLY C 394 21.67 58.98 -45.44
N GLU C 395 22.85 59.49 -45.73
CA GLU C 395 23.72 58.93 -46.76
C GLU C 395 24.34 57.60 -46.29
N ILE C 396 24.76 57.50 -45.04
CA ILE C 396 25.18 56.22 -44.44
C ILE C 396 24.04 55.21 -44.54
N GLY C 397 22.81 55.58 -44.21
CA GLY C 397 21.65 54.70 -44.35
C GLY C 397 21.42 54.24 -45.79
N THR C 398 21.64 55.12 -46.76
CA THR C 398 21.58 54.79 -48.18
C THR C 398 22.64 53.77 -48.56
N LYS C 399 23.89 53.93 -48.10
CA LYS C 399 24.98 52.97 -48.34
C LYS C 399 24.80 51.64 -47.62
N THR C 400 24.09 51.62 -46.49
CA THR C 400 24.06 50.48 -45.55
C THR C 400 22.65 49.93 -45.39
N THR C 401 21.91 50.32 -44.34
CA THR C 401 20.56 49.84 -44.01
C THR C 401 19.86 50.84 -43.09
N LEU C 402 18.53 50.82 -43.02
CA LEU C 402 17.79 51.69 -42.11
C LEU C 402 18.16 51.43 -40.65
N ARG C 403 18.03 50.19 -40.17
CA ARG C 403 18.31 49.88 -38.76
C ARG C 403 19.71 50.31 -38.35
N TYR C 404 20.76 49.99 -39.10
CA TYR C 404 22.11 50.49 -38.78
C TYR C 404 22.15 52.01 -38.66
N SER C 405 21.74 52.75 -39.69
CA SER C 405 21.85 54.21 -39.66
C SER C 405 20.98 54.88 -38.59
N VAL C 406 19.82 54.31 -38.23
CA VAL C 406 19.06 54.74 -37.06
C VAL C 406 19.82 54.44 -35.77
N GLN C 407 20.34 53.22 -35.66
CA GLN C 407 20.91 52.69 -34.43
C GLN C 407 22.22 53.37 -34.02
N LEU C 408 22.84 54.11 -34.95
CA LEU C 408 23.97 55.00 -34.71
C LEU C 408 23.62 56.28 -33.91
N LEU C 409 22.36 56.66 -33.72
CA LEU C 409 22.02 57.92 -33.03
C LEU C 409 22.50 57.95 -31.57
N THR C 410 22.03 57.04 -30.71
CA THR C 410 22.42 57.08 -29.28
C THR C 410 23.92 56.92 -29.00
N PRO C 411 24.73 56.06 -29.65
CA PRO C 411 26.17 56.09 -29.42
C PRO C 411 26.79 57.40 -29.89
N ALA C 412 26.26 58.04 -30.95
CA ALA C 412 26.72 59.36 -31.34
C ALA C 412 26.39 60.41 -30.27
N ASN C 413 25.21 60.34 -29.65
CA ASN C 413 24.90 61.20 -28.50
C ASN C 413 25.85 60.95 -27.32
N LEU C 414 26.14 59.70 -26.97
CA LEU C 414 27.06 59.37 -25.88
C LEU C 414 28.44 59.99 -26.15
N LEU C 415 28.98 59.78 -27.35
CA LEU C 415 30.25 60.38 -27.74
C LEU C 415 30.22 61.92 -27.72
N ALA C 416 29.14 62.54 -28.22
CA ALA C 416 29.01 63.99 -28.19
C ALA C 416 28.98 64.55 -26.77
N LYS C 417 28.26 63.88 -25.86
CA LYS C 417 28.18 64.24 -24.44
C LYS C 417 29.52 64.07 -23.74
N ILE C 418 30.26 62.99 -24.02
CA ILE C 418 31.62 62.79 -23.52
C ILE C 418 32.54 63.91 -24.00
N ASN C 419 32.43 64.33 -25.26
CA ASN C 419 33.15 65.49 -25.79
C ASN C 419 32.48 66.85 -25.47
N GLY C 420 31.59 66.90 -24.48
CA GLY C 420 31.11 68.14 -23.86
C GLY C 420 30.10 68.96 -24.67
N LYS C 421 29.37 68.37 -25.63
CA LYS C 421 28.48 69.09 -26.55
C LYS C 421 27.04 68.58 -26.55
N ASP C 422 26.10 69.50 -26.82
CA ASP C 422 24.64 69.30 -26.70
C ASP C 422 23.94 68.75 -27.95
N SER C 423 24.64 68.62 -29.08
CA SER C 423 24.10 68.05 -30.31
C SER C 423 25.15 67.29 -31.11
N ILE C 424 24.72 66.25 -31.82
CA ILE C 424 25.60 65.40 -32.62
C ILE C 424 26.15 66.20 -33.80
N GLU C 425 27.47 66.19 -33.94
CA GLU C 425 28.17 66.80 -35.06
C GLU C 425 28.59 65.75 -36.11
N LYS C 426 28.93 66.20 -37.32
CA LYS C 426 29.42 65.34 -38.41
C LYS C 426 30.52 64.40 -37.94
N GLU C 427 31.52 64.95 -37.26
CA GLU C 427 32.68 64.23 -36.75
C GLU C 427 32.31 63.11 -35.77
N HIS C 428 31.23 63.28 -35.01
CA HIS C 428 30.78 62.26 -34.07
C HIS C 428 30.11 61.11 -34.80
N VAL C 429 29.32 61.39 -35.84
CA VAL C 429 28.70 60.32 -36.64
C VAL C 429 29.78 59.49 -37.31
N GLU C 430 30.77 60.12 -37.95
CA GLU C 430 31.81 59.34 -38.64
C GLU C 430 32.76 58.64 -37.65
N GLU C 431 33.03 59.18 -36.46
CA GLU C 431 33.78 58.45 -35.43
C GLU C 431 33.06 57.18 -34.99
N ILE C 432 31.76 57.25 -34.68
CA ILE C 432 30.98 56.05 -34.36
C ILE C 432 30.92 55.10 -35.55
N SER C 433 30.79 55.60 -36.78
CA SER C 433 30.80 54.75 -37.97
C SER C 433 32.14 54.04 -38.18
N GLU C 434 33.24 54.64 -37.72
CA GLU C 434 34.57 54.03 -37.76
C GLU C 434 34.73 52.96 -36.69
N LEU C 435 34.17 53.17 -35.49
CA LEU C 435 34.20 52.19 -34.40
C LEU C 435 33.27 50.99 -34.62
N PHE C 436 32.08 51.22 -35.18
CA PHE C 436 31.05 50.18 -35.36
C PHE C 436 30.80 49.85 -36.83
N TYR C 437 31.07 48.60 -37.20
CA TYR C 437 30.80 48.05 -38.52
C TYR C 437 29.33 47.68 -38.68
N ASP C 438 28.85 47.73 -39.92
CA ASP C 438 27.54 47.20 -40.32
C ASP C 438 27.68 45.79 -40.90
N ALA C 439 26.57 45.10 -41.15
CA ALA C 439 26.61 43.74 -41.69
C ALA C 439 27.39 43.62 -43.02
N LYS C 440 27.25 44.59 -43.94
CA LYS C 440 27.93 44.57 -45.24
C LYS C 440 29.43 44.78 -45.09
N SER C 441 29.87 45.80 -44.35
CA SER C 441 31.30 46.03 -44.14
C SER C 441 31.95 44.91 -43.33
N SER C 442 31.24 44.32 -42.37
CA SER C 442 31.74 43.17 -41.60
C SER C 442 31.97 41.95 -42.49
N ALA C 443 30.98 41.56 -43.29
CA ALA C 443 31.09 40.35 -44.12
C ALA C 443 32.28 40.39 -45.07
N LYS C 444 32.65 41.57 -45.60
CA LYS C 444 33.82 41.70 -46.48
C LYS C 444 35.12 41.32 -45.76
N ILE C 445 35.27 41.67 -44.48
CA ILE C 445 36.45 41.25 -43.71
C ILE C 445 36.48 39.73 -43.56
N LEU C 446 35.34 39.07 -43.35
CA LEU C 446 35.28 37.60 -43.28
C LEU C 446 35.66 36.95 -44.61
N ALA C 447 35.26 37.53 -45.75
CA ALA C 447 35.65 37.02 -47.06
C ALA C 447 37.14 37.27 -47.38
N ASP C 448 37.71 38.39 -46.94
CA ASP C 448 39.13 38.69 -47.11
C ASP C 448 40.03 37.79 -46.25
N GLN C 449 39.67 37.56 -44.99
CA GLN C 449 40.45 36.79 -44.01
C GLN C 449 39.95 35.34 -43.86
N GLN C 450 39.51 34.73 -44.96
CA GLN C 450 38.73 33.50 -45.01
C GLN C 450 39.33 32.32 -44.20
N ASP C 451 40.65 32.19 -44.16
CA ASP C 451 41.34 31.05 -43.55
C ASP C 451 41.49 31.11 -42.03
N LYS C 452 41.14 32.22 -41.38
CA LYS C 452 41.51 32.51 -39.98
C LYS C 452 40.34 32.45 -38.97
N TYR C 453 39.20 31.87 -39.34
CA TYR C 453 37.97 31.80 -38.52
C TYR C 453 37.43 30.37 -38.42
N ASP D 1 -0.12 -34.04 -19.23
CA ASP D 1 0.32 -33.42 -17.96
C ASP D 1 0.03 -31.92 -17.96
N VAL D 2 0.14 -31.26 -16.81
CA VAL D 2 0.05 -29.79 -16.68
C VAL D 2 1.26 -29.10 -17.31
N THR D 3 1.09 -27.85 -17.74
CA THR D 3 2.19 -27.00 -18.22
C THR D 3 2.39 -25.79 -17.30
N ARG D 4 3.60 -25.70 -16.72
CA ARG D 4 4.13 -24.50 -16.06
C ARG D 4 4.49 -23.42 -17.09
N ILE D 5 4.90 -22.22 -16.65
CA ILE D 5 5.15 -21.11 -17.58
C ILE D 5 6.21 -21.44 -18.59
N GLU D 6 7.34 -21.99 -18.15
CA GLU D 6 8.41 -22.43 -19.04
C GLU D 6 7.98 -23.68 -19.82
N ARG D 7 7.93 -23.57 -21.15
CA ARG D 7 7.54 -24.65 -22.08
C ARG D 7 8.65 -24.87 -23.10
N ILE D 8 8.49 -25.79 -24.05
CA ILE D 8 9.58 -26.15 -24.95
C ILE D 8 9.89 -24.97 -25.90
N GLY D 9 11.04 -24.34 -25.71
CA GLY D 9 11.50 -23.17 -26.48
C GLY D 9 12.74 -23.44 -27.32
N ALA D 10 13.22 -22.43 -28.04
CA ALA D 10 14.32 -22.54 -29.01
C ALA D 10 15.70 -22.93 -28.41
N HIS D 11 15.85 -22.90 -27.09
CA HIS D 11 17.04 -23.37 -26.39
C HIS D 11 16.77 -24.39 -25.27
N SER D 12 15.55 -24.89 -25.13
CA SER D 12 15.20 -25.77 -24.01
C SER D 12 16.01 -27.06 -23.98
N HIS D 13 16.46 -27.56 -25.12
CA HIS D 13 17.24 -28.79 -25.20
C HIS D 13 18.63 -28.67 -24.59
N ILE D 14 19.19 -27.46 -24.47
CA ILE D 14 20.53 -27.25 -23.89
C ILE D 14 20.43 -27.25 -22.37
N ARG D 15 20.94 -28.29 -21.72
CA ARG D 15 20.95 -28.43 -20.25
C ARG D 15 22.32 -28.19 -19.62
N GLY D 16 23.26 -27.68 -20.38
CA GLY D 16 24.59 -27.31 -19.90
C GLY D 16 25.53 -26.88 -21.03
N LEU D 17 26.79 -27.27 -20.94
CA LEU D 17 27.83 -26.97 -21.92
C LEU D 17 28.80 -28.16 -21.88
N GLY D 18 28.46 -29.26 -22.55
CA GLY D 18 29.06 -30.56 -22.28
C GLY D 18 30.58 -30.58 -22.46
N LEU D 19 31.33 -30.79 -21.39
CA LEU D 19 32.79 -30.74 -21.34
C LEU D 19 33.37 -31.83 -20.44
N ASP D 20 34.53 -32.37 -20.81
CA ASP D 20 35.40 -33.15 -19.92
C ASP D 20 36.18 -32.24 -18.93
N ASP D 21 36.80 -32.83 -17.91
CA ASP D 21 37.70 -32.11 -16.99
C ASP D 21 38.85 -31.40 -17.72
N ALA D 22 39.29 -31.94 -18.85
CA ALA D 22 40.30 -31.35 -19.72
C ALA D 22 39.86 -30.04 -20.43
N LEU D 23 38.62 -29.58 -20.20
CA LEU D 23 37.96 -28.53 -20.99
C LEU D 23 37.95 -28.88 -22.49
N GLU D 24 37.76 -30.17 -22.81
CA GLU D 24 37.50 -30.63 -24.18
C GLU D 24 36.04 -31.08 -24.32
N PRO D 25 35.33 -30.61 -25.35
CA PRO D 25 33.93 -30.96 -25.54
C PRO D 25 33.79 -32.30 -26.26
N ARG D 26 33.11 -33.26 -25.63
CA ARG D 26 32.69 -34.48 -26.31
C ARG D 26 31.61 -34.18 -27.36
N GLN D 27 31.48 -35.03 -28.37
CA GLN D 27 30.72 -34.76 -29.61
C GLN D 27 29.28 -34.30 -29.37
N ALA D 28 28.58 -34.91 -28.41
CA ALA D 28 27.23 -34.52 -28.02
C ALA D 28 26.93 -34.95 -26.59
N SER D 29 26.70 -34.00 -25.68
CA SER D 29 26.23 -34.28 -24.31
C SER D 29 25.68 -33.01 -23.67
N GLN D 30 24.95 -33.14 -22.56
CA GLN D 30 24.24 -32.02 -21.92
C GLN D 30 23.32 -31.26 -22.88
N GLY D 31 22.93 -31.90 -23.99
CA GLY D 31 21.96 -31.37 -24.93
C GLY D 31 22.52 -30.52 -26.07
N MET D 32 23.84 -30.45 -26.30
CA MET D 32 24.37 -29.72 -27.45
C MET D 32 25.55 -30.42 -28.13
N VAL D 33 25.80 -30.10 -29.40
CA VAL D 33 26.67 -30.91 -30.26
C VAL D 33 27.67 -30.08 -31.05
N GLY D 34 28.75 -30.71 -31.50
CA GLY D 34 29.71 -30.07 -32.40
C GLY D 34 30.37 -28.82 -31.79
N GLN D 35 30.69 -27.84 -32.63
CA GLN D 35 31.33 -26.58 -32.22
C GLN D 35 32.54 -26.79 -31.31
N LEU D 36 33.40 -27.76 -31.64
CA LEU D 36 34.50 -28.17 -30.76
C LEU D 36 35.43 -27.01 -30.39
N ALA D 37 35.76 -26.15 -31.36
CA ALA D 37 36.54 -24.95 -31.10
C ALA D 37 35.78 -24.00 -30.16
N ALA D 38 34.59 -23.54 -30.54
CA ALA D 38 33.88 -22.55 -29.74
C ALA D 38 33.52 -23.06 -28.33
N ARG D 39 33.21 -24.35 -28.14
CA ARG D 39 32.89 -24.89 -26.82
C ARG D 39 34.11 -25.10 -25.94
N ARG D 40 35.28 -25.46 -26.49
CA ARG D 40 36.53 -25.43 -25.69
C ARG D 40 36.83 -24.00 -25.23
N ALA D 41 36.66 -23.02 -26.10
CA ALA D 41 36.83 -21.61 -25.74
C ALA D 41 35.85 -21.17 -24.65
N ALA D 42 34.56 -21.50 -24.80
CA ALA D 42 33.55 -21.22 -23.79
C ALA D 42 33.86 -21.92 -22.45
N GLY D 43 34.48 -23.10 -22.44
CA GLY D 43 34.94 -23.74 -21.22
C GLY D 43 35.98 -22.88 -20.48
N VAL D 44 36.98 -22.35 -21.20
CA VAL D 44 37.98 -21.46 -20.61
C VAL D 44 37.31 -20.20 -20.04
N VAL D 45 36.39 -19.58 -20.76
CA VAL D 45 35.65 -18.41 -20.24
C VAL D 45 34.82 -18.78 -19.01
N LEU D 46 34.17 -19.94 -18.99
CA LEU D 46 33.41 -20.37 -17.83
C LEU D 46 34.30 -20.54 -16.60
N GLU D 47 35.54 -20.99 -16.76
CA GLU D 47 36.49 -21.02 -15.65
C GLU D 47 36.95 -19.62 -15.24
N MET D 48 37.19 -18.67 -16.15
CA MET D 48 37.50 -17.30 -15.76
C MET D 48 36.39 -16.67 -14.92
N ILE D 49 35.12 -16.93 -15.26
CA ILE D 49 33.97 -16.46 -14.49
C ILE D 49 33.98 -17.09 -13.10
N ARG D 50 34.12 -18.42 -13.02
CA ARG D 50 34.07 -19.16 -11.76
C ARG D 50 35.25 -18.85 -10.83
N GLU D 51 36.42 -18.55 -11.37
CA GLU D 51 37.57 -18.06 -10.61
C GLU D 51 37.34 -16.65 -10.04
N GLY D 52 36.80 -15.73 -10.84
CA GLY D 52 36.41 -14.37 -10.43
C GLY D 52 37.56 -13.35 -10.25
N LYS D 53 38.80 -13.80 -10.09
CA LYS D 53 39.93 -12.95 -9.66
C LYS D 53 40.35 -11.85 -10.65
N ILE D 54 40.06 -12.00 -11.94
CA ILE D 54 40.37 -10.97 -12.95
C ILE D 54 39.10 -10.21 -13.33
N ALA D 55 39.17 -8.89 -13.35
CA ALA D 55 38.02 -8.00 -13.46
C ALA D 55 38.01 -7.20 -14.77
N GLY D 56 36.81 -6.97 -15.32
CA GLY D 56 36.64 -6.22 -16.56
C GLY D 56 37.21 -6.98 -17.76
N ARG D 57 36.47 -7.96 -18.26
CA ARG D 57 36.93 -8.85 -19.32
C ARG D 57 35.78 -9.26 -20.25
N ALA D 58 36.09 -9.50 -21.51
CA ALA D 58 35.07 -9.63 -22.53
C ALA D 58 35.36 -10.72 -23.55
N VAL D 59 34.30 -11.38 -24.00
CA VAL D 59 34.37 -12.30 -25.14
C VAL D 59 33.24 -12.01 -26.11
N LEU D 60 33.56 -11.97 -27.40
CA LEU D 60 32.61 -11.76 -28.47
C LEU D 60 32.44 -13.06 -29.23
N ILE D 61 31.24 -13.62 -29.25
CA ILE D 61 30.93 -14.85 -29.97
C ILE D 61 30.42 -14.45 -31.34
N ALA D 62 31.16 -14.72 -32.40
CA ALA D 62 30.85 -14.23 -33.74
C ALA D 62 30.84 -15.33 -34.79
N GLY D 63 30.04 -15.16 -35.85
CA GLY D 63 29.95 -16.12 -36.94
C GLY D 63 28.61 -16.11 -37.67
N GLN D 64 28.48 -16.87 -38.74
CA GLN D 64 27.29 -16.88 -39.60
C GLN D 64 26.00 -17.11 -38.80
N PRO D 65 24.83 -16.59 -39.21
CA PRO D 65 23.59 -16.81 -38.49
C PRO D 65 23.29 -18.30 -38.30
N GLY D 66 22.64 -18.67 -37.19
CA GLY D 66 22.23 -20.06 -36.94
C GLY D 66 23.35 -20.99 -36.46
N THR D 67 24.57 -20.49 -36.28
CA THR D 67 25.75 -21.29 -35.90
C THR D 67 25.93 -21.53 -34.41
N GLY D 68 24.89 -21.39 -33.59
CA GLY D 68 25.00 -21.69 -32.16
C GLY D 68 25.63 -20.60 -31.30
N LYS D 69 25.83 -19.38 -31.80
CA LYS D 69 26.42 -18.31 -30.98
C LYS D 69 25.53 -17.90 -29.82
N THR D 70 24.21 -17.98 -29.94
CA THR D 70 23.33 -17.85 -28.79
C THR D 70 23.24 -19.17 -28.04
N ALA D 71 23.34 -20.31 -28.73
CA ALA D 71 23.32 -21.61 -28.08
C ALA D 71 24.43 -21.78 -27.05
N ILE D 72 25.71 -21.56 -27.39
CA ILE D 72 26.79 -21.68 -26.40
C ILE D 72 26.66 -20.62 -25.31
N ALA D 73 26.18 -19.41 -25.62
CA ALA D 73 25.95 -18.39 -24.62
C ALA D 73 24.81 -18.75 -23.66
N MET D 74 23.80 -19.50 -24.12
CA MET D 74 22.71 -19.96 -23.26
C MET D 74 23.10 -21.21 -22.47
N GLY D 75 23.88 -22.10 -23.07
CA GLY D 75 24.40 -23.28 -22.38
C GLY D 75 25.36 -22.90 -21.26
N MET D 76 26.24 -21.95 -21.51
CA MET D 76 27.14 -21.38 -20.52
C MET D 76 26.39 -20.81 -19.31
N ALA D 77 25.21 -20.21 -19.49
CA ALA D 77 24.36 -19.76 -18.38
C ALA D 77 23.80 -20.91 -17.56
N GLN D 78 23.34 -22.00 -18.20
CA GLN D 78 22.88 -23.20 -17.48
C GLN D 78 24.01 -23.87 -16.71
N ALA D 79 25.21 -23.95 -17.27
CA ALA D 79 26.37 -24.54 -16.62
C ALA D 79 26.86 -23.72 -15.42
N LEU D 80 26.79 -22.39 -15.51
CA LEU D 80 27.15 -21.48 -14.42
C LEU D 80 26.15 -21.57 -13.26
N GLY D 81 24.85 -21.63 -13.55
CA GLY D 81 23.77 -21.89 -12.59
C GLY D 81 23.50 -20.75 -11.59
N PRO D 82 22.67 -21.02 -10.56
CA PRO D 82 22.52 -20.17 -9.38
C PRO D 82 23.83 -19.94 -8.61
N ASP D 83 23.78 -19.11 -7.56
CA ASP D 83 24.93 -18.75 -6.72
C ASP D 83 26.11 -18.08 -7.46
N THR D 84 25.83 -17.49 -8.62
CA THR D 84 26.67 -16.50 -9.32
C THR D 84 25.75 -15.71 -10.25
N PRO D 85 25.69 -14.37 -10.19
CA PRO D 85 24.78 -13.61 -11.05
C PRO D 85 25.05 -13.84 -12.53
N PHE D 86 24.00 -14.09 -13.30
CA PHE D 86 24.04 -14.03 -14.76
C PHE D 86 22.85 -13.21 -15.22
N THR D 87 23.06 -12.25 -16.12
CA THR D 87 21.99 -11.38 -16.62
C THR D 87 22.10 -11.24 -18.12
N ALA D 88 20.98 -11.32 -18.82
CA ALA D 88 20.92 -11.22 -20.28
C ALA D 88 20.11 -10.02 -20.70
N ILE D 89 20.54 -9.32 -21.73
CA ILE D 89 19.76 -8.27 -22.40
C ILE D 89 19.99 -8.35 -23.90
N ALA D 90 19.01 -7.95 -24.70
CA ALA D 90 19.24 -7.72 -26.11
C ALA D 90 19.78 -6.31 -26.34
N GLY D 91 20.58 -6.08 -27.37
CA GLY D 91 21.22 -4.79 -27.57
C GLY D 91 20.23 -3.63 -27.73
N SER D 92 19.05 -3.84 -28.29
CA SER D 92 18.04 -2.78 -28.39
C SER D 92 17.23 -2.56 -27.11
N GLU D 93 17.55 -3.24 -26.02
CA GLU D 93 16.85 -3.13 -24.73
C GLU D 93 17.35 -1.96 -23.86
N ILE D 94 18.53 -1.40 -24.16
CA ILE D 94 19.11 -0.27 -23.44
C ILE D 94 18.58 1.11 -23.88
N PHE D 95 17.87 1.18 -25.00
CA PHE D 95 17.37 2.42 -25.61
C PHE D 95 16.12 2.93 -24.88
N SER D 96 16.25 3.21 -23.58
CA SER D 96 15.13 3.65 -22.78
C SER D 96 14.62 5.01 -23.18
N LEU D 97 13.32 5.22 -23.01
CA LEU D 97 12.67 6.51 -23.14
C LEU D 97 12.79 7.32 -21.84
N GLU D 98 13.02 6.63 -20.72
CA GLU D 98 12.86 7.14 -19.36
C GLU D 98 14.18 7.25 -18.58
N MET D 99 15.29 6.82 -19.18
CA MET D 99 16.61 6.66 -18.56
C MET D 99 17.71 6.88 -19.60
N SER D 100 18.88 7.38 -19.23
CA SER D 100 19.97 7.54 -20.20
C SER D 100 20.43 6.20 -20.74
N LYS D 101 20.64 6.13 -22.04
CA LYS D 101 21.27 4.98 -22.71
C LYS D 101 22.57 4.54 -22.06
N THR D 102 23.37 5.48 -21.56
CA THR D 102 24.62 5.18 -20.85
C THR D 102 24.38 4.66 -19.44
N GLU D 103 23.36 5.18 -18.76
CA GLU D 103 23.01 4.68 -17.44
C GLU D 103 22.40 3.29 -17.51
N ALA D 104 21.62 2.96 -18.54
CA ALA D 104 21.07 1.62 -18.73
C ALA D 104 22.15 0.55 -18.81
N LEU D 105 23.29 0.82 -19.45
CA LEU D 105 24.44 -0.08 -19.40
C LEU D 105 25.04 -0.13 -18.00
N THR D 106 25.08 0.99 -17.27
CA THR D 106 25.61 1.00 -15.91
C THR D 106 24.75 0.16 -14.96
N GLN D 107 23.43 0.14 -15.12
CA GLN D 107 22.59 -0.83 -14.40
C GLN D 107 22.91 -2.25 -14.84
N ALA D 108 22.96 -2.55 -16.13
CA ALA D 108 23.25 -3.91 -16.60
C ALA D 108 24.59 -4.43 -16.07
N PHE D 109 25.62 -3.60 -16.02
CA PHE D 109 26.91 -3.97 -15.42
C PHE D 109 26.86 -4.25 -13.93
N ARG D 110 25.86 -3.76 -13.20
CA ARG D 110 25.85 -3.84 -11.73
C ARG D 110 24.65 -4.58 -11.16
N ARG D 111 23.67 -4.99 -11.98
CA ARG D 111 22.85 -6.17 -11.68
C ARG D 111 23.72 -7.43 -11.57
N SER D 112 24.81 -7.47 -12.32
CA SER D 112 25.61 -8.66 -12.59
C SER D 112 26.91 -8.80 -11.77
N ILE D 113 27.12 -7.98 -10.74
CA ILE D 113 28.15 -8.21 -9.70
C ILE D 113 27.44 -8.31 -8.35
N GLY D 114 27.57 -9.44 -7.66
CA GLY D 114 26.85 -9.70 -6.42
C GLY D 114 27.66 -9.34 -5.19
N VAL D 115 27.01 -8.88 -4.14
CA VAL D 115 27.56 -8.87 -2.77
C VAL D 115 26.94 -10.04 -2.03
N ARG D 116 27.73 -10.81 -1.27
CA ARG D 116 27.27 -11.96 -0.47
C ARG D 116 27.68 -11.77 0.98
N ILE D 117 26.74 -12.04 1.88
CA ILE D 117 26.91 -11.89 3.33
C ILE D 117 26.31 -13.11 4.04
N LYS D 118 26.69 -13.33 5.30
CA LYS D 118 26.05 -14.34 6.16
C LYS D 118 25.63 -13.73 7.49
N GLU D 119 24.44 -14.07 7.96
CA GLU D 119 23.87 -13.58 9.22
C GLU D 119 23.26 -14.72 10.05
N GLU D 120 23.33 -14.62 11.37
CA GLU D 120 22.85 -15.64 12.30
C GLU D 120 21.57 -15.18 12.98
N THR D 121 20.55 -16.03 13.04
CA THR D 121 19.22 -15.68 13.57
C THR D 121 18.73 -16.71 14.58
N GLU D 122 18.23 -16.26 15.73
CA GLU D 122 17.51 -17.11 16.66
C GLU D 122 16.10 -17.37 16.11
N ILE D 123 15.86 -18.56 15.54
CA ILE D 123 14.55 -18.93 15.00
C ILE D 123 13.93 -20.02 15.85
N ILE D 124 12.67 -19.85 16.24
CA ILE D 124 11.90 -20.84 17.00
C ILE D 124 10.91 -21.50 16.04
N GLU D 125 10.86 -22.82 15.99
CA GLU D 125 9.95 -23.56 15.11
C GLU D 125 9.34 -24.77 15.82
N GLY D 126 8.04 -25.00 15.67
CA GLY D 126 7.37 -26.11 16.35
C GLY D 126 5.86 -26.15 16.16
N GLU D 127 5.22 -27.25 16.55
CA GLU D 127 3.77 -27.29 16.70
C GLU D 127 3.36 -26.53 17.97
N VAL D 128 2.43 -25.60 17.86
CA VAL D 128 1.85 -24.97 19.06
C VAL D 128 0.88 -25.93 19.71
N VAL D 129 1.21 -26.41 20.90
CA VAL D 129 0.39 -27.38 21.64
C VAL D 129 -0.77 -26.69 22.34
N GLU D 130 -0.52 -25.53 22.95
CA GLU D 130 -1.46 -24.70 23.70
C GLU D 130 -0.96 -23.24 23.78
N ILE D 131 -1.88 -22.27 23.80
CA ILE D 131 -1.64 -20.83 23.91
C ILE D 131 -2.68 -20.20 24.85
N GLN D 132 -2.25 -19.34 25.79
CA GLN D 132 -3.11 -18.67 26.78
C GLN D 132 -2.71 -17.21 26.99
N ILE D 133 -3.69 -16.37 27.30
CA ILE D 133 -3.63 -14.91 27.28
C ILE D 133 -4.41 -14.34 28.49
N ASP D 134 -4.12 -13.13 28.96
CA ASP D 134 -4.97 -12.40 29.91
C ASP D 134 -5.18 -10.91 29.52
N ARG D 135 -6.03 -10.22 30.28
CA ARG D 135 -6.30 -8.78 30.12
C ARG D 135 -5.22 -7.94 30.81
N SER D 142 -1.72 -3.49 30.44
CA SER D 142 -0.71 -4.56 30.32
C SER D 142 -1.37 -5.91 30.13
N LYS D 143 -0.57 -6.93 29.74
CA LYS D 143 -1.01 -8.32 29.54
C LYS D 143 0.08 -9.30 29.98
N VAL D 144 -0.32 -10.54 30.25
CA VAL D 144 0.56 -11.70 30.46
C VAL D 144 -0.01 -12.89 29.70
N GLY D 145 0.83 -13.85 29.32
CA GLY D 145 0.36 -15.09 28.71
C GLY D 145 1.44 -16.17 28.60
N LYS D 146 1.03 -17.33 28.14
CA LYS D 146 1.81 -18.57 28.16
C LYS D 146 1.64 -19.32 26.85
N LEU D 147 2.71 -19.89 26.31
CA LEU D 147 2.71 -20.65 25.07
C LEU D 147 3.39 -22.00 25.29
N THR D 148 3.02 -23.04 24.56
CA THR D 148 3.76 -24.31 24.52
C THR D 148 4.03 -24.73 23.09
N LEU D 149 5.25 -25.18 22.83
CA LEU D 149 5.68 -25.64 21.51
C LEU D 149 6.26 -27.05 21.59
N LYS D 150 6.12 -27.84 20.52
CA LYS D 150 6.60 -29.21 20.41
C LYS D 150 7.33 -29.47 19.09
N THR D 151 8.43 -30.21 19.15
CA THR D 151 9.07 -30.88 18.01
C THR D 151 8.84 -32.40 18.13
N THR D 152 9.29 -33.19 17.17
CA THR D 152 9.28 -34.67 17.32
C THR D 152 10.19 -35.16 18.45
N GLU D 153 11.03 -34.31 19.05
CA GLU D 153 12.07 -34.69 20.00
C GLU D 153 12.09 -33.88 21.31
N MET D 154 11.36 -32.77 21.43
CA MET D 154 11.17 -32.05 22.70
C MET D 154 9.88 -31.21 22.76
N GLU D 155 9.53 -30.79 23.98
CA GLU D 155 8.44 -29.85 24.27
C GLU D 155 8.93 -28.73 25.19
N THR D 156 8.35 -27.54 25.10
CA THR D 156 8.53 -26.51 26.14
C THR D 156 7.23 -25.77 26.42
N ILE D 157 7.16 -25.18 27.60
CA ILE D 157 6.29 -24.03 27.90
C ILE D 157 7.13 -22.76 27.88
N TYR D 158 6.52 -21.59 27.69
CA TYR D 158 7.16 -20.27 27.62
C TYR D 158 6.28 -19.18 28.22
N ASP D 159 6.85 -18.29 29.04
CA ASP D 159 6.27 -16.97 29.33
C ASP D 159 6.41 -16.04 28.12
N LEU D 160 5.30 -15.55 27.59
CA LEU D 160 5.30 -14.58 26.50
C LEU D 160 5.44 -13.14 27.02
N GLY D 161 6.13 -12.29 26.26
CA GLY D 161 6.08 -10.84 26.45
C GLY D 161 4.97 -10.17 25.64
N THR D 162 4.71 -8.88 25.90
CA THR D 162 3.59 -8.16 25.29
C THR D 162 3.66 -8.10 23.76
N LYS D 163 4.84 -7.89 23.18
CA LYS D 163 4.96 -7.72 21.72
C LYS D 163 4.75 -9.03 20.99
N MET D 164 5.11 -10.16 21.61
CA MET D 164 4.65 -11.47 21.15
C MET D 164 3.14 -11.66 21.34
N ILE D 165 2.57 -11.36 22.50
CA ILE D 165 1.13 -11.53 22.74
C ILE D 165 0.31 -10.86 21.65
N GLU D 166 0.63 -9.61 21.31
CA GLU D 166 -0.05 -8.90 20.24
C GLU D 166 0.16 -9.58 18.87
N SER D 167 1.34 -10.14 18.61
CA SER D 167 1.61 -10.87 17.36
C SER D 167 0.83 -12.17 17.25
N LEU D 168 0.89 -13.04 18.27
CA LEU D 168 0.17 -14.32 18.27
C LEU D 168 -1.34 -14.10 18.12
N THR D 169 -1.89 -13.11 18.83
CA THR D 169 -3.33 -12.83 18.78
C THR D 169 -3.74 -12.15 17.47
N LYS D 170 -2.95 -11.20 16.94
CA LYS D 170 -3.23 -10.58 15.63
C LYS D 170 -3.33 -11.64 14.53
N ASP D 171 -2.39 -12.57 14.49
CA ASP D 171 -2.30 -13.56 13.42
C ASP D 171 -3.10 -14.86 13.69
N LYS D 172 -4.00 -14.86 14.68
CA LYS D 172 -4.94 -15.96 14.98
C LYS D 172 -4.23 -17.33 15.05
N VAL D 173 -3.10 -17.40 15.75
CA VAL D 173 -2.37 -18.66 15.94
C VAL D 173 -3.18 -19.58 16.86
N GLN D 174 -3.48 -20.80 16.41
CA GLN D 174 -4.35 -21.74 17.11
C GLN D 174 -3.65 -23.06 17.41
N ALA D 175 -4.00 -23.66 18.55
CA ALA D 175 -3.43 -24.93 18.98
C ALA D 175 -3.55 -26.00 17.87
N GLY D 176 -2.45 -26.66 17.53
CA GLY D 176 -2.35 -27.59 16.40
C GLY D 176 -1.76 -27.00 15.11
N ASP D 177 -1.54 -25.69 15.03
CA ASP D 177 -0.71 -25.13 13.95
C ASP D 177 0.76 -25.58 14.11
N VAL D 178 1.49 -25.63 13.00
CA VAL D 178 2.96 -25.74 13.02
C VAL D 178 3.53 -24.42 12.55
N ILE D 179 4.33 -23.75 13.37
CA ILE D 179 4.70 -22.35 13.17
C ILE D 179 6.20 -22.10 13.33
N THR D 180 6.66 -21.07 12.64
CA THR D 180 8.01 -20.49 12.73
C THR D 180 7.89 -19.08 13.28
N ILE D 181 8.61 -18.78 14.35
CA ILE D 181 8.66 -17.48 15.00
C ILE D 181 10.03 -16.88 14.79
N ASP D 182 10.09 -15.70 14.15
CA ASP D 182 11.31 -14.94 13.99
C ASP D 182 11.58 -14.17 15.27
N LYS D 183 12.37 -14.74 16.19
CA LYS D 183 12.49 -14.22 17.56
C LYS D 183 13.01 -12.79 17.62
N ALA D 184 13.88 -12.43 16.68
CA ALA D 184 14.42 -11.06 16.55
C ALA D 184 13.36 -10.02 16.14
N THR D 185 12.23 -10.44 15.59
CA THR D 185 11.33 -9.54 14.84
C THR D 185 9.86 -9.68 15.23
N GLY D 186 9.47 -10.77 15.89
CA GLY D 186 8.08 -11.00 16.29
C GLY D 186 7.15 -11.45 15.17
N LYS D 187 7.66 -11.61 13.94
CA LYS D 187 6.88 -12.13 12.81
C LYS D 187 6.61 -13.62 12.99
N ILE D 188 5.38 -14.04 12.68
CA ILE D 188 4.95 -15.44 12.70
C ILE D 188 4.71 -15.92 11.27
N SER D 189 5.30 -17.05 10.91
CA SER D 189 4.90 -17.79 9.70
C SER D 189 4.24 -19.10 10.11
N LYS D 190 3.05 -19.39 9.60
CA LYS D 190 2.37 -20.67 9.83
C LYS D 190 2.50 -21.60 8.63
N LEU D 191 2.94 -22.83 8.86
CA LEU D 191 3.27 -23.79 7.80
C LEU D 191 2.11 -24.70 7.41
N GLY D 192 1.17 -24.92 8.34
CA GLY D 192 0.03 -25.82 8.20
C GLY D 192 -0.47 -26.25 9.57
N ARG D 193 -1.23 -27.36 9.62
CA ARG D 193 -1.66 -27.97 10.90
C ARG D 193 -1.08 -29.37 11.06
N SER D 194 -0.90 -29.83 12.29
CA SER D 194 -0.41 -31.19 12.56
C SER D 194 -1.44 -32.24 12.12
N PHE D 195 -0.98 -33.38 11.59
CA PHE D 195 -1.88 -34.43 11.09
C PHE D 195 -2.82 -34.97 12.17
N THR D 196 -2.36 -35.05 13.41
CA THR D 196 -3.17 -35.48 14.57
C THR D 196 -4.26 -34.47 14.96
N ARG D 197 -4.21 -33.24 14.45
CA ARG D 197 -5.25 -32.19 14.60
C ARG D 197 -5.79 -31.70 13.24
N ALA D 198 -5.66 -32.52 12.18
CA ALA D 198 -6.22 -32.25 10.85
C ALA D 198 -7.76 -32.34 10.81
N ARG D 199 -8.37 -33.02 11.78
CA ARG D 199 -9.83 -33.12 11.93
C ARG D 199 -10.44 -31.77 12.34
N ASP D 200 -11.64 -31.49 11.83
CA ASP D 200 -12.55 -30.45 12.35
C ASP D 200 -11.89 -29.09 12.61
N THR D 208 -7.09 -26.93 2.47
CA THR D 208 -6.37 -27.13 3.75
C THR D 208 -4.95 -27.61 3.51
N LYS D 209 -4.05 -27.47 4.49
CA LYS D 209 -2.67 -28.02 4.44
C LYS D 209 -2.29 -28.68 5.77
N PHE D 210 -1.69 -29.86 5.71
CA PHE D 210 -1.32 -30.65 6.89
C PHE D 210 0.14 -31.11 6.81
N VAL D 211 0.86 -31.09 7.94
CA VAL D 211 2.31 -31.29 7.99
C VAL D 211 2.77 -31.90 9.31
N GLN D 212 3.90 -32.60 9.30
CA GLN D 212 4.56 -33.16 10.48
C GLN D 212 5.33 -32.09 11.28
N CYS D 213 5.50 -32.30 12.59
CA CYS D 213 6.29 -31.41 13.44
C CYS D 213 7.76 -31.34 13.00
N PRO D 214 8.48 -30.23 13.25
CA PRO D 214 9.93 -30.16 13.07
C PRO D 214 10.69 -31.21 13.87
N ASP D 215 11.89 -31.56 13.43
CA ASP D 215 12.86 -32.36 14.19
C ASP D 215 13.88 -31.47 14.92
N GLY D 216 14.68 -32.05 15.81
CA GLY D 216 15.66 -31.31 16.62
C GLY D 216 15.01 -30.40 17.65
N GLU D 217 15.79 -29.49 18.23
CA GLU D 217 15.33 -28.56 19.25
C GLU D 217 14.52 -27.38 18.68
N LEU D 218 13.71 -26.76 19.53
CA LEU D 218 12.80 -25.67 19.17
C LEU D 218 13.55 -24.41 18.67
N GLN D 219 14.52 -23.92 19.45
CA GLN D 219 15.21 -22.67 19.16
C GLN D 219 16.55 -22.98 18.50
N LYS D 220 16.65 -22.74 17.19
CA LYS D 220 17.86 -22.97 16.39
C LYS D 220 18.50 -21.64 16.01
N ARG D 221 19.79 -21.47 16.27
CA ARG D 221 20.56 -20.31 15.80
C ARG D 221 20.99 -20.52 14.35
N LYS D 222 20.02 -20.51 13.44
CA LYS D 222 20.20 -20.74 12.01
C LYS D 222 21.15 -19.70 11.41
N GLU D 223 22.03 -20.11 10.50
CA GLU D 223 22.82 -19.17 9.69
C GLU D 223 22.19 -19.05 8.30
N VAL D 224 21.93 -17.82 7.85
CA VAL D 224 21.42 -17.51 6.52
C VAL D 224 22.51 -16.82 5.73
N VAL D 225 22.88 -17.38 4.58
CA VAL D 225 23.65 -16.68 3.55
C VAL D 225 22.70 -15.97 2.62
N HIS D 226 23.03 -14.75 2.20
CA HIS D 226 22.16 -13.88 1.42
C HIS D 226 22.97 -13.12 0.38
N THR D 227 22.39 -12.79 -0.77
CA THR D 227 23.09 -12.02 -1.80
C THR D 227 22.24 -10.94 -2.43
N VAL D 228 22.86 -9.77 -2.62
CA VAL D 228 22.26 -8.56 -3.17
C VAL D 228 23.12 -8.10 -4.33
N SER D 229 22.58 -7.89 -5.53
CA SER D 229 23.35 -7.32 -6.63
C SER D 229 23.84 -5.93 -6.27
N LEU D 230 25.01 -5.51 -6.73
CA LEU D 230 25.57 -4.21 -6.36
C LEU D 230 24.61 -3.06 -6.73
N HIS D 231 23.96 -3.13 -7.90
CA HIS D 231 22.88 -2.22 -8.31
C HIS D 231 21.68 -2.24 -7.38
N GLU D 232 21.33 -3.39 -6.82
CA GLU D 232 20.20 -3.52 -5.94
C GLU D 232 20.45 -2.81 -4.59
N ILE D 233 21.72 -2.60 -4.21
CA ILE D 233 22.09 -1.67 -3.14
C ILE D 233 21.91 -0.22 -3.59
N ASP D 234 22.20 0.15 -4.83
CA ASP D 234 21.94 1.52 -5.31
C ASP D 234 20.45 1.86 -5.20
N VAL D 235 19.57 0.98 -5.64
CA VAL D 235 18.14 1.31 -5.66
C VAL D 235 17.57 1.40 -4.24
N ILE D 236 17.96 0.52 -3.31
CA ILE D 236 17.61 0.64 -1.88
C ILE D 236 18.01 2.01 -1.31
N ASN D 237 19.12 2.58 -1.76
CA ASN D 237 19.61 3.88 -1.30
C ASN D 237 18.93 5.10 -1.96
N SER D 238 18.18 4.93 -3.04
CA SER D 238 17.79 6.05 -3.90
C SER D 238 16.58 6.86 -3.42
N ARG D 239 15.67 6.28 -2.64
CA ARG D 239 14.32 6.83 -2.37
C ARG D 239 13.89 6.51 -0.94
N THR D 240 12.88 7.21 -0.44
CA THR D 240 12.35 7.03 0.93
C THR D 240 11.96 5.57 1.20
N GLN D 241 11.39 4.88 0.20
CA GLN D 241 11.53 3.43 0.07
C GLN D 241 12.12 3.12 -1.30
N GLY D 242 13.28 2.47 -1.32
CA GLY D 242 13.98 2.19 -2.56
C GLY D 242 13.41 0.99 -3.30
N PHE D 243 13.17 -0.11 -2.59
CA PHE D 243 12.89 -1.40 -3.22
C PHE D 243 11.67 -1.40 -4.14
N LEU D 244 10.68 -0.53 -3.95
CA LEU D 244 9.57 -0.39 -4.89
C LEU D 244 10.08 -0.04 -6.29
N ALA D 245 11.02 0.88 -6.39
CA ALA D 245 11.60 1.28 -7.66
C ALA D 245 12.43 0.17 -8.30
N LEU D 246 12.85 -0.82 -7.53
CA LEU D 246 13.54 -1.99 -8.07
C LEU D 246 12.58 -2.78 -8.96
N PHE D 247 11.37 -3.08 -8.47
CA PHE D 247 10.39 -3.85 -9.22
C PHE D 247 9.64 -2.99 -10.26
N SER D 248 9.11 -1.85 -9.84
CA SER D 248 8.26 -0.98 -10.67
C SER D 248 9.01 -0.24 -11.78
N GLY D 249 10.33 -0.30 -11.82
CA GLY D 249 11.12 0.35 -12.86
C GLY D 249 11.31 1.85 -12.71
N ASP D 250 10.83 2.47 -11.62
CA ASP D 250 11.03 3.90 -11.33
C ASP D 250 12.50 4.31 -11.07
N THR D 251 13.42 3.36 -10.97
CA THR D 251 14.85 3.65 -10.92
C THR D 251 15.26 4.33 -12.21
N GLY D 252 15.81 5.54 -12.13
CA GLY D 252 16.24 6.30 -13.31
C GLY D 252 17.25 7.37 -12.99
N GLU D 253 18.28 7.49 -13.81
CA GLU D 253 19.37 8.47 -13.67
C GLU D 253 19.97 8.50 -12.25
N ILE D 254 20.11 7.34 -11.59
CA ILE D 254 20.56 7.22 -10.19
C ILE D 254 21.86 8.01 -9.96
N LYS D 255 21.83 8.88 -8.96
CA LYS D 255 22.81 9.97 -8.81
C LYS D 255 24.22 9.42 -8.68
N SER D 256 25.16 9.81 -9.54
CA SER D 256 26.46 9.15 -9.60
C SER D 256 27.31 9.32 -8.34
N GLU D 257 27.11 10.37 -7.54
CA GLU D 257 27.79 10.48 -6.25
C GLU D 257 27.35 9.39 -5.26
N VAL D 258 26.12 8.86 -5.37
CA VAL D 258 25.69 7.74 -4.54
C VAL D 258 26.48 6.49 -4.90
N ARG D 259 26.68 6.21 -6.19
CA ARG D 259 27.55 5.12 -6.62
C ARG D 259 29.00 5.31 -6.21
N GLU D 260 29.50 6.53 -6.25
CA GLU D 260 30.85 6.84 -5.80
C GLU D 260 31.04 6.49 -4.32
N GLN D 261 30.01 6.68 -3.48
CA GLN D 261 30.03 6.20 -2.09
C GLN D 261 29.84 4.68 -1.98
N ILE D 262 28.80 4.09 -2.57
CA ILE D 262 28.49 2.66 -2.39
C ILE D 262 29.63 1.77 -2.90
N ASN D 263 30.24 2.06 -4.05
CA ASN D 263 31.37 1.27 -4.52
C ASN D 263 32.52 1.31 -3.52
N ALA D 264 32.80 2.46 -2.91
CA ALA D 264 33.85 2.59 -1.90
C ALA D 264 33.47 1.94 -0.57
N LYS D 265 32.20 1.95 -0.17
CA LYS D 265 31.72 1.25 1.02
C LYS D 265 31.85 -0.26 0.85
N VAL D 266 31.38 -0.82 -0.25
CA VAL D 266 31.54 -2.26 -0.53
C VAL D 266 33.03 -2.62 -0.62
N ALA D 267 33.88 -1.74 -1.16
CA ALA D 267 35.31 -1.98 -1.19
C ALA D 267 35.97 -2.05 0.20
N GLU D 268 35.41 -1.50 1.27
CA GLU D 268 35.91 -1.78 2.63
C GLU D 268 35.25 -3.01 3.26
N TRP D 269 33.96 -3.29 3.02
CA TRP D 269 33.37 -4.55 3.48
C TRP D 269 34.12 -5.77 2.95
N ARG D 270 34.60 -5.70 1.71
CA ARG D 270 35.41 -6.74 1.05
C ARG D 270 36.67 -7.11 1.82
N GLU D 271 37.22 -6.19 2.60
CA GLU D 271 38.57 -6.30 3.17
C GLU D 271 38.57 -6.27 4.70
N GLU D 272 37.58 -5.65 5.31
CA GLU D 272 37.19 -5.96 6.69
C GLU D 272 36.58 -7.37 6.79
N GLY D 273 36.30 -8.03 5.67
CA GLY D 273 35.87 -9.43 5.60
C GLY D 273 34.41 -9.68 5.95
N LYS D 274 33.63 -8.64 6.27
CA LYS D 274 32.21 -8.78 6.59
C LYS D 274 31.33 -9.11 5.38
N ALA D 275 31.83 -8.90 4.17
CA ALA D 275 31.18 -9.33 2.92
C ALA D 275 32.22 -9.87 1.93
N GLU D 276 31.77 -10.58 0.92
CA GLU D 276 32.60 -10.97 -0.24
C GLU D 276 31.83 -10.67 -1.52
N ILE D 277 32.52 -10.22 -2.56
CA ILE D 277 31.88 -9.89 -3.83
C ILE D 277 32.06 -11.03 -4.82
N ILE D 278 30.99 -11.35 -5.52
CA ILE D 278 30.82 -12.54 -6.36
C ILE D 278 30.62 -12.06 -7.81
N PRO D 279 31.68 -11.97 -8.61
CA PRO D 279 31.60 -11.49 -9.97
C PRO D 279 30.74 -12.40 -10.82
N GLY D 280 29.77 -11.82 -11.51
CA GLY D 280 28.85 -12.54 -12.37
C GLY D 280 29.11 -12.28 -13.84
N VAL D 281 28.06 -12.38 -14.64
CA VAL D 281 28.09 -12.29 -16.09
C VAL D 281 27.03 -11.33 -16.62
N LEU D 282 27.42 -10.51 -17.59
CA LEU D 282 26.48 -9.79 -18.44
C LEU D 282 26.51 -10.43 -19.83
N PHE D 283 25.37 -10.88 -20.34
CA PHE D 283 25.22 -11.36 -21.71
C PHE D 283 24.45 -10.34 -22.53
N ILE D 284 25.17 -9.46 -23.21
CA ILE D 284 24.57 -8.41 -24.03
C ILE D 284 24.46 -8.92 -25.47
N ASP D 285 23.39 -9.65 -25.71
CA ASP D 285 23.07 -10.28 -26.98
C ASP D 285 22.83 -9.25 -28.09
N GLU D 286 23.10 -9.59 -29.34
CA GLU D 286 22.97 -8.68 -30.49
C GLU D 286 23.68 -7.34 -30.29
N VAL D 287 24.93 -7.38 -29.83
CA VAL D 287 25.72 -6.19 -29.48
C VAL D 287 25.81 -5.15 -30.59
N HIS D 288 25.68 -5.51 -31.87
CA HIS D 288 25.73 -4.56 -32.99
C HIS D 288 24.61 -3.51 -32.99
N MET D 289 23.59 -3.63 -32.14
CA MET D 289 22.56 -2.61 -31.98
C MET D 289 23.01 -1.36 -31.22
N LEU D 290 24.05 -1.44 -30.42
CA LEU D 290 24.52 -0.30 -29.64
C LEU D 290 25.03 0.83 -30.55
N ASP D 291 24.75 2.08 -30.19
CA ASP D 291 25.37 3.24 -30.84
C ASP D 291 26.86 3.34 -30.51
N ILE D 292 27.62 4.07 -31.32
CA ILE D 292 29.01 4.41 -30.98
C ILE D 292 29.12 5.13 -29.64
N GLU D 293 28.07 5.83 -29.22
CA GLU D 293 27.92 6.40 -27.89
C GLU D 293 27.95 5.31 -26.82
N SER D 294 27.24 4.20 -26.99
CA SER D 294 27.22 3.10 -26.04
C SER D 294 28.53 2.31 -26.07
N PHE D 295 29.13 2.11 -27.25
CA PHE D 295 30.45 1.49 -27.28
C PHE D 295 31.47 2.34 -26.53
N SER D 296 31.43 3.66 -26.67
CA SER D 296 32.27 4.56 -25.88
C SER D 296 32.12 4.36 -24.38
N PHE D 297 30.96 3.91 -23.89
CA PHE D 297 30.84 3.55 -22.48
C PHE D 297 31.46 2.19 -22.17
N LEU D 298 31.20 1.16 -22.96
CA LEU D 298 31.85 -0.15 -22.79
C LEU D 298 33.38 -0.04 -22.87
N ASN D 299 33.92 0.89 -23.66
CA ASN D 299 35.35 1.11 -23.75
C ASN D 299 36.01 1.37 -22.39
N ARG D 300 35.27 1.99 -21.46
CA ARG D 300 35.80 2.50 -20.20
C ARG D 300 35.20 1.85 -18.96
N ALA D 301 33.93 1.43 -19.02
CA ALA D 301 33.27 0.72 -17.93
C ALA D 301 33.83 -0.69 -17.69
N LEU D 302 34.52 -1.28 -18.68
CA LEU D 302 35.26 -2.54 -18.56
C LEU D 302 36.63 -2.40 -17.88
N GLU D 303 36.96 -1.28 -17.25
CA GLU D 303 38.28 -1.07 -16.65
C GLU D 303 38.19 -0.58 -15.19
N SER D 304 37.37 -1.27 -14.39
CA SER D 304 37.22 -1.03 -12.95
C SER D 304 36.89 -2.33 -12.20
N ASP D 305 37.29 -2.43 -10.92
CA ASP D 305 37.27 -3.68 -10.16
C ASP D 305 35.90 -4.35 -10.05
N MET D 306 34.83 -3.56 -10.05
CA MET D 306 33.47 -4.07 -9.95
C MET D 306 32.91 -4.58 -11.29
N ALA D 307 33.62 -4.44 -12.40
CA ALA D 307 33.14 -4.91 -13.69
C ALA D 307 33.05 -6.44 -13.75
N PRO D 308 31.92 -7.00 -14.22
CA PRO D 308 31.77 -8.44 -14.46
C PRO D 308 32.56 -8.85 -15.71
N VAL D 309 32.62 -10.15 -15.98
CA VAL D 309 32.94 -10.61 -17.34
C VAL D 309 31.69 -10.40 -18.19
N LEU D 310 31.80 -9.96 -19.45
CA LEU D 310 30.63 -9.91 -20.35
C LEU D 310 30.82 -10.71 -21.64
N ILE D 311 29.76 -11.40 -22.01
CA ILE D 311 29.65 -12.14 -23.26
C ILE D 311 28.82 -11.28 -24.19
N MET D 312 29.28 -11.11 -25.41
CA MET D 312 28.60 -10.36 -26.44
C MET D 312 28.43 -11.26 -27.64
N ALA D 313 27.30 -11.22 -28.34
CA ALA D 313 27.05 -12.08 -29.50
C ALA D 313 26.67 -11.25 -30.71
N THR D 314 27.18 -11.59 -31.89
CA THR D 314 26.95 -10.85 -33.12
C THR D 314 27.01 -11.76 -34.33
N ASN D 315 26.34 -11.39 -35.42
CA ASN D 315 26.33 -12.15 -36.66
C ASN D 315 26.51 -11.25 -37.88
N ARG D 316 27.25 -10.14 -37.75
CA ARG D 316 27.42 -9.14 -38.79
C ARG D 316 28.81 -9.11 -39.41
N GLY D 317 28.87 -8.93 -40.72
CA GLY D 317 30.12 -8.75 -41.47
C GLY D 317 30.70 -7.37 -41.24
N ILE D 318 31.63 -6.94 -42.08
CA ILE D 318 32.11 -5.55 -42.04
C ILE D 318 30.93 -4.62 -42.35
N THR D 319 30.53 -3.78 -41.38
CA THR D 319 29.20 -3.15 -41.34
C THR D 319 29.26 -1.75 -40.76
N ARG D 320 28.32 -0.88 -41.14
CA ARG D 320 28.18 0.48 -40.62
C ARG D 320 27.81 0.48 -39.14
N ILE D 321 28.66 1.02 -38.26
CA ILE D 321 28.37 1.10 -36.83
C ILE D 321 27.39 2.23 -36.51
N ARG D 322 26.37 1.93 -35.71
CA ARG D 322 25.19 2.79 -35.56
C ARG D 322 25.55 4.14 -34.95
N GLY D 323 24.93 5.19 -35.47
CA GLY D 323 25.27 6.58 -35.14
C GLY D 323 26.40 7.18 -35.97
N THR D 324 27.01 6.43 -36.91
CA THR D 324 28.04 6.95 -37.84
C THR D 324 27.88 6.40 -39.25
N SER D 325 28.67 6.92 -40.18
CA SER D 325 28.90 6.36 -41.51
C SER D 325 30.10 5.39 -41.58
N TYR D 326 30.82 5.16 -40.49
CA TYR D 326 32.03 4.31 -40.50
C TYR D 326 31.69 2.82 -40.56
N GLN D 327 32.43 2.06 -41.36
CA GLN D 327 32.28 0.60 -41.46
C GLN D 327 33.45 -0.11 -40.79
N SER D 328 33.16 -1.14 -39.99
CA SER D 328 34.18 -1.91 -39.25
C SER D 328 33.72 -3.36 -39.03
N PRO D 329 34.62 -4.28 -38.70
CA PRO D 329 34.26 -5.67 -38.40
C PRO D 329 33.22 -5.79 -37.30
N HIS D 330 32.42 -6.84 -37.35
CA HIS D 330 31.37 -7.19 -36.38
C HIS D 330 30.28 -6.14 -36.12
N GLY D 331 30.33 -4.97 -36.75
CA GLY D 331 29.49 -3.85 -36.37
C GLY D 331 29.92 -3.22 -35.04
N ILE D 332 31.18 -3.36 -34.65
CA ILE D 332 31.76 -2.80 -33.42
C ILE D 332 32.98 -1.96 -33.81
N PRO D 333 33.23 -0.78 -33.21
CA PRO D 333 34.42 -0.01 -33.53
C PRO D 333 35.68 -0.74 -33.09
N ILE D 334 36.79 -0.61 -33.82
CA ILE D 334 38.09 -1.20 -33.44
C ILE D 334 38.49 -0.80 -32.01
N ASP D 335 38.13 0.43 -31.63
CA ASP D 335 38.11 1.01 -30.28
C ASP D 335 37.79 -0.01 -29.18
N LEU D 336 36.71 -0.76 -29.35
CA LEU D 336 36.22 -1.77 -28.40
C LEU D 336 36.70 -3.17 -28.75
N LEU D 337 36.83 -3.55 -30.02
CA LEU D 337 37.34 -4.89 -30.35
C LEU D 337 38.73 -5.13 -29.77
N ASP D 338 39.55 -4.09 -29.65
CA ASP D 338 40.87 -4.20 -29.05
C ASP D 338 40.83 -4.60 -27.56
N ARG D 339 39.73 -4.38 -26.83
CA ARG D 339 39.58 -4.83 -25.42
C ARG D 339 39.43 -6.34 -25.29
N LEU D 340 39.00 -7.05 -26.33
CA LEU D 340 38.28 -8.30 -26.15
C LEU D 340 38.82 -9.46 -26.98
N LEU D 341 38.39 -10.66 -26.63
CA LEU D 341 38.74 -11.88 -27.32
C LEU D 341 37.55 -12.34 -28.15
N ILE D 342 37.79 -12.73 -29.40
CA ILE D 342 36.71 -13.10 -30.32
C ILE D 342 36.74 -14.61 -30.52
N VAL D 343 35.66 -15.31 -30.22
CA VAL D 343 35.56 -16.76 -30.47
C VAL D 343 34.66 -16.99 -31.65
N SER D 344 35.13 -17.76 -32.63
CA SER D 344 34.35 -17.96 -33.86
C SER D 344 33.54 -19.23 -33.77
N THR D 345 32.22 -19.14 -33.93
CA THR D 345 31.47 -20.34 -34.32
C THR D 345 31.79 -20.70 -35.76
N THR D 346 31.32 -21.86 -36.23
CA THR D 346 31.56 -22.36 -37.58
C THR D 346 30.28 -22.97 -38.17
N PRO D 347 30.09 -23.04 -39.48
CA PRO D 347 28.91 -23.63 -40.08
C PRO D 347 28.89 -25.14 -39.86
N TYR D 348 27.72 -25.70 -39.59
CA TYR D 348 27.58 -27.13 -39.29
C TYR D 348 27.81 -28.04 -40.49
N SER D 349 28.47 -29.16 -40.25
CA SER D 349 28.51 -30.31 -41.17
C SER D 349 27.21 -31.13 -41.12
N GLU D 350 27.06 -32.10 -42.01
CA GLU D 350 25.85 -32.92 -42.14
C GLU D 350 25.61 -33.77 -40.87
N LYS D 351 26.67 -34.35 -40.31
CA LYS D 351 26.61 -35.21 -39.14
C LYS D 351 26.04 -34.45 -37.94
N ASP D 352 26.62 -33.28 -37.65
CA ASP D 352 26.17 -32.40 -36.57
C ASP D 352 24.73 -31.93 -36.82
N THR D 353 24.38 -31.59 -38.06
CA THR D 353 23.02 -31.19 -38.43
C THR D 353 22.01 -32.28 -38.09
N LYS D 354 22.23 -33.52 -38.50
CA LYS D 354 21.30 -34.60 -38.14
C LYS D 354 21.23 -34.80 -36.63
N GLN D 355 22.35 -34.71 -35.93
CA GLN D 355 22.38 -34.94 -34.49
C GLN D 355 21.60 -33.87 -33.71
N ILE D 356 21.64 -32.59 -34.13
CA ILE D 356 20.80 -31.53 -33.57
C ILE D 356 19.32 -31.86 -33.77
N LEU D 357 18.92 -32.30 -34.98
CA LEU D 357 17.54 -32.66 -35.25
C LEU D 357 17.07 -33.82 -34.36
N ARG D 358 17.89 -34.86 -34.11
CA ARG D 358 17.52 -35.90 -33.14
C ARG D 358 17.28 -35.30 -31.76
N ILE D 359 18.18 -34.45 -31.27
CA ILE D 359 18.05 -33.86 -29.94
C ILE D 359 16.83 -32.94 -29.83
N ARG D 360 16.52 -32.14 -30.86
CA ARG D 360 15.26 -31.40 -30.88
C ARG D 360 14.06 -32.33 -30.87
N CYS D 361 14.10 -33.46 -31.56
CA CYS D 361 13.02 -34.44 -31.52
C CYS D 361 12.88 -35.09 -30.14
N GLU D 362 13.97 -35.30 -29.41
CA GLU D 362 13.87 -35.70 -28.01
C GLU D 362 13.23 -34.60 -27.18
N GLU D 363 13.65 -33.35 -27.32
CA GLU D 363 13.13 -32.26 -26.49
C GLU D 363 11.66 -31.94 -26.79
N GLU D 364 11.22 -32.01 -28.04
CA GLU D 364 9.80 -31.87 -28.41
C GLU D 364 9.00 -33.16 -28.20
N ASP D 365 9.67 -34.27 -27.88
CA ASP D 365 9.12 -35.64 -27.76
C ASP D 365 8.34 -36.09 -29.01
N VAL D 366 9.04 -36.27 -30.14
CA VAL D 366 8.47 -36.81 -31.38
C VAL D 366 9.36 -37.88 -32.01
N GLU D 367 8.76 -38.97 -32.48
CA GLU D 367 9.44 -39.98 -33.31
C GLU D 367 9.39 -39.60 -34.79
N MET D 368 10.47 -39.86 -35.52
CA MET D 368 10.43 -39.78 -36.99
C MET D 368 11.36 -40.81 -37.65
N SER D 369 11.03 -41.16 -38.89
CA SER D 369 11.73 -42.20 -39.66
C SER D 369 13.18 -41.84 -39.96
N GLU D 370 14.10 -42.80 -40.08
CA GLU D 370 15.51 -42.46 -40.34
C GLU D 370 15.72 -41.76 -41.70
N ASP D 371 14.98 -42.17 -42.72
CA ASP D 371 14.96 -41.43 -43.99
C ASP D 371 14.24 -40.08 -43.85
N ALA D 372 13.30 -39.92 -42.93
CA ALA D 372 12.75 -38.61 -42.59
C ALA D 372 13.84 -37.69 -42.03
N TYR D 373 14.68 -38.19 -41.11
CA TYR D 373 15.85 -37.43 -40.65
C TYR D 373 16.83 -37.13 -41.79
N THR D 374 17.00 -38.03 -42.77
CA THR D 374 17.85 -37.73 -43.93
C THR D 374 17.27 -36.61 -44.78
N VAL D 375 16.01 -36.67 -45.22
CA VAL D 375 15.46 -35.59 -46.05
C VAL D 375 15.39 -34.29 -45.26
N LEU D 376 15.09 -34.33 -43.96
CA LEU D 376 15.11 -33.13 -43.13
C LEU D 376 16.52 -32.57 -42.96
N THR D 377 17.55 -33.41 -42.94
CA THR D 377 18.93 -32.93 -42.96
C THR D 377 19.28 -32.29 -44.29
N ARG D 378 18.81 -32.83 -45.43
CA ARG D 378 18.97 -32.16 -46.73
C ARG D 378 18.31 -30.78 -46.71
N ILE D 379 17.08 -30.70 -46.23
CA ILE D 379 16.37 -29.44 -46.10
C ILE D 379 17.17 -28.49 -45.20
N GLY D 380 17.67 -28.98 -44.06
CA GLY D 380 18.49 -28.21 -43.16
C GLY D 380 19.73 -27.63 -43.84
N LEU D 381 20.48 -28.41 -44.59
CA LEU D 381 21.66 -27.93 -45.31
C LEU D 381 21.31 -26.99 -46.47
N GLU D 382 20.13 -27.12 -47.06
CA GLU D 382 19.62 -26.20 -48.08
C GLU D 382 19.03 -24.90 -47.50
N THR D 383 18.81 -24.82 -46.18
CA THR D 383 18.07 -23.70 -45.54
C THR D 383 18.67 -23.24 -44.21
N SER D 384 19.97 -23.45 -44.01
CA SER D 384 20.73 -23.01 -42.83
C SER D 384 20.14 -23.47 -41.49
N LEU D 385 19.79 -24.76 -41.38
CA LEU D 385 19.30 -25.47 -40.19
C LEU D 385 17.98 -24.99 -39.61
N ARG D 386 17.86 -23.72 -39.26
CA ARG D 386 16.81 -23.24 -38.36
C ARG D 386 15.41 -23.49 -38.88
N TYR D 387 15.19 -23.39 -40.19
CA TYR D 387 13.92 -23.71 -40.82
C TYR D 387 13.59 -25.20 -40.68
N ALA D 388 14.55 -26.10 -40.83
CA ALA D 388 14.30 -27.52 -40.64
C ALA D 388 13.84 -27.81 -39.20
N ILE D 389 14.45 -27.16 -38.20
CA ILE D 389 14.02 -27.31 -36.80
C ILE D 389 12.55 -26.91 -36.65
N GLN D 390 12.09 -25.86 -37.34
CA GLN D 390 10.69 -25.45 -37.29
C GLN D 390 9.73 -26.43 -37.98
N LEU D 391 10.18 -27.16 -39.02
CA LEU D 391 9.35 -28.19 -39.65
C LEU D 391 9.07 -29.38 -38.72
N ILE D 392 9.94 -29.70 -37.78
CA ILE D 392 9.79 -30.87 -36.89
C ILE D 392 8.41 -30.87 -36.24
N THR D 393 8.02 -29.76 -35.62
CA THR D 393 6.77 -29.69 -34.87
C THR D 393 5.58 -29.79 -35.81
N ALA D 394 5.58 -29.02 -36.89
CA ALA D 394 4.48 -29.01 -37.85
C ALA D 394 4.31 -30.36 -38.54
N ALA D 395 5.39 -31.05 -38.88
CA ALA D 395 5.33 -32.42 -39.38
C ALA D 395 4.64 -33.33 -38.36
N SER D 396 4.99 -33.26 -37.08
CA SER D 396 4.33 -34.07 -36.08
C SER D 396 2.84 -33.75 -35.94
N LEU D 397 2.43 -32.51 -36.17
CA LEU D 397 1.01 -32.14 -36.12
C LEU D 397 0.23 -32.67 -37.31
N VAL D 398 0.82 -32.70 -38.51
CA VAL D 398 0.19 -33.38 -39.66
C VAL D 398 0.16 -34.89 -39.42
N CYS D 399 1.21 -35.48 -38.85
CA CYS D 399 1.18 -36.87 -38.44
C CYS D 399 0.05 -37.15 -37.44
N ARG D 400 -0.15 -36.29 -36.45
CA ARG D 400 -1.27 -36.39 -35.50
C ARG D 400 -2.63 -36.28 -36.19
N LYS D 401 -2.78 -35.36 -37.16
CA LYS D 401 -3.98 -35.25 -38.01
C LYS D 401 -4.25 -36.55 -38.77
N ARG D 402 -3.19 -37.21 -39.25
CA ARG D 402 -3.20 -38.51 -39.92
C ARG D 402 -3.40 -39.71 -38.98
N LYS D 403 -3.41 -39.50 -37.66
CA LYS D 403 -3.36 -40.55 -36.61
C LYS D 403 -2.16 -41.49 -36.76
N GLY D 404 -1.05 -40.98 -37.29
CA GLY D 404 0.19 -41.74 -37.44
C GLY D 404 0.89 -42.00 -36.10
N THR D 405 1.68 -43.07 -36.04
CA THR D 405 2.56 -43.38 -34.89
C THR D 405 3.84 -42.52 -34.91
N GLU D 406 4.31 -42.18 -36.11
CA GLU D 406 5.65 -41.65 -36.39
C GLU D 406 5.60 -40.70 -37.59
N VAL D 407 6.46 -39.68 -37.63
CA VAL D 407 6.59 -38.79 -38.79
C VAL D 407 7.26 -39.51 -39.95
N GLN D 408 6.57 -39.54 -41.09
CA GLN D 408 7.02 -40.16 -42.33
C GLN D 408 7.54 -39.11 -43.32
N VAL D 409 8.27 -39.53 -44.36
CA VAL D 409 8.80 -38.62 -45.38
C VAL D 409 7.71 -37.79 -46.05
N ASP D 410 6.54 -38.34 -46.32
CA ASP D 410 5.45 -37.59 -46.93
C ASP D 410 4.72 -36.66 -45.95
N ASP D 411 4.87 -36.81 -44.63
CA ASP D 411 4.49 -35.75 -43.70
C ASP D 411 5.44 -34.55 -43.83
N ILE D 412 6.76 -34.77 -43.91
CA ILE D 412 7.71 -33.68 -44.09
C ILE D 412 7.52 -33.01 -45.46
N LYS D 413 7.45 -33.78 -46.56
CA LYS D 413 7.23 -33.19 -47.89
C LYS D 413 5.91 -32.42 -47.97
N ARG D 414 4.86 -32.85 -47.26
CA ARG D 414 3.64 -32.05 -47.13
C ARG D 414 3.95 -30.72 -46.45
N VAL D 415 4.48 -30.75 -45.23
CA VAL D 415 4.68 -29.54 -44.45
C VAL D 415 5.68 -28.57 -45.09
N TYR D 416 6.70 -29.08 -45.77
CA TYR D 416 7.63 -28.27 -46.58
C TYR D 416 6.94 -27.49 -47.71
N SER D 417 5.76 -27.92 -48.17
CA SER D 417 4.96 -27.20 -49.15
C SER D 417 3.92 -26.27 -48.52
N LEU D 418 3.56 -26.47 -47.25
CA LEU D 418 2.66 -25.58 -46.51
C LEU D 418 3.40 -24.33 -46.05
N PHE D 419 4.58 -24.48 -45.46
CA PHE D 419 5.37 -23.38 -44.91
C PHE D 419 6.64 -23.16 -45.71
N LEU D 420 6.82 -21.99 -46.29
CA LEU D 420 7.99 -21.66 -47.10
C LEU D 420 9.16 -21.24 -46.20
N ASP D 421 10.37 -21.65 -46.57
CA ASP D 421 11.60 -21.00 -46.12
C ASP D 421 11.75 -19.61 -46.76
N GLU D 422 12.73 -18.81 -46.31
CA GLU D 422 12.93 -17.46 -46.84
C GLU D 422 13.30 -17.43 -48.33
N SER D 423 13.98 -18.46 -48.85
CA SER D 423 14.48 -18.44 -50.22
C SER D 423 13.33 -18.64 -51.21
N ARG D 424 12.47 -19.65 -51.00
CA ARG D 424 11.27 -19.85 -51.84
C ARG D 424 10.27 -18.73 -51.67
N SER D 425 10.08 -18.21 -50.46
CA SER D 425 9.25 -17.02 -50.26
C SER D 425 9.78 -15.83 -51.08
N THR D 426 11.08 -15.55 -51.02
CA THR D 426 11.69 -14.50 -51.83
C THR D 426 11.54 -14.76 -53.32
N GLN D 427 11.71 -16.01 -53.77
CA GLN D 427 11.55 -16.35 -55.19
C GLN D 427 10.11 -16.17 -55.68
N TYR D 428 9.11 -16.58 -54.90
CA TYR D 428 7.70 -16.33 -55.24
C TYR D 428 7.37 -14.84 -55.21
N MET D 429 7.98 -14.07 -54.30
CA MET D 429 7.83 -12.61 -54.28
C MET D 429 8.40 -11.93 -55.55
N LYS D 430 9.33 -12.56 -56.27
CA LYS D 430 9.79 -12.09 -57.59
C LYS D 430 8.85 -12.44 -58.75
N GLU D 431 7.88 -13.34 -58.59
CA GLU D 431 6.88 -13.57 -59.65
C GLU D 431 5.83 -12.45 -59.67
N TYR D 432 5.19 -12.18 -58.54
CA TYR D 432 4.19 -11.12 -58.37
C TYR D 432 4.83 -9.78 -57.98
N GLN D 433 5.99 -9.45 -58.53
CA GLN D 433 6.86 -8.38 -58.01
C GLN D 433 6.19 -6.99 -57.95
N ASP D 434 5.24 -6.70 -58.84
CA ASP D 434 4.47 -5.46 -58.88
C ASP D 434 3.21 -5.47 -57.98
N ALA D 435 2.78 -6.63 -57.47
CA ALA D 435 1.56 -6.74 -56.68
C ALA D 435 1.79 -6.40 -55.20
N PHE D 436 2.93 -6.77 -54.63
CA PHE D 436 3.38 -6.28 -53.32
C PHE D 436 3.73 -4.80 -53.40
N LEU D 437 3.67 -4.06 -52.29
CA LEU D 437 4.06 -2.65 -52.30
C LEU D 437 5.54 -2.41 -52.01
N PHE D 438 6.12 -1.48 -52.76
CA PHE D 438 7.51 -1.02 -52.70
C PHE D 438 8.56 -2.09 -53.08
N ASN D 439 9.66 -1.66 -53.70
CA ASN D 439 10.70 -2.53 -54.29
C ASN D 439 12.09 -1.87 -54.32
N ASP E 1 -24.98 45.51 -33.32
CA ASP E 1 -24.70 45.76 -31.88
C ASP E 1 -24.31 44.48 -31.15
N VAL E 2 -25.26 43.56 -30.90
CA VAL E 2 -24.96 42.24 -30.34
C VAL E 2 -24.04 41.43 -31.26
N THR E 3 -23.16 40.61 -30.67
CA THR E 3 -22.20 39.77 -31.40
C THR E 3 -21.85 38.52 -30.60
N ARG E 4 -22.36 37.36 -31.03
CA ARG E 4 -22.15 36.06 -30.38
C ARG E 4 -20.74 35.52 -30.64
N ILE E 5 -20.33 34.43 -29.98
CA ILE E 5 -18.96 33.94 -30.11
C ILE E 5 -18.65 33.43 -31.52
N GLU E 6 -19.51 32.59 -32.10
CA GLU E 6 -19.41 32.22 -33.51
C GLU E 6 -19.88 33.36 -34.43
N ARG E 7 -19.12 33.66 -35.49
CA ARG E 7 -19.33 34.82 -36.38
C ARG E 7 -19.15 34.41 -37.85
N ILE E 8 -19.03 35.36 -38.77
CA ILE E 8 -18.91 35.07 -40.20
C ILE E 8 -17.49 34.62 -40.58
N GLY E 9 -17.30 33.32 -40.80
CA GLY E 9 -16.03 32.69 -41.20
C GLY E 9 -16.09 32.05 -42.59
N ALA E 10 -15.07 31.27 -42.95
CA ALA E 10 -14.84 30.78 -44.32
C ALA E 10 -15.88 29.79 -44.87
N HIS E 11 -16.74 29.23 -44.02
CA HIS E 11 -17.81 28.33 -44.42
C HIS E 11 -19.16 28.64 -43.75
N SER E 12 -19.31 29.76 -43.05
CA SER E 12 -20.54 30.04 -42.28
C SER E 12 -21.81 30.14 -43.12
N HIS E 13 -21.69 30.41 -44.42
CA HIS E 13 -22.80 30.46 -45.37
C HIS E 13 -23.34 29.08 -45.75
N ILE E 14 -22.56 28.01 -45.58
CA ILE E 14 -22.98 26.64 -45.86
C ILE E 14 -23.86 26.12 -44.73
N ARG E 15 -25.03 25.57 -45.07
CA ARG E 15 -26.03 25.09 -44.11
C ARG E 15 -26.52 23.68 -44.41
N GLY E 16 -26.02 23.04 -45.48
CA GLY E 16 -26.36 21.66 -45.83
C GLY E 16 -25.72 21.20 -47.14
N LEU E 17 -26.30 20.20 -47.80
CA LEU E 17 -25.90 19.77 -49.14
C LEU E 17 -26.86 20.22 -50.25
N GLY E 18 -28.06 20.71 -49.92
CA GLY E 18 -29.03 21.21 -50.91
C GLY E 18 -29.56 20.13 -51.84
N LEU E 19 -29.61 18.87 -51.39
CA LEU E 19 -30.19 17.76 -52.14
C LEU E 19 -31.71 17.75 -52.02
N ASP E 20 -32.42 17.30 -53.05
CA ASP E 20 -33.83 16.94 -52.90
C ASP E 20 -34.00 15.57 -52.20
N ASP E 21 -35.24 15.17 -51.92
CA ASP E 21 -35.54 13.88 -51.27
C ASP E 21 -35.19 12.68 -52.15
N ALA E 22 -35.07 12.86 -53.47
CA ALA E 22 -34.60 11.85 -54.41
C ALA E 22 -33.05 11.79 -54.48
N LEU E 23 -32.37 12.57 -53.64
CA LEU E 23 -30.92 12.63 -53.50
C LEU E 23 -30.19 13.18 -54.75
N GLU E 24 -30.81 14.12 -55.48
CA GLU E 24 -30.18 14.89 -56.55
C GLU E 24 -29.80 16.29 -56.06
N PRO E 25 -28.61 16.82 -56.40
CA PRO E 25 -28.19 18.15 -56.00
C PRO E 25 -28.96 19.24 -56.77
N ARG E 26 -29.61 20.15 -56.04
CA ARG E 26 -30.15 21.38 -56.62
C ARG E 26 -29.00 22.31 -57.03
N GLN E 27 -29.16 23.09 -58.09
CA GLN E 27 -28.09 23.95 -58.62
C GLN E 27 -27.57 24.96 -57.59
N ALA E 28 -28.45 25.49 -56.74
CA ALA E 28 -28.09 26.35 -55.61
C ALA E 28 -29.11 26.21 -54.48
N SER E 29 -28.72 25.64 -53.34
CA SER E 29 -29.61 25.41 -52.20
C SER E 29 -28.82 25.20 -50.90
N GLN E 30 -29.36 25.60 -49.75
CA GLN E 30 -28.69 25.47 -48.44
C GLN E 30 -27.26 26.04 -48.39
N GLY E 31 -26.97 27.00 -49.26
CA GLY E 31 -25.65 27.62 -49.43
C GLY E 31 -24.70 26.90 -50.38
N MET E 32 -24.89 25.61 -50.67
CA MET E 32 -24.07 24.93 -51.70
C MET E 32 -24.52 25.35 -53.09
N VAL E 33 -23.59 25.56 -54.02
CA VAL E 33 -23.90 25.84 -55.44
C VAL E 33 -22.95 25.12 -56.38
N GLY E 34 -23.42 24.71 -57.56
CA GLY E 34 -22.63 23.93 -58.52
C GLY E 34 -22.15 22.58 -57.96
N GLN E 35 -21.00 22.10 -58.42
CA GLN E 35 -20.26 20.94 -57.86
C GLN E 35 -21.08 19.64 -57.74
N LEU E 36 -21.84 19.31 -58.78
CA LEU E 36 -22.88 18.28 -58.73
C LEU E 36 -22.34 16.89 -58.34
N ALA E 37 -21.25 16.46 -58.97
CA ALA E 37 -20.74 15.10 -58.81
C ALA E 37 -20.36 14.76 -57.36
N ALA E 38 -19.58 15.62 -56.71
CA ALA E 38 -19.18 15.39 -55.34
C ALA E 38 -20.34 15.57 -54.35
N ARG E 39 -21.25 16.53 -54.58
CA ARG E 39 -22.44 16.70 -53.72
C ARG E 39 -23.35 15.48 -53.76
N ARG E 40 -23.54 14.89 -54.93
CA ARG E 40 -24.26 13.63 -55.09
C ARG E 40 -23.64 12.54 -54.23
N ALA E 41 -22.34 12.33 -54.35
CA ALA E 41 -21.62 11.32 -53.59
C ALA E 41 -21.70 11.55 -52.07
N ALA E 42 -21.50 12.79 -51.64
CA ALA E 42 -21.65 13.19 -50.25
C ALA E 42 -23.04 12.85 -49.72
N GLY E 43 -24.09 13.07 -50.53
CA GLY E 43 -25.44 12.66 -50.19
C GLY E 43 -25.58 11.17 -49.91
N VAL E 44 -24.96 10.33 -50.73
CA VAL E 44 -25.01 8.89 -50.52
C VAL E 44 -24.33 8.51 -49.22
N VAL E 45 -23.13 9.02 -48.94
CA VAL E 45 -22.44 8.65 -47.70
C VAL E 45 -23.10 9.27 -46.47
N LEU E 46 -23.73 10.44 -46.60
CA LEU E 46 -24.58 10.98 -45.55
C LEU E 46 -25.74 10.04 -45.25
N GLU E 47 -26.40 9.50 -46.27
CA GLU E 47 -27.46 8.54 -46.05
C GLU E 47 -26.91 7.26 -45.40
N MET E 48 -25.72 6.81 -45.81
CA MET E 48 -25.05 5.68 -45.17
C MET E 48 -24.71 5.97 -43.69
N ILE E 49 -24.35 7.21 -43.35
CA ILE E 49 -24.08 7.61 -41.96
C ILE E 49 -25.35 7.62 -41.13
N ARG E 50 -26.48 8.14 -41.65
CA ARG E 50 -27.76 8.10 -40.95
C ARG E 50 -28.27 6.67 -40.75
N GLU E 51 -28.03 5.78 -41.71
CA GLU E 51 -28.31 4.34 -41.59
C GLU E 51 -27.45 3.71 -40.47
N GLY E 52 -26.14 3.97 -40.46
CA GLY E 52 -25.24 3.63 -39.35
C GLY E 52 -24.96 2.14 -39.11
N LYS E 53 -25.59 1.23 -39.87
CA LYS E 53 -25.50 -0.23 -39.72
C LYS E 53 -24.10 -0.79 -39.90
N ILE E 54 -23.29 -0.13 -40.72
CA ILE E 54 -22.00 -0.63 -41.22
C ILE E 54 -20.83 0.19 -40.67
N ALA E 55 -19.75 -0.49 -40.26
CA ALA E 55 -18.63 0.08 -39.52
C ALA E 55 -17.38 0.29 -40.37
N GLY E 56 -16.67 1.38 -40.13
CA GLY E 56 -15.35 1.64 -40.72
C GLY E 56 -15.34 1.94 -42.22
N ARG E 57 -16.49 2.24 -42.82
CA ARG E 57 -16.54 2.75 -44.19
C ARG E 57 -15.85 4.10 -44.26
N ALA E 58 -15.23 4.42 -45.38
CA ALA E 58 -14.44 5.63 -45.47
C ALA E 58 -14.45 6.26 -46.86
N VAL E 59 -14.15 7.55 -46.90
CA VAL E 59 -14.21 8.37 -48.09
C VAL E 59 -13.01 9.30 -48.15
N LEU E 60 -12.40 9.50 -49.31
CA LEU E 60 -11.41 10.54 -49.50
C LEU E 60 -11.88 11.54 -50.53
N ILE E 61 -12.01 12.80 -50.16
CA ILE E 61 -12.44 13.86 -51.06
C ILE E 61 -11.19 14.50 -51.68
N ALA E 62 -11.10 14.56 -53.00
CA ALA E 62 -9.91 15.04 -53.72
C ALA E 62 -10.22 16.05 -54.83
N GLY E 63 -9.22 16.83 -55.21
CA GLY E 63 -9.30 17.83 -56.29
C GLY E 63 -8.45 19.07 -56.02
N GLN E 64 -8.51 20.05 -56.92
CA GLN E 64 -7.65 21.24 -56.86
C GLN E 64 -7.75 21.97 -55.50
N PRO E 65 -6.74 22.72 -55.07
CA PRO E 65 -6.89 23.69 -53.99
C PRO E 65 -8.06 24.65 -54.25
N GLY E 66 -8.89 24.93 -53.25
CA GLY E 66 -9.94 25.93 -53.40
C GLY E 66 -11.07 25.49 -54.31
N THR E 67 -11.54 24.25 -54.20
CA THR E 67 -12.66 23.73 -55.00
C THR E 67 -13.71 22.98 -54.17
N GLY E 68 -13.86 23.38 -52.91
CA GLY E 68 -15.01 22.99 -52.11
C GLY E 68 -14.94 21.61 -51.48
N LYS E 69 -13.74 21.03 -51.33
CA LYS E 69 -13.57 19.80 -50.56
C LYS E 69 -14.04 20.05 -49.12
N THR E 70 -13.52 21.10 -48.50
CA THR E 70 -13.93 21.45 -47.13
C THR E 70 -15.34 22.01 -47.10
N ALA E 71 -15.78 22.73 -48.14
CA ALA E 71 -17.16 23.16 -48.27
C ALA E 71 -18.12 21.98 -48.18
N ILE E 72 -17.90 20.92 -48.96
CA ILE E 72 -18.73 19.72 -48.93
C ILE E 72 -18.61 18.99 -47.59
N ALA E 73 -17.43 18.98 -46.97
CA ALA E 73 -17.27 18.41 -45.64
C ALA E 73 -18.10 19.17 -44.60
N MET E 74 -18.13 20.50 -44.62
CA MET E 74 -18.99 21.27 -43.73
C MET E 74 -20.46 21.16 -44.12
N GLY E 75 -20.76 21.08 -45.41
CA GLY E 75 -22.11 20.87 -45.90
C GLY E 75 -22.71 19.61 -45.29
N MET E 76 -22.00 18.50 -45.32
CA MET E 76 -22.51 17.29 -44.67
C MET E 76 -22.45 17.36 -43.16
N ALA E 77 -21.55 18.12 -42.54
CA ALA E 77 -21.61 18.34 -41.10
C ALA E 77 -22.92 19.03 -40.68
N GLN E 78 -23.33 20.09 -41.38
CA GLN E 78 -24.61 20.76 -41.12
C GLN E 78 -25.83 19.92 -41.54
N ALA E 79 -25.74 19.15 -42.62
CA ALA E 79 -26.84 18.27 -43.01
C ALA E 79 -27.03 17.12 -42.02
N LEU E 80 -25.97 16.65 -41.38
CA LEU E 80 -26.01 15.62 -40.33
C LEU E 80 -26.55 16.17 -39.01
N GLY E 81 -26.23 17.43 -38.70
CA GLY E 81 -26.80 18.16 -37.56
C GLY E 81 -26.12 17.89 -36.22
N PRO E 82 -26.58 18.55 -35.15
CA PRO E 82 -25.88 18.55 -33.84
C PRO E 82 -26.08 17.28 -33.01
N ASP E 83 -27.11 16.48 -33.30
CA ASP E 83 -27.45 15.31 -32.46
C ASP E 83 -26.57 14.08 -32.71
N THR E 84 -25.69 14.11 -33.70
CA THR E 84 -24.85 13.00 -34.14
C THR E 84 -23.40 13.50 -34.28
N PRO E 85 -22.39 12.85 -33.66
CA PRO E 85 -21.10 13.49 -33.49
C PRO E 85 -20.30 13.56 -34.78
N PHE E 86 -19.80 14.75 -35.09
CA PHE E 86 -18.87 15.00 -36.19
C PHE E 86 -17.60 15.62 -35.62
N THR E 87 -16.47 14.94 -35.72
CA THR E 87 -15.20 15.44 -35.19
C THR E 87 -14.34 15.93 -36.33
N ALA E 88 -13.97 17.21 -36.34
CA ALA E 88 -13.03 17.76 -37.31
C ALA E 88 -11.62 17.71 -36.74
N ILE E 89 -10.69 17.09 -37.45
CA ILE E 89 -9.26 17.07 -37.12
C ILE E 89 -8.49 17.60 -38.33
N ALA E 90 -7.68 18.64 -38.19
CA ALA E 90 -6.64 18.88 -39.18
C ALA E 90 -5.50 17.89 -38.94
N GLY E 91 -4.96 17.26 -39.97
CA GLY E 91 -4.08 16.11 -39.83
C GLY E 91 -2.86 16.35 -38.93
N SER E 92 -2.38 17.58 -38.79
CA SER E 92 -1.27 17.89 -37.87
C SER E 92 -1.58 17.65 -36.39
N GLU E 93 -2.84 17.70 -35.97
CA GLU E 93 -3.21 17.71 -34.57
C GLU E 93 -2.87 16.42 -33.81
N ILE E 94 -2.58 15.31 -34.51
CA ILE E 94 -2.21 14.04 -33.88
C ILE E 94 -0.75 13.97 -33.42
N PHE E 95 0.13 14.89 -33.84
CA PHE E 95 1.54 14.89 -33.44
C PHE E 95 1.76 15.47 -32.04
N SER E 96 1.13 14.85 -31.04
CA SER E 96 1.24 15.27 -29.65
C SER E 96 2.64 15.03 -29.07
N LEU E 97 3.05 15.81 -28.07
CA LEU E 97 4.18 15.46 -27.19
C LEU E 97 3.72 14.75 -25.91
N GLU E 98 2.42 14.75 -25.63
CA GLU E 98 1.80 14.09 -24.49
C GLU E 98 1.53 12.61 -24.77
N MET E 99 1.21 12.23 -26.01
CA MET E 99 0.86 10.87 -26.41
C MET E 99 1.28 10.53 -27.84
N SER E 100 1.55 9.26 -28.11
CA SER E 100 1.90 8.75 -29.44
C SER E 100 0.78 8.83 -30.47
N LYS E 101 1.14 8.71 -31.75
CA LYS E 101 0.22 8.87 -32.89
C LYS E 101 -0.96 7.89 -32.84
N THR E 102 -0.72 6.61 -32.57
CA THR E 102 -1.78 5.61 -32.52
C THR E 102 -2.76 5.87 -31.39
N GLU E 103 -2.29 6.45 -30.28
CA GLU E 103 -3.22 6.92 -29.27
C GLU E 103 -4.04 8.09 -29.79
N ALA E 104 -3.41 9.11 -30.36
CA ALA E 104 -4.12 10.30 -30.79
C ALA E 104 -5.20 9.97 -31.84
N LEU E 105 -4.95 9.02 -32.74
CA LEU E 105 -5.98 8.52 -33.65
C LEU E 105 -7.04 7.69 -32.95
N THR E 106 -6.68 6.81 -32.01
CA THR E 106 -7.69 6.04 -31.29
C THR E 106 -8.62 6.96 -30.49
N GLN E 107 -8.10 8.04 -29.91
CA GLN E 107 -8.94 9.06 -29.31
C GLN E 107 -9.82 9.74 -30.36
N ALA E 108 -9.28 10.18 -31.49
CA ALA E 108 -10.09 10.83 -32.53
C ALA E 108 -11.21 9.93 -33.06
N PHE E 109 -10.97 8.62 -33.17
CA PHE E 109 -12.02 7.67 -33.52
C PHE E 109 -13.08 7.64 -32.43
N ARG E 110 -12.68 7.35 -31.19
CA ARG E 110 -13.63 7.06 -30.11
C ARG E 110 -14.34 8.32 -29.60
N ARG E 111 -13.80 9.51 -29.85
CA ARG E 111 -14.52 10.77 -29.67
C ARG E 111 -15.69 10.90 -30.66
N SER E 112 -15.68 10.12 -31.73
CA SER E 112 -16.64 10.17 -32.84
C SER E 112 -17.64 9.02 -32.84
N ILE E 113 -17.75 8.26 -31.77
CA ILE E 113 -18.88 7.36 -31.51
C ILE E 113 -19.65 7.90 -30.32
N GLY E 114 -20.90 8.29 -30.49
CA GLY E 114 -21.71 8.77 -29.38
C GLY E 114 -22.43 7.62 -28.69
N VAL E 115 -22.51 7.63 -27.37
CA VAL E 115 -23.45 6.85 -26.58
C VAL E 115 -24.46 7.84 -26.01
N ARG E 116 -25.74 7.66 -26.32
CA ARG E 116 -26.79 8.63 -25.94
C ARG E 116 -27.67 8.03 -24.86
N ILE E 117 -27.79 8.74 -23.73
CA ILE E 117 -28.46 8.27 -22.51
C ILE E 117 -29.56 9.26 -22.17
N LYS E 118 -30.81 8.81 -22.04
CA LYS E 118 -31.85 9.58 -21.37
C LYS E 118 -31.69 9.43 -19.86
N GLU E 119 -31.39 10.52 -19.18
CA GLU E 119 -31.49 10.64 -17.74
C GLU E 119 -32.88 11.22 -17.44
N GLU E 120 -33.80 10.41 -16.92
CA GLU E 120 -35.11 10.86 -16.44
C GLU E 120 -35.12 10.76 -14.92
N THR E 121 -35.42 11.86 -14.22
CA THR E 121 -35.44 11.89 -12.75
C THR E 121 -36.60 12.73 -12.23
N GLU E 122 -36.98 12.49 -10.98
CA GLU E 122 -38.03 13.24 -10.30
C GLU E 122 -37.40 14.38 -9.51
N ILE E 123 -37.89 15.60 -9.71
CA ILE E 123 -37.44 16.80 -9.02
C ILE E 123 -38.57 17.40 -8.19
N ILE E 124 -38.20 18.02 -7.08
CA ILE E 124 -39.08 18.91 -6.32
C ILE E 124 -38.64 20.32 -6.63
N GLU E 125 -39.54 21.17 -7.06
CA GLU E 125 -39.19 22.55 -7.43
C GLU E 125 -40.14 23.52 -6.74
N GLY E 126 -39.63 24.24 -5.75
CA GLY E 126 -40.45 24.99 -4.81
C GLY E 126 -39.74 26.17 -4.19
N GLU E 127 -40.52 26.98 -3.49
CA GLU E 127 -40.11 28.16 -2.73
C GLU E 127 -40.08 27.79 -1.25
N VAL E 128 -38.97 28.00 -0.55
CA VAL E 128 -38.81 27.61 0.86
C VAL E 128 -39.70 28.47 1.75
N VAL E 129 -40.61 27.83 2.49
CA VAL E 129 -41.48 28.52 3.46
C VAL E 129 -40.77 28.68 4.79
N GLU E 130 -40.32 27.58 5.37
CA GLU E 130 -39.46 27.56 6.55
C GLU E 130 -38.64 26.26 6.66
N ILE E 131 -37.56 26.33 7.43
CA ILE E 131 -36.65 25.24 7.74
C ILE E 131 -36.42 25.19 9.25
N GLN E 132 -36.34 23.99 9.81
CA GLN E 132 -35.83 23.71 11.14
C GLN E 132 -34.68 22.71 11.03
N ILE E 133 -33.51 23.05 11.56
CA ILE E 133 -32.40 22.11 11.75
C ILE E 133 -32.16 21.93 13.24
N ASP E 134 -32.13 20.67 13.69
CA ASP E 134 -31.87 20.29 15.08
C ASP E 134 -30.47 19.65 15.21
N ARG E 135 -29.69 20.14 16.17
CA ARG E 135 -28.29 19.77 16.41
C ARG E 135 -28.10 19.34 17.87
N PRO E 136 -27.42 18.23 18.17
CA PRO E 136 -27.29 17.76 19.55
C PRO E 136 -26.46 18.72 20.41
N ALA E 137 -26.65 18.66 21.73
CA ALA E 137 -25.92 19.52 22.67
C ALA E 137 -24.41 19.21 22.68
N THR E 138 -24.02 17.96 22.44
CA THR E 138 -22.68 17.55 21.97
C THR E 138 -22.81 16.26 21.15
N GLY E 139 -23.01 15.11 21.82
CA GLY E 139 -23.46 13.84 21.23
C GLY E 139 -22.57 13.23 20.14
N THR E 140 -23.08 12.16 19.53
CA THR E 140 -22.45 11.46 18.39
C THR E 140 -22.64 12.17 17.04
N GLY E 141 -23.62 13.08 16.94
CA GLY E 141 -23.88 13.87 15.71
C GLY E 141 -25.13 13.48 14.91
N SER E 142 -26.12 12.85 15.54
CA SER E 142 -27.40 12.43 14.94
C SER E 142 -28.35 13.59 14.61
N LYS E 143 -27.92 14.53 13.75
CA LYS E 143 -28.72 15.67 13.28
C LYS E 143 -30.06 15.24 12.70
N VAL E 144 -31.07 16.10 12.82
CA VAL E 144 -32.43 15.87 12.30
C VAL E 144 -33.08 17.20 11.96
N GLY E 145 -34.14 17.23 11.17
CA GLY E 145 -34.76 18.50 10.77
C GLY E 145 -35.98 18.35 9.89
N LYS E 146 -36.62 19.49 9.59
CA LYS E 146 -37.81 19.58 8.75
C LYS E 146 -37.70 20.78 7.84
N LEU E 147 -38.29 20.67 6.66
CA LEU E 147 -38.24 21.68 5.62
C LEU E 147 -39.61 21.80 4.96
N THR E 148 -39.97 22.98 4.49
CA THR E 148 -41.27 23.22 3.89
C THR E 148 -41.14 24.02 2.61
N LEU E 149 -41.90 23.62 1.58
CA LEU E 149 -41.80 24.17 0.23
C LEU E 149 -43.17 24.49 -0.34
N LYS E 150 -43.23 25.54 -1.17
CA LYS E 150 -44.45 26.08 -1.76
C LYS E 150 -44.30 26.33 -3.25
N THR E 151 -45.43 26.39 -3.93
CA THR E 151 -45.64 26.84 -5.31
C THR E 151 -46.83 27.80 -5.31
N THR E 152 -47.13 28.45 -6.42
CA THR E 152 -48.34 29.27 -6.54
C THR E 152 -49.65 28.49 -6.37
N GLU E 153 -49.62 27.16 -6.37
CA GLU E 153 -50.80 26.28 -6.26
C GLU E 153 -50.83 25.45 -4.95
N MET E 154 -49.71 24.87 -4.55
CA MET E 154 -49.60 23.81 -3.53
C MET E 154 -48.39 24.02 -2.61
N GLU E 155 -48.42 23.46 -1.40
CA GLU E 155 -47.27 23.46 -0.48
C GLU E 155 -47.23 22.20 0.39
N THR E 156 -46.06 21.81 0.90
CA THR E 156 -45.94 20.66 1.81
C THR E 156 -44.68 20.68 2.70
N ILE E 157 -44.69 19.81 3.71
CA ILE E 157 -43.63 19.60 4.70
C ILE E 157 -42.87 18.32 4.37
N TYR E 158 -41.54 18.38 4.47
CA TYR E 158 -40.65 17.23 4.38
C TYR E 158 -39.88 17.03 5.68
N ASP E 159 -39.98 15.84 6.26
CA ASP E 159 -39.08 15.33 7.30
C ASP E 159 -37.71 14.97 6.67
N LEU E 160 -36.63 15.61 7.09
CA LEU E 160 -35.32 15.52 6.42
C LEU E 160 -34.44 14.38 6.92
N GLY E 161 -33.69 13.78 6.00
CA GLY E 161 -32.60 12.84 6.25
C GLY E 161 -31.23 13.47 6.49
N THR E 162 -30.35 12.67 7.05
CA THR E 162 -29.01 13.04 7.50
C THR E 162 -28.09 13.60 6.41
N LYS E 163 -28.08 13.04 5.19
CA LYS E 163 -27.22 13.51 4.08
C LYS E 163 -27.87 14.70 3.37
N MET E 164 -29.20 14.71 3.28
CA MET E 164 -29.94 15.90 2.86
C MET E 164 -29.56 17.12 3.70
N ILE E 165 -29.56 17.01 5.04
CA ILE E 165 -29.23 18.14 5.93
C ILE E 165 -27.87 18.77 5.61
N GLU E 166 -26.81 17.98 5.38
CA GLU E 166 -25.53 18.58 5.01
C GLU E 166 -25.57 19.19 3.60
N SER E 167 -26.26 18.58 2.63
CA SER E 167 -26.34 19.16 1.28
C SER E 167 -27.15 20.48 1.24
N LEU E 168 -28.17 20.61 2.08
CA LEU E 168 -28.97 21.83 2.22
C LEU E 168 -28.13 22.95 2.84
N THR E 169 -27.53 22.67 4.00
CA THR E 169 -26.76 23.66 4.75
C THR E 169 -25.45 24.07 4.06
N LYS E 170 -24.86 23.19 3.24
CA LYS E 170 -23.70 23.50 2.39
C LYS E 170 -23.95 24.69 1.46
N ASP E 171 -25.14 24.81 0.88
CA ASP E 171 -25.52 25.88 -0.05
C ASP E 171 -26.32 27.03 0.62
N LYS E 172 -26.20 27.19 1.95
CA LYS E 172 -26.83 28.26 2.74
C LYS E 172 -28.32 28.46 2.46
N VAL E 173 -29.06 27.39 2.21
CA VAL E 173 -30.49 27.48 1.88
C VAL E 173 -31.30 28.13 3.01
N GLN E 174 -32.31 28.92 2.66
CA GLN E 174 -33.05 29.77 3.60
C GLN E 174 -34.47 30.04 3.10
N ALA E 175 -35.37 30.50 3.97
CA ALA E 175 -36.71 30.89 3.57
C ALA E 175 -36.69 31.98 2.50
N GLY E 176 -37.57 31.85 1.51
CA GLY E 176 -37.61 32.71 0.32
C GLY E 176 -36.73 32.25 -0.84
N ASP E 177 -35.76 31.36 -0.64
CA ASP E 177 -35.05 30.73 -1.78
C ASP E 177 -36.01 29.86 -2.59
N VAL E 178 -35.83 29.86 -3.91
CA VAL E 178 -36.48 28.91 -4.82
C VAL E 178 -35.45 27.86 -5.20
N ILE E 179 -35.76 26.58 -4.99
CA ILE E 179 -34.82 25.48 -5.14
C ILE E 179 -35.42 24.34 -5.93
N THR E 180 -34.54 23.57 -6.56
CA THR E 180 -34.89 22.42 -7.41
C THR E 180 -34.05 21.22 -6.99
N ILE E 181 -34.66 20.30 -6.25
CA ILE E 181 -34.02 19.17 -5.58
C ILE E 181 -34.23 17.91 -6.42
N ASP E 182 -33.18 17.17 -6.74
CA ASP E 182 -33.31 15.90 -7.47
C ASP E 182 -33.37 14.71 -6.50
N LYS E 183 -34.51 14.01 -6.48
CA LYS E 183 -34.79 12.96 -5.48
C LYS E 183 -33.88 11.73 -5.61
N ALA E 184 -33.44 11.41 -6.82
CA ALA E 184 -32.59 10.24 -7.09
C ALA E 184 -31.12 10.55 -6.84
N THR E 185 -30.68 11.75 -7.20
CA THR E 185 -29.29 12.21 -7.08
C THR E 185 -28.97 12.71 -5.66
N GLY E 186 -29.99 13.14 -4.92
CA GLY E 186 -29.84 13.74 -3.59
C GLY E 186 -29.23 15.13 -3.61
N LYS E 187 -29.24 15.82 -4.77
CA LYS E 187 -28.58 17.12 -4.96
C LYS E 187 -29.58 18.26 -5.07
N ILE E 188 -29.32 19.33 -4.33
CA ILE E 188 -30.03 20.61 -4.39
C ILE E 188 -29.54 21.40 -5.60
N SER E 189 -30.32 22.37 -6.05
CA SER E 189 -29.84 23.49 -6.86
C SER E 189 -30.69 24.73 -6.59
N LYS E 190 -30.13 25.93 -6.73
CA LYS E 190 -30.77 27.19 -6.35
C LYS E 190 -31.10 28.03 -7.58
N LEU E 191 -32.38 28.43 -7.73
CA LEU E 191 -32.86 29.22 -8.87
C LEU E 191 -32.89 30.73 -8.58
N GLY E 192 -32.93 31.14 -7.32
CA GLY E 192 -32.95 32.54 -6.90
C GLY E 192 -33.75 32.73 -5.60
N ARG E 193 -34.28 33.94 -5.38
CA ARG E 193 -35.26 34.22 -4.32
C ARG E 193 -36.61 34.59 -4.92
N SER E 194 -37.67 34.20 -4.25
CA SER E 194 -39.01 34.75 -4.45
C SER E 194 -39.13 36.14 -3.83
N PHE E 195 -40.02 36.98 -4.35
CA PHE E 195 -40.18 38.38 -3.95
C PHE E 195 -40.73 38.59 -2.52
N THR E 196 -41.27 37.55 -1.88
CA THR E 196 -42.07 37.67 -0.64
C THR E 196 -41.24 37.74 0.64
N ARG E 197 -40.72 36.60 1.13
CA ARG E 197 -40.14 36.46 2.49
C ARG E 197 -38.83 37.23 2.68
N ALA E 198 -38.17 37.62 1.59
CA ALA E 198 -36.96 38.44 1.57
C ALA E 198 -37.13 39.86 2.16
N ARG E 199 -38.34 40.27 2.55
CA ARG E 199 -38.59 41.53 3.28
C ARG E 199 -38.33 41.43 4.79
N ASP E 200 -38.55 40.27 5.40
CA ASP E 200 -38.25 40.02 6.83
C ASP E 200 -36.76 39.66 6.98
N TYR E 201 -35.92 40.69 7.03
CA TYR E 201 -34.53 40.59 6.57
C TYR E 201 -33.56 41.55 7.29
N ASP E 202 -32.28 41.36 7.04
CA ASP E 202 -31.12 41.83 7.81
C ASP E 202 -30.16 42.68 6.94
N ALA E 203 -28.98 43.04 7.44
CA ALA E 203 -27.88 43.41 6.55
C ALA E 203 -27.57 42.22 5.62
N MET E 204 -27.21 42.49 4.37
CA MET E 204 -27.50 41.56 3.26
C MET E 204 -26.89 40.15 3.42
N GLY E 205 -27.71 39.12 3.19
CA GLY E 205 -27.31 37.73 3.10
C GLY E 205 -27.03 37.25 1.66
N SER E 206 -27.61 37.91 0.65
CA SER E 206 -27.26 37.72 -0.77
C SER E 206 -27.73 38.91 -1.64
N GLN E 207 -27.19 39.02 -2.86
CA GLN E 207 -27.58 40.02 -3.87
C GLN E 207 -27.61 39.39 -5.27
N THR E 208 -28.82 39.10 -5.74
CA THR E 208 -29.12 38.56 -7.08
C THR E 208 -30.50 39.04 -7.51
N LYS E 209 -30.79 38.98 -8.82
CA LYS E 209 -32.15 39.22 -9.32
C LYS E 209 -33.11 38.13 -8.78
N PHE E 210 -34.29 38.54 -8.36
CA PHE E 210 -35.37 37.64 -7.94
C PHE E 210 -35.85 36.75 -9.09
N VAL E 211 -36.55 35.68 -8.76
CA VAL E 211 -37.20 34.77 -9.72
C VAL E 211 -38.66 34.57 -9.33
N GLN E 212 -39.56 34.46 -10.31
CA GLN E 212 -40.97 34.22 -10.04
C GLN E 212 -41.18 32.87 -9.31
N CYS E 213 -42.15 32.81 -8.40
CA CYS E 213 -42.48 31.58 -7.66
C CYS E 213 -42.85 30.42 -8.63
N PRO E 214 -42.42 29.17 -8.36
CA PRO E 214 -42.75 28.04 -9.23
C PRO E 214 -44.25 27.73 -9.22
N ASP E 215 -44.74 27.27 -10.37
CA ASP E 215 -46.16 26.97 -10.64
C ASP E 215 -46.46 25.47 -10.75
N GLY E 216 -47.75 25.11 -10.73
CA GLY E 216 -48.21 23.73 -10.82
C GLY E 216 -47.82 22.89 -9.61
N GLU E 217 -47.86 21.56 -9.75
CA GLU E 217 -47.52 20.66 -8.64
C GLU E 217 -46.05 20.79 -8.21
N LEU E 218 -45.82 20.71 -6.90
CA LEU E 218 -44.54 20.89 -6.23
C LEU E 218 -43.48 19.84 -6.63
N GLN E 219 -43.92 18.64 -7.00
CA GLN E 219 -43.09 17.54 -7.47
C GLN E 219 -43.36 17.28 -8.96
N LYS E 220 -42.32 17.23 -9.79
CA LYS E 220 -42.42 17.18 -11.26
C LYS E 220 -41.24 16.40 -11.86
N ARG E 221 -41.38 15.89 -13.08
CA ARG E 221 -40.33 15.10 -13.76
C ARG E 221 -39.35 16.02 -14.49
N LYS E 222 -38.09 15.63 -14.64
CA LYS E 222 -37.17 16.18 -15.64
C LYS E 222 -36.58 15.09 -16.53
N GLU E 223 -36.23 15.48 -17.75
CA GLU E 223 -35.62 14.64 -18.76
C GLU E 223 -34.43 15.38 -19.38
N VAL E 224 -33.32 14.67 -19.53
CA VAL E 224 -32.10 15.16 -20.18
C VAL E 224 -31.60 14.09 -21.13
N VAL E 225 -31.11 14.48 -22.31
CA VAL E 225 -30.34 13.60 -23.19
C VAL E 225 -28.87 13.98 -23.09
N HIS E 226 -28.05 13.05 -22.60
CA HIS E 226 -26.61 13.16 -22.67
C HIS E 226 -26.11 12.59 -23.99
N THR E 227 -25.06 13.16 -24.56
CA THR E 227 -24.34 12.59 -25.71
C THR E 227 -22.88 12.40 -25.31
N VAL E 228 -22.55 11.22 -24.83
CA VAL E 228 -21.27 10.90 -24.21
C VAL E 228 -20.44 10.08 -25.19
N SER E 229 -19.28 10.56 -25.63
CA SER E 229 -18.48 9.80 -26.60
C SER E 229 -17.84 8.57 -25.97
N LEU E 230 -17.46 7.56 -26.75
CA LEU E 230 -16.63 6.48 -26.20
C LEU E 230 -15.34 7.02 -25.60
N HIS E 231 -14.75 8.07 -26.17
CA HIS E 231 -13.51 8.58 -25.62
C HIS E 231 -13.68 9.08 -24.19
N GLU E 232 -14.73 9.84 -23.89
CA GLU E 232 -14.89 10.30 -22.50
C GLU E 232 -15.36 9.20 -21.57
N ILE E 233 -16.04 8.16 -22.05
CA ILE E 233 -16.29 6.97 -21.23
C ILE E 233 -14.96 6.30 -20.88
N ASP E 234 -14.04 6.14 -21.82
CA ASP E 234 -12.71 5.60 -21.51
C ASP E 234 -11.95 6.49 -20.50
N VAL E 235 -11.94 7.81 -20.69
CA VAL E 235 -11.23 8.73 -19.78
C VAL E 235 -11.79 8.70 -18.37
N ILE E 236 -13.11 8.77 -18.18
CA ILE E 236 -13.73 8.68 -16.84
C ILE E 236 -13.35 7.38 -16.15
N ASN E 237 -13.21 6.30 -16.91
CA ASN E 237 -12.81 5.00 -16.39
C ASN E 237 -11.29 4.83 -16.19
N SER E 238 -10.46 5.73 -16.71
CA SER E 238 -8.99 5.60 -16.61
C SER E 238 -8.43 5.80 -15.21
N ARG E 239 -9.06 6.63 -14.37
CA ARG E 239 -8.68 6.88 -12.97
C ARG E 239 -9.86 7.41 -12.17
N THR E 240 -10.06 6.95 -10.94
CA THR E 240 -11.23 7.35 -10.14
C THR E 240 -11.20 8.84 -9.80
N GLN E 241 -12.36 9.49 -9.84
CA GLN E 241 -12.47 10.95 -9.79
C GLN E 241 -11.68 11.65 -10.93
N GLY E 242 -11.54 11.00 -12.07
CA GLY E 242 -10.83 11.51 -13.23
C GLY E 242 -11.58 12.55 -14.07
N PHE E 243 -12.76 13.00 -13.63
CA PHE E 243 -13.67 13.79 -14.45
C PHE E 243 -13.09 15.08 -15.04
N LEU E 244 -12.10 15.72 -14.40
CA LEU E 244 -11.44 16.91 -14.95
C LEU E 244 -10.59 16.61 -16.19
N ALA E 245 -10.13 15.38 -16.36
CA ALA E 245 -9.33 15.00 -17.53
C ALA E 245 -10.08 15.18 -18.85
N LEU E 246 -11.41 15.18 -18.85
CA LEU E 246 -12.24 15.46 -20.01
C LEU E 246 -11.99 16.85 -20.60
N PHE E 247 -11.63 17.80 -19.75
CA PHE E 247 -11.34 19.17 -20.15
C PHE E 247 -9.84 19.38 -20.36
N SER E 248 -9.01 19.01 -19.38
CA SER E 248 -7.57 19.25 -19.44
C SER E 248 -6.85 18.40 -20.49
N GLY E 249 -7.40 17.26 -20.91
CA GLY E 249 -6.79 16.41 -21.94
C GLY E 249 -5.51 15.70 -21.50
N ASP E 250 -5.18 15.76 -20.22
CA ASP E 250 -3.90 15.31 -19.65
C ASP E 250 -3.73 13.79 -19.56
N THR E 251 -4.80 12.98 -19.70
CA THR E 251 -4.66 11.51 -19.66
C THR E 251 -4.09 10.96 -20.95
N GLY E 252 -2.83 10.51 -20.90
CA GLY E 252 -2.12 9.94 -22.03
C GLY E 252 -2.19 8.42 -22.09
N GLU E 253 -2.25 7.88 -23.32
CA GLU E 253 -2.04 6.46 -23.64
C GLU E 253 -2.79 5.50 -22.71
N ILE E 254 -4.13 5.62 -22.70
CA ILE E 254 -5.05 4.87 -21.82
C ILE E 254 -4.87 3.35 -21.94
N LYS E 255 -4.95 2.63 -20.82
CA LYS E 255 -4.78 1.17 -20.77
C LYS E 255 -5.73 0.47 -21.76
N SER E 256 -5.20 -0.41 -22.61
CA SER E 256 -6.01 -1.23 -23.53
C SER E 256 -7.14 -2.01 -22.85
N GLU E 257 -6.92 -2.49 -21.64
CA GLU E 257 -7.91 -3.22 -20.84
C GLU E 257 -9.15 -2.38 -20.52
N VAL E 258 -9.04 -1.04 -20.47
CA VAL E 258 -10.20 -0.15 -20.34
C VAL E 258 -11.02 -0.21 -21.61
N ARG E 259 -10.40 -0.01 -22.77
CA ARG E 259 -11.12 -0.02 -24.04
C ARG E 259 -11.78 -1.37 -24.31
N GLU E 260 -11.06 -2.48 -24.09
CA GLU E 260 -11.60 -3.83 -24.22
C GLU E 260 -12.86 -4.01 -23.36
N GLN E 261 -12.86 -3.48 -22.13
CA GLN E 261 -13.98 -3.63 -21.21
C GLN E 261 -15.15 -2.70 -21.55
N ILE E 262 -14.88 -1.46 -21.92
CA ILE E 262 -15.92 -0.51 -22.33
C ILE E 262 -16.57 -0.93 -23.65
N ASN E 263 -15.83 -1.53 -24.59
CA ASN E 263 -16.46 -2.09 -25.79
C ASN E 263 -17.51 -3.14 -25.45
N ALA E 264 -17.29 -3.96 -24.43
CA ALA E 264 -18.28 -4.92 -23.97
C ALA E 264 -19.45 -4.23 -23.27
N LYS E 265 -19.20 -3.38 -22.27
CA LYS E 265 -20.29 -2.80 -21.47
C LYS E 265 -21.16 -1.83 -22.26
N VAL E 266 -20.62 -1.15 -23.27
CA VAL E 266 -21.43 -0.34 -24.19
C VAL E 266 -22.32 -1.21 -25.07
N ALA E 267 -21.88 -2.40 -25.47
CA ALA E 267 -22.78 -3.34 -26.13
C ALA E 267 -23.89 -3.82 -25.17
N GLU E 268 -23.57 -4.15 -23.92
CA GLU E 268 -24.59 -4.52 -22.95
C GLU E 268 -25.64 -3.42 -22.76
N TRP E 269 -25.26 -2.15 -22.65
CA TRP E 269 -26.24 -1.06 -22.54
C TRP E 269 -27.13 -0.89 -23.78
N ARG E 270 -26.69 -1.32 -24.96
CA ARG E 270 -27.55 -1.41 -26.15
C ARG E 270 -28.52 -2.57 -26.02
N GLU E 271 -28.06 -3.77 -25.63
CA GLU E 271 -28.93 -4.94 -25.48
C GLU E 271 -29.93 -4.78 -24.32
N GLU E 272 -29.59 -4.03 -23.27
CA GLU E 272 -30.53 -3.62 -22.22
C GLU E 272 -31.47 -2.49 -22.64
N GLY E 273 -31.24 -1.83 -23.78
CA GLY E 273 -31.94 -0.60 -24.16
C GLY E 273 -31.66 0.59 -23.25
N LYS E 274 -30.70 0.45 -22.32
CA LYS E 274 -30.30 1.46 -21.33
C LYS E 274 -29.66 2.68 -21.96
N ALA E 275 -28.94 2.48 -23.07
CA ALA E 275 -28.33 3.55 -23.85
C ALA E 275 -28.39 3.28 -25.36
N GLU E 276 -28.62 4.31 -26.15
CA GLU E 276 -28.44 4.26 -27.61
C GLU E 276 -26.96 4.34 -27.96
N ILE E 277 -26.54 3.73 -29.06
CA ILE E 277 -25.24 4.01 -29.70
C ILE E 277 -25.47 4.67 -31.05
N ILE E 278 -24.81 5.79 -31.29
CA ILE E 278 -24.97 6.65 -32.47
C ILE E 278 -23.60 6.91 -33.11
N PRO E 279 -23.10 5.99 -33.94
CA PRO E 279 -21.88 6.14 -34.70
C PRO E 279 -21.92 7.39 -35.56
N GLY E 280 -20.87 8.19 -35.50
CA GLY E 280 -20.78 9.47 -36.18
C GLY E 280 -19.65 9.50 -37.20
N VAL E 281 -19.08 10.68 -37.39
CA VAL E 281 -18.12 10.97 -38.45
C VAL E 281 -16.80 11.48 -37.87
N LEU E 282 -15.68 11.04 -38.42
CA LEU E 282 -14.38 11.65 -38.17
C LEU E 282 -13.88 12.25 -39.47
N PHE E 283 -13.71 13.56 -39.51
CA PHE E 283 -13.24 14.28 -40.68
C PHE E 283 -11.78 14.67 -40.50
N ILE E 284 -10.87 13.83 -41.00
CA ILE E 284 -9.44 14.11 -40.96
C ILE E 284 -9.12 14.97 -42.18
N ASP E 285 -9.25 16.26 -41.99
CA ASP E 285 -8.90 17.26 -42.98
C ASP E 285 -7.38 17.28 -43.22
N GLU E 286 -6.94 17.57 -44.44
CA GLU E 286 -5.53 17.56 -44.81
C GLU E 286 -4.80 16.26 -44.44
N VAL E 287 -5.40 15.09 -44.69
CA VAL E 287 -4.84 13.82 -44.20
C VAL E 287 -3.42 13.54 -44.69
N HIS E 288 -2.95 14.13 -45.79
CA HIS E 288 -1.56 13.97 -46.22
C HIS E 288 -0.52 14.45 -45.19
N MET E 289 -0.92 15.04 -44.06
CA MET E 289 -0.07 15.24 -42.89
C MET E 289 0.23 13.98 -42.07
N LEU E 290 -0.56 12.92 -42.15
CA LEU E 290 -0.30 11.71 -41.36
C LEU E 290 0.98 11.01 -41.86
N ASP E 291 1.81 10.51 -40.95
CA ASP E 291 2.96 9.65 -41.29
C ASP E 291 2.51 8.26 -41.75
N ILE E 292 3.39 7.53 -42.45
CA ILE E 292 3.11 6.14 -42.84
C ILE E 292 2.86 5.21 -41.65
N GLU E 293 3.40 5.55 -40.48
CA GLU E 293 3.09 4.90 -39.21
C GLU E 293 1.62 5.05 -38.84
N SER E 294 1.05 6.23 -39.06
CA SER E 294 -0.34 6.54 -38.75
C SER E 294 -1.28 5.95 -39.79
N PHE E 295 -0.95 6.03 -41.08
CA PHE E 295 -1.77 5.35 -42.09
C PHE E 295 -1.83 3.84 -41.82
N SER E 296 -0.72 3.23 -41.44
CA SER E 296 -0.72 1.80 -41.11
C SER E 296 -1.50 1.50 -39.84
N PHE E 297 -1.70 2.47 -38.95
CA PHE E 297 -2.69 2.29 -37.90
C PHE E 297 -4.10 2.34 -38.47
N LEU E 298 -4.43 3.31 -39.31
CA LEU E 298 -5.76 3.39 -39.93
C LEU E 298 -6.13 2.12 -40.69
N ASN E 299 -5.18 1.45 -41.37
CA ASN E 299 -5.46 0.17 -42.04
C ASN E 299 -6.17 -0.85 -41.15
N ARG E 300 -5.85 -0.87 -39.86
CA ARG E 300 -6.29 -1.92 -38.94
C ARG E 300 -7.18 -1.40 -37.80
N ALA E 301 -7.21 -0.09 -37.58
CA ALA E 301 -8.21 0.57 -36.74
C ALA E 301 -9.56 0.66 -37.46
N LEU E 302 -9.56 1.01 -38.74
CA LEU E 302 -10.74 1.21 -39.60
C LEU E 302 -11.45 -0.09 -39.99
N GLU E 303 -11.25 -1.16 -39.23
CA GLU E 303 -11.87 -2.47 -39.39
C GLU E 303 -12.47 -3.01 -38.07
N SER E 304 -12.45 -2.19 -37.01
CA SER E 304 -13.21 -2.43 -35.78
C SER E 304 -14.70 -2.14 -35.99
N ASP E 305 -15.59 -2.92 -35.39
CA ASP E 305 -17.05 -2.66 -35.42
C ASP E 305 -17.44 -1.38 -34.68
N MET E 306 -16.55 -0.83 -33.84
CA MET E 306 -16.71 0.48 -33.21
C MET E 306 -16.11 1.64 -34.04
N ALA E 307 -15.65 1.43 -35.27
CA ALA E 307 -15.10 2.51 -36.07
C ALA E 307 -16.19 3.48 -36.57
N PRO E 308 -15.98 4.81 -36.52
CA PRO E 308 -16.87 5.80 -37.11
C PRO E 308 -16.71 5.80 -38.62
N VAL E 309 -17.63 6.45 -39.35
CA VAL E 309 -17.41 6.70 -40.78
C VAL E 309 -16.33 7.75 -40.94
N LEU E 310 -15.27 7.45 -41.67
CA LEU E 310 -14.08 8.28 -41.71
C LEU E 310 -13.96 9.02 -43.03
N ILE E 311 -13.80 10.34 -42.99
CA ILE E 311 -13.68 11.17 -44.18
C ILE E 311 -12.32 11.82 -44.19
N MET E 312 -11.53 11.58 -45.21
CA MET E 312 -10.31 12.32 -45.50
C MET E 312 -10.65 13.51 -46.39
N ALA E 313 -9.83 14.54 -46.39
CA ALA E 313 -9.70 15.46 -47.53
C ALA E 313 -8.23 15.71 -47.83
N THR E 314 -7.87 15.92 -49.10
CA THR E 314 -6.51 16.32 -49.48
C THR E 314 -6.45 16.95 -50.87
N ASN E 315 -5.42 17.76 -51.12
CA ASN E 315 -5.23 18.50 -52.37
C ASN E 315 -3.96 18.10 -53.16
N ARG E 316 -3.18 17.12 -52.70
CA ARG E 316 -1.85 16.78 -53.24
C ARG E 316 -1.92 15.83 -54.43
N GLY E 317 -0.97 15.96 -55.36
CA GLY E 317 -0.81 15.08 -56.52
C GLY E 317 -0.01 13.82 -56.18
N ILE E 318 0.79 13.32 -57.12
CA ILE E 318 1.82 12.32 -56.81
C ILE E 318 2.87 13.01 -55.94
N THR E 319 2.91 12.70 -54.65
CA THR E 319 3.89 13.28 -53.70
C THR E 319 4.27 12.25 -52.66
N ARG E 320 5.45 12.38 -52.07
CA ARG E 320 5.97 11.33 -51.20
C ARG E 320 5.29 11.28 -49.85
N ILE E 321 4.97 10.08 -49.41
CA ILE E 321 4.27 9.83 -48.14
C ILE E 321 5.12 10.38 -47.01
N ARG E 322 4.54 11.23 -46.15
CA ARG E 322 5.29 11.93 -45.10
C ARG E 322 6.02 10.94 -44.18
N GLY E 323 7.31 11.19 -43.96
CA GLY E 323 8.21 10.31 -43.22
C GLY E 323 8.85 9.18 -44.03
N THR E 324 8.74 9.18 -45.37
CA THR E 324 9.35 8.17 -46.25
C THR E 324 9.88 8.73 -47.57
N SER E 325 10.57 7.89 -48.35
CA SER E 325 11.01 8.22 -49.70
C SER E 325 9.91 8.08 -50.77
N TYR E 326 8.94 7.19 -50.59
CA TYR E 326 8.10 6.67 -51.68
C TYR E 326 7.07 7.68 -52.21
N GLN E 327 7.04 7.90 -53.52
CA GLN E 327 5.98 8.68 -54.17
C GLN E 327 4.68 7.87 -54.24
N SER E 328 3.51 8.49 -54.02
CA SER E 328 2.22 7.83 -54.24
C SER E 328 1.08 8.85 -54.46
N PRO E 329 -0.08 8.42 -54.98
CA PRO E 329 -1.23 9.30 -55.12
C PRO E 329 -1.66 9.90 -53.79
N HIS E 330 -2.07 11.18 -53.80
CA HIS E 330 -2.58 11.91 -52.63
C HIS E 330 -1.64 11.96 -51.43
N GLY E 331 -0.38 11.51 -51.54
CA GLY E 331 0.50 11.36 -50.39
C GLY E 331 0.08 10.25 -49.41
N ILE E 332 -0.64 9.22 -49.88
CA ILE E 332 -1.19 8.13 -49.07
C ILE E 332 -0.65 6.77 -49.57
N PRO E 333 -0.33 5.79 -48.70
CA PRO E 333 0.13 4.49 -49.13
C PRO E 333 -1.02 3.71 -49.75
N ILE E 334 -0.78 2.97 -50.85
CA ILE E 334 -1.84 2.20 -51.48
C ILE E 334 -2.41 1.12 -50.53
N ASP E 335 -1.63 0.70 -49.54
CA ASP E 335 -2.08 -0.13 -48.40
C ASP E 335 -3.39 0.38 -47.78
N LEU E 336 -3.54 1.70 -47.68
CA LEU E 336 -4.75 2.38 -47.22
C LEU E 336 -5.65 2.77 -48.38
N LEU E 337 -5.09 3.33 -49.45
CA LEU E 337 -5.87 3.90 -50.54
C LEU E 337 -6.77 2.86 -51.23
N ASP E 338 -6.39 1.59 -51.18
CA ASP E 338 -7.18 0.44 -51.64
C ASP E 338 -8.49 0.25 -50.86
N ARG E 339 -8.58 0.76 -49.62
CA ARG E 339 -9.64 0.48 -48.65
C ARG E 339 -10.83 1.43 -48.70
N LEU E 340 -10.65 2.65 -49.22
CA LEU E 340 -11.64 3.72 -49.13
C LEU E 340 -12.04 4.30 -50.49
N LEU E 341 -13.29 4.74 -50.61
CA LEU E 341 -13.84 5.26 -51.85
C LEU E 341 -13.39 6.70 -52.09
N ILE E 342 -13.05 7.07 -53.31
CA ILE E 342 -12.58 8.43 -53.62
C ILE E 342 -13.69 9.22 -54.27
N VAL E 343 -14.00 10.40 -53.74
CA VAL E 343 -14.99 11.32 -54.30
C VAL E 343 -14.27 12.45 -54.98
N SER E 344 -14.53 12.65 -56.26
CA SER E 344 -13.75 13.57 -57.07
C SER E 344 -14.49 14.88 -57.29
N THR E 345 -13.91 15.98 -56.84
CA THR E 345 -14.41 17.34 -57.05
C THR E 345 -13.86 17.93 -58.35
N THR E 346 -14.45 19.01 -58.85
CA THR E 346 -14.15 19.60 -60.16
C THR E 346 -13.88 21.10 -60.07
N PRO E 347 -13.07 21.71 -60.96
CA PRO E 347 -12.93 23.16 -61.08
C PRO E 347 -14.25 23.86 -61.40
N TYR E 348 -14.28 25.20 -61.31
CA TYR E 348 -15.49 26.01 -61.45
C TYR E 348 -15.56 26.83 -62.75
N SER E 349 -16.77 26.96 -63.30
CA SER E 349 -17.08 27.84 -64.43
C SER E 349 -17.26 29.31 -64.00
N GLU E 350 -17.50 30.22 -64.96
CA GLU E 350 -18.01 31.57 -64.67
C GLU E 350 -19.29 31.52 -63.84
N LYS E 351 -20.24 30.67 -64.23
CA LYS E 351 -21.56 30.58 -63.59
C LYS E 351 -21.42 30.19 -62.13
N ASP E 352 -20.66 29.13 -61.86
CA ASP E 352 -20.39 28.70 -60.49
C ASP E 352 -19.65 29.78 -59.71
N THR E 353 -18.61 30.38 -60.29
CA THR E 353 -17.83 31.42 -59.60
C THR E 353 -18.69 32.61 -59.22
N LYS E 354 -19.47 33.16 -60.16
CA LYS E 354 -20.37 34.28 -59.87
C LYS E 354 -21.43 33.90 -58.84
N GLN E 355 -21.98 32.70 -58.95
CA GLN E 355 -23.01 32.23 -58.03
C GLN E 355 -22.46 32.00 -56.62
N ILE E 356 -21.22 31.53 -56.45
CA ILE E 356 -20.53 31.41 -55.16
C ILE E 356 -20.30 32.80 -54.56
N LEU E 357 -19.79 33.75 -55.35
CA LEU E 357 -19.60 35.12 -54.87
C LEU E 357 -20.93 35.75 -54.46
N ARG E 358 -22.02 35.53 -55.20
CA ARG E 358 -23.35 36.07 -54.86
C ARG E 358 -23.90 35.52 -53.55
N ILE E 359 -23.85 34.20 -53.32
CA ILE E 359 -24.29 33.63 -52.04
C ILE E 359 -23.38 34.06 -50.89
N ARG E 360 -22.07 34.28 -51.13
CA ARG E 360 -21.18 34.81 -50.09
C ARG E 360 -21.53 36.26 -49.72
N CYS E 361 -21.79 37.11 -50.70
CA CYS E 361 -22.20 38.49 -50.44
C CYS E 361 -23.54 38.57 -49.68
N GLU E 362 -24.47 37.67 -49.95
CA GLU E 362 -25.71 37.57 -49.18
C GLU E 362 -25.42 37.33 -47.70
N GLU E 363 -24.58 36.34 -47.36
CA GLU E 363 -24.29 36.03 -45.95
C GLU E 363 -23.48 37.13 -45.25
N GLU E 364 -22.65 37.88 -45.98
CA GLU E 364 -21.90 39.02 -45.44
C GLU E 364 -22.67 40.36 -45.48
N ASP E 365 -23.97 40.35 -45.79
CA ASP E 365 -24.81 41.55 -45.82
C ASP E 365 -24.35 42.63 -46.82
N VAL E 366 -23.74 42.25 -47.95
CA VAL E 366 -23.17 43.20 -48.92
C VAL E 366 -24.05 43.37 -50.16
N GLU E 367 -24.32 44.62 -50.55
CA GLU E 367 -24.85 44.95 -51.87
C GLU E 367 -23.70 45.30 -52.83
N MET E 368 -23.70 44.71 -54.02
CA MET E 368 -22.78 45.05 -55.11
C MET E 368 -23.53 45.15 -56.42
N SER E 369 -23.10 46.03 -57.34
CA SER E 369 -23.71 46.06 -58.68
C SER E 369 -23.31 44.83 -59.51
N GLU E 370 -24.10 44.50 -60.53
CA GLU E 370 -23.78 43.40 -61.45
C GLU E 370 -22.45 43.64 -62.21
N ASP E 371 -22.05 44.90 -62.39
CA ASP E 371 -20.76 45.24 -62.95
C ASP E 371 -19.61 44.88 -62.00
N ALA E 372 -19.75 45.21 -60.71
CA ALA E 372 -18.78 44.79 -59.69
C ALA E 372 -18.71 43.26 -59.60
N TYR E 373 -19.84 42.54 -59.63
CA TYR E 373 -19.83 41.09 -59.74
C TYR E 373 -19.13 40.60 -61.01
N THR E 374 -19.28 41.29 -62.14
CA THR E 374 -18.61 40.92 -63.39
C THR E 374 -17.10 40.98 -63.24
N VAL E 375 -16.56 42.08 -62.71
CA VAL E 375 -15.12 42.18 -62.47
C VAL E 375 -14.65 41.23 -61.38
N LEU E 376 -15.40 41.04 -60.31
CA LEU E 376 -15.00 40.06 -59.31
C LEU E 376 -15.06 38.62 -59.85
N THR E 377 -15.98 38.30 -60.74
CA THR E 377 -16.01 36.98 -61.41
C THR E 377 -14.77 36.80 -62.27
N ARG E 378 -14.38 37.82 -63.04
CA ARG E 378 -13.12 37.80 -63.77
C ARG E 378 -11.94 37.57 -62.84
N ILE E 379 -11.85 38.33 -61.74
CA ILE E 379 -10.78 38.17 -60.76
C ILE E 379 -10.76 36.75 -60.20
N GLY E 380 -11.92 36.15 -59.92
CA GLY E 380 -12.03 34.78 -59.43
C GLY E 380 -11.72 33.68 -60.46
N LEU E 381 -11.40 34.02 -61.71
CA LEU E 381 -10.89 33.10 -62.74
C LEU E 381 -9.47 33.45 -63.18
N GLU E 382 -9.10 34.73 -63.20
CA GLU E 382 -7.72 35.19 -63.40
C GLU E 382 -6.81 34.85 -62.19
N THR E 383 -7.42 34.65 -61.03
CA THR E 383 -6.79 34.33 -59.73
C THR E 383 -7.65 33.28 -59.01
N SER E 384 -7.11 32.57 -58.02
CA SER E 384 -7.85 31.58 -57.25
C SER E 384 -9.08 32.14 -56.51
N LEU E 385 -10.13 31.32 -56.35
CA LEU E 385 -11.43 31.73 -55.81
C LEU E 385 -11.34 32.39 -54.43
N ARG E 386 -10.47 31.90 -53.54
CA ARG E 386 -10.36 32.46 -52.18
C ARG E 386 -9.91 33.92 -52.17
N TYR E 387 -9.07 34.35 -53.10
CA TYR E 387 -8.71 35.77 -53.19
C TYR E 387 -9.93 36.63 -53.54
N ALA E 388 -10.76 36.22 -54.49
CA ALA E 388 -11.99 36.94 -54.77
C ALA E 388 -12.92 37.00 -53.54
N ILE E 389 -13.08 35.88 -52.83
CA ILE E 389 -13.81 35.83 -51.56
C ILE E 389 -13.19 36.75 -50.48
N GLN E 390 -11.91 37.10 -50.61
CA GLN E 390 -11.22 38.05 -49.74
C GLN E 390 -11.31 39.50 -50.19
N LEU E 391 -11.67 39.80 -51.43
CA LEU E 391 -11.92 41.19 -51.80
C LEU E 391 -13.31 41.67 -51.38
N ILE E 392 -14.30 40.78 -51.20
CA ILE E 392 -15.69 41.16 -50.95
C ILE E 392 -15.82 42.06 -49.72
N THR E 393 -15.31 41.62 -48.57
CA THR E 393 -15.42 42.39 -47.33
C THR E 393 -14.60 43.67 -47.41
N ALA E 394 -13.39 43.61 -47.95
CA ALA E 394 -12.57 44.81 -48.15
C ALA E 394 -13.29 45.83 -49.03
N ALA E 395 -13.90 45.41 -50.13
CA ALA E 395 -14.67 46.29 -50.99
C ALA E 395 -15.88 46.87 -50.27
N SER E 396 -16.58 46.08 -49.45
CA SER E 396 -17.70 46.59 -48.65
C SER E 396 -17.24 47.62 -47.61
N LEU E 397 -16.05 47.45 -47.04
CA LEU E 397 -15.48 48.37 -46.06
C LEU E 397 -14.97 49.66 -46.70
N VAL E 398 -14.34 49.60 -47.86
CA VAL E 398 -13.96 50.81 -48.62
C VAL E 398 -15.20 51.57 -49.09
N CYS E 399 -16.23 50.87 -49.59
CA CYS E 399 -17.52 51.45 -49.91
C CYS E 399 -18.13 52.17 -48.69
N ARG E 400 -18.17 51.51 -47.52
CA ARG E 400 -18.63 52.11 -46.27
C ARG E 400 -17.79 53.33 -45.86
N LYS E 401 -16.47 53.29 -46.01
CA LYS E 401 -15.57 54.41 -45.62
C LYS E 401 -15.78 55.67 -46.47
N ARG E 402 -16.14 55.52 -47.75
CA ARG E 402 -16.61 56.63 -48.61
C ARG E 402 -18.13 56.86 -48.56
N LYS E 403 -18.84 56.19 -47.64
CA LYS E 403 -20.29 56.30 -47.39
C LYS E 403 -21.17 55.95 -48.60
N GLY E 404 -20.72 55.03 -49.44
CA GLY E 404 -21.57 54.39 -50.46
C GLY E 404 -22.48 53.33 -49.85
N THR E 405 -23.64 53.08 -50.48
CA THR E 405 -24.59 52.02 -50.07
C THR E 405 -24.40 50.72 -50.85
N GLU E 406 -23.72 50.74 -51.99
CA GLU E 406 -23.50 49.59 -52.87
C GLU E 406 -22.08 49.60 -53.44
N VAL E 407 -21.41 48.45 -53.45
CA VAL E 407 -20.07 48.30 -54.01
C VAL E 407 -20.09 48.48 -55.52
N GLN E 408 -19.32 49.44 -56.02
CA GLN E 408 -19.15 49.70 -57.44
C GLN E 408 -17.89 49.02 -58.00
N VAL E 409 -17.78 48.93 -59.32
CA VAL E 409 -16.62 48.29 -59.96
C VAL E 409 -15.29 48.91 -59.54
N ASP E 410 -15.22 50.23 -59.37
CA ASP E 410 -14.01 50.92 -58.98
C ASP E 410 -13.69 50.77 -57.49
N ASP E 411 -14.64 50.40 -56.64
CA ASP E 411 -14.34 49.95 -55.27
C ASP E 411 -13.55 48.64 -55.28
N ILE E 412 -13.90 47.70 -56.17
CA ILE E 412 -13.12 46.47 -56.32
C ILE E 412 -11.79 46.75 -57.00
N LYS E 413 -11.70 47.57 -58.04
CA LYS E 413 -10.39 47.95 -58.62
C LYS E 413 -9.49 48.66 -57.62
N ARG E 414 -10.05 49.50 -56.75
CA ARG E 414 -9.33 50.09 -55.61
C ARG E 414 -8.79 48.99 -54.71
N VAL E 415 -9.63 48.12 -54.18
CA VAL E 415 -9.19 47.04 -53.28
C VAL E 415 -8.22 46.06 -53.93
N TYR E 416 -8.39 45.73 -55.20
CA TYR E 416 -7.45 44.91 -55.98
C TYR E 416 -6.06 45.54 -56.08
N SER E 417 -5.98 46.86 -56.19
CA SER E 417 -4.70 47.57 -56.14
C SER E 417 -4.06 47.56 -54.75
N LEU E 418 -4.83 47.28 -53.71
CA LEU E 418 -4.46 47.50 -52.31
C LEU E 418 -4.01 46.20 -51.61
N PHE E 419 -4.73 45.10 -51.81
CA PHE E 419 -4.39 43.77 -51.29
C PHE E 419 -3.97 42.85 -52.42
N LEU E 420 -2.77 42.28 -52.37
CA LEU E 420 -2.25 41.49 -53.50
C LEU E 420 -2.74 40.04 -53.52
N ASP E 421 -3.02 39.58 -54.73
CA ASP E 421 -3.01 38.17 -55.11
C ASP E 421 -1.60 37.60 -54.95
N GLU E 422 -1.46 36.35 -54.49
CA GLU E 422 -0.18 35.63 -54.53
C GLU E 422 0.54 35.77 -55.87
N SER E 423 -0.14 35.63 -57.00
CA SER E 423 0.51 35.65 -58.32
C SER E 423 1.16 37.01 -58.61
N ARG E 424 0.65 38.09 -58.00
CA ARG E 424 1.19 39.45 -58.11
C ARG E 424 2.28 39.71 -57.09
N SER E 425 2.16 39.24 -55.85
CA SER E 425 3.24 39.34 -54.87
C SER E 425 4.48 38.57 -55.32
N THR E 426 4.30 37.33 -55.79
CA THR E 426 5.39 36.50 -56.33
C THR E 426 5.98 37.06 -57.63
N GLN E 427 5.29 37.98 -58.32
CA GLN E 427 5.88 38.78 -59.38
C GLN E 427 6.73 39.94 -58.84
N TYR E 428 6.24 40.74 -57.88
CA TYR E 428 7.04 41.81 -57.26
C TYR E 428 8.28 41.27 -56.56
N MET E 429 8.25 40.04 -56.06
CA MET E 429 9.40 39.35 -55.50
C MET E 429 10.57 39.16 -56.49
N LYS E 430 10.39 39.49 -57.79
CA LYS E 430 11.47 39.54 -58.78
C LYS E 430 12.21 40.87 -58.88
N GLU E 431 11.59 42.02 -58.60
CA GLU E 431 12.35 43.29 -58.60
C GLU E 431 13.25 43.42 -57.35
N TYR E 432 12.74 43.00 -56.19
CA TYR E 432 13.45 43.04 -54.91
C TYR E 432 14.24 41.74 -54.62
N GLN E 433 14.64 41.00 -55.65
CA GLN E 433 15.24 39.68 -55.50
C GLN E 433 16.59 39.69 -54.73
N ASP E 434 17.28 40.83 -54.70
CA ASP E 434 18.47 41.05 -53.87
C ASP E 434 18.17 41.42 -52.40
N ALA E 435 16.92 41.79 -52.08
CA ALA E 435 16.56 42.37 -50.79
C ALA E 435 15.77 41.42 -49.86
N PHE E 436 14.89 40.57 -50.39
CA PHE E 436 14.32 39.46 -49.62
C PHE E 436 15.40 38.45 -49.25
N LEU E 437 15.24 37.72 -48.13
CA LEU E 437 16.24 36.75 -47.68
C LEU E 437 16.00 35.32 -48.20
N PHE E 438 17.08 34.60 -48.47
CA PHE E 438 17.12 33.14 -48.70
C PHE E 438 16.26 32.60 -49.86
N ASN E 439 16.33 33.25 -51.03
CA ASN E 439 15.81 32.71 -52.31
C ASN E 439 16.56 31.47 -52.81
N ASP F 1 48.93 31.39 1.24
CA ASP F 1 48.58 30.11 1.90
C ASP F 1 47.12 29.73 1.71
N VAL F 2 46.16 30.46 2.33
CA VAL F 2 44.74 30.09 2.29
C VAL F 2 44.15 30.30 0.89
N THR F 3 43.99 29.23 0.14
CA THR F 3 43.43 29.25 -1.22
C THR F 3 41.92 29.44 -1.18
N ARG F 4 41.44 30.60 -1.64
CA ARG F 4 40.02 30.90 -1.80
C ARG F 4 39.37 29.98 -2.84
N ILE F 5 38.03 29.95 -2.91
CA ILE F 5 37.31 29.13 -3.90
C ILE F 5 37.50 29.64 -5.33
N GLU F 6 37.83 30.92 -5.50
CA GLU F 6 38.21 31.53 -6.77
C GLU F 6 39.73 31.71 -6.82
N ARG F 7 40.34 31.38 -7.96
CA ARG F 7 41.79 31.40 -8.17
C ARG F 7 42.10 31.72 -9.64
N ILE F 8 43.35 31.69 -10.06
CA ILE F 8 43.73 32.25 -11.37
C ILE F 8 43.10 31.46 -12.53
N GLY F 9 42.10 32.06 -13.18
CA GLY F 9 41.49 31.54 -14.41
C GLY F 9 42.14 32.08 -15.68
N ALA F 10 41.49 31.95 -16.83
CA ALA F 10 42.03 32.45 -18.10
C ALA F 10 41.94 33.98 -18.24
N HIS F 11 40.90 34.60 -17.67
CA HIS F 11 40.67 36.05 -17.75
C HIS F 11 41.06 36.84 -16.51
N SER F 12 41.37 36.20 -15.39
CA SER F 12 41.46 36.87 -14.08
C SER F 12 42.62 37.85 -13.93
N HIS F 13 43.44 38.07 -14.95
CA HIS F 13 44.43 39.16 -14.98
C HIS F 13 43.81 40.53 -15.24
N ILE F 14 42.65 40.59 -15.91
CA ILE F 14 41.91 41.86 -16.06
C ILE F 14 41.34 42.28 -14.70
N ARG F 15 41.23 43.59 -14.50
CA ARG F 15 40.63 44.20 -13.30
C ARG F 15 39.52 45.21 -13.66
N GLY F 16 39.09 45.17 -14.91
CA GLY F 16 38.21 46.16 -15.54
C GLY F 16 38.49 46.23 -17.04
N LEU F 17 38.40 47.44 -17.59
CA LEU F 17 38.54 47.75 -19.00
C LEU F 17 39.03 49.19 -19.08
N GLY F 18 40.34 49.37 -19.13
CA GLY F 18 40.94 50.68 -18.85
C GLY F 18 40.66 51.70 -19.95
N LEU F 19 40.10 52.85 -19.58
CA LEU F 19 39.81 53.99 -20.45
C LEU F 19 39.97 55.31 -19.66
N ASP F 20 40.38 56.40 -20.33
CA ASP F 20 40.31 57.77 -19.80
C ASP F 20 38.90 58.38 -19.88
N ASP F 21 38.69 59.56 -19.30
CA ASP F 21 37.39 60.24 -19.29
C ASP F 21 36.83 60.50 -20.70
N ALA F 22 37.68 60.69 -21.69
CA ALA F 22 37.31 60.84 -23.10
C ALA F 22 36.98 59.49 -23.80
N LEU F 23 36.88 58.39 -23.04
CA LEU F 23 36.86 57.02 -23.54
C LEU F 23 38.08 56.70 -24.40
N GLU F 24 39.20 57.40 -24.23
CA GLU F 24 40.45 57.09 -24.94
C GLU F 24 41.18 55.92 -24.25
N PRO F 25 41.48 54.82 -24.96
CA PRO F 25 42.20 53.70 -24.40
C PRO F 25 43.66 54.02 -24.08
N ARG F 26 44.13 53.52 -22.95
CA ARG F 26 45.55 53.44 -22.58
C ARG F 26 46.17 52.20 -23.22
N GLN F 27 47.44 52.26 -23.62
CA GLN F 27 48.11 51.14 -24.29
C GLN F 27 48.16 49.86 -23.44
N ALA F 28 48.39 50.00 -22.12
CA ALA F 28 48.38 48.90 -21.18
C ALA F 28 47.90 49.37 -19.80
N SER F 29 46.72 48.93 -19.35
CA SER F 29 46.16 49.30 -18.04
C SER F 29 45.03 48.36 -17.62
N GLN F 30 44.70 48.31 -16.32
CA GLN F 30 43.68 47.41 -15.75
C GLN F 30 43.83 45.94 -16.19
N GLY F 31 45.04 45.52 -16.57
CA GLY F 31 45.32 44.18 -17.06
C GLY F 31 44.89 43.89 -18.50
N MET F 32 44.68 44.90 -19.35
CA MET F 32 44.46 44.76 -20.80
C MET F 32 45.53 45.47 -21.62
N VAL F 33 45.77 44.99 -22.84
CA VAL F 33 46.76 45.53 -23.79
C VAL F 33 46.14 45.80 -25.15
N GLY F 34 46.56 46.87 -25.83
CA GLY F 34 46.27 47.08 -27.26
C GLY F 34 44.78 47.20 -27.56
N GLN F 35 44.32 46.68 -28.71
CA GLN F 35 42.89 46.57 -29.04
C GLN F 35 42.12 47.91 -28.98
N LEU F 36 42.78 49.00 -29.36
CA LEU F 36 42.34 50.36 -29.10
C LEU F 36 40.92 50.63 -29.63
N ALA F 37 40.66 50.34 -30.90
CA ALA F 37 39.37 50.62 -31.50
C ALA F 37 38.25 49.80 -30.85
N ALA F 38 38.46 48.50 -30.66
CA ALA F 38 37.48 47.63 -30.01
C ALA F 38 37.19 48.06 -28.57
N ARG F 39 38.21 48.53 -27.83
CA ARG F 39 38.00 49.05 -26.48
C ARG F 39 37.25 50.39 -26.47
N ARG F 40 37.46 51.29 -27.44
CA ARG F 40 36.58 52.48 -27.57
C ARG F 40 35.14 52.04 -27.74
N ALA F 41 34.87 51.13 -28.67
CA ALA F 41 33.51 50.66 -28.92
C ALA F 41 32.92 50.00 -27.67
N ALA F 42 33.68 49.17 -26.96
CA ALA F 42 33.28 48.60 -25.68
C ALA F 42 33.00 49.69 -24.62
N GLY F 43 33.78 50.77 -24.60
CA GLY F 43 33.53 51.91 -23.72
C GLY F 43 32.22 52.63 -24.05
N VAL F 44 31.98 52.89 -25.33
CA VAL F 44 30.76 53.58 -25.77
C VAL F 44 29.52 52.77 -25.40
N VAL F 45 29.52 51.45 -25.61
CA VAL F 45 28.39 50.64 -25.14
C VAL F 45 28.35 50.57 -23.61
N LEU F 46 29.48 50.61 -22.92
CA LEU F 46 29.49 50.63 -21.45
C LEU F 46 28.84 51.90 -20.89
N GLU F 47 29.11 53.08 -21.46
CA GLU F 47 28.39 54.30 -21.06
C GLU F 47 26.91 54.24 -21.44
N MET F 48 26.58 53.65 -22.59
CA MET F 48 25.19 53.43 -22.99
C MET F 48 24.44 52.50 -22.02
N ILE F 49 25.09 51.50 -21.43
CA ILE F 49 24.53 50.64 -20.39
C ILE F 49 24.31 51.43 -19.09
N ARG F 50 25.27 52.27 -18.70
CA ARG F 50 25.16 53.10 -17.49
C ARG F 50 24.02 54.12 -17.58
N GLU F 51 23.83 54.75 -18.73
CA GLU F 51 22.71 55.67 -18.95
C GLU F 51 21.35 54.94 -19.01
N GLY F 52 21.28 53.79 -19.67
CA GLY F 52 20.10 52.90 -19.60
C GLY F 52 18.82 53.39 -20.30
N LYS F 53 18.86 54.55 -20.96
CA LYS F 53 17.69 55.22 -21.58
C LYS F 53 16.95 54.42 -22.65
N ILE F 54 17.62 53.47 -23.31
CA ILE F 54 17.11 52.78 -24.49
C ILE F 54 17.30 51.26 -24.40
N ALA F 55 16.24 50.51 -24.64
CA ALA F 55 16.17 49.06 -24.48
C ALA F 55 16.65 48.29 -25.72
N GLY F 56 17.00 47.02 -25.53
CA GLY F 56 17.15 46.07 -26.65
C GLY F 56 18.30 46.37 -27.61
N ARG F 57 19.23 47.25 -27.24
CA ARG F 57 20.48 47.46 -27.96
C ARG F 57 21.23 46.14 -28.08
N ALA F 58 21.97 45.92 -29.16
CA ALA F 58 22.79 44.73 -29.27
C ALA F 58 24.13 45.01 -29.94
N VAL F 59 25.21 44.48 -29.37
CA VAL F 59 26.56 44.51 -29.95
C VAL F 59 27.00 43.09 -30.30
N LEU F 60 27.55 42.91 -31.49
CA LEU F 60 28.26 41.69 -31.85
C LEU F 60 29.74 41.98 -31.83
N ILE F 61 30.50 41.28 -30.99
CA ILE F 61 31.94 41.38 -30.91
C ILE F 61 32.49 40.22 -31.72
N ALA F 62 33.25 40.50 -32.76
CA ALA F 62 33.69 39.49 -33.72
C ALA F 62 35.17 39.66 -34.09
N GLY F 63 35.77 38.58 -34.59
CA GLY F 63 37.18 38.55 -34.96
C GLY F 63 37.87 37.26 -34.58
N GLN F 64 39.09 37.07 -35.08
CA GLN F 64 39.77 35.78 -35.10
C GLN F 64 39.90 35.12 -33.72
N PRO F 65 40.03 33.79 -33.62
CA PRO F 65 40.29 33.10 -32.38
C PRO F 65 41.50 33.69 -31.64
N GLY F 66 41.44 33.77 -30.32
CA GLY F 66 42.52 34.28 -29.49
C GLY F 66 42.65 35.81 -29.47
N THR F 67 41.88 36.55 -30.26
CA THR F 67 42.00 38.03 -30.33
C THR F 67 41.18 38.79 -29.28
N GLY F 68 40.78 38.14 -28.19
CA GLY F 68 40.32 38.84 -27.00
C GLY F 68 38.83 39.17 -26.92
N LYS F 69 37.95 38.46 -27.61
CA LYS F 69 36.52 38.78 -27.61
C LYS F 69 35.94 38.60 -26.20
N THR F 70 36.19 37.46 -25.55
CA THR F 70 35.78 37.24 -24.17
C THR F 70 36.61 38.11 -23.22
N ALA F 71 37.85 38.47 -23.56
CA ALA F 71 38.62 39.41 -22.75
C ALA F 71 37.99 40.80 -22.68
N ILE F 72 37.42 41.32 -23.77
CA ILE F 72 36.59 42.52 -23.71
C ILE F 72 35.36 42.27 -22.85
N ALA F 73 34.61 41.20 -23.08
CA ALA F 73 33.35 40.99 -22.38
C ALA F 73 33.52 40.82 -20.86
N MET F 74 34.49 40.07 -20.39
CA MET F 74 34.74 39.95 -18.95
C MET F 74 35.32 41.23 -18.37
N GLY F 75 36.14 41.97 -19.12
CA GLY F 75 36.72 43.22 -18.63
C GLY F 75 35.65 44.30 -18.49
N MET F 76 34.76 44.37 -19.47
CA MET F 76 33.56 45.19 -19.44
C MET F 76 32.64 44.83 -18.28
N ALA F 77 32.41 43.54 -18.00
CA ALA F 77 31.62 43.13 -16.84
C ALA F 77 32.21 43.64 -15.52
N GLN F 78 33.53 43.61 -15.34
CA GLN F 78 34.17 44.17 -14.15
C GLN F 78 34.15 45.70 -14.13
N ALA F 79 34.27 46.39 -15.27
CA ALA F 79 34.20 47.84 -15.33
C ALA F 79 32.79 48.38 -15.06
N LEU F 80 31.76 47.66 -15.49
CA LEU F 80 30.38 47.88 -15.08
C LEU F 80 30.19 47.59 -13.58
N GLY F 81 30.86 46.55 -13.10
CA GLY F 81 30.90 46.16 -11.69
C GLY F 81 29.67 45.36 -11.25
N PRO F 82 29.54 45.10 -9.94
CA PRO F 82 28.31 44.58 -9.35
C PRO F 82 27.20 45.65 -9.38
N ASP F 83 26.08 45.39 -8.72
CA ASP F 83 24.96 46.34 -8.57
C ASP F 83 24.22 46.67 -9.89
N THR F 84 24.43 45.88 -10.94
CA THR F 84 23.72 45.94 -12.24
C THR F 84 23.89 44.58 -12.92
N PRO F 85 22.82 43.86 -13.28
CA PRO F 85 22.93 42.47 -13.72
C PRO F 85 23.85 42.28 -14.93
N PHE F 86 24.61 41.18 -14.94
CA PHE F 86 25.41 40.75 -16.08
C PHE F 86 25.28 39.24 -16.23
N THR F 87 24.19 38.76 -16.83
CA THR F 87 24.03 37.33 -17.09
C THR F 87 24.98 36.94 -18.22
N ALA F 88 25.93 36.04 -17.97
CA ALA F 88 26.82 35.51 -19.00
C ALA F 88 26.51 34.04 -19.25
N ILE F 89 26.24 33.67 -20.50
CA ILE F 89 26.01 32.28 -20.91
C ILE F 89 26.78 31.94 -22.17
N ALA F 90 27.35 30.75 -22.25
CA ALA F 90 27.74 30.20 -23.54
C ALA F 90 26.48 29.88 -24.34
N GLY F 91 26.49 30.09 -25.66
CA GLY F 91 25.28 29.96 -26.47
C GLY F 91 24.57 28.62 -26.29
N SER F 92 25.29 27.51 -26.14
CA SER F 92 24.70 26.18 -25.99
C SER F 92 24.04 25.91 -24.64
N GLU F 93 24.05 26.83 -23.68
CA GLU F 93 23.32 26.67 -22.42
C GLU F 93 21.80 26.78 -22.56
N ILE F 94 21.30 27.26 -23.70
CA ILE F 94 19.87 27.47 -23.96
C ILE F 94 19.11 26.22 -24.42
N PHE F 95 19.78 25.16 -24.87
CA PHE F 95 19.14 23.92 -25.33
C PHE F 95 18.72 23.01 -24.17
N SER F 96 17.81 23.49 -23.33
CA SER F 96 17.30 22.75 -22.17
C SER F 96 16.55 21.48 -22.53
N LEU F 97 16.49 20.52 -21.62
CA LEU F 97 15.66 19.32 -21.75
C LEU F 97 14.26 19.50 -21.14
N GLU F 98 13.89 20.69 -20.67
CA GLU F 98 12.55 20.91 -20.10
C GLU F 98 11.79 22.13 -20.61
N MET F 99 12.42 23.06 -21.33
CA MET F 99 11.79 24.29 -21.81
C MET F 99 12.31 24.66 -23.20
N SER F 100 11.52 25.41 -23.98
CA SER F 100 11.92 25.76 -25.34
C SER F 100 13.17 26.64 -25.39
N LYS F 101 13.76 26.78 -26.57
CA LYS F 101 14.80 27.77 -26.86
C LYS F 101 14.29 29.21 -26.65
N THR F 102 13.00 29.45 -26.94
CA THR F 102 12.28 30.67 -26.59
C THR F 102 12.33 30.94 -25.09
N GLU F 103 12.06 29.95 -24.25
CA GLU F 103 12.06 30.15 -22.81
C GLU F 103 13.43 30.41 -22.26
N ALA F 104 14.43 29.60 -22.61
CA ALA F 104 15.77 29.80 -22.09
C ALA F 104 16.30 31.19 -22.44
N LEU F 105 16.06 31.68 -23.65
CA LEU F 105 16.38 33.06 -23.98
C LEU F 105 15.53 34.05 -23.19
N THR F 106 14.22 33.85 -23.10
CA THR F 106 13.36 34.78 -22.36
C THR F 106 13.84 34.91 -20.92
N GLN F 107 14.12 33.81 -20.24
CA GLN F 107 14.66 33.84 -18.88
C GLN F 107 16.04 34.51 -18.85
N ALA F 108 16.92 34.25 -19.82
CA ALA F 108 18.19 34.96 -19.87
C ALA F 108 18.01 36.48 -20.04
N PHE F 109 17.02 36.94 -20.79
CA PHE F 109 16.71 38.38 -20.86
C PHE F 109 16.20 38.88 -19.51
N ARG F 110 15.13 38.27 -18.99
CA ARG F 110 14.43 38.72 -17.78
C ARG F 110 15.31 38.66 -16.55
N ARG F 111 16.28 37.75 -16.50
CA ARG F 111 17.25 37.67 -15.41
C ARG F 111 18.24 38.83 -15.43
N SER F 112 18.36 39.55 -16.54
CA SER F 112 19.24 40.71 -16.69
C SER F 112 18.59 42.07 -16.49
N ILE F 113 17.36 42.17 -15.99
CA ILE F 113 16.77 43.46 -15.60
C ILE F 113 16.67 43.50 -14.08
N GLY F 114 17.32 44.46 -13.42
CA GLY F 114 17.26 44.60 -11.98
C GLY F 114 16.21 45.62 -11.58
N VAL F 115 15.31 45.28 -10.67
CA VAL F 115 14.42 46.26 -10.04
C VAL F 115 14.99 46.59 -8.68
N ARG F 116 15.23 47.87 -8.37
CA ARG F 116 15.59 48.30 -7.01
C ARG F 116 14.35 48.79 -6.28
N ILE F 117 14.22 48.35 -5.05
CA ILE F 117 13.08 48.62 -4.17
C ILE F 117 13.60 49.14 -2.84
N LYS F 118 12.95 50.15 -2.29
CA LYS F 118 13.14 50.53 -0.88
C LYS F 118 12.10 49.85 -0.02
N GLU F 119 12.54 49.38 1.12
CA GLU F 119 11.77 48.61 2.09
C GLU F 119 12.05 49.18 3.49
N GLU F 120 11.04 49.37 4.34
CA GLU F 120 11.18 49.99 5.66
C GLU F 120 10.92 48.98 6.79
N THR F 121 11.81 48.92 7.78
CA THR F 121 11.82 47.83 8.77
C THR F 121 12.21 48.25 10.17
N GLU F 122 11.71 47.53 11.16
CA GLU F 122 12.42 47.37 12.42
C GLU F 122 12.39 45.90 12.82
N ILE F 123 13.56 45.39 13.18
CA ILE F 123 13.78 43.97 13.47
C ILE F 123 14.55 43.86 14.77
N ILE F 124 14.15 42.93 15.63
CA ILE F 124 14.87 42.67 16.87
C ILE F 124 15.89 41.56 16.58
N GLU F 125 17.09 41.66 17.14
CA GLU F 125 18.13 40.65 17.01
C GLU F 125 18.96 40.57 18.28
N GLY F 126 18.86 39.48 19.02
CA GLY F 126 19.55 39.34 20.30
C GLY F 126 19.49 37.95 20.91
N GLU F 127 20.30 37.75 21.93
CA GLU F 127 20.33 36.57 22.77
C GLU F 127 19.19 36.63 23.78
N VAL F 128 18.29 35.66 23.80
CA VAL F 128 17.20 35.64 24.78
C VAL F 128 17.76 35.21 26.14
N VAL F 129 17.58 36.04 27.17
CA VAL F 129 18.18 35.82 28.48
C VAL F 129 17.29 34.95 29.36
N GLU F 130 16.00 35.25 29.43
CA GLU F 130 14.99 34.35 30.01
C GLU F 130 13.57 34.72 29.56
N ILE F 131 12.62 33.80 29.75
CA ILE F 131 11.21 33.97 29.42
C ILE F 131 10.38 33.63 30.67
N GLN F 132 9.40 34.46 31.00
CA GLN F 132 8.47 34.24 32.11
C GLN F 132 7.03 34.39 31.64
N ILE F 133 6.18 33.44 32.00
CA ILE F 133 4.74 33.48 31.72
C ILE F 133 3.94 33.07 32.96
N ASP F 134 2.69 33.47 33.04
CA ASP F 134 1.78 33.08 34.11
C ASP F 134 0.32 33.03 33.63
N ARG F 135 -0.51 32.26 34.36
CA ARG F 135 -1.92 32.00 34.04
C ARG F 135 -2.84 32.76 35.00
N PRO F 136 -3.86 33.49 34.52
CA PRO F 136 -4.73 34.30 35.37
C PRO F 136 -5.66 33.43 36.23
N SER F 142 -6.98 33.85 28.62
CA SER F 142 -5.79 34.64 28.23
C SER F 142 -4.56 34.21 29.03
N LYS F 143 -3.39 34.75 28.69
CA LYS F 143 -2.10 34.57 29.39
C LYS F 143 -1.37 35.91 29.49
N VAL F 144 -0.41 36.01 30.39
CA VAL F 144 0.48 37.17 30.51
C VAL F 144 1.92 36.66 30.56
N GLY F 145 2.88 37.46 30.13
CA GLY F 145 4.29 37.10 30.23
C GLY F 145 5.22 38.27 29.96
N LYS F 146 6.51 38.04 30.17
CA LYS F 146 7.62 38.93 29.83
C LYS F 146 8.81 38.11 29.35
N LEU F 147 9.66 38.67 28.49
CA LEU F 147 10.94 38.04 28.14
C LEU F 147 12.03 39.08 28.01
N THR F 148 13.26 38.67 28.30
CA THR F 148 14.44 39.52 28.24
C THR F 148 15.31 39.18 27.05
N LEU F 149 15.77 40.22 26.34
CA LEU F 149 16.70 40.13 25.23
C LEU F 149 18.01 40.84 25.62
N LYS F 150 19.13 40.29 25.16
CA LYS F 150 20.47 40.87 25.30
C LYS F 150 21.12 41.04 23.95
N THR F 151 21.86 42.11 23.85
CA THR F 151 22.86 42.41 22.83
C THR F 151 24.06 42.95 23.62
N THR F 152 25.26 42.92 23.05
CA THR F 152 26.49 43.33 23.73
C THR F 152 26.38 44.73 24.37
N GLU F 153 25.56 45.62 23.81
CA GLU F 153 25.29 46.97 24.33
C GLU F 153 24.17 47.08 25.38
N MET F 154 23.19 46.17 25.45
CA MET F 154 22.06 46.31 26.39
C MET F 154 21.39 44.98 26.77
N GLU F 155 20.83 44.94 27.99
CA GLU F 155 19.87 43.93 28.45
C GLU F 155 18.51 44.57 28.72
N THR F 156 17.46 44.08 28.09
CA THR F 156 16.17 44.77 27.93
C THR F 156 15.00 43.77 27.98
N ILE F 157 13.78 44.20 28.33
CA ILE F 157 12.61 43.33 28.52
C ILE F 157 11.39 43.76 27.69
N TYR F 158 10.67 42.77 27.17
CA TYR F 158 9.44 42.89 26.42
C TYR F 158 8.29 42.23 27.17
N ASP F 159 7.19 42.94 27.39
CA ASP F 159 5.97 42.40 28.02
C ASP F 159 5.01 41.81 26.98
N LEU F 160 5.50 40.81 26.25
CA LEU F 160 4.84 40.23 25.09
C LEU F 160 3.38 39.78 25.29
N GLY F 161 2.62 39.80 24.20
CA GLY F 161 1.24 39.37 24.13
C GLY F 161 1.04 37.86 23.97
N THR F 162 -0.23 37.47 23.97
CA THR F 162 -0.73 36.10 23.96
C THR F 162 -0.30 35.25 22.76
N LYS F 163 -0.43 35.74 21.53
CA LYS F 163 -0.09 34.97 20.33
C LYS F 163 1.42 34.75 20.25
N MET F 164 2.20 35.72 20.75
CA MET F 164 3.64 35.62 20.88
C MET F 164 4.04 34.55 21.89
N ILE F 165 3.40 34.50 23.07
CA ILE F 165 3.65 33.43 24.04
C ILE F 165 3.34 32.06 23.43
N GLU F 166 2.23 31.92 22.71
CA GLU F 166 1.93 30.68 22.00
C GLU F 166 3.02 30.38 20.95
N SER F 167 3.49 31.37 20.21
CA SER F 167 4.48 31.15 19.15
C SER F 167 5.85 30.77 19.70
N LEU F 168 6.34 31.44 20.75
CA LEU F 168 7.59 31.06 21.41
C LEU F 168 7.51 29.68 22.04
N THR F 169 6.40 29.33 22.67
CA THR F 169 6.23 27.98 23.26
C THR F 169 6.01 26.90 22.20
N LYS F 170 5.66 27.25 20.95
CA LYS F 170 5.74 26.33 19.80
C LYS F 170 7.14 26.22 19.21
N ASP F 171 7.93 27.29 19.18
CA ASP F 171 9.35 27.21 18.81
C ASP F 171 10.26 26.68 19.94
N LYS F 172 9.73 26.55 21.16
CA LYS F 172 10.42 25.97 22.33
C LYS F 172 11.73 26.70 22.68
N VAL F 173 11.81 28.00 22.46
CA VAL F 173 13.07 28.76 22.65
C VAL F 173 13.56 28.68 24.10
N GLN F 174 14.88 28.70 24.29
CA GLN F 174 15.52 28.62 25.59
C GLN F 174 16.40 29.84 25.85
N ALA F 175 16.60 30.16 27.13
CA ALA F 175 17.67 31.05 27.54
C ALA F 175 19.00 30.65 26.86
N GLY F 176 19.69 31.63 26.27
CA GLY F 176 20.95 31.43 25.54
C GLY F 176 20.79 31.18 24.02
N ASP F 177 19.58 30.95 23.52
CA ASP F 177 19.33 31.05 22.08
C ASP F 177 19.54 32.49 21.60
N VAL F 178 19.93 32.67 20.34
CA VAL F 178 19.90 33.96 19.66
C VAL F 178 18.74 33.94 18.68
N ILE F 179 17.84 34.92 18.77
CA ILE F 179 16.60 34.96 17.97
C ILE F 179 16.40 36.31 17.33
N THR F 180 15.61 36.32 16.25
CA THR F 180 15.21 37.51 15.52
C THR F 180 13.73 37.50 15.26
N ILE F 181 13.10 38.67 15.41
CA ILE F 181 11.67 38.85 15.17
C ILE F 181 11.50 40.13 14.36
N ASP F 182 10.77 40.06 13.27
CA ASP F 182 10.37 41.27 12.53
C ASP F 182 9.19 41.90 13.25
N LYS F 183 9.37 43.09 13.84
CA LYS F 183 8.37 43.64 14.75
C LYS F 183 7.04 43.95 14.04
N ALA F 184 7.11 44.37 12.78
CA ALA F 184 5.90 44.66 12.00
C ALA F 184 5.13 43.39 11.66
N THR F 185 5.84 42.28 11.43
CA THR F 185 5.25 41.03 10.92
C THR F 185 4.91 40.03 12.02
N GLY F 186 5.55 40.11 13.19
CA GLY F 186 5.28 39.26 14.34
C GLY F 186 5.79 37.81 14.22
N LYS F 187 6.74 37.53 13.31
CA LYS F 187 7.27 36.18 13.04
C LYS F 187 8.62 35.97 13.72
N ILE F 188 8.75 34.90 14.51
CA ILE F 188 9.99 34.51 15.19
C ILE F 188 10.91 33.75 14.25
N SER F 189 12.21 33.86 14.44
CA SER F 189 13.21 33.13 13.66
C SER F 189 14.50 32.93 14.47
N LYS F 190 14.80 31.70 14.89
CA LYS F 190 16.05 31.33 15.61
C LYS F 190 17.27 31.46 14.71
N LEU F 191 18.41 31.89 15.25
CA LEU F 191 19.69 31.83 14.54
C LEU F 191 20.59 30.70 15.04
N GLY F 192 20.55 30.38 16.33
CA GLY F 192 21.43 29.39 16.97
C GLY F 192 21.58 29.62 18.46
N ARG F 193 22.65 29.11 19.06
CA ARG F 193 22.98 29.29 20.48
C ARG F 193 24.22 30.15 20.65
N SER F 194 24.21 31.04 21.64
CA SER F 194 25.33 31.94 21.90
C SER F 194 26.58 31.16 22.30
N PHE F 195 27.77 31.54 21.85
CA PHE F 195 29.01 30.79 22.12
C PHE F 195 29.25 30.50 23.60
N THR F 196 28.89 31.42 24.50
CA THR F 196 29.04 31.22 25.96
C THR F 196 28.25 30.02 26.50
N ARG F 197 27.20 29.59 25.78
CA ARG F 197 26.33 28.47 26.16
C ARG F 197 26.81 27.12 25.63
N ALA F 198 27.85 27.08 24.80
CA ALA F 198 28.24 25.93 23.98
C ALA F 198 28.87 24.73 24.72
N ARG F 199 28.52 24.49 25.99
CA ARG F 199 29.05 23.41 26.83
C ARG F 199 28.06 22.80 27.82
N ASP F 200 26.91 23.42 28.10
CA ASP F 200 25.98 22.90 29.11
C ASP F 200 25.21 21.63 28.69
N TYR F 201 25.46 21.09 27.50
CA TYR F 201 25.07 19.76 27.04
C TYR F 201 26.30 18.94 26.67
N ASP F 202 26.27 17.62 26.90
CA ASP F 202 27.33 16.70 26.51
C ASP F 202 27.13 16.13 25.10
N ALA F 203 25.88 15.99 24.64
CA ALA F 203 25.53 15.59 23.29
C ALA F 203 24.38 16.45 22.75
N MET F 204 24.48 16.90 21.49
CA MET F 204 23.73 18.05 20.98
C MET F 204 23.07 17.79 19.63
N GLY F 205 21.87 18.32 19.44
CA GLY F 205 21.01 18.03 18.29
C GLY F 205 21.64 18.33 16.94
N SER F 206 21.30 17.54 15.92
CA SER F 206 21.91 17.65 14.58
C SER F 206 21.74 19.02 13.93
N GLN F 207 20.65 19.71 14.26
CA GLN F 207 20.32 21.06 13.76
C GLN F 207 20.88 22.21 14.61
N THR F 208 21.60 21.93 15.70
CA THR F 208 22.24 22.98 16.51
C THR F 208 23.40 23.64 15.78
N LYS F 209 23.61 24.94 16.03
CA LYS F 209 24.68 25.75 15.47
C LYS F 209 25.01 26.88 16.42
N PHE F 210 26.28 27.24 16.54
CA PHE F 210 26.74 28.25 17.50
C PHE F 210 27.07 29.55 16.79
N VAL F 211 26.65 30.66 17.39
CA VAL F 211 26.76 32.01 16.83
C VAL F 211 27.20 32.98 17.92
N GLN F 212 27.82 34.11 17.56
CA GLN F 212 28.16 35.11 18.56
C GLN F 212 26.89 35.81 19.08
N CYS F 213 26.97 36.36 20.29
CA CYS F 213 25.96 37.28 20.80
C CYS F 213 25.92 38.54 19.91
N PRO F 214 24.76 39.01 19.45
CA PRO F 214 24.66 40.22 18.65
C PRO F 214 25.19 41.48 19.33
N ASP F 215 25.31 42.55 18.55
CA ASP F 215 25.85 43.84 18.97
C ASP F 215 25.01 45.03 18.47
N GLY F 216 25.31 46.22 18.98
CA GLY F 216 24.57 47.44 18.67
C GLY F 216 23.17 47.45 19.27
N GLU F 217 22.32 48.37 18.82
CA GLU F 217 20.96 48.52 19.32
C GLU F 217 20.11 47.26 19.09
N LEU F 218 19.19 46.96 20.00
CA LEU F 218 18.46 45.69 19.99
C LEU F 218 17.43 45.59 18.88
N GLN F 219 16.71 46.67 18.58
CA GLN F 219 15.58 46.70 17.66
C GLN F 219 15.87 47.69 16.53
N LYS F 220 16.89 47.40 15.72
CA LYS F 220 17.41 48.34 14.71
C LYS F 220 16.29 48.80 13.78
N ARG F 221 16.16 50.11 13.58
CA ARG F 221 15.11 50.73 12.76
C ARG F 221 15.74 51.40 11.55
N LYS F 222 15.45 50.92 10.35
CA LYS F 222 15.97 51.49 9.10
C LYS F 222 15.15 51.07 7.89
N GLU F 223 15.17 51.91 6.85
CA GLU F 223 14.90 51.47 5.48
C GLU F 223 16.16 50.93 4.82
N VAL F 224 15.98 50.02 3.88
CA VAL F 224 17.04 49.29 3.18
C VAL F 224 16.70 49.17 1.70
N VAL F 225 17.71 48.97 0.86
CA VAL F 225 17.52 48.76 -0.58
C VAL F 225 17.78 47.32 -0.97
N HIS F 226 16.84 46.74 -1.70
CA HIS F 226 16.94 45.43 -2.30
C HIS F 226 17.03 45.59 -3.81
N THR F 227 17.94 44.85 -4.45
CA THR F 227 17.92 44.70 -5.91
C THR F 227 17.48 43.28 -6.20
N VAL F 228 16.43 43.10 -6.99
CA VAL F 228 15.93 41.77 -7.37
C VAL F 228 15.54 41.78 -8.84
N SER F 229 16.00 40.79 -9.60
CA SER F 229 15.85 40.78 -11.04
C SER F 229 14.48 40.31 -11.50
N LEU F 230 14.04 40.81 -12.64
CA LEU F 230 12.67 40.69 -13.11
C LEU F 230 12.23 39.24 -13.27
N HIS F 231 13.14 38.36 -13.69
CA HIS F 231 12.91 36.91 -13.75
C HIS F 231 12.45 36.33 -12.42
N GLU F 232 12.92 36.85 -11.28
CA GLU F 232 12.55 36.27 -10.00
C GLU F 232 11.09 36.59 -9.68
N ILE F 233 10.63 37.79 -10.01
CA ILE F 233 9.23 38.17 -9.90
C ILE F 233 8.38 37.31 -10.84
N ASP F 234 8.87 37.01 -12.05
CA ASP F 234 8.17 36.10 -12.97
C ASP F 234 8.05 34.69 -12.39
N VAL F 235 9.11 34.14 -11.80
CA VAL F 235 9.08 32.78 -11.22
C VAL F 235 8.21 32.73 -9.98
N ILE F 236 8.33 33.70 -9.07
CA ILE F 236 7.55 33.76 -7.82
C ILE F 236 6.05 33.74 -8.11
N ASN F 237 5.60 34.35 -9.20
CA ASN F 237 4.20 34.38 -9.60
C ASN F 237 3.75 33.18 -10.45
N SER F 238 4.64 32.24 -10.80
CA SER F 238 4.29 31.14 -11.72
C SER F 238 3.43 30.04 -11.08
N ARG F 239 3.58 29.79 -9.78
CA ARG F 239 2.86 28.78 -8.98
C ARG F 239 2.85 29.19 -7.51
N THR F 240 2.05 28.53 -6.69
CA THR F 240 1.86 28.91 -5.27
C THR F 240 3.14 29.05 -4.45
N GLN F 241 4.14 28.17 -4.66
CA GLN F 241 5.44 28.17 -3.97
C GLN F 241 6.60 28.37 -4.95
N GLY F 242 6.43 29.26 -5.93
CA GLY F 242 7.37 29.39 -7.04
C GLY F 242 8.81 29.67 -6.63
N PHE F 243 9.07 30.34 -5.51
CA PHE F 243 10.44 30.70 -5.14
C PHE F 243 11.37 29.50 -4.92
N LEU F 244 10.85 28.32 -4.58
CA LEU F 244 11.66 27.10 -4.49
C LEU F 244 12.33 26.77 -5.82
N ALA F 245 11.71 27.14 -6.94
CA ALA F 245 12.25 26.90 -8.27
C ALA F 245 13.38 27.85 -8.64
N LEU F 246 13.55 28.98 -7.95
CA LEU F 246 14.70 29.87 -8.18
C LEU F 246 16.01 29.12 -7.93
N PHE F 247 16.02 28.24 -6.92
CA PHE F 247 17.15 27.38 -6.55
C PHE F 247 17.10 26.01 -7.21
N SER F 248 15.95 25.32 -7.17
CA SER F 248 15.81 23.97 -7.71
C SER F 248 16.05 23.89 -9.20
N GLY F 249 15.94 24.99 -9.94
CA GLY F 249 16.01 25.05 -11.40
C GLY F 249 14.78 24.47 -12.10
N ASP F 250 14.01 23.66 -11.40
CA ASP F 250 12.85 22.87 -11.83
C ASP F 250 11.61 23.75 -12.17
N THR F 251 11.76 24.66 -13.12
CA THR F 251 10.69 25.45 -13.71
C THR F 251 11.00 25.82 -15.15
N GLY F 252 9.96 25.96 -15.95
CA GLY F 252 10.07 26.39 -17.34
C GLY F 252 8.71 26.57 -18.00
N GLU F 253 8.68 27.32 -19.10
CA GLU F 253 7.46 27.63 -19.83
C GLU F 253 6.47 28.42 -18.97
N ILE F 254 6.95 29.50 -18.34
CA ILE F 254 6.12 30.46 -17.60
C ILE F 254 5.10 31.10 -18.54
N LYS F 255 3.82 31.07 -18.14
CA LYS F 255 2.68 31.53 -18.95
C LYS F 255 2.86 33.00 -19.34
N SER F 256 2.70 33.37 -20.60
CA SER F 256 2.95 34.75 -21.05
C SER F 256 2.08 35.80 -20.36
N GLU F 257 0.90 35.40 -19.90
CA GLU F 257 0.01 36.25 -19.11
C GLU F 257 0.67 36.78 -17.83
N VAL F 258 1.53 35.99 -17.18
CA VAL F 258 2.29 36.43 -16.01
C VAL F 258 3.32 37.46 -16.44
N ARG F 259 4.14 37.19 -17.46
CA ARG F 259 5.20 38.11 -17.85
C ARG F 259 4.67 39.49 -18.24
N GLU F 260 3.57 39.56 -18.98
CA GLU F 260 2.99 40.86 -19.35
C GLU F 260 2.27 41.54 -18.19
N GLN F 261 1.72 40.81 -17.23
CA GLN F 261 1.29 41.39 -15.97
C GLN F 261 2.46 42.01 -15.21
N ILE F 262 3.62 41.33 -15.13
CA ILE F 262 4.78 41.89 -14.45
C ILE F 262 5.28 43.15 -15.17
N ASN F 263 5.25 43.22 -16.51
CA ASN F 263 5.58 44.49 -17.19
C ASN F 263 4.66 45.62 -16.72
N ALA F 264 3.35 45.41 -16.71
CA ALA F 264 2.40 46.42 -16.31
C ALA F 264 2.62 46.85 -14.86
N LYS F 265 2.79 45.90 -13.94
CA LYS F 265 3.02 46.19 -12.52
C LYS F 265 4.36 46.90 -12.29
N VAL F 266 5.44 46.47 -12.92
CA VAL F 266 6.74 47.10 -12.72
C VAL F 266 6.82 48.48 -13.35
N ALA F 267 6.18 48.68 -14.51
CA ALA F 267 6.00 50.03 -15.04
C ALA F 267 5.15 50.90 -14.11
N GLU F 268 4.05 50.36 -13.59
CA GLU F 268 3.20 51.06 -12.63
C GLU F 268 3.96 51.46 -11.37
N TRP F 269 4.72 50.57 -10.73
CA TRP F 269 5.55 50.94 -9.59
C TRP F 269 6.53 52.05 -9.92
N ARG F 270 7.10 52.07 -11.13
CA ARG F 270 8.02 53.12 -11.55
C ARG F 270 7.30 54.47 -11.71
N GLU F 271 6.09 54.50 -12.24
CA GLU F 271 5.26 55.72 -12.29
C GLU F 271 4.79 56.17 -10.90
N GLU F 272 4.46 55.23 -10.01
CA GLU F 272 4.14 55.50 -8.61
C GLU F 272 5.38 55.84 -7.76
N GLY F 273 6.58 55.84 -8.35
CA GLY F 273 7.86 56.15 -7.70
C GLY F 273 8.36 55.09 -6.71
N LYS F 274 7.65 53.98 -6.53
CA LYS F 274 7.93 52.98 -5.49
C LYS F 274 9.14 52.09 -5.80
N ALA F 275 9.54 51.96 -7.05
CA ALA F 275 10.68 51.17 -7.51
C ALA F 275 11.39 51.84 -8.68
N GLU F 276 12.64 51.47 -8.96
CA GLU F 276 13.39 51.97 -10.11
C GLU F 276 14.06 50.82 -10.87
N ILE F 277 14.17 50.95 -12.18
CA ILE F 277 14.60 49.86 -13.08
C ILE F 277 16.03 50.13 -13.50
N ILE F 278 16.91 49.20 -13.21
CA ILE F 278 18.33 49.19 -13.56
C ILE F 278 18.49 48.18 -14.70
N PRO F 279 18.70 48.63 -15.94
CA PRO F 279 18.91 47.73 -17.07
C PRO F 279 20.28 47.10 -17.00
N GLY F 280 20.36 45.78 -17.07
CA GLY F 280 21.63 45.06 -17.10
C GLY F 280 22.06 44.66 -18.50
N VAL F 281 22.94 43.66 -18.57
CA VAL F 281 23.48 43.09 -19.80
C VAL F 281 23.14 41.61 -19.86
N LEU F 282 22.88 41.08 -21.06
CA LEU F 282 22.95 39.65 -21.33
C LEU F 282 24.13 39.42 -22.27
N PHE F 283 25.11 38.63 -21.85
CA PHE F 283 26.25 38.28 -22.68
C PHE F 283 26.09 36.85 -23.16
N ILE F 284 26.08 36.65 -24.48
CA ILE F 284 26.00 35.32 -25.09
C ILE F 284 27.33 35.06 -25.77
N ASP F 285 28.21 34.34 -25.10
CA ASP F 285 29.51 33.97 -25.63
C ASP F 285 29.35 32.83 -26.64
N GLU F 286 30.06 32.88 -27.75
CA GLU F 286 29.83 32.02 -28.91
C GLU F 286 28.35 31.97 -29.30
N VAL F 287 27.76 33.13 -29.64
CA VAL F 287 26.36 33.18 -30.09
C VAL F 287 26.14 32.37 -31.37
N HIS F 288 27.17 32.14 -32.18
CA HIS F 288 27.02 31.57 -33.53
C HIS F 288 26.28 30.22 -33.58
N MET F 289 26.20 29.50 -32.46
CA MET F 289 25.55 28.20 -32.42
C MET F 289 24.14 28.18 -31.83
N LEU F 290 23.55 29.35 -31.58
CA LEU F 290 22.11 29.51 -31.47
C LEU F 290 21.45 28.97 -32.76
N ASP F 291 20.40 28.18 -32.61
CA ASP F 291 19.63 27.63 -33.74
C ASP F 291 18.83 28.74 -34.45
N ILE F 292 18.56 28.62 -35.76
CA ILE F 292 17.74 29.56 -36.53
C ILE F 292 16.44 29.99 -35.83
N GLU F 293 15.71 29.09 -35.18
CA GLU F 293 14.50 29.43 -34.43
C GLU F 293 14.81 30.37 -33.28
N SER F 294 15.89 30.10 -32.56
CA SER F 294 16.30 30.94 -31.44
C SER F 294 16.85 32.28 -31.93
N PHE F 295 17.51 32.37 -33.08
CA PHE F 295 17.85 33.66 -33.65
C PHE F 295 16.60 34.44 -34.01
N SER F 296 15.59 33.82 -34.63
CA SER F 296 14.37 34.56 -34.97
C SER F 296 13.63 35.09 -33.75
N PHE F 297 13.67 34.40 -32.60
CA PHE F 297 13.08 34.91 -31.37
C PHE F 297 13.72 36.24 -30.92
N LEU F 298 15.04 36.39 -31.06
CA LEU F 298 15.71 37.64 -30.72
C LEU F 298 15.18 38.82 -31.53
N ASN F 299 14.64 38.59 -32.72
CA ASN F 299 14.07 39.66 -33.54
C ASN F 299 12.86 40.35 -32.87
N ARG F 300 12.14 39.70 -31.95
CA ARG F 300 11.13 40.39 -31.13
C ARG F 300 11.61 40.73 -29.74
N ALA F 301 12.42 39.90 -29.10
CA ALA F 301 12.90 40.21 -27.76
C ALA F 301 13.84 41.44 -27.70
N LEU F 302 14.57 41.78 -28.77
CA LEU F 302 15.30 43.06 -28.88
C LEU F 302 14.38 44.30 -29.00
N GLU F 303 13.06 44.16 -28.98
CA GLU F 303 12.12 45.28 -29.19
C GLU F 303 11.27 45.62 -27.98
N SER F 304 11.17 44.74 -26.98
CA SER F 304 10.41 45.00 -25.76
C SER F 304 10.98 46.21 -25.00
N ASP F 305 10.13 47.10 -24.49
CA ASP F 305 10.58 48.33 -23.82
C ASP F 305 11.18 48.12 -22.41
N MET F 306 11.50 46.88 -22.06
CA MET F 306 12.43 46.55 -20.97
C MET F 306 13.35 45.36 -21.30
N ALA F 307 13.79 45.23 -22.55
CA ALA F 307 14.91 44.34 -22.87
C ALA F 307 16.25 44.85 -22.30
N PRO F 308 17.17 43.97 -21.88
CA PRO F 308 18.57 44.31 -21.60
C PRO F 308 19.28 44.80 -22.85
N VAL F 309 20.53 45.25 -22.74
CA VAL F 309 21.41 45.21 -23.92
C VAL F 309 21.92 43.79 -24.10
N LEU F 310 22.09 43.31 -25.34
CA LEU F 310 22.77 42.05 -25.62
C LEU F 310 24.17 42.29 -26.12
N ILE F 311 25.12 41.53 -25.60
CA ILE F 311 26.46 41.49 -26.14
C ILE F 311 26.74 40.07 -26.59
N MET F 312 27.05 39.90 -27.85
CA MET F 312 27.24 38.59 -28.46
C MET F 312 28.67 38.48 -28.90
N ALA F 313 29.42 37.49 -28.44
CA ALA F 313 30.75 37.23 -28.98
C ALA F 313 30.66 36.13 -30.03
N THR F 314 31.42 36.21 -31.11
CA THR F 314 31.48 35.12 -32.09
C THR F 314 32.74 35.15 -32.95
N ASN F 315 33.05 33.99 -33.52
CA ASN F 315 34.41 33.60 -33.90
C ASN F 315 34.47 33.01 -35.32
N ARG F 316 33.48 33.29 -36.18
CA ARG F 316 33.18 32.54 -37.41
C ARG F 316 33.21 33.40 -38.67
N GLY F 317 33.70 32.83 -39.77
CA GLY F 317 33.59 33.39 -41.12
C GLY F 317 32.20 33.18 -41.69
N ILE F 318 32.00 33.40 -42.99
CA ILE F 318 30.73 33.05 -43.64
C ILE F 318 30.50 31.56 -43.51
N THR F 319 29.42 31.16 -42.84
CA THR F 319 29.23 29.78 -42.33
C THR F 319 27.76 29.37 -42.34
N ARG F 320 27.48 28.07 -42.40
CA ARG F 320 26.14 27.49 -42.33
C ARG F 320 25.44 27.84 -41.01
N ILE F 321 24.26 28.46 -41.06
CA ILE F 321 23.47 28.77 -39.87
C ILE F 321 22.90 27.48 -39.27
N ARG F 322 23.10 27.20 -37.99
CA ARG F 322 22.64 25.94 -37.37
C ARG F 322 21.15 25.73 -37.54
N GLY F 323 20.78 24.52 -37.97
CA GLY F 323 19.40 24.14 -38.26
C GLY F 323 18.94 24.48 -39.68
N THR F 324 19.83 24.90 -40.58
CA THR F 324 19.49 25.22 -41.99
C THR F 324 20.59 24.85 -42.97
N SER F 325 20.26 24.87 -44.26
CA SER F 325 21.23 24.81 -45.35
C SER F 325 22.02 26.12 -45.57
N TYR F 326 21.42 27.27 -45.28
CA TYR F 326 21.91 28.59 -45.74
C TYR F 326 23.24 29.00 -45.08
N GLN F 327 24.05 29.79 -45.79
CA GLN F 327 25.29 30.36 -45.25
C GLN F 327 25.21 31.89 -45.13
N SER F 328 25.79 32.43 -44.06
CA SER F 328 25.74 33.87 -43.75
C SER F 328 26.94 34.35 -42.93
N PRO F 329 27.19 35.66 -42.83
CA PRO F 329 28.26 36.19 -41.99
C PRO F 329 28.08 35.75 -40.54
N HIS F 330 29.18 35.47 -39.86
CA HIS F 330 29.20 35.06 -38.45
C HIS F 330 28.40 33.80 -38.10
N GLY F 331 27.78 33.12 -39.07
CA GLY F 331 26.79 32.10 -38.77
C GLY F 331 25.48 32.66 -38.21
N ILE F 332 25.22 33.96 -38.37
CA ILE F 332 24.03 34.67 -37.87
C ILE F 332 23.10 35.05 -39.04
N PRO F 333 21.78 34.84 -38.97
CA PRO F 333 20.84 35.26 -40.01
C PRO F 333 20.91 36.76 -40.34
N ILE F 334 20.76 37.13 -41.61
CA ILE F 334 20.89 38.54 -42.02
C ILE F 334 19.84 39.45 -41.35
N ASP F 335 18.64 38.93 -41.08
CA ASP F 335 17.57 39.71 -40.43
C ASP F 335 17.86 40.03 -38.96
N LEU F 336 18.86 39.40 -38.33
CA LEU F 336 19.38 39.81 -37.02
C LEU F 336 20.62 40.67 -37.17
N LEU F 337 21.49 40.42 -38.15
CA LEU F 337 22.74 41.15 -38.29
C LEU F 337 22.58 42.66 -38.47
N ASP F 338 21.47 43.15 -39.02
CA ASP F 338 21.24 44.60 -39.10
C ASP F 338 20.50 45.18 -37.88
N ARG F 339 20.02 44.34 -36.96
CA ARG F 339 19.61 44.74 -35.60
C ARG F 339 20.82 44.81 -34.67
N LEU F 340 21.81 43.95 -34.88
CA LEU F 340 23.12 44.02 -34.23
C LEU F 340 23.88 45.25 -34.72
N LEU F 341 24.87 45.64 -33.93
CA LEU F 341 25.89 46.61 -34.31
C LEU F 341 27.26 45.95 -34.09
N ILE F 342 28.15 45.89 -35.08
CA ILE F 342 29.30 44.97 -35.02
C ILE F 342 30.58 45.70 -34.61
N VAL F 343 31.31 45.13 -33.66
CA VAL F 343 32.62 45.58 -33.18
C VAL F 343 33.66 44.54 -33.54
N SER F 344 34.69 44.91 -34.30
CA SER F 344 35.70 43.97 -34.80
C SER F 344 37.03 44.14 -34.10
N THR F 345 37.61 43.04 -33.61
CA THR F 345 38.97 42.99 -33.06
C THR F 345 40.03 43.06 -34.18
N THR F 346 41.31 42.93 -33.84
CA THR F 346 42.43 42.76 -34.80
C THR F 346 43.53 41.92 -34.16
N PRO F 347 44.30 41.09 -34.90
CA PRO F 347 45.42 40.35 -34.33
C PRO F 347 46.49 41.21 -33.64
N TYR F 348 47.17 40.66 -32.66
CA TYR F 348 48.22 41.37 -31.91
C TYR F 348 49.57 41.42 -32.63
N SER F 349 50.23 42.57 -32.57
CA SER F 349 51.64 42.69 -32.92
C SER F 349 52.55 41.99 -31.92
N GLU F 350 53.82 41.77 -32.27
CA GLU F 350 54.84 41.28 -31.34
C GLU F 350 54.97 42.19 -30.11
N LYS F 351 54.98 43.50 -30.33
CA LYS F 351 55.09 44.53 -29.28
C LYS F 351 53.95 44.46 -28.26
N ASP F 352 52.73 44.16 -28.71
CA ASP F 352 51.60 43.92 -27.81
C ASP F 352 51.71 42.55 -27.13
N THR F 353 52.10 41.52 -27.88
CA THR F 353 52.16 40.15 -27.35
C THR F 353 53.12 40.03 -26.18
N LYS F 354 54.25 40.73 -26.20
CA LYS F 354 55.13 40.86 -25.02
C LYS F 354 54.37 41.36 -23.80
N GLN F 355 53.60 42.42 -23.93
CA GLN F 355 52.94 43.06 -22.78
C GLN F 355 51.88 42.16 -22.17
N ILE F 356 51.09 41.45 -22.98
CA ILE F 356 50.10 40.51 -22.44
C ILE F 356 50.78 39.34 -21.73
N LEU F 357 51.88 38.80 -22.25
CA LEU F 357 52.59 37.73 -21.54
C LEU F 357 53.17 38.24 -20.20
N ARG F 358 53.73 39.45 -20.17
CA ARG F 358 54.16 40.10 -18.91
C ARG F 358 53.00 40.25 -17.94
N ILE F 359 51.82 40.67 -18.40
CA ILE F 359 50.62 40.79 -17.55
C ILE F 359 50.17 39.43 -17.00
N ARG F 360 50.21 38.35 -17.78
CA ARG F 360 49.93 37.02 -17.23
C ARG F 360 50.95 36.62 -16.18
N CYS F 361 52.24 36.89 -16.38
CA CYS F 361 53.26 36.55 -15.40
C CYS F 361 53.17 37.39 -14.13
N GLU F 362 52.82 38.66 -14.24
CA GLU F 362 52.47 39.50 -13.10
C GLU F 362 51.30 38.90 -12.31
N GLU F 363 50.27 38.38 -12.99
CA GLU F 363 49.14 37.75 -12.32
C GLU F 363 49.52 36.43 -11.64
N GLU F 364 50.26 35.55 -12.32
CA GLU F 364 50.69 34.26 -11.74
C GLU F 364 51.83 34.38 -10.71
N ASP F 365 52.39 35.58 -10.54
CA ASP F 365 53.57 35.86 -9.72
C ASP F 365 54.80 35.03 -10.15
N VAL F 366 55.20 35.22 -11.40
CA VAL F 366 56.27 34.50 -12.10
C VAL F 366 57.33 35.48 -12.60
N GLU F 367 58.60 35.08 -12.59
CA GLU F 367 59.71 35.88 -13.11
C GLU F 367 60.48 35.12 -14.20
N MET F 368 60.84 35.81 -15.27
CA MET F 368 61.46 35.22 -16.46
C MET F 368 62.57 36.12 -17.01
N SER F 369 63.61 35.53 -17.60
CA SER F 369 64.58 36.32 -18.38
C SER F 369 63.89 36.99 -19.59
N GLU F 370 64.36 38.16 -20.02
CA GLU F 370 63.88 38.78 -21.27
C GLU F 370 64.19 37.91 -22.50
N ASP F 371 65.20 37.03 -22.41
CA ASP F 371 65.42 35.99 -23.41
C ASP F 371 64.25 35.00 -23.44
N ALA F 372 63.76 34.57 -22.27
CA ALA F 372 62.61 33.68 -22.17
C ALA F 372 61.32 34.36 -22.66
N TYR F 373 61.08 35.63 -22.32
CA TYR F 373 59.97 36.38 -22.92
C TYR F 373 60.12 36.47 -24.45
N THR F 374 61.33 36.66 -24.96
CA THR F 374 61.56 36.73 -26.41
C THR F 374 61.17 35.43 -27.09
N VAL F 375 61.73 34.31 -26.64
CA VAL F 375 61.42 32.99 -27.21
C VAL F 375 59.96 32.65 -27.04
N LEU F 376 59.37 32.90 -25.87
CA LEU F 376 57.95 32.65 -25.68
C LEU F 376 57.07 33.53 -26.56
N THR F 377 57.45 34.79 -26.79
CA THR F 377 56.69 35.65 -27.70
C THR F 377 56.73 35.09 -29.11
N ARG F 378 57.90 34.62 -29.57
CA ARG F 378 57.98 33.93 -30.87
C ARG F 378 57.08 32.71 -30.90
N ILE F 379 57.11 31.86 -29.87
CA ILE F 379 56.23 30.69 -29.82
C ILE F 379 54.75 31.10 -29.87
N GLY F 380 54.38 32.14 -29.13
CA GLY F 380 53.02 32.70 -29.10
C GLY F 380 52.65 33.52 -30.34
N LEU F 381 53.50 33.54 -31.36
CA LEU F 381 53.29 34.23 -32.63
C LEU F 381 53.38 33.24 -33.80
N GLU F 382 54.30 32.29 -33.74
CA GLU F 382 54.41 31.12 -34.61
C GLU F 382 53.24 30.13 -34.39
N THR F 383 52.62 30.16 -33.21
CA THR F 383 51.40 29.42 -32.84
C THR F 383 50.49 30.32 -32.00
N SER F 384 49.23 29.95 -31.83
CA SER F 384 48.22 30.82 -31.20
C SER F 384 48.63 31.35 -29.83
N LEU F 385 48.29 32.61 -29.53
CA LEU F 385 48.58 33.28 -28.25
C LEU F 385 48.25 32.42 -27.05
N ARG F 386 47.08 31.77 -27.07
CA ARG F 386 46.58 31.02 -25.92
C ARG F 386 47.44 29.78 -25.59
N TYR F 387 48.29 29.33 -26.50
CA TYR F 387 49.29 28.31 -26.20
C TYR F 387 50.48 28.88 -25.41
N ALA F 388 51.01 30.05 -25.76
CA ALA F 388 52.08 30.67 -24.97
C ALA F 388 51.62 31.00 -23.55
N ILE F 389 50.38 31.47 -23.39
CA ILE F 389 49.75 31.67 -22.07
C ILE F 389 49.65 30.37 -21.27
N GLN F 390 49.73 29.19 -21.90
CA GLN F 390 49.74 27.90 -21.22
C GLN F 390 51.15 27.37 -20.95
N LEU F 391 52.19 27.85 -21.63
CA LEU F 391 53.58 27.46 -21.30
C LEU F 391 54.09 28.12 -20.02
N ILE F 392 53.70 29.35 -19.68
CA ILE F 392 54.30 30.07 -18.54
C ILE F 392 54.14 29.35 -17.20
N THR F 393 52.98 28.75 -16.93
CA THR F 393 52.80 28.04 -15.65
C THR F 393 53.68 26.79 -15.64
N ALA F 394 53.66 26.02 -16.72
CA ALA F 394 54.49 24.84 -16.84
C ALA F 394 55.99 25.20 -16.76
N ALA F 395 56.43 26.30 -17.35
CA ALA F 395 57.80 26.77 -17.21
C ALA F 395 58.14 27.09 -15.75
N SER F 396 57.20 27.63 -14.99
CA SER F 396 57.38 27.89 -13.56
C SER F 396 57.55 26.60 -12.77
N LEU F 397 56.73 25.58 -13.06
CA LEU F 397 56.78 24.29 -12.36
C LEU F 397 58.03 23.48 -12.74
N VAL F 398 58.46 23.52 -14.00
CA VAL F 398 59.75 22.98 -14.41
C VAL F 398 60.90 23.72 -13.71
N CYS F 399 60.84 25.04 -13.61
CA CYS F 399 61.83 25.82 -12.86
C CYS F 399 61.90 25.39 -11.39
N ARG F 400 60.76 25.18 -10.71
CA ARG F 400 60.74 24.63 -9.33
C ARG F 400 61.42 23.27 -9.28
N LYS F 401 61.10 22.34 -10.19
CA LYS F 401 61.73 21.01 -10.23
C LYS F 401 63.24 21.08 -10.54
N ARG F 402 63.66 22.04 -11.36
CA ARG F 402 65.05 22.42 -11.65
C ARG F 402 65.75 23.13 -10.48
N LYS F 403 65.03 23.36 -9.36
CA LYS F 403 65.48 24.09 -8.16
C LYS F 403 65.86 25.56 -8.44
N GLY F 404 65.29 26.14 -9.48
CA GLY F 404 65.50 27.52 -9.90
C GLY F 404 64.59 28.52 -9.17
N THR F 405 64.52 29.74 -9.71
CA THR F 405 63.69 30.83 -9.17
C THR F 405 63.21 31.80 -10.25
N GLU F 406 64.04 32.13 -11.23
CA GLU F 406 63.69 32.88 -12.44
C GLU F 406 63.81 31.96 -13.67
N VAL F 407 62.77 31.85 -14.48
CA VAL F 407 62.73 30.86 -15.58
C VAL F 407 63.56 31.29 -16.79
N GLN F 408 64.05 30.32 -17.55
CA GLN F 408 65.04 30.52 -18.62
C GLN F 408 64.63 29.81 -19.92
N VAL F 409 65.28 30.17 -21.03
CA VAL F 409 64.97 29.63 -22.36
C VAL F 409 65.03 28.11 -22.38
N ASP F 410 65.96 27.50 -21.65
CA ASP F 410 66.05 26.05 -21.56
C ASP F 410 64.81 25.42 -20.91
N ASP F 411 64.16 26.10 -19.95
CA ASP F 411 62.88 25.67 -19.40
C ASP F 411 61.76 25.80 -20.44
N ILE F 412 61.72 26.91 -21.20
CA ILE F 412 60.71 27.09 -22.26
C ILE F 412 60.86 26.00 -23.33
N LYS F 413 62.07 25.78 -23.85
CA LYS F 413 62.36 24.73 -24.84
C LYS F 413 62.03 23.34 -24.32
N ARG F 414 62.27 23.05 -23.03
CA ARG F 414 61.84 21.78 -22.43
C ARG F 414 60.33 21.66 -22.46
N VAL F 415 59.58 22.63 -21.93
CA VAL F 415 58.11 22.53 -21.90
C VAL F 415 57.52 22.48 -23.31
N TYR F 416 58.05 23.27 -24.23
CA TYR F 416 57.67 23.21 -25.64
C TYR F 416 57.88 21.81 -26.25
N SER F 417 58.90 21.07 -25.80
CA SER F 417 59.09 19.68 -26.21
C SER F 417 58.09 18.72 -25.56
N LEU F 418 57.59 19.03 -24.36
CA LEU F 418 56.66 18.19 -23.61
C LEU F 418 55.20 18.39 -24.04
N PHE F 419 54.72 19.64 -24.16
CA PHE F 419 53.34 19.95 -24.51
C PHE F 419 53.25 20.53 -25.90
N LEU F 420 52.55 19.85 -26.79
CA LEU F 420 52.39 20.24 -28.19
C LEU F 420 51.22 21.19 -28.40
N ASP F 421 51.31 22.02 -29.44
CA ASP F 421 50.16 22.74 -29.99
C ASP F 421 49.47 21.91 -31.08
N GLU F 422 48.35 22.40 -31.60
CA GLU F 422 47.66 21.80 -32.75
C GLU F 422 48.62 21.59 -33.94
N SER F 423 49.35 22.62 -34.38
CA SER F 423 50.11 22.52 -35.63
C SER F 423 51.17 21.42 -35.57
N ARG F 424 51.93 21.30 -34.47
CA ARG F 424 52.85 20.17 -34.30
C ARG F 424 52.12 18.86 -34.06
N SER F 425 51.06 18.82 -33.26
CA SER F 425 50.40 17.56 -32.96
C SER F 425 49.76 16.93 -34.20
N THR F 426 49.04 17.71 -35.00
CA THR F 426 48.50 17.22 -36.27
C THR F 426 49.61 16.81 -37.25
N GLN F 427 50.75 17.50 -37.26
CA GLN F 427 51.90 17.06 -38.06
C GLN F 427 52.38 15.67 -37.65
N TYR F 428 52.55 15.38 -36.36
CA TYR F 428 52.93 14.03 -35.91
C TYR F 428 51.83 13.00 -36.11
N MET F 429 50.56 13.38 -36.04
CA MET F 429 49.45 12.46 -36.24
C MET F 429 49.48 11.81 -37.64
N LYS F 430 49.85 12.58 -38.67
CA LYS F 430 49.98 12.06 -40.04
C LYS F 430 51.00 10.93 -40.16
N GLU F 431 52.09 10.98 -39.40
CA GLU F 431 53.15 9.97 -39.47
C GLU F 431 52.76 8.59 -38.90
N TYR F 432 51.61 8.50 -38.23
CA TYR F 432 51.07 7.25 -37.68
C TYR F 432 49.57 7.10 -37.98
N GLN F 433 49.06 7.75 -39.03
CA GLN F 433 47.64 8.04 -39.15
C GLN F 433 46.75 6.81 -39.07
N ASP F 434 47.08 5.73 -39.79
CA ASP F 434 46.27 4.53 -39.79
C ASP F 434 46.24 3.76 -38.45
N ALA F 435 47.05 4.15 -37.47
CA ALA F 435 46.94 3.63 -36.10
C ALA F 435 45.87 4.36 -35.28
N PHE F 436 45.52 5.60 -35.61
CA PHE F 436 44.37 6.29 -35.04
C PHE F 436 43.07 5.76 -35.65
N LEU F 437 41.95 5.92 -34.94
CA LEU F 437 40.66 5.47 -35.46
C LEU F 437 39.98 6.51 -36.35
N PHE F 438 39.34 6.04 -37.42
CA PHE F 438 38.50 6.81 -38.35
C PHE F 438 39.21 8.00 -39.01
N ASN F 439 39.60 7.84 -40.28
CA ASN F 439 40.38 8.83 -41.06
C ASN F 439 41.72 9.17 -40.36
N LEU G 1 -81.93 -15.10 -3.88
CA LEU G 1 -81.46 -16.10 -4.86
C LEU G 1 -82.13 -15.85 -6.22
N LYS G 2 -81.37 -15.82 -7.31
CA LYS G 2 -81.92 -15.75 -8.69
C LYS G 2 -82.56 -17.07 -9.09
N GLY G 3 -83.56 -17.04 -9.96
CA GLY G 3 -84.41 -18.20 -10.29
C GLY G 3 -83.65 -19.46 -10.74
N TYR G 4 -82.55 -19.31 -11.51
CA TYR G 4 -81.73 -20.45 -11.92
C TYR G 4 -81.07 -21.17 -10.73
N GLN G 5 -80.76 -20.45 -9.65
CA GLN G 5 -80.20 -21.04 -8.42
C GLN G 5 -81.25 -21.94 -7.76
N LEU G 6 -82.50 -21.49 -7.70
CA LEU G 6 -83.64 -22.27 -7.20
C LEU G 6 -83.92 -23.50 -8.09
N LYS G 7 -83.82 -23.36 -9.42
CA LYS G 7 -83.98 -24.47 -10.37
C LYS G 7 -82.94 -25.58 -10.15
N GLY G 8 -81.66 -25.21 -10.03
CA GLY G 8 -80.60 -26.16 -9.68
C GLY G 8 -80.84 -26.79 -8.30
N MET G 9 -81.29 -26.01 -7.32
CA MET G 9 -81.65 -26.50 -6.00
C MET G 9 -82.74 -27.59 -6.05
N ASN G 10 -83.82 -27.38 -6.81
CA ASN G 10 -84.84 -28.42 -6.93
C ASN G 10 -84.34 -29.66 -7.71
N TRP G 11 -83.39 -29.53 -8.63
CA TRP G 11 -82.75 -30.71 -9.22
C TRP G 11 -81.89 -31.48 -8.21
N LEU G 12 -81.15 -30.79 -7.34
CA LEU G 12 -80.48 -31.45 -6.21
C LEU G 12 -81.49 -32.07 -5.23
N ALA G 13 -82.63 -31.43 -5.00
CA ALA G 13 -83.71 -32.01 -4.21
C ALA G 13 -84.28 -33.29 -4.86
N ASN G 14 -84.42 -33.33 -6.20
CA ASN G 14 -84.79 -34.56 -6.90
C ASN G 14 -83.74 -35.67 -6.71
N LEU G 15 -82.44 -35.37 -6.81
CA LEU G 15 -81.41 -36.36 -6.51
C LEU G 15 -81.42 -36.79 -5.04
N TYR G 16 -81.74 -35.90 -4.11
CA TYR G 16 -81.96 -36.24 -2.69
C TYR G 16 -83.14 -37.22 -2.52
N GLU G 17 -84.29 -36.94 -3.14
CA GLU G 17 -85.46 -37.82 -3.10
C GLU G 17 -85.18 -39.19 -3.76
N GLN G 18 -84.37 -39.21 -4.81
CA GLN G 18 -83.99 -40.43 -5.53
C GLN G 18 -82.78 -41.17 -4.89
N GLY G 19 -82.08 -40.55 -3.93
CA GLY G 19 -80.89 -41.11 -3.27
C GLY G 19 -79.65 -41.22 -4.17
N ILE G 20 -79.42 -40.23 -5.03
CA ILE G 20 -78.39 -40.25 -6.09
C ILE G 20 -77.26 -39.26 -5.79
N ASN G 21 -76.00 -39.73 -5.85
CA ASN G 21 -74.81 -38.87 -5.80
C ASN G 21 -74.57 -38.17 -7.16
N GLY G 22 -74.02 -36.95 -7.19
CA GLY G 22 -73.90 -36.18 -8.44
C GLY G 22 -72.93 -34.99 -8.41
N ILE G 23 -72.72 -34.37 -9.57
CA ILE G 23 -71.75 -33.28 -9.81
C ILE G 23 -72.49 -31.96 -10.15
N LEU G 24 -72.27 -30.92 -9.35
CA LEU G 24 -72.90 -29.60 -9.54
C LEU G 24 -72.17 -28.77 -10.62
N ALA G 25 -71.93 -29.35 -11.79
CA ALA G 25 -71.06 -28.83 -12.85
C ALA G 25 -71.63 -27.65 -13.68
N ASP G 26 -72.58 -26.89 -13.13
CA ASP G 26 -72.92 -25.54 -13.62
C ASP G 26 -71.66 -24.65 -13.74
N GLU G 27 -71.70 -23.59 -14.54
CA GLU G 27 -70.54 -22.70 -14.72
C GLU G 27 -70.10 -22.03 -13.40
N MET G 28 -68.86 -21.54 -13.37
CA MET G 28 -68.30 -20.80 -12.24
C MET G 28 -68.77 -19.34 -12.21
N GLY G 29 -68.83 -18.74 -11.01
CA GLY G 29 -69.30 -17.37 -10.81
C GLY G 29 -70.82 -17.23 -10.64
N LEU G 30 -71.52 -18.33 -10.39
CA LEU G 30 -72.98 -18.43 -10.37
C LEU G 30 -73.60 -18.58 -8.97
N GLY G 31 -72.80 -18.66 -7.91
CA GLY G 31 -73.23 -19.13 -6.60
C GLY G 31 -72.99 -20.64 -6.43
N LYS G 32 -71.80 -21.13 -6.80
CA LYS G 32 -71.39 -22.54 -6.77
C LYS G 32 -71.65 -23.19 -5.41
N THR G 33 -71.12 -22.59 -4.35
CA THR G 33 -71.39 -23.01 -2.97
C THR G 33 -72.81 -22.66 -2.55
N VAL G 34 -73.36 -21.52 -3.03
CA VAL G 34 -74.72 -21.05 -2.69
C VAL G 34 -75.82 -22.04 -3.10
N GLN G 35 -75.69 -22.70 -4.26
CA GLN G 35 -76.58 -23.78 -4.67
C GLN G 35 -76.54 -25.00 -3.71
N SER G 36 -75.53 -25.12 -2.85
CA SER G 36 -75.54 -26.10 -1.75
C SER G 36 -76.16 -25.56 -0.45
N ILE G 37 -76.05 -24.25 -0.16
CA ILE G 37 -76.50 -23.66 1.11
C ILE G 37 -77.99 -23.92 1.34
N ALA G 38 -78.80 -23.68 0.31
CA ALA G 38 -80.24 -23.85 0.37
C ALA G 38 -80.70 -25.30 0.63
N LEU G 39 -79.86 -26.33 0.46
CA LEU G 39 -80.21 -27.72 0.80
C LEU G 39 -80.62 -27.85 2.27
N LEU G 40 -80.04 -27.05 3.15
CA LEU G 40 -80.36 -27.05 4.58
C LEU G 40 -81.71 -26.37 4.86
N ALA G 41 -81.90 -25.16 4.33
CA ALA G 41 -83.00 -24.26 4.70
C ALA G 41 -84.28 -24.37 3.85
N HIS G 42 -84.20 -24.88 2.61
CA HIS G 42 -85.30 -24.83 1.63
C HIS G 42 -86.38 -25.89 1.88
N LEU G 43 -86.00 -27.11 2.25
CA LEU G 43 -86.92 -28.25 2.42
C LEU G 43 -87.76 -28.11 3.71
N ALA G 44 -89.08 -28.29 3.58
CA ALA G 44 -90.04 -28.25 4.69
C ALA G 44 -90.00 -29.51 5.60
N GLU G 45 -89.22 -30.52 5.25
CA GLU G 45 -89.18 -31.86 5.88
C GLU G 45 -88.39 -31.93 7.21
N ARG G 46 -88.03 -30.77 7.79
CA ARG G 46 -87.36 -30.54 9.09
C ARG G 46 -85.94 -31.09 9.27
N GLU G 47 -85.66 -32.33 8.85
CA GLU G 47 -84.39 -33.02 9.12
C GLU G 47 -83.17 -32.23 8.62
N ASN G 48 -83.28 -31.64 7.42
CA ASN G 48 -82.24 -30.83 6.79
C ASN G 48 -81.83 -29.58 7.61
N ILE G 49 -82.65 -29.13 8.56
CA ILE G 49 -82.38 -27.95 9.39
C ILE G 49 -81.54 -28.30 10.64
N TRP G 50 -81.58 -29.55 11.12
CA TRP G 50 -81.01 -29.96 12.42
C TRP G 50 -80.09 -31.19 12.38
N GLY G 51 -79.82 -31.74 11.19
CA GLY G 51 -78.90 -32.86 11.01
C GLY G 51 -77.40 -32.51 11.16
N PRO G 52 -76.52 -33.52 11.33
CA PRO G 52 -75.08 -33.38 11.19
C PRO G 52 -74.64 -33.41 9.71
N PHE G 53 -73.69 -32.57 9.31
CA PHE G 53 -73.18 -32.45 7.94
C PHE G 53 -71.67 -32.19 7.91
N LEU G 54 -71.00 -32.45 6.80
CA LEU G 54 -69.57 -32.16 6.66
C LEU G 54 -69.19 -31.67 5.25
N ILE G 55 -68.25 -30.72 5.20
CA ILE G 55 -67.67 -30.11 4.01
C ILE G 55 -66.19 -30.49 3.93
N ILE G 56 -65.72 -30.97 2.79
CA ILE G 56 -64.28 -31.04 2.47
C ILE G 56 -63.97 -30.07 1.34
N SER G 57 -62.83 -29.39 1.40
CA SER G 57 -62.51 -28.24 0.56
C SER G 57 -61.00 -28.07 0.35
N PRO G 58 -60.55 -27.34 -0.69
CA PRO G 58 -59.15 -26.96 -0.84
C PRO G 58 -58.80 -25.84 0.15
N ALA G 59 -57.60 -25.87 0.73
CA ALA G 59 -57.29 -25.14 1.96
C ALA G 59 -57.50 -23.61 1.85
N SER G 60 -57.22 -23.01 0.70
CA SER G 60 -57.42 -21.57 0.48
C SER G 60 -58.89 -21.11 0.55
N THR G 61 -59.85 -22.04 0.54
CA THR G 61 -61.30 -21.76 0.69
C THR G 61 -61.83 -21.97 2.12
N LEU G 62 -60.97 -22.27 3.08
CA LEU G 62 -61.34 -22.34 4.51
C LEU G 62 -61.57 -20.94 5.12
N ASN G 63 -62.29 -20.08 4.42
CA ASN G 63 -62.66 -18.74 4.86
C ASN G 63 -64.05 -18.37 4.33
N ASN G 64 -64.26 -18.34 3.01
CA ASN G 64 -65.60 -18.12 2.46
C ASN G 64 -66.59 -19.22 2.87
N TRP G 65 -66.15 -20.46 3.06
CA TRP G 65 -67.00 -21.53 3.60
C TRP G 65 -67.59 -21.26 4.99
N HIS G 66 -67.02 -20.36 5.82
CA HIS G 66 -67.72 -19.89 7.03
C HIS G 66 -68.39 -18.52 6.82
N GLN G 67 -67.82 -17.61 6.02
CA GLN G 67 -68.42 -16.30 5.75
C GLN G 67 -69.78 -16.39 5.05
N GLU G 68 -69.99 -17.36 4.17
CA GLU G 68 -71.29 -17.58 3.52
C GLU G 68 -72.41 -17.78 4.56
N PHE G 69 -72.14 -18.59 5.58
CA PHE G 69 -73.02 -18.82 6.74
C PHE G 69 -73.02 -17.65 7.74
N THR G 70 -72.63 -16.44 7.30
CA THR G 70 -72.91 -15.17 7.98
C THR G 70 -73.87 -14.27 7.18
N ARG G 71 -74.26 -14.64 5.95
CA ARG G 71 -75.14 -13.81 5.10
C ARG G 71 -76.27 -14.54 4.37
N PHE G 72 -76.05 -15.75 3.83
CA PHE G 72 -77.08 -16.46 3.07
C PHE G 72 -78.17 -17.01 3.99
N VAL G 73 -77.77 -17.72 5.05
CA VAL G 73 -78.55 -17.99 6.26
C VAL G 73 -77.58 -18.04 7.45
N PRO G 74 -77.64 -17.09 8.41
CA PRO G 74 -76.71 -17.01 9.53
C PRO G 74 -77.03 -17.95 10.72
N LYS G 75 -78.10 -18.74 10.61
CA LYS G 75 -78.68 -19.54 11.70
C LYS G 75 -77.88 -20.82 12.03
N PHE G 76 -77.03 -21.30 11.13
CA PHE G 76 -76.38 -22.61 11.23
C PHE G 76 -75.31 -22.69 12.33
N LYS G 77 -75.28 -23.81 13.07
CA LYS G 77 -74.17 -24.20 13.94
C LYS G 77 -73.04 -24.79 13.09
N VAL G 78 -72.13 -23.94 12.60
CA VAL G 78 -71.01 -24.32 11.74
C VAL G 78 -69.67 -24.27 12.47
N LEU G 79 -68.88 -25.34 12.33
CA LEU G 79 -67.58 -25.56 12.99
C LEU G 79 -66.45 -25.66 11.93
N PRO G 80 -65.49 -24.72 11.89
CA PRO G 80 -64.27 -24.89 11.12
C PRO G 80 -63.33 -25.93 11.78
N TYR G 81 -62.51 -26.62 11.00
CA TYR G 81 -61.53 -27.58 11.52
C TYR G 81 -60.21 -27.56 10.74
N TRP G 82 -59.21 -26.82 11.25
CA TRP G 82 -57.80 -26.80 10.80
C TRP G 82 -56.89 -26.16 11.86
N GLY G 83 -55.56 -26.27 11.72
CA GLY G 83 -54.55 -25.67 12.62
C GLY G 83 -53.53 -26.68 13.16
N ASN G 84 -52.70 -26.27 14.12
CA ASN G 84 -51.82 -27.19 14.88
C ASN G 84 -52.67 -28.25 15.60
N PRO G 85 -52.13 -29.41 16.01
CA PRO G 85 -52.95 -30.51 16.55
C PRO G 85 -53.94 -30.06 17.63
N HIS G 86 -53.47 -29.33 18.65
CA HIS G 86 -54.32 -28.83 19.73
C HIS G 86 -55.10 -27.55 19.38
N ASP G 87 -54.85 -26.93 18.23
CA ASP G 87 -55.80 -25.95 17.67
C ASP G 87 -57.05 -26.67 17.15
N ARG G 88 -56.84 -27.77 16.40
CA ARG G 88 -57.91 -28.48 15.71
C ARG G 88 -58.60 -29.55 16.56
N LYS G 89 -57.87 -30.57 17.04
CA LYS G 89 -58.42 -31.74 17.75
C LYS G 89 -59.30 -31.35 18.93
N VAL G 90 -58.90 -30.33 19.67
CA VAL G 90 -59.60 -29.84 20.87
C VAL G 90 -61.06 -29.47 20.61
N ILE G 91 -61.43 -29.05 19.38
CA ILE G 91 -62.83 -28.74 19.06
C ILE G 91 -63.74 -29.98 19.18
N ARG G 92 -63.19 -31.19 19.01
CA ARG G 92 -63.93 -32.45 19.24
C ARG G 92 -64.33 -32.67 20.71
N ARG G 93 -63.64 -32.03 21.66
CA ARG G 93 -64.00 -32.04 23.08
C ARG G 93 -65.12 -31.06 23.43
N PHE G 94 -65.46 -30.13 22.52
CA PHE G 94 -66.57 -29.20 22.70
C PHE G 94 -67.90 -29.76 22.15
N TRP G 95 -67.90 -30.40 20.98
CA TRP G 95 -69.14 -30.94 20.39
C TRP G 95 -69.60 -32.28 20.96
N SER G 96 -68.76 -33.02 21.69
CA SER G 96 -69.08 -34.34 22.22
C SER G 96 -70.27 -34.32 23.18
N ALA G 105 -78.35 -33.62 16.34
CA ALA G 105 -76.92 -33.42 16.64
C ALA G 105 -76.69 -32.03 17.27
N PRO G 106 -75.76 -31.89 18.22
CA PRO G 106 -75.59 -30.66 19.00
C PRO G 106 -74.96 -29.49 18.23
N PHE G 107 -74.12 -29.77 17.23
CA PHE G 107 -73.55 -28.81 16.28
C PHE G 107 -73.61 -29.38 14.85
N HIS G 108 -73.97 -28.56 13.86
CA HIS G 108 -74.51 -29.07 12.59
C HIS G 108 -73.45 -29.41 11.57
N VAL G 109 -72.74 -28.42 11.00
CA VAL G 109 -71.88 -28.61 9.82
C VAL G 109 -70.41 -28.34 10.10
N VAL G 110 -69.54 -29.28 9.73
CA VAL G 110 -68.09 -29.21 9.96
C VAL G 110 -67.32 -28.93 8.66
N ILE G 111 -66.37 -28.00 8.67
CA ILE G 111 -65.57 -27.61 7.48
C ILE G 111 -64.15 -28.18 7.56
N THR G 112 -63.67 -28.85 6.51
CA THR G 112 -62.41 -29.62 6.50
C THR G 112 -61.66 -29.51 5.16
N SER G 113 -60.45 -30.08 5.09
CA SER G 113 -59.65 -30.17 3.87
C SER G 113 -58.89 -31.49 3.73
N TYR G 114 -58.57 -31.87 2.50
CA TYR G 114 -58.16 -33.23 2.13
C TYR G 114 -56.89 -33.74 2.82
N GLN G 115 -55.95 -32.85 3.12
CA GLN G 115 -54.71 -33.17 3.84
C GLN G 115 -54.97 -33.60 5.28
N LEU G 116 -55.98 -33.00 5.93
CA LEU G 116 -56.41 -33.36 7.28
C LEU G 116 -57.22 -34.65 7.26
N VAL G 117 -58.25 -34.71 6.41
CA VAL G 117 -59.21 -35.81 6.35
C VAL G 117 -58.55 -37.18 6.14
N VAL G 118 -57.54 -37.27 5.28
CA VAL G 118 -56.81 -38.53 5.02
C VAL G 118 -56.03 -39.05 6.25
N GLN G 119 -55.70 -38.19 7.22
CA GLN G 119 -55.12 -38.61 8.51
C GLN G 119 -56.18 -38.77 9.60
N ASP G 120 -57.16 -37.87 9.66
CA ASP G 120 -58.14 -37.75 10.75
C ASP G 120 -59.37 -38.65 10.63
N VAL G 121 -59.55 -39.41 9.55
CA VAL G 121 -60.77 -40.23 9.29
C VAL G 121 -61.21 -41.06 10.50
N LYS G 122 -60.24 -41.60 11.27
CA LYS G 122 -60.50 -42.37 12.50
C LYS G 122 -61.26 -41.58 13.57
N TYR G 123 -61.05 -40.27 13.67
CA TYR G 123 -61.84 -39.39 14.53
C TYR G 123 -63.18 -39.05 13.89
N PHE G 124 -63.20 -38.68 12.59
CA PHE G 124 -64.43 -38.27 11.92
C PHE G 124 -65.49 -39.37 11.90
N GLN G 125 -65.09 -40.63 11.74
CA GLN G 125 -66.00 -41.79 11.79
C GLN G 125 -66.68 -42.00 13.17
N ARG G 126 -66.27 -41.28 14.22
CA ARG G 126 -66.98 -41.25 15.52
C ARG G 126 -68.32 -40.53 15.47
N VAL G 127 -68.61 -39.79 14.39
CA VAL G 127 -69.87 -39.07 14.15
C VAL G 127 -70.43 -39.42 12.77
N LYS G 128 -71.73 -39.69 12.68
CA LYS G 128 -72.44 -39.86 11.41
C LYS G 128 -72.83 -38.51 10.79
N TRP G 129 -72.96 -38.48 9.47
CA TRP G 129 -73.43 -37.31 8.72
C TRP G 129 -74.68 -37.68 7.91
N GLN G 130 -75.59 -36.73 7.70
CA GLN G 130 -76.69 -36.93 6.76
C GLN G 130 -76.22 -36.75 5.32
N TYR G 131 -75.57 -35.61 5.00
CA TYR G 131 -75.08 -35.27 3.67
C TYR G 131 -73.59 -34.90 3.69
N MET G 132 -72.89 -35.24 2.62
CA MET G 132 -71.49 -34.91 2.36
C MET G 132 -71.38 -33.87 1.25
N VAL G 133 -70.70 -32.75 1.53
CA VAL G 133 -70.35 -31.72 0.54
C VAL G 133 -68.86 -31.79 0.27
N LEU G 134 -68.48 -31.94 -1.00
CA LEU G 134 -67.09 -32.18 -1.38
C LEU G 134 -66.70 -31.20 -2.48
N ASP G 135 -65.88 -30.21 -2.11
CA ASP G 135 -65.61 -29.01 -2.90
C ASP G 135 -64.26 -29.07 -3.62
N GLU G 136 -64.27 -28.69 -4.89
CA GLU G 136 -63.21 -28.93 -5.87
C GLU G 136 -62.85 -30.41 -5.93
N ALA G 137 -63.88 -31.24 -6.11
CA ALA G 137 -63.81 -32.70 -6.07
C ALA G 137 -62.81 -33.31 -7.07
N GLN G 138 -62.34 -32.59 -8.08
CA GLN G 138 -61.22 -33.02 -8.92
C GLN G 138 -59.94 -33.32 -8.11
N ALA G 139 -59.84 -32.90 -6.85
CA ALA G 139 -58.82 -33.38 -5.92
C ALA G 139 -58.79 -34.91 -5.74
N LEU G 140 -59.91 -35.60 -6.05
CA LEU G 140 -60.09 -37.05 -5.93
C LEU G 140 -59.85 -37.82 -7.25
N LYS G 141 -59.42 -37.14 -8.31
CA LYS G 141 -59.25 -37.69 -9.67
C LYS G 141 -58.36 -38.94 -9.79
N SER G 142 -57.44 -39.14 -8.85
CA SER G 142 -56.50 -40.27 -8.81
C SER G 142 -57.02 -41.36 -7.84
N SER G 143 -57.62 -42.43 -8.37
CA SER G 143 -58.08 -43.57 -7.55
C SER G 143 -56.93 -44.33 -6.88
N SER G 144 -55.70 -44.19 -7.39
CA SER G 144 -54.49 -44.69 -6.74
C SER G 144 -54.15 -43.98 -5.43
N SER G 145 -54.69 -42.77 -5.19
CA SER G 145 -54.37 -41.95 -4.02
C SER G 145 -54.85 -42.57 -2.71
N VAL G 146 -54.06 -42.39 -1.65
CA VAL G 146 -54.48 -42.67 -0.26
C VAL G 146 -55.72 -41.85 0.07
N ARG G 147 -55.77 -40.60 -0.43
CA ARG G 147 -56.93 -39.72 -0.24
C ARG G 147 -58.22 -40.37 -0.73
N TRP G 148 -58.32 -40.79 -2.00
CA TRP G 148 -59.54 -41.40 -2.54
C TRP G 148 -59.89 -42.73 -1.85
N LYS G 149 -58.88 -43.59 -1.61
CA LYS G 149 -59.05 -44.86 -0.92
C LYS G 149 -59.65 -44.72 0.49
N ILE G 150 -59.41 -43.59 1.16
CA ILE G 150 -60.00 -43.26 2.45
C ILE G 150 -61.31 -42.48 2.32
N LEU G 151 -61.39 -41.49 1.44
CA LEU G 151 -62.59 -40.63 1.28
C LEU G 151 -63.83 -41.41 0.82
N LEU G 152 -63.65 -42.54 0.14
CA LEU G 152 -64.73 -43.49 -0.15
C LEU G 152 -65.45 -44.03 1.10
N GLN G 153 -64.84 -43.91 2.29
CA GLN G 153 -65.25 -44.55 3.54
C GLN G 153 -65.87 -43.56 4.56
N PHE G 154 -66.34 -42.40 4.09
CA PHE G 154 -67.24 -41.51 4.84
C PHE G 154 -68.71 -41.94 4.75
N GLN G 155 -69.50 -41.62 5.78
CA GLN G 155 -70.84 -42.16 5.99
C GLN G 155 -71.91 -41.07 5.83
N CYS G 156 -72.81 -41.24 4.87
CA CYS G 156 -73.90 -40.31 4.54
C CYS G 156 -74.95 -40.99 3.64
N ARG G 157 -76.12 -40.37 3.45
CA ARG G 157 -77.08 -40.78 2.40
C ARG G 157 -76.75 -40.21 1.01
N ASN G 158 -76.18 -39.01 0.93
CA ASN G 158 -75.83 -38.35 -0.34
C ASN G 158 -74.42 -37.73 -0.28
N ARG G 159 -73.65 -37.87 -1.37
CA ARG G 159 -72.40 -37.16 -1.65
C ARG G 159 -72.61 -36.23 -2.84
N LEU G 160 -72.39 -34.92 -2.65
CA LEU G 160 -72.48 -33.93 -3.72
C LEU G 160 -71.10 -33.35 -4.03
N LEU G 161 -70.69 -33.49 -5.29
CA LEU G 161 -69.39 -33.03 -5.76
C LEU G 161 -69.54 -31.63 -6.37
N LEU G 162 -68.76 -30.67 -5.87
CA LEU G 162 -68.68 -29.32 -6.43
C LEU G 162 -67.34 -29.19 -7.15
N THR G 163 -67.32 -28.65 -8.37
CA THR G 163 -66.09 -28.47 -9.17
C THR G 163 -66.14 -27.18 -9.99
N GLY G 164 -64.99 -26.54 -10.17
CA GLY G 164 -64.81 -25.47 -11.16
C GLY G 164 -64.63 -26.02 -12.58
N THR G 165 -65.67 -26.64 -13.12
CA THR G 165 -65.66 -27.53 -14.31
C THR G 165 -64.94 -28.87 -14.04
N PRO G 166 -65.65 -30.02 -14.12
CA PRO G 166 -65.11 -31.32 -13.71
C PRO G 166 -64.17 -31.93 -14.76
N ILE G 167 -63.51 -33.03 -14.37
CA ILE G 167 -62.73 -33.92 -15.24
C ILE G 167 -61.73 -33.19 -16.16
N GLN G 168 -62.00 -33.08 -17.45
CA GLN G 168 -61.10 -32.48 -18.46
C GLN G 168 -59.67 -33.07 -18.45
N ASN G 169 -59.55 -34.38 -18.22
CA ASN G 169 -58.31 -35.12 -18.45
C ASN G 169 -58.59 -36.52 -19.02
N THR G 170 -57.55 -37.22 -19.48
CA THR G 170 -57.61 -38.55 -20.11
C THR G 170 -58.22 -39.64 -19.22
N MET G 171 -58.64 -40.76 -19.83
CA MET G 171 -59.47 -41.81 -19.21
C MET G 171 -58.98 -42.38 -17.87
N ALA G 172 -57.66 -42.36 -17.61
CA ALA G 172 -57.08 -42.74 -16.33
C ALA G 172 -57.64 -41.95 -15.13
N GLU G 173 -58.20 -40.75 -15.37
CA GLU G 173 -58.80 -39.89 -14.35
C GLU G 173 -60.32 -39.65 -14.56
N LEU G 174 -60.95 -40.30 -15.55
CA LEU G 174 -62.43 -40.36 -15.63
C LEU G 174 -63.00 -41.30 -14.57
N TRP G 175 -62.32 -42.43 -14.34
CA TRP G 175 -62.84 -43.53 -13.53
C TRP G 175 -63.17 -43.13 -12.09
N ALA G 176 -62.26 -42.41 -11.44
CA ALA G 176 -62.29 -42.21 -9.99
C ALA G 176 -63.53 -41.44 -9.49
N LEU G 177 -63.94 -40.35 -10.15
CA LEU G 177 -65.08 -39.55 -9.72
C LEU G 177 -66.41 -40.26 -10.00
N LEU G 178 -66.53 -40.91 -11.15
CA LEU G 178 -67.69 -41.71 -11.49
C LEU G 178 -67.87 -42.88 -10.50
N HIS G 179 -66.79 -43.63 -10.23
CA HIS G 179 -66.78 -44.72 -9.25
C HIS G 179 -67.10 -44.21 -7.83
N PHE G 180 -66.59 -43.04 -7.45
CA PHE G 180 -66.91 -42.41 -6.16
C PHE G 180 -68.40 -42.03 -6.04
N ILE G 181 -69.03 -41.67 -7.15
CA ILE G 181 -70.48 -41.40 -7.23
C ILE G 181 -71.30 -42.70 -7.22
N MET G 182 -70.97 -43.67 -8.08
CA MET G 182 -71.70 -44.95 -8.20
C MET G 182 -70.73 -46.13 -8.37
N PRO G 183 -70.89 -47.23 -7.61
CA PRO G 183 -70.16 -48.48 -7.86
C PRO G 183 -70.79 -49.30 -9.00
N THR G 184 -72.05 -49.04 -9.34
CA THR G 184 -72.84 -49.82 -10.31
C THR G 184 -72.23 -49.74 -11.71
N LEU G 185 -71.99 -50.90 -12.34
CA LEU G 185 -71.25 -51.08 -13.61
C LEU G 185 -69.75 -50.67 -13.56
N PHE G 186 -69.29 -49.95 -12.55
CA PHE G 186 -67.89 -49.56 -12.37
C PHE G 186 -67.04 -50.68 -11.73
N ASP G 187 -67.05 -51.86 -12.35
CA ASP G 187 -66.15 -52.99 -12.02
C ASP G 187 -64.78 -52.87 -12.70
N SER G 188 -64.74 -52.57 -14.00
CA SER G 188 -63.51 -52.46 -14.80
C SER G 188 -63.72 -51.59 -16.05
N HIS G 189 -62.63 -51.08 -16.63
CA HIS G 189 -62.62 -50.13 -17.74
C HIS G 189 -63.13 -50.71 -19.08
N GLU G 190 -63.06 -52.03 -19.27
CA GLU G 190 -63.17 -52.65 -20.59
C GLU G 190 -64.53 -52.44 -21.27
N GLU G 191 -65.65 -52.71 -20.60
CA GLU G 191 -66.98 -52.36 -21.11
C GLU G 191 -67.25 -50.86 -21.03
N PHE G 192 -66.72 -50.15 -20.03
CA PHE G 192 -66.91 -48.70 -19.91
C PHE G 192 -66.33 -47.91 -21.10
N ASN G 193 -65.22 -48.38 -21.69
CA ASN G 193 -64.67 -47.84 -22.93
C ASN G 193 -65.63 -47.97 -24.12
N GLU G 194 -66.55 -48.95 -24.12
CA GLU G 194 -67.64 -49.08 -25.10
C GLU G 194 -68.87 -48.26 -24.68
N TRP G 195 -69.19 -48.23 -23.39
CA TRP G 195 -70.20 -47.35 -22.80
C TRP G 195 -69.65 -45.92 -22.69
N GLU G 212 -68.33 -40.39 -32.19
CA GLU G 212 -69.70 -40.10 -31.70
C GLU G 212 -70.23 -41.13 -30.69
N ASN G 213 -70.40 -42.39 -31.08
CA ASN G 213 -71.17 -43.39 -30.30
C ASN G 213 -70.71 -43.54 -28.84
N GLN G 214 -69.43 -43.81 -28.59
CA GLN G 214 -68.88 -43.99 -27.24
C GLN G 214 -69.10 -42.73 -26.38
N LEU G 215 -68.82 -41.54 -26.92
CA LEU G 215 -69.07 -40.27 -26.22
C LEU G 215 -70.54 -40.08 -25.88
N SER G 216 -71.48 -40.44 -26.77
CA SER G 216 -72.92 -40.29 -26.50
C SER G 216 -73.39 -41.13 -25.30
N ARG G 217 -72.82 -42.33 -25.13
CA ARG G 217 -73.09 -43.23 -24.00
C ARG G 217 -72.46 -42.69 -22.71
N LEU G 218 -71.22 -42.20 -22.78
CA LEU G 218 -70.52 -41.54 -21.66
C LEU G 218 -71.26 -40.27 -21.19
N HIS G 219 -71.78 -39.46 -22.13
CA HIS G 219 -72.67 -38.34 -21.83
C HIS G 219 -73.95 -38.82 -21.12
N MET G 220 -74.64 -39.84 -21.62
CA MET G 220 -75.85 -40.35 -20.95
C MET G 220 -75.59 -41.11 -19.64
N ILE G 221 -74.35 -41.51 -19.34
CA ILE G 221 -73.95 -41.90 -17.98
C ILE G 221 -73.91 -40.66 -17.07
N LEU G 222 -73.28 -39.56 -17.50
CA LEU G 222 -73.12 -38.35 -16.70
C LEU G 222 -74.40 -37.51 -16.55
N LYS G 223 -75.15 -37.26 -17.63
CA LYS G 223 -76.31 -36.35 -17.66
C LYS G 223 -77.42 -36.63 -16.63
N PRO G 224 -77.74 -37.87 -16.20
CA PRO G 224 -78.68 -38.08 -15.09
C PRO G 224 -78.17 -37.62 -13.71
N PHE G 225 -76.87 -37.31 -13.57
CA PHE G 225 -76.28 -36.80 -12.32
C PHE G 225 -75.25 -35.67 -12.49
N MET G 226 -75.24 -34.96 -13.62
CA MET G 226 -74.44 -33.75 -13.84
C MET G 226 -75.23 -32.67 -14.59
N LEU G 227 -75.22 -31.42 -14.10
CA LEU G 227 -75.79 -30.25 -14.78
C LEU G 227 -74.79 -29.51 -15.69
N ARG G 228 -75.30 -28.79 -16.69
CA ARG G 228 -74.56 -27.93 -17.66
C ARG G 228 -75.38 -26.67 -17.98
N ARG G 229 -74.74 -25.55 -18.36
CA ARG G 229 -75.45 -24.29 -18.71
C ARG G 229 -74.94 -23.56 -19.95
N ILE G 230 -73.61 -23.38 -20.08
CA ILE G 230 -72.98 -22.28 -20.84
C ILE G 230 -73.31 -20.91 -20.18
N LYS G 231 -72.33 -19.98 -20.15
CA LYS G 231 -72.42 -18.75 -19.34
C LYS G 231 -73.50 -17.74 -19.76
N LYS G 232 -74.27 -17.97 -20.81
CA LYS G 232 -75.30 -17.03 -21.32
C LYS G 232 -76.41 -16.70 -20.32
N ASP G 233 -76.62 -17.51 -19.28
CA ASP G 233 -77.48 -17.16 -18.13
C ASP G 233 -76.98 -15.94 -17.34
N VAL G 234 -75.71 -15.56 -17.46
CA VAL G 234 -75.09 -14.37 -16.87
C VAL G 234 -74.46 -13.43 -17.90
N GLU G 235 -74.02 -13.92 -19.07
CA GLU G 235 -73.52 -13.08 -20.17
C GLU G 235 -74.61 -12.27 -20.91
N ASN G 236 -75.87 -12.32 -20.44
CA ASN G 236 -76.83 -11.24 -20.68
C ASN G 236 -76.41 -9.93 -19.98
N GLU G 237 -75.73 -10.03 -18.84
CA GLU G 237 -75.25 -8.92 -18.00
C GLU G 237 -73.72 -8.67 -18.16
N LEU G 238 -72.93 -9.72 -18.39
CA LEU G 238 -71.45 -9.69 -18.43
C LEU G 238 -70.89 -9.74 -19.85
N SER G 239 -69.82 -8.96 -20.09
CA SER G 239 -69.00 -8.98 -21.30
C SER G 239 -67.90 -10.06 -21.30
N ASP G 240 -67.29 -10.31 -22.46
CA ASP G 240 -66.23 -11.32 -22.66
C ASP G 240 -64.96 -11.08 -21.82
N LYS G 241 -64.18 -12.15 -21.63
CA LYS G 241 -62.73 -12.05 -21.39
C LYS G 241 -62.03 -11.49 -22.64
N ILE G 242 -61.25 -10.41 -22.52
CA ILE G 242 -60.25 -10.09 -23.54
C ILE G 242 -59.02 -10.99 -23.29
N GLU G 243 -58.78 -11.97 -24.14
CA GLU G 243 -57.69 -12.96 -23.96
C GLU G 243 -56.52 -12.72 -24.92
N ILE G 244 -55.30 -12.69 -24.39
CA ILE G 244 -54.07 -12.36 -25.13
C ILE G 244 -52.99 -13.43 -24.93
N LEU G 245 -52.31 -13.80 -26.01
CA LEU G 245 -51.06 -14.56 -25.99
C LEU G 245 -49.91 -13.60 -26.34
N MET G 246 -48.89 -13.52 -25.49
CA MET G 246 -47.75 -12.64 -25.68
C MET G 246 -46.44 -13.44 -25.75
N TYR G 247 -45.69 -13.26 -26.83
CA TYR G 247 -44.41 -13.95 -27.06
C TYR G 247 -43.21 -13.16 -26.53
N CYS G 248 -42.14 -13.87 -26.17
CA CYS G 248 -40.86 -13.31 -25.72
C CYS G 248 -39.66 -13.99 -26.41
N GLN G 249 -38.68 -13.19 -26.83
CA GLN G 249 -37.35 -13.70 -27.16
C GLN G 249 -36.62 -14.17 -25.90
N LEU G 250 -35.65 -15.06 -26.04
CA LEU G 250 -34.59 -15.17 -25.04
C LEU G 250 -33.70 -13.93 -25.06
N THR G 251 -33.21 -13.50 -23.91
CA THR G 251 -32.19 -12.46 -23.80
C THR G 251 -30.82 -12.94 -24.29
N SER G 252 -29.90 -12.00 -24.53
CA SER G 252 -28.55 -12.30 -25.00
C SER G 252 -27.78 -13.23 -24.05
N ARG G 253 -28.04 -13.17 -22.73
CA ARG G 253 -27.46 -14.11 -21.76
C ARG G 253 -28.17 -15.45 -21.74
N GLN G 254 -29.49 -15.47 -21.83
CA GLN G 254 -30.26 -16.72 -21.86
C GLN G 254 -29.88 -17.62 -23.03
N LYS G 255 -29.66 -17.07 -24.22
CA LYS G 255 -29.36 -17.86 -25.43
C LYS G 255 -28.16 -18.79 -25.24
N LEU G 256 -27.15 -18.38 -24.48
CA LEU G 256 -25.98 -19.20 -24.18
C LEU G 256 -26.37 -20.46 -23.39
N LEU G 257 -27.13 -20.28 -22.31
CA LEU G 257 -27.57 -21.36 -21.42
C LEU G 257 -28.62 -22.26 -22.12
N TYR G 258 -29.51 -21.67 -22.90
CA TYR G 258 -30.46 -22.40 -23.73
C TYR G 258 -29.76 -23.34 -24.72
N GLN G 259 -28.71 -22.87 -25.40
CA GLN G 259 -27.94 -23.76 -26.26
C GLN G 259 -27.24 -24.88 -25.45
N ALA G 260 -26.72 -24.58 -24.25
CA ALA G 260 -26.13 -25.62 -23.40
C ALA G 260 -27.14 -26.72 -23.00
N LEU G 261 -28.42 -26.35 -22.80
CA LEU G 261 -29.50 -27.30 -22.59
C LEU G 261 -29.87 -28.09 -23.85
N LYS G 262 -29.86 -27.46 -25.04
CA LYS G 262 -30.03 -28.17 -26.32
C LYS G 262 -28.90 -29.20 -26.54
N ASN G 263 -27.68 -28.87 -26.13
CA ASN G 263 -26.57 -29.81 -25.98
C ASN G 263 -26.57 -30.43 -24.57
N LEU G 291 -35.21 -33.74 -20.06
CA LEU G 291 -35.34 -33.22 -18.68
C LEU G 291 -36.02 -31.85 -18.71
N VAL G 292 -37.34 -31.79 -18.95
CA VAL G 292 -38.00 -30.54 -19.39
C VAL G 292 -38.07 -29.42 -18.35
N MET G 293 -38.21 -29.68 -17.05
CA MET G 293 -38.24 -28.59 -16.06
C MET G 293 -36.87 -27.92 -15.88
N GLN G 294 -35.78 -28.67 -15.94
CA GLN G 294 -34.43 -28.09 -16.02
C GLN G 294 -34.29 -27.17 -17.23
N PHE G 295 -35.02 -27.48 -18.31
CA PHE G 295 -35.11 -26.64 -19.50
C PHE G 295 -36.01 -25.41 -19.29
N ARG G 296 -37.19 -25.56 -18.69
CA ARG G 296 -38.08 -24.43 -18.39
C ARG G 296 -37.40 -23.40 -17.51
N LYS G 297 -36.69 -23.81 -16.46
CA LYS G 297 -36.04 -22.90 -15.49
C LYS G 297 -35.22 -21.82 -16.19
N VAL G 298 -34.27 -22.20 -17.05
CA VAL G 298 -33.42 -21.24 -17.80
C VAL G 298 -34.24 -20.33 -18.70
N CYS G 299 -35.21 -20.89 -19.41
CA CYS G 299 -36.09 -20.12 -20.29
C CYS G 299 -36.92 -19.09 -19.51
N ASN G 300 -37.26 -19.39 -18.25
CA ASN G 300 -38.11 -18.56 -17.44
C ASN G 300 -37.36 -17.40 -16.80
N HIS G 301 -36.24 -17.69 -16.13
CA HIS G 301 -35.25 -16.70 -15.70
C HIS G 301 -33.92 -17.39 -15.38
N PRO G 302 -32.78 -16.93 -15.91
CA PRO G 302 -31.51 -17.62 -15.70
C PRO G 302 -31.06 -17.65 -14.23
N GLU G 303 -31.56 -16.75 -13.37
CA GLU G 303 -31.32 -16.83 -11.92
C GLU G 303 -31.90 -18.11 -11.28
N LEU G 304 -32.84 -18.80 -11.93
CA LEU G 304 -33.29 -20.12 -11.47
C LEU G 304 -32.26 -21.22 -11.68
N PHE G 305 -31.32 -21.01 -12.61
CA PHE G 305 -30.28 -21.98 -12.96
C PHE G 305 -28.96 -21.63 -12.28
N GLU G 306 -28.41 -20.43 -12.50
CA GLU G 306 -27.26 -19.90 -11.77
C GLU G 306 -27.49 -18.42 -11.43
N ARG G 307 -27.29 -18.04 -10.17
CA ARG G 307 -27.39 -16.64 -9.76
C ARG G 307 -26.11 -15.89 -10.13
N GLN G 308 -26.24 -14.65 -10.60
CA GLN G 308 -25.10 -13.79 -10.96
C GLN G 308 -24.23 -13.53 -9.73
N GLU G 309 -22.99 -14.01 -9.72
CA GLU G 309 -22.12 -13.92 -8.56
C GLU G 309 -21.60 -12.50 -8.33
N THR G 310 -21.29 -12.16 -7.07
CA THR G 310 -20.70 -10.86 -6.73
C THR G 310 -19.25 -10.83 -7.16
N TRP G 311 -18.95 -10.28 -8.32
CA TRP G 311 -17.59 -10.25 -8.84
C TRP G 311 -16.69 -9.25 -8.10
N SER G 312 -15.39 -9.53 -8.08
CA SER G 312 -14.35 -8.69 -7.52
C SER G 312 -13.02 -8.99 -8.21
N PRO G 313 -12.08 -8.04 -8.33
CA PRO G 313 -10.78 -8.30 -8.90
C PRO G 313 -10.04 -9.43 -8.18
N PHE G 314 -9.14 -10.09 -8.88
CA PHE G 314 -8.25 -11.08 -8.26
C PHE G 314 -7.28 -10.39 -7.29
N HIS G 315 -7.17 -10.88 -6.07
CA HIS G 315 -6.28 -10.29 -5.07
C HIS G 315 -5.03 -11.14 -4.85
N ILE G 316 -3.85 -10.50 -4.80
CA ILE G 316 -2.54 -11.13 -4.80
C ILE G 316 -1.55 -10.38 -3.90
N SER G 317 -0.64 -11.11 -3.26
CA SER G 317 0.56 -10.55 -2.64
C SER G 317 1.78 -11.35 -3.08
N LEU G 318 2.89 -10.67 -3.35
CA LEU G 318 4.18 -11.32 -3.51
C LEU G 318 4.76 -11.71 -2.13
N LYS G 319 5.93 -12.34 -2.14
CA LYS G 319 6.80 -12.37 -0.95
C LYS G 319 7.10 -10.93 -0.52
N PRO G 320 7.29 -10.66 0.77
CA PRO G 320 7.88 -9.40 1.17
C PRO G 320 9.35 -9.40 0.72
N TYR G 321 9.84 -8.29 0.19
CA TYR G 321 11.21 -8.20 -0.32
C TYR G 321 12.21 -8.21 0.84
N HIS G 322 12.94 -9.32 1.05
CA HIS G 322 13.78 -9.48 2.22
C HIS G 322 15.06 -8.65 2.14
N ILE G 323 15.22 -7.69 3.06
CA ILE G 323 16.45 -6.92 3.25
C ILE G 323 17.23 -7.49 4.42
N SER G 324 18.50 -7.83 4.21
CA SER G 324 19.38 -8.38 5.25
C SER G 324 19.59 -7.41 6.41
N LYS G 325 19.74 -7.91 7.64
CA LYS G 325 20.09 -7.07 8.78
C LYS G 325 21.42 -6.35 8.56
N PHE G 326 22.38 -6.98 7.91
CA PHE G 326 23.66 -6.33 7.63
C PHE G 326 23.49 -5.12 6.72
N ILE G 327 22.77 -5.26 5.60
CA ILE G 327 22.44 -4.14 4.72
C ILE G 327 21.64 -3.08 5.45
N TYR G 328 20.69 -3.45 6.31
CA TYR G 328 19.93 -2.48 7.09
C TYR G 328 20.79 -1.73 8.12
N ARG G 329 21.83 -2.34 8.67
CA ARG G 329 22.69 -1.70 9.68
C ARG G 329 23.77 -0.82 9.07
N HIS G 330 24.51 -1.34 8.09
CA HIS G 330 25.71 -0.70 7.57
C HIS G 330 25.55 -0.16 6.15
N GLY G 331 24.43 -0.42 5.47
CA GLY G 331 24.30 -0.31 4.02
C GLY G 331 23.42 0.81 3.46
N GLN G 332 22.82 1.71 4.26
CA GLN G 332 22.18 2.92 3.71
C GLN G 332 23.03 4.17 3.93
N ILE G 333 23.21 4.93 2.86
CA ILE G 333 23.89 6.23 2.84
C ILE G 333 23.20 7.25 3.74
N ARG G 334 21.90 7.10 4.01
CA ARG G 334 21.16 7.91 4.99
C ARG G 334 21.69 7.72 6.41
N VAL G 335 22.25 6.56 6.72
CA VAL G 335 22.75 6.16 8.06
C VAL G 335 24.27 6.24 8.13
N PHE G 336 25.00 5.48 7.33
CA PHE G 336 26.46 5.36 7.51
C PHE G 336 27.21 6.66 7.21
N ASN G 337 26.60 7.58 6.46
CA ASN G 337 27.16 8.87 6.11
C ASN G 337 26.53 10.04 6.89
N HIS G 338 25.71 9.81 7.91
CA HIS G 338 24.98 10.90 8.57
C HIS G 338 25.88 12.00 9.13
N SER G 339 27.05 11.65 9.67
CA SER G 339 28.01 12.64 10.18
C SER G 339 28.54 13.58 9.09
N ARG G 340 28.70 13.07 7.86
CA ARG G 340 29.07 13.86 6.67
C ARG G 340 27.89 14.67 6.17
N ASP G 341 26.73 14.04 6.07
CA ASP G 341 25.49 14.67 5.62
C ASP G 341 25.14 15.93 6.43
N ARG G 342 25.46 15.98 7.72
CA ARG G 342 25.30 17.20 8.53
C ARG G 342 26.02 18.40 7.91
N TRP G 343 27.23 18.24 7.37
CA TRP G 343 27.97 19.37 6.82
C TRP G 343 27.35 19.91 5.54
N LEU G 344 26.75 19.07 4.70
CA LEU G 344 25.99 19.53 3.54
C LEU G 344 24.77 20.37 3.96
N ARG G 345 24.34 20.31 5.23
CA ARG G 345 23.26 21.12 5.80
C ARG G 345 23.75 22.30 6.62
N VAL G 346 24.95 22.23 7.20
CA VAL G 346 25.60 23.36 7.88
C VAL G 346 26.18 24.38 6.91
N LEU G 347 26.81 23.95 5.81
CA LEU G 347 27.29 24.84 4.74
C LEU G 347 26.18 25.35 3.80
N SER G 348 24.92 25.06 4.12
CA SER G 348 23.78 25.48 3.31
C SER G 348 23.53 26.99 3.40
N PRO G 349 23.28 27.70 2.29
CA PRO G 349 22.92 29.10 2.33
C PRO G 349 21.52 29.32 2.89
N PHE G 350 20.73 28.26 3.07
CA PHE G 350 19.41 28.33 3.66
C PHE G 350 19.45 28.41 5.20
N ALA G 351 20.63 28.39 5.83
CA ALA G 351 20.74 28.56 7.28
C ALA G 351 20.25 29.95 7.72
N PRO G 352 19.34 30.09 8.70
CA PRO G 352 18.82 31.39 9.13
C PRO G 352 19.88 32.44 9.48
N ASP G 353 21.02 32.02 10.00
CA ASP G 353 22.19 32.89 10.20
C ASP G 353 22.59 33.56 8.89
N TYR G 354 22.89 32.77 7.86
CA TYR G 354 23.35 33.31 6.59
C TYR G 354 22.26 34.10 5.88
N ILE G 355 20.99 33.72 6.00
CA ILE G 355 19.90 34.53 5.46
C ILE G 355 19.91 35.91 6.12
N GLN G 356 19.88 36.03 7.44
CA GLN G 356 19.96 37.33 8.12
C GLN G 356 21.21 38.12 7.70
N ARG G 357 22.37 37.46 7.68
CA ARG G 357 23.63 38.11 7.34
C ARG G 357 23.67 38.56 5.88
N SER G 358 23.00 37.85 4.98
CA SER G 358 22.82 38.22 3.56
C SER G 358 21.82 39.37 3.40
N LEU G 359 20.78 39.38 4.20
CA LEU G 359 19.60 40.21 3.98
C LEU G 359 19.74 41.60 4.61
N PHE G 360 20.30 41.72 5.82
CA PHE G 360 20.35 42.97 6.58
C PHE G 360 21.75 43.50 6.94
N HIS G 361 22.79 42.67 6.92
CA HIS G 361 24.16 43.04 7.32
C HIS G 361 25.13 43.27 6.15
N ARG G 362 24.62 43.67 4.98
CA ARG G 362 25.42 43.95 3.77
C ARG G 362 26.39 45.13 3.94
N LYS G 363 27.49 45.14 3.16
CA LYS G 363 28.49 46.22 3.18
C LYS G 363 28.13 47.38 2.27
N GLY G 364 27.74 47.09 1.03
CA GLY G 364 27.48 48.10 0.01
C GLY G 364 26.19 48.89 0.27
N ILE G 365 26.16 50.16 -0.12
CA ILE G 365 24.91 50.94 -0.08
C ILE G 365 23.87 50.33 -1.02
N ASN G 366 24.28 50.02 -2.25
CA ASN G 366 23.63 49.03 -3.10
C ASN G 366 24.49 47.76 -3.05
N GLU G 367 23.88 46.61 -2.86
CA GLU G 367 24.55 45.30 -2.92
C GLU G 367 23.48 44.23 -3.12
N GLU G 368 23.52 43.53 -4.26
CA GLU G 368 22.59 42.43 -4.53
C GLU G 368 22.89 41.23 -3.65
N SER G 369 21.86 40.62 -3.06
CA SER G 369 22.01 39.37 -2.31
C SER G 369 20.78 38.48 -2.38
N CYS G 370 21.00 37.17 -2.29
CA CYS G 370 19.91 36.20 -2.29
C CYS G 370 19.04 36.33 -1.06
N PHE G 371 17.83 35.76 -1.15
CA PHE G 371 16.77 35.88 -0.17
C PHE G 371 16.17 37.30 -0.06
N SER G 372 16.57 38.23 -0.92
CA SER G 372 15.94 39.56 -1.00
C SER G 372 14.44 39.48 -1.24
N PHE G 373 13.98 38.52 -2.04
CA PHE G 373 12.55 38.33 -2.28
C PHE G 373 11.75 38.01 -1.00
N LEU G 374 12.36 37.47 0.05
CA LEU G 374 11.65 37.17 1.29
C LEU G 374 11.13 38.42 2.01
N ARG G 375 11.60 39.62 1.67
CA ARG G 375 10.97 40.85 2.17
C ARG G 375 9.64 41.16 1.49
N PHE G 376 9.34 40.54 0.36
CA PHE G 376 8.18 40.88 -0.45
C PHE G 376 7.20 39.73 -0.65
N ILE G 377 7.45 38.61 0.03
CA ILE G 377 6.56 37.48 0.24
C ILE G 377 6.41 37.28 1.76
N ASP G 378 5.32 36.71 2.26
CA ASP G 378 5.07 36.59 3.71
C ASP G 378 5.91 35.52 4.43
N ILE G 379 7.18 35.34 4.07
CA ILE G 379 8.07 34.25 4.52
C ILE G 379 9.28 34.80 5.28
N SER G 380 9.44 34.41 6.55
CA SER G 380 10.57 34.80 7.41
C SER G 380 11.74 33.80 7.33
N PRO G 381 13.01 34.19 7.59
CA PRO G 381 14.15 33.31 7.40
C PRO G 381 14.01 31.89 7.95
N ALA G 382 13.62 31.72 9.21
CA ALA G 382 13.44 30.37 9.76
C ALA G 382 12.31 29.59 9.11
N GLU G 383 11.23 30.24 8.66
CA GLU G 383 10.16 29.57 7.92
C GLU G 383 10.63 29.10 6.56
N MET G 384 11.54 29.84 5.93
CA MET G 384 12.14 29.48 4.65
C MET G 384 13.14 28.33 4.80
N ALA G 385 14.00 28.39 5.82
CA ALA G 385 14.89 27.29 6.17
C ALA G 385 14.10 26.02 6.45
N ASN G 386 13.08 26.10 7.31
CA ASN G 386 12.23 24.98 7.65
C ASN G 386 11.52 24.42 6.41
N LEU G 387 11.03 25.27 5.51
CA LEU G 387 10.44 24.85 4.25
C LEU G 387 11.44 24.13 3.33
N MET G 388 12.73 24.41 3.43
CA MET G 388 13.76 23.71 2.66
C MET G 388 14.21 22.39 3.28
N LEU G 389 14.11 22.24 4.61
CA LEU G 389 14.73 21.13 5.36
C LEU G 389 13.74 20.16 6.01
N GLN G 390 12.51 20.55 6.28
CA GLN G 390 11.47 19.64 6.79
C GLN G 390 10.73 18.89 5.67
N GLY G 391 10.92 19.28 4.40
CA GLY G 391 10.42 18.53 3.24
C GLY G 391 8.91 18.62 3.04
N LEU G 392 8.32 17.62 2.37
CA LEU G 392 7.00 17.73 1.76
C LEU G 392 5.83 17.92 2.75
N LEU G 393 6.01 17.67 4.04
CA LEU G 393 5.02 18.09 5.04
C LEU G 393 5.02 19.62 5.23
N ALA G 394 6.17 20.26 5.37
CA ALA G 394 6.23 21.71 5.55
C ALA G 394 5.79 22.46 4.28
N ARG G 395 6.06 21.90 3.10
CA ARG G 395 5.47 22.36 1.84
C ARG G 395 3.95 22.43 1.95
N TRP G 396 3.32 21.38 2.48
CA TRP G 396 1.87 21.28 2.55
C TRP G 396 1.25 22.26 3.53
N LEU G 397 1.84 22.42 4.73
CA LEU G 397 1.34 23.40 5.69
C LEU G 397 1.54 24.83 5.20
N ALA G 398 2.71 25.16 4.64
CA ALA G 398 2.93 26.49 4.08
C ALA G 398 2.02 26.78 2.89
N LEU G 399 1.59 25.76 2.13
CA LEU G 399 0.54 25.93 1.14
C LEU G 399 -0.81 26.21 1.80
N PHE G 400 -1.23 25.38 2.74
CA PHE G 400 -2.54 25.54 3.37
C PHE G 400 -2.71 26.92 4.03
N LEU G 401 -1.68 27.45 4.68
CA LEU G 401 -1.70 28.82 5.17
C LEU G 401 -1.77 29.86 4.06
N SER G 402 -1.13 29.64 2.91
CA SER G 402 -1.12 30.61 1.81
C SER G 402 -2.51 30.84 1.23
N LEU G 403 -3.36 29.81 1.20
CA LEU G 403 -4.75 29.99 0.79
C LEU G 403 -5.51 30.86 1.80
N LYS G 404 -5.34 30.64 3.11
CA LYS G 404 -5.91 31.54 4.14
C LYS G 404 -5.48 32.98 3.91
N ALA G 405 -4.19 33.20 3.65
CA ALA G 405 -3.64 34.53 3.39
C ALA G 405 -4.18 35.16 2.09
N SER G 406 -4.60 34.36 1.10
CA SER G 406 -5.06 34.89 -0.17
C SER G 406 -6.36 35.69 -0.05
N TYR G 407 -7.36 35.21 0.69
CA TYR G 407 -8.61 35.96 0.86
C TYR G 407 -8.40 37.27 1.62
N ARG G 408 -7.54 37.27 2.63
CA ARG G 408 -7.22 38.47 3.40
C ARG G 408 -6.44 39.48 2.55
N LEU G 409 -5.54 39.00 1.70
CA LEU G 409 -4.79 39.84 0.77
C LEU G 409 -5.72 40.46 -0.28
N HIS G 410 -6.63 39.68 -0.86
CA HIS G 410 -7.52 40.17 -1.90
C HIS G 410 -8.40 41.35 -1.47
N GLN G 411 -8.94 41.32 -0.25
CA GLN G 411 -9.70 42.44 0.28
C GLN G 411 -8.82 43.70 0.37
N LEU G 412 -7.64 43.58 1.00
CA LEU G 412 -6.72 44.71 1.14
C LEU G 412 -6.26 45.26 -0.22
N ARG G 413 -6.07 44.38 -1.21
CA ARG G 413 -5.59 44.70 -2.56
C ARG G 413 -6.63 45.38 -3.45
N SER G 414 -7.92 45.33 -3.12
CA SER G 414 -9.00 45.69 -4.06
C SER G 414 -10.01 46.75 -3.59
N TRP G 415 -9.85 47.31 -2.38
CA TRP G 415 -10.83 48.22 -1.78
C TRP G 415 -10.25 49.52 -1.17
N GLY G 416 -9.03 49.91 -1.54
CA GLY G 416 -8.43 51.20 -1.15
C GLY G 416 -7.21 51.58 -1.99
N ALA G 417 -6.92 52.88 -2.08
CA ALA G 417 -5.82 53.43 -2.88
C ALA G 417 -5.12 54.63 -2.20
N PRO G 418 -4.46 54.44 -1.04
CA PRO G 418 -3.77 55.50 -0.28
C PRO G 418 -2.41 55.91 -0.87
N GLU G 419 -2.33 56.14 -2.19
CA GLU G 419 -1.15 56.61 -2.91
C GLU G 419 0.13 55.77 -2.66
N GLY G 420 1.26 56.42 -2.35
CA GLY G 420 2.51 55.79 -1.94
C GLY G 420 2.81 55.96 -0.44
N GLU G 421 3.36 54.91 0.17
CA GLU G 421 3.33 54.66 1.61
C GLU G 421 4.03 55.74 2.47
N SER G 422 5.06 56.40 1.93
CA SER G 422 5.57 57.67 2.48
C SER G 422 5.81 58.68 1.35
N HIS G 423 4.69 59.06 0.71
CA HIS G 423 4.58 59.99 -0.42
C HIS G 423 5.38 59.53 -1.64
N GLN G 424 4.81 58.57 -2.39
CA GLN G 424 5.43 57.97 -3.58
C GLN G 424 6.79 57.28 -3.29
N ARG G 425 6.84 56.49 -2.19
CA ARG G 425 8.00 55.72 -1.72
C ARG G 425 7.57 54.44 -1.00
N TYR G 426 8.49 53.48 -0.91
CA TYR G 426 8.50 52.26 -0.09
C TYR G 426 7.44 51.20 -0.42
N LEU G 427 7.86 50.00 -0.86
CA LEU G 427 6.97 48.83 -0.96
C LEU G 427 6.69 48.22 0.43
N ARG G 428 5.85 47.18 0.47
CA ARG G 428 5.29 46.58 1.68
C ARG G 428 5.43 45.05 1.64
N ASN G 429 5.29 44.40 2.79
CA ASN G 429 5.18 42.94 2.87
C ASN G 429 4.14 42.41 1.85
N LYS G 430 4.34 41.21 1.30
CA LYS G 430 3.50 40.58 0.26
C LYS G 430 3.41 41.29 -1.11
N ASP G 431 4.05 42.42 -1.36
CA ASP G 431 3.87 43.12 -2.64
C ASP G 431 4.35 42.36 -3.89
N PHE G 432 5.15 41.31 -3.78
CA PHE G 432 5.47 40.47 -4.95
C PHE G 432 4.42 39.43 -5.27
N LEU G 433 3.49 39.14 -4.37
CA LEU G 433 2.38 38.24 -4.64
C LEU G 433 1.33 38.96 -5.50
N LEU G 434 1.40 38.73 -6.81
CA LEU G 434 0.51 39.29 -7.81
C LEU G 434 -0.50 38.26 -8.34
N GLY G 435 -0.42 37.00 -7.90
CA GLY G 435 -1.35 35.95 -8.27
C GLY G 435 -2.82 36.20 -7.88
N VAL G 436 -3.10 37.27 -7.14
CA VAL G 436 -4.44 37.73 -6.75
C VAL G 436 -4.95 38.88 -7.64
N ASN G 437 -4.10 39.53 -8.42
CA ASN G 437 -4.52 40.62 -9.30
C ASN G 437 -5.26 40.15 -10.56
N PHE G 438 -5.11 38.89 -10.99
CA PHE G 438 -5.88 38.36 -12.12
C PHE G 438 -7.37 38.36 -11.78
N PRO G 439 -8.26 38.87 -12.65
CA PRO G 439 -9.70 38.87 -12.40
C PRO G 439 -10.24 37.48 -12.10
N LEU G 440 -9.66 36.45 -12.70
CA LEU G 440 -10.12 35.08 -12.60
C LEU G 440 -9.42 34.29 -11.47
N SER G 441 -8.57 34.91 -10.66
CA SER G 441 -7.90 34.25 -9.54
C SER G 441 -8.88 33.95 -8.40
N PHE G 442 -8.64 32.87 -7.64
CA PHE G 442 -9.69 32.31 -6.77
C PHE G 442 -10.32 33.30 -5.78
N PRO G 443 -9.59 34.15 -5.05
CA PRO G 443 -10.20 35.11 -4.15
C PRO G 443 -11.16 36.08 -4.85
N ASN G 444 -10.77 36.65 -6.00
CA ASN G 444 -11.64 37.56 -6.73
C ASN G 444 -12.82 36.81 -7.35
N LEU G 445 -12.56 35.62 -7.88
CA LEU G 445 -13.54 34.74 -8.50
C LEU G 445 -14.59 34.26 -7.50
N CYS G 446 -14.26 34.17 -6.21
CA CYS G 446 -15.20 33.83 -5.15
C CYS G 446 -15.92 35.05 -4.58
N SER G 447 -15.25 36.21 -4.54
CA SER G 447 -15.83 37.49 -4.09
C SER G 447 -16.83 38.07 -5.09
N CYS G 448 -16.52 38.01 -6.38
CA CYS G 448 -17.44 38.31 -7.47
C CYS G 448 -18.49 37.19 -7.58
N PRO G 449 -19.79 37.48 -7.68
CA PRO G 449 -20.80 36.43 -7.70
C PRO G 449 -20.87 35.71 -9.04
N LEU G 450 -20.44 36.37 -10.11
CA LEU G 450 -20.77 35.98 -11.49
C LEU G 450 -19.68 35.16 -12.17
N LEU G 451 -18.40 35.54 -12.05
CA LEU G 451 -17.29 34.75 -12.62
C LEU G 451 -17.24 33.31 -12.06
N LYS G 452 -17.70 33.08 -10.83
CA LYS G 452 -17.86 31.74 -10.25
C LYS G 452 -18.67 30.79 -11.13
N SER G 453 -19.51 31.31 -12.02
CA SER G 453 -20.27 30.50 -12.98
C SER G 453 -19.56 30.26 -14.32
N LEU G 454 -18.58 31.09 -14.73
CA LEU G 454 -17.76 30.84 -15.93
C LEU G 454 -16.57 29.91 -15.66
N VAL G 455 -16.24 29.62 -14.40
CA VAL G 455 -15.20 28.66 -14.02
C VAL G 455 -15.86 27.47 -13.32
N PHE G 456 -16.55 26.65 -14.12
CA PHE G 456 -17.54 25.70 -13.65
C PHE G 456 -16.98 24.30 -13.32
N SER G 457 -15.87 23.91 -13.94
CA SER G 457 -15.29 22.57 -13.88
C SER G 457 -14.53 22.29 -12.59
N SER G 458 -15.18 22.42 -11.43
CA SER G 458 -14.55 22.18 -10.14
C SER G 458 -14.08 20.74 -9.97
N HIS G 459 -13.00 20.57 -9.20
CA HIS G 459 -12.09 19.42 -9.32
C HIS G 459 -12.69 18.07 -8.89
N CYS G 460 -13.81 18.10 -8.17
CA CYS G 460 -14.46 16.95 -7.55
C CYS G 460 -15.94 16.80 -7.96
N LYS G 461 -16.32 17.31 -9.14
CA LYS G 461 -17.65 17.11 -9.73
C LYS G 461 -17.58 16.51 -11.12
N ALA G 462 -18.59 15.73 -11.49
CA ALA G 462 -18.65 14.98 -12.73
C ALA G 462 -19.31 15.78 -13.86
N VAL G 463 -18.95 17.06 -14.04
CA VAL G 463 -19.65 17.92 -15.00
C VAL G 463 -19.43 17.45 -16.44
N SER G 464 -20.50 17.21 -17.19
CA SER G 464 -20.41 16.80 -18.60
C SER G 464 -20.15 17.99 -19.54
N GLY G 465 -20.48 19.18 -19.06
CA GLY G 465 -20.81 20.33 -19.89
C GLY G 465 -22.27 20.75 -19.73
N TYR G 466 -22.67 21.77 -20.47
CA TYR G 466 -24.03 22.31 -20.46
C TYR G 466 -24.94 21.53 -21.42
N SER G 467 -26.23 21.45 -21.10
CA SER G 467 -27.27 21.02 -22.03
C SER G 467 -28.57 21.76 -21.78
N ASP G 468 -29.48 21.68 -22.74
CA ASP G 468 -30.89 21.95 -22.46
C ASP G 468 -31.49 20.79 -21.64
N GLN G 469 -32.57 21.06 -20.93
CA GLN G 469 -33.33 20.08 -20.14
C GLN G 469 -34.82 20.26 -20.42
N VAL G 470 -35.62 19.23 -20.22
CA VAL G 470 -37.09 19.33 -20.26
C VAL G 470 -37.64 19.00 -18.89
N VAL G 471 -38.68 19.70 -18.44
CA VAL G 471 -39.41 19.39 -17.21
C VAL G 471 -40.90 19.23 -17.49
N HIS G 472 -41.55 18.25 -16.85
CA HIS G 472 -42.95 17.88 -17.10
C HIS G 472 -43.78 17.89 -15.82
N GLN G 473 -44.99 18.44 -15.90
CA GLN G 473 -46.02 18.24 -14.87
C GLN G 473 -46.58 16.81 -14.95
N ARG G 474 -46.96 16.24 -13.81
CA ARG G 474 -47.63 14.93 -13.73
C ARG G 474 -49.10 15.02 -14.18
N ARG G 475 -49.78 16.10 -13.78
CA ARG G 475 -51.13 16.48 -14.25
C ARG G 475 -51.04 17.26 -15.56
N SER G 476 -52.02 17.13 -16.44
CA SER G 476 -52.10 17.74 -17.79
C SER G 476 -51.00 17.35 -18.80
N ALA G 477 -49.92 16.68 -18.37
CA ALA G 477 -48.73 16.38 -19.16
C ALA G 477 -48.03 17.61 -19.81
N THR G 478 -48.35 18.83 -19.36
CA THR G 478 -47.70 20.08 -19.82
C THR G 478 -46.21 20.06 -19.45
N SER G 479 -45.35 20.60 -20.32
CA SER G 479 -43.88 20.60 -20.12
C SER G 479 -43.23 21.89 -20.60
N SER G 480 -42.00 22.15 -20.15
CA SER G 480 -41.20 23.30 -20.60
C SER G 480 -39.70 22.97 -20.65
N LEU G 481 -38.96 23.80 -21.38
CA LEU G 481 -37.53 23.62 -21.65
C LEU G 481 -36.70 24.62 -20.85
N ARG G 482 -35.63 24.13 -20.21
CA ARG G 482 -34.60 24.94 -19.56
C ARG G 482 -33.40 25.01 -20.50
N ARG G 483 -32.99 26.20 -20.91
CA ARG G 483 -31.87 26.43 -21.85
C ARG G 483 -30.52 26.42 -21.13
N CYS G 484 -29.52 25.74 -21.66
CA CYS G 484 -28.11 25.71 -21.19
C CYS G 484 -27.95 25.76 -19.65
N LEU G 485 -28.09 24.61 -19.00
CA LEU G 485 -27.77 24.41 -17.59
C LEU G 485 -26.67 23.34 -17.44
N LEU G 486 -25.84 23.43 -16.40
CA LEU G 486 -24.85 22.39 -16.09
C LEU G 486 -25.51 21.03 -15.86
N THR G 487 -24.78 19.97 -16.19
CA THR G 487 -25.21 18.60 -15.91
C THR G 487 -24.07 17.79 -15.33
N GLU G 488 -24.35 17.05 -14.26
CA GLU G 488 -23.50 15.94 -13.84
C GLU G 488 -23.72 14.76 -14.80
N LEU G 489 -22.68 14.00 -15.12
CA LEU G 489 -22.78 12.76 -15.88
C LEU G 489 -23.63 11.70 -15.14
N PRO G 490 -24.33 10.79 -15.85
CA PRO G 490 -25.10 9.73 -15.23
C PRO G 490 -24.30 8.87 -14.24
N SER G 491 -24.98 8.31 -13.26
CA SER G 491 -24.39 7.58 -12.12
C SER G 491 -23.86 6.19 -12.45
N PHE G 492 -23.70 5.84 -13.73
CA PHE G 492 -23.39 4.48 -14.16
C PHE G 492 -22.37 4.37 -15.30
N LEU G 493 -21.69 5.44 -15.71
CA LEU G 493 -20.59 5.31 -16.68
C LEU G 493 -19.30 4.77 -16.04
N CYS G 494 -19.15 4.84 -14.71
CA CYS G 494 -17.98 4.34 -14.01
C CYS G 494 -18.07 2.82 -13.79
N VAL G 495 -17.60 2.01 -14.75
CA VAL G 495 -17.81 0.55 -14.77
C VAL G 495 -16.59 -0.30 -15.12
N ALA G 496 -15.47 0.30 -15.51
CA ALA G 496 -14.22 -0.42 -15.64
C ALA G 496 -13.64 -0.78 -14.27
N SER G 497 -12.76 -1.77 -14.25
CA SER G 497 -12.08 -2.23 -13.03
C SER G 497 -10.75 -2.87 -13.38
N PRO G 498 -9.73 -2.77 -12.53
CA PRO G 498 -8.56 -3.63 -12.64
C PRO G 498 -9.00 -5.09 -12.62
N ARG G 499 -8.41 -5.95 -13.45
CA ARG G 499 -8.65 -7.41 -13.35
C ARG G 499 -8.02 -7.99 -12.09
N VAL G 500 -6.91 -7.38 -11.66
CA VAL G 500 -6.08 -7.79 -10.52
C VAL G 500 -5.80 -6.57 -9.66
N THR G 501 -5.83 -6.70 -8.35
CA THR G 501 -5.45 -5.61 -7.43
C THR G 501 -4.51 -6.14 -6.36
N ALA G 502 -3.21 -5.91 -6.54
CA ALA G 502 -2.18 -6.41 -5.66
C ALA G 502 -2.03 -5.59 -4.37
N VAL G 503 -1.57 -6.21 -3.28
CA VAL G 503 -1.10 -5.48 -2.09
C VAL G 503 0.16 -4.69 -2.44
N PRO G 504 0.33 -3.44 -2.00
CA PRO G 504 1.61 -2.75 -2.08
C PRO G 504 2.74 -3.57 -1.48
N LEU G 505 3.88 -3.64 -2.16
CA LEU G 505 5.01 -4.45 -1.74
C LEU G 505 5.59 -3.95 -0.41
N ASP G 506 6.14 -4.86 0.41
CA ASP G 506 6.58 -4.62 1.77
C ASP G 506 7.97 -5.25 2.00
N SER G 507 8.90 -4.56 2.64
CA SER G 507 10.24 -5.07 2.87
C SER G 507 10.41 -5.66 4.26
N TYR G 508 10.27 -6.98 4.40
CA TYR G 508 10.61 -7.65 5.66
C TYR G 508 12.09 -7.48 5.97
N CYS G 509 12.44 -7.24 7.23
CA CYS G 509 13.83 -7.14 7.66
C CYS G 509 14.01 -7.75 9.06
N ASN G 510 15.18 -8.30 9.31
CA ASN G 510 15.42 -9.24 10.40
C ASN G 510 15.92 -8.58 11.69
N ASP G 511 15.45 -7.36 11.99
CA ASP G 511 16.02 -6.52 13.05
C ASP G 511 14.94 -5.76 13.84
N ARG G 512 15.07 -5.74 15.17
CA ARG G 512 14.08 -5.16 16.09
C ARG G 512 13.89 -3.67 15.89
N SER G 513 14.94 -2.94 15.56
CA SER G 513 14.82 -1.51 15.27
C SER G 513 14.19 -1.32 13.89
N ALA G 514 14.57 -2.15 12.91
CA ALA G 514 14.06 -2.04 11.56
C ALA G 514 12.55 -2.27 11.48
N GLU G 515 12.02 -3.23 12.23
CA GLU G 515 10.60 -3.58 12.11
C GLU G 515 9.65 -2.51 12.67
N TYR G 516 10.11 -1.69 13.63
CA TYR G 516 9.36 -0.49 14.00
C TYR G 516 9.23 0.49 12.84
N GLU G 517 10.25 0.61 11.98
CA GLU G 517 10.18 1.59 10.89
C GLU G 517 9.12 1.19 9.86
N ARG G 518 9.09 -0.06 9.41
CA ARG G 518 8.01 -0.50 8.52
C ARG G 518 6.65 -0.47 9.19
N ARG G 519 6.54 -0.73 10.50
CA ARG G 519 5.28 -0.54 11.23
C ARG G 519 4.82 0.91 11.17
N VAL G 520 5.69 1.86 11.48
CA VAL G 520 5.39 3.30 11.37
C VAL G 520 4.93 3.66 9.95
N LEU G 521 5.57 3.14 8.91
CA LEU G 521 5.13 3.33 7.53
C LEU G 521 3.75 2.71 7.26
N LYS G 522 3.44 1.51 7.78
CA LYS G 522 2.10 0.91 7.64
C LYS G 522 1.02 1.70 8.39
N GLU G 523 1.34 2.34 9.51
CA GLU G 523 0.39 3.25 10.16
C GLU G 523 0.21 4.56 9.35
N GLY G 524 1.26 5.01 8.67
CA GLY G 524 1.43 6.38 8.18
C GLY G 524 2.32 7.17 9.14
N GLY G 525 3.46 7.70 8.66
CA GLY G 525 4.64 7.89 9.52
C GLY G 525 4.62 9.02 10.56
N SER G 526 3.61 9.87 10.55
CA SER G 526 3.26 10.72 11.70
C SER G 526 1.77 11.02 11.68
N LEU G 527 1.16 11.32 12.83
CA LEU G 527 -0.24 11.73 12.87
C LEU G 527 -0.46 13.06 12.13
N ALA G 528 0.53 13.95 12.11
CA ALA G 528 0.48 15.17 11.31
C ALA G 528 0.38 14.86 9.80
N ALA G 529 1.31 14.08 9.24
CA ALA G 529 1.28 13.73 7.82
C ALA G 529 0.06 12.86 7.44
N LYS G 530 -0.35 11.93 8.32
CA LYS G 530 -1.55 11.11 8.11
C LYS G 530 -2.81 11.96 8.05
N GLN G 531 -3.03 12.83 9.04
CA GLN G 531 -4.18 13.74 9.03
C GLN G 531 -4.13 14.68 7.84
N CYS G 532 -2.93 15.10 7.43
CA CYS G 532 -2.72 15.99 6.30
C CYS G 532 -3.27 15.40 4.99
N LEU G 533 -2.94 14.15 4.64
CA LEU G 533 -3.56 13.50 3.48
C LEU G 533 -5.02 13.09 3.72
N LEU G 534 -5.34 12.51 4.87
CA LEU G 534 -6.64 11.90 5.12
C LEU G 534 -7.77 12.94 5.23
N ASN G 535 -7.54 14.03 5.97
CA ASN G 535 -8.52 15.10 6.23
C ASN G 535 -8.13 16.48 5.69
N GLY G 536 -6.90 16.68 5.19
CA GLY G 536 -6.50 17.80 4.32
C GLY G 536 -5.45 18.74 4.92
N ALA G 537 -5.52 18.97 6.23
CA ALA G 537 -4.55 19.73 7.02
C ALA G 537 -4.79 19.45 8.51
N PRO G 538 -3.84 19.68 9.42
CA PRO G 538 -4.04 19.38 10.84
C PRO G 538 -5.11 20.25 11.50
N GLU G 539 -5.33 21.50 11.05
CA GLU G 539 -6.48 22.28 11.52
C GLU G 539 -7.81 21.69 11.01
N LEU G 540 -7.86 21.24 9.75
CA LEU G 540 -9.07 20.62 9.20
C LEU G 540 -9.40 19.29 9.88
N ALA G 541 -8.39 18.53 10.32
CA ALA G 541 -8.59 17.33 11.13
C ALA G 541 -9.13 17.68 12.53
N ALA G 542 -8.50 18.64 13.22
CA ALA G 542 -8.96 19.11 14.53
C ALA G 542 -10.39 19.65 14.50
N ASP G 543 -10.76 20.34 13.42
CA ASP G 543 -12.12 20.80 13.18
C ASP G 543 -13.07 19.63 12.87
N TRP G 544 -12.71 18.73 11.94
CA TRP G 544 -13.57 17.61 11.56
C TRP G 544 -13.98 16.73 12.75
N LEU G 545 -13.08 16.54 13.71
CA LEU G 545 -13.36 15.79 14.95
C LEU G 545 -14.52 16.39 15.78
N ASN G 546 -14.88 17.66 15.57
CA ASN G 546 -15.98 18.32 16.26
C ASN G 546 -17.07 18.90 15.33
N ARG G 547 -16.97 18.78 14.00
CA ARG G 547 -17.93 19.39 13.04
C ARG G 547 -19.38 18.98 13.21
N ARG G 548 -19.66 17.81 13.82
CA ARG G 548 -20.99 17.40 14.30
C ARG G 548 -21.68 18.43 15.22
N SER G 549 -20.90 19.26 15.91
CA SER G 549 -21.37 20.33 16.81
C SER G 549 -21.58 21.70 16.13
N GLN G 550 -21.39 21.82 14.82
CA GLN G 550 -21.49 23.09 14.08
C GLN G 550 -22.65 23.06 13.07
N PHE G 551 -23.45 24.12 12.97
CA PHE G 551 -24.65 24.14 12.11
C PHE G 551 -24.31 24.13 10.62
N PHE G 552 -23.47 25.07 10.16
CA PHE G 552 -23.05 25.21 8.77
C PHE G 552 -21.56 24.87 8.67
N PRO G 553 -21.18 23.60 8.51
CA PRO G 553 -19.78 23.19 8.40
C PRO G 553 -19.21 23.53 7.03
N GLU G 554 -17.89 23.69 6.94
CA GLU G 554 -17.19 23.65 5.64
C GLU G 554 -17.07 22.20 5.11
N PRO G 555 -16.84 21.99 3.81
CA PRO G 555 -16.38 20.70 3.28
C PRO G 555 -15.10 20.22 3.95
N ALA G 556 -14.88 18.91 4.02
CA ALA G 556 -13.57 18.34 4.34
C ALA G 556 -12.57 18.65 3.22
N GLY G 557 -11.27 18.78 3.53
CA GLY G 557 -10.23 19.03 2.51
C GLY G 557 -9.47 17.79 2.04
N GLY G 558 -9.50 16.70 2.81
CA GLY G 558 -8.61 15.53 2.65
C GLY G 558 -8.93 14.61 1.47
N LEU G 559 -8.42 13.38 1.51
CA LEU G 559 -9.05 12.27 0.80
C LEU G 559 -10.53 12.17 1.17
N TRP G 560 -10.93 12.52 2.39
CA TRP G 560 -12.35 12.57 2.77
C TRP G 560 -13.16 13.62 2.01
N SER G 561 -12.55 14.57 1.30
CA SER G 561 -13.28 15.49 0.40
C SER G 561 -13.86 14.78 -0.83
N ILE G 562 -13.28 13.63 -1.19
CA ILE G 562 -13.59 12.86 -2.39
C ILE G 562 -14.65 11.81 -2.04
N ARG G 563 -15.60 11.54 -2.94
CA ARG G 563 -16.48 10.36 -2.87
C ARG G 563 -16.74 9.85 -4.29
N PRO G 564 -15.99 8.84 -4.78
CA PRO G 564 -16.18 8.31 -6.13
C PRO G 564 -17.48 7.51 -6.24
N GLN G 565 -18.05 7.42 -7.44
CA GLN G 565 -19.44 6.95 -7.62
C GLN G 565 -19.73 5.55 -7.07
N ASN G 566 -18.77 4.64 -7.10
CA ASN G 566 -18.91 3.28 -6.56
C ASN G 566 -18.35 3.10 -5.13
N GLY G 567 -17.77 4.14 -4.52
CA GLY G 567 -16.82 3.98 -3.41
C GLY G 567 -15.43 3.55 -3.88
N TRP G 568 -14.46 3.42 -2.96
CA TRP G 568 -13.08 3.09 -3.31
C TRP G 568 -12.87 1.63 -3.71
N SER G 569 -13.74 0.71 -3.32
CA SER G 569 -13.59 -0.72 -3.63
C SER G 569 -14.19 -1.08 -4.98
N PHE G 570 -13.55 -1.99 -5.71
CA PHE G 570 -14.00 -2.42 -7.03
C PHE G 570 -15.06 -3.53 -7.01
N ILE G 571 -15.30 -4.12 -5.84
CA ILE G 571 -16.17 -5.27 -5.64
C ILE G 571 -17.62 -4.93 -5.96
N ARG G 572 -18.32 -5.81 -6.67
CA ARG G 572 -19.60 -5.51 -7.32
C ARG G 572 -20.70 -6.48 -6.95
N ILE G 573 -21.83 -5.91 -6.59
CA ILE G 573 -23.09 -6.62 -6.32
C ILE G 573 -24.02 -6.29 -7.50
N PRO G 574 -24.62 -7.27 -8.18
CA PRO G 574 -25.34 -7.01 -9.43
C PRO G 574 -26.52 -6.05 -9.21
N GLY G 575 -26.66 -5.06 -10.10
CA GLY G 575 -27.74 -4.08 -10.04
C GLY G 575 -29.10 -4.72 -10.28
N LYS G 576 -30.12 -4.35 -9.50
CA LYS G 576 -31.41 -5.07 -9.47
C LYS G 576 -32.19 -5.00 -10.79
N GLU G 577 -31.91 -3.99 -11.63
CA GLU G 577 -32.42 -3.91 -13.01
C GLU G 577 -32.10 -5.16 -13.85
N SER G 578 -31.03 -5.88 -13.51
CA SER G 578 -30.63 -7.12 -14.19
C SER G 578 -31.72 -8.19 -14.20
N LEU G 579 -32.61 -8.21 -13.21
CA LEU G 579 -33.75 -9.12 -13.20
C LEU G 579 -34.61 -8.93 -14.46
N ILE G 580 -34.85 -7.68 -14.85
CA ILE G 580 -35.60 -7.38 -16.07
C ILE G 580 -34.83 -7.87 -17.29
N THR G 581 -33.58 -7.43 -17.41
CA THR G 581 -32.83 -7.55 -18.66
C THR G 581 -32.24 -8.94 -18.88
N ASP G 582 -32.30 -9.82 -17.90
CA ASP G 582 -32.01 -11.25 -18.07
C ASP G 582 -33.18 -12.08 -18.59
N SER G 583 -34.44 -11.67 -18.45
CA SER G 583 -35.58 -12.47 -18.94
C SER G 583 -36.49 -11.70 -19.87
N GLY G 584 -36.71 -12.23 -21.07
CA GLY G 584 -37.67 -11.66 -22.02
C GLY G 584 -39.10 -11.68 -21.46
N LYS G 585 -39.44 -12.69 -20.67
CA LYS G 585 -40.74 -12.75 -19.98
C LYS G 585 -40.83 -11.65 -18.94
N LEU G 586 -39.79 -11.42 -18.13
CA LEU G 586 -39.85 -10.38 -17.11
C LEU G 586 -39.81 -8.97 -17.72
N TYR G 587 -39.08 -8.78 -18.82
CA TYR G 587 -39.13 -7.53 -19.56
C TYR G 587 -40.52 -7.27 -20.16
N ALA G 588 -41.13 -8.28 -20.78
CA ALA G 588 -42.50 -8.17 -21.27
C ALA G 588 -43.48 -7.87 -20.12
N LEU G 589 -43.28 -8.49 -18.96
CA LEU G 589 -44.12 -8.23 -17.80
C LEU G 589 -44.01 -6.77 -17.35
N ASP G 590 -42.80 -6.19 -17.31
CA ASP G 590 -42.66 -4.81 -16.86
C ASP G 590 -43.40 -3.81 -17.76
N VAL G 591 -43.37 -4.02 -19.09
CA VAL G 591 -44.14 -3.16 -20.00
C VAL G 591 -45.65 -3.38 -19.84
N LEU G 592 -46.10 -4.59 -19.54
CA LEU G 592 -47.51 -4.83 -19.22
C LEU G 592 -47.91 -4.22 -17.88
N LEU G 593 -47.09 -4.29 -16.84
CA LEU G 593 -47.44 -3.68 -15.56
C LEU G 593 -47.40 -2.17 -15.62
N THR G 594 -46.46 -1.56 -16.36
CA THR G 594 -46.54 -0.11 -16.61
C THR G 594 -47.75 0.25 -17.47
N ARG G 595 -48.12 -0.56 -18.48
CA ARG G 595 -49.39 -0.39 -19.22
C ARG G 595 -50.58 -0.39 -18.25
N LEU G 596 -50.74 -1.47 -17.48
CA LEU G 596 -51.90 -1.67 -16.61
C LEU G 596 -51.96 -0.66 -15.46
N LYS G 597 -50.82 -0.31 -14.86
CA LYS G 597 -50.76 0.72 -13.82
C LYS G 597 -51.16 2.11 -14.36
N SER G 598 -50.79 2.42 -15.60
CA SER G 598 -51.23 3.67 -16.26
C SER G 598 -52.73 3.68 -16.57
N GLN G 599 -53.32 2.51 -16.86
CA GLN G 599 -54.76 2.36 -17.10
C GLN G 599 -55.57 2.27 -15.79
N GLY G 600 -54.96 1.84 -14.69
CA GLY G 600 -55.57 1.74 -13.36
C GLY G 600 -56.18 0.38 -13.03
N HIS G 601 -56.12 -0.61 -13.92
CA HIS G 601 -56.65 -1.96 -13.70
C HIS G 601 -55.95 -2.70 -12.56
N ARG G 602 -56.69 -3.50 -11.80
CA ARG G 602 -56.17 -4.45 -10.80
C ARG G 602 -55.75 -5.76 -11.45
N VAL G 603 -54.62 -6.34 -11.03
CA VAL G 603 -54.01 -7.48 -11.73
C VAL G 603 -53.59 -8.64 -10.81
N LEU G 604 -53.84 -9.89 -11.23
CA LEU G 604 -53.28 -11.09 -10.61
C LEU G 604 -52.18 -11.68 -11.49
N ILE G 605 -51.06 -12.11 -10.90
CA ILE G 605 -49.99 -12.81 -11.61
C ILE G 605 -49.91 -14.26 -11.16
N TYR G 606 -49.98 -15.21 -12.10
CA TYR G 606 -49.82 -16.64 -11.83
C TYR G 606 -48.46 -17.16 -12.33
N SER G 607 -47.78 -17.99 -11.53
CA SER G 607 -46.55 -18.69 -11.90
C SER G 607 -46.52 -20.13 -11.38
N GLN G 608 -45.73 -20.99 -12.02
CA GLN G 608 -45.58 -22.39 -11.63
C GLN G 608 -44.68 -22.59 -10.40
N MET G 609 -43.54 -21.90 -10.34
CA MET G 609 -42.45 -22.24 -9.42
C MET G 609 -42.36 -21.26 -8.26
N THR G 610 -42.20 -21.74 -7.03
CA THR G 610 -41.96 -20.82 -5.90
C THR G 610 -40.66 -20.06 -6.08
N ARG G 611 -39.64 -20.68 -6.68
CA ARG G 611 -38.39 -19.97 -7.01
C ARG G 611 -38.60 -18.88 -8.05
N MET G 612 -39.54 -19.06 -8.98
CA MET G 612 -39.93 -17.97 -9.86
C MET G 612 -40.69 -16.89 -9.10
N ILE G 613 -41.60 -17.26 -8.19
CA ILE G 613 -42.33 -16.26 -7.40
C ILE G 613 -41.37 -15.42 -6.54
N ASP G 614 -40.27 -16.00 -6.05
CA ASP G 614 -39.20 -15.19 -5.43
C ASP G 614 -38.63 -14.14 -6.40
N LEU G 615 -38.33 -14.52 -7.64
CA LEU G 615 -37.85 -13.58 -8.65
C LEU G 615 -38.89 -12.50 -8.94
N LEU G 616 -40.15 -12.87 -9.15
CA LEU G 616 -41.22 -11.92 -9.39
C LEU G 616 -41.37 -10.97 -8.20
N GLU G 617 -41.31 -11.47 -6.97
CA GLU G 617 -41.41 -10.63 -5.79
C GLU G 617 -40.24 -9.66 -5.66
N GLU G 618 -39.00 -10.08 -5.87
CA GLU G 618 -37.86 -9.17 -5.80
C GLU G 618 -37.93 -8.06 -6.86
N TYR G 619 -38.44 -8.36 -8.06
CA TYR G 619 -38.76 -7.34 -9.05
C TYR G 619 -39.86 -6.39 -8.54
N MET G 620 -40.96 -6.95 -8.05
CA MET G 620 -42.13 -6.19 -7.68
C MET G 620 -41.88 -5.30 -6.46
N VAL G 621 -41.02 -5.74 -5.54
CA VAL G 621 -40.44 -4.94 -4.46
C VAL G 621 -39.55 -3.85 -5.02
N TYR G 622 -38.63 -4.17 -5.93
CA TYR G 622 -37.68 -3.19 -6.46
C TYR G 622 -38.37 -2.01 -7.16
N ARG G 623 -39.42 -2.30 -7.96
CA ARG G 623 -40.25 -1.26 -8.59
C ARG G 623 -41.36 -0.72 -7.69
N LYS G 624 -41.41 -1.11 -6.42
CA LYS G 624 -42.36 -0.63 -5.39
C LYS G 624 -43.81 -0.64 -5.86
N HIS G 625 -44.24 -1.71 -6.51
CA HIS G 625 -45.57 -1.84 -7.09
C HIS G 625 -46.71 -2.02 -6.07
N THR G 626 -46.41 -2.25 -4.79
CA THR G 626 -47.24 -3.01 -3.82
C THR G 626 -47.31 -4.48 -4.23
N TYR G 627 -47.31 -5.40 -3.26
CA TYR G 627 -47.22 -6.83 -3.53
C TYR G 627 -47.82 -7.65 -2.39
N MET G 628 -48.32 -8.84 -2.72
CA MET G 628 -48.69 -9.90 -1.78
C MET G 628 -48.43 -11.24 -2.47
N ARG G 629 -48.07 -12.28 -1.71
CA ARG G 629 -47.89 -13.65 -2.25
C ARG G 629 -48.55 -14.70 -1.37
N LEU G 630 -49.15 -15.73 -1.98
CA LEU G 630 -49.75 -16.87 -1.29
C LEU G 630 -49.35 -18.20 -1.96
N ASP G 631 -48.06 -18.52 -1.93
CA ASP G 631 -47.56 -19.88 -2.18
C ASP G 631 -48.20 -20.91 -1.24
N GLY G 632 -48.21 -22.20 -1.60
CA GLY G 632 -48.73 -23.24 -0.72
C GLY G 632 -47.99 -23.42 0.61
N SER G 633 -46.79 -22.86 0.77
CA SER G 633 -46.09 -22.79 2.05
C SER G 633 -46.61 -21.68 2.98
N SER G 634 -47.54 -20.84 2.53
CA SER G 634 -48.27 -19.90 3.40
C SER G 634 -49.30 -20.61 4.28
N LYS G 635 -49.45 -20.17 5.53
CA LYS G 635 -50.36 -20.76 6.52
C LYS G 635 -51.81 -20.42 6.21
N ILE G 636 -52.74 -21.29 6.58
CA ILE G 636 -54.18 -21.11 6.29
C ILE G 636 -54.73 -19.84 6.97
N SER G 637 -54.15 -19.45 8.11
CA SER G 637 -54.39 -18.16 8.76
C SER G 637 -53.93 -16.96 7.90
N GLU G 638 -52.71 -17.00 7.39
CA GLU G 638 -52.13 -15.94 6.54
C GLU G 638 -52.93 -15.72 5.26
N ARG G 639 -53.46 -16.80 4.67
CA ARG G 639 -54.29 -16.73 3.44
C ARG G 639 -55.54 -15.88 3.59
N ARG G 640 -55.97 -15.55 4.81
CA ARG G 640 -57.13 -14.70 5.07
C ARG G 640 -56.82 -13.22 4.94
N ASP G 641 -55.88 -12.73 5.74
CA ASP G 641 -55.64 -11.28 5.85
C ASP G 641 -55.17 -10.66 4.54
N MET G 642 -54.37 -11.37 3.74
CA MET G 642 -53.93 -10.86 2.44
C MET G 642 -55.12 -10.71 1.47
N VAL G 643 -56.05 -11.67 1.47
CA VAL G 643 -57.30 -11.59 0.69
C VAL G 643 -58.19 -10.47 1.23
N ALA G 644 -58.32 -10.36 2.55
CA ALA G 644 -59.15 -9.35 3.21
C ALA G 644 -58.62 -7.91 3.02
N ASP G 645 -57.33 -7.73 2.74
CA ASP G 645 -56.76 -6.45 2.33
C ASP G 645 -56.81 -6.22 0.81
N PHE G 646 -56.87 -7.27 -0.01
CA PHE G 646 -56.98 -7.12 -1.47
C PHE G 646 -58.42 -6.92 -1.94
N GLN G 647 -59.35 -7.77 -1.52
CA GLN G 647 -60.77 -7.39 -1.56
C GLN G 647 -61.01 -6.18 -0.65
N ASN G 648 -62.09 -5.44 -0.89
CA ASN G 648 -62.57 -4.37 -0.02
C ASN G 648 -61.59 -3.20 0.23
N ARG G 649 -60.51 -3.09 -0.54
CA ARG G 649 -59.60 -1.93 -0.59
C ARG G 649 -59.14 -1.65 -2.02
N ASN G 650 -58.71 -0.42 -2.26
CA ASN G 650 -58.02 0.02 -3.47
C ASN G 650 -56.51 0.25 -3.24
N ASP G 651 -55.99 -0.20 -2.09
CA ASP G 651 -54.63 0.08 -1.59
C ASP G 651 -53.51 -0.64 -2.36
N ILE G 652 -53.85 -1.73 -3.05
CA ILE G 652 -52.90 -2.64 -3.71
C ILE G 652 -53.16 -2.67 -5.22
N PHE G 653 -52.10 -2.78 -6.02
CA PHE G 653 -52.17 -2.92 -7.49
C PHE G 653 -52.23 -4.38 -7.94
N VAL G 654 -51.42 -5.25 -7.33
CA VAL G 654 -51.09 -6.57 -7.86
C VAL G 654 -50.93 -7.64 -6.78
N PHE G 655 -51.24 -8.89 -7.13
CA PHE G 655 -51.12 -10.06 -6.26
C PHE G 655 -50.34 -11.17 -6.99
N LEU G 656 -49.47 -11.90 -6.29
CA LEU G 656 -48.72 -13.05 -6.80
C LEU G 656 -49.35 -14.35 -6.29
N LEU G 657 -49.64 -15.28 -7.19
CA LEU G 657 -50.22 -16.58 -6.88
C LEU G 657 -49.43 -17.69 -7.55
N SER G 658 -49.28 -18.83 -6.88
CA SER G 658 -48.99 -20.06 -7.61
C SER G 658 -50.26 -20.55 -8.30
N THR G 659 -50.10 -21.22 -9.43
CA THR G 659 -51.23 -21.79 -10.20
C THR G 659 -52.07 -22.77 -9.38
N ARG G 660 -51.54 -23.32 -8.29
CA ARG G 660 -52.14 -24.44 -7.55
C ARG G 660 -52.55 -24.12 -6.11
N ALA G 661 -51.90 -23.19 -5.42
CA ALA G 661 -52.40 -22.68 -4.14
C ALA G 661 -53.47 -21.59 -4.34
N GLY G 662 -53.31 -20.78 -5.38
CA GLY G 662 -54.21 -19.67 -5.69
C GLY G 662 -55.40 -20.03 -6.59
N GLY G 663 -55.26 -21.10 -7.38
CA GLY G 663 -56.18 -21.38 -8.48
C GLY G 663 -57.62 -21.76 -8.09
N LEU G 664 -57.86 -22.16 -6.84
CA LEU G 664 -59.15 -22.74 -6.42
C LEU G 664 -59.91 -21.82 -5.44
N GLY G 665 -61.08 -21.37 -5.87
CA GLY G 665 -62.18 -20.84 -5.03
C GLY G 665 -61.98 -19.52 -4.28
N ILE G 666 -60.88 -18.79 -4.49
CA ILE G 666 -60.58 -17.58 -3.68
C ILE G 666 -61.48 -16.37 -4.06
N ASN G 667 -61.93 -16.30 -5.32
CA ASN G 667 -62.87 -15.30 -5.84
C ASN G 667 -62.40 -13.85 -5.65
N LEU G 668 -61.21 -13.52 -6.16
CA LEU G 668 -60.62 -12.17 -6.10
C LEU G 668 -61.25 -11.22 -7.14
N THR G 669 -62.56 -10.99 -7.05
CA THR G 669 -63.33 -10.13 -7.98
C THR G 669 -62.94 -8.65 -7.95
N ALA G 670 -62.11 -8.23 -6.99
CA ALA G 670 -61.45 -6.94 -7.02
C ALA G 670 -60.45 -6.82 -8.21
N ALA G 671 -59.92 -7.92 -8.73
CA ALA G 671 -59.06 -7.93 -9.90
C ALA G 671 -59.86 -7.68 -11.19
N ASP G 672 -59.31 -6.86 -12.10
CA ASP G 672 -59.84 -6.66 -13.45
C ASP G 672 -59.14 -7.55 -14.48
N THR G 673 -57.88 -7.92 -14.23
CA THR G 673 -56.97 -8.48 -15.22
C THR G 673 -56.06 -9.55 -14.63
N VAL G 674 -55.55 -10.44 -15.47
CA VAL G 674 -54.71 -11.57 -15.05
C VAL G 674 -53.52 -11.74 -15.99
N ILE G 675 -52.34 -12.03 -15.47
CA ILE G 675 -51.18 -12.43 -16.26
C ILE G 675 -50.69 -13.81 -15.81
N PHE G 676 -50.75 -14.78 -16.70
CA PHE G 676 -50.05 -16.05 -16.53
C PHE G 676 -48.62 -15.86 -16.99
N TYR G 677 -47.73 -15.63 -16.02
CA TYR G 677 -46.31 -15.64 -16.28
C TYR G 677 -45.86 -17.04 -16.72
N ASP G 678 -46.55 -18.08 -16.24
CA ASP G 678 -46.40 -19.46 -16.69
C ASP G 678 -47.74 -20.12 -16.97
N SER G 679 -47.83 -20.89 -18.04
CA SER G 679 -48.85 -21.92 -18.23
C SER G 679 -48.40 -23.27 -17.65
N ASP G 680 -49.34 -24.06 -17.14
CA ASP G 680 -49.10 -25.38 -16.54
C ASP G 680 -48.96 -26.51 -17.59
N TRP G 681 -48.23 -27.59 -17.28
CA TRP G 681 -48.17 -28.79 -18.13
C TRP G 681 -49.51 -29.52 -18.26
N ASN G 682 -50.35 -29.48 -17.22
CA ASN G 682 -51.74 -29.94 -17.27
C ASN G 682 -52.64 -28.82 -17.84
N PRO G 683 -53.17 -28.95 -19.07
CA PRO G 683 -54.01 -27.91 -19.67
C PRO G 683 -55.30 -27.68 -18.88
N THR G 684 -55.99 -26.59 -19.20
CA THR G 684 -57.22 -26.11 -18.54
C THR G 684 -57.06 -25.74 -17.07
N VAL G 685 -56.01 -26.16 -16.35
CA VAL G 685 -55.76 -25.68 -14.99
C VAL G 685 -55.54 -24.16 -14.98
N ASP G 686 -54.91 -23.60 -16.02
CA ASP G 686 -54.85 -22.15 -16.23
C ASP G 686 -56.26 -21.55 -16.37
N GLN G 687 -57.15 -22.17 -17.16
CA GLN G 687 -58.53 -21.71 -17.35
C GLN G 687 -59.33 -21.79 -16.05
N GLN G 688 -59.15 -22.88 -15.29
CA GLN G 688 -59.73 -23.03 -13.96
C GLN G 688 -59.24 -21.90 -13.04
N ALA G 689 -57.97 -21.50 -13.14
CA ALA G 689 -57.41 -20.38 -12.37
C ALA G 689 -57.86 -18.99 -12.90
N MET G 690 -58.07 -18.81 -14.21
CA MET G 690 -58.62 -17.58 -14.79
C MET G 690 -59.99 -17.26 -14.20
N ASP G 691 -60.86 -18.25 -14.10
CA ASP G 691 -62.21 -18.04 -13.60
C ASP G 691 -62.28 -17.67 -12.12
N ARG G 692 -61.19 -17.79 -11.34
CA ARG G 692 -61.15 -17.26 -9.95
C ARG G 692 -60.93 -15.75 -9.89
N ALA G 693 -60.60 -15.13 -11.03
CA ALA G 693 -60.91 -13.73 -11.30
C ALA G 693 -62.26 -13.60 -12.03
N HIS G 694 -62.44 -14.25 -13.19
CA HIS G 694 -63.61 -14.02 -14.08
C HIS G 694 -64.94 -14.48 -13.49
N ARG G 695 -65.72 -13.55 -12.93
CA ARG G 695 -67.09 -13.78 -12.43
C ARG G 695 -67.87 -12.49 -12.18
N LEU G 696 -69.17 -12.66 -11.91
CA LEU G 696 -70.24 -11.66 -11.96
C LEU G 696 -69.93 -10.31 -11.30
N GLY G 697 -69.18 -10.28 -10.20
CA GLY G 697 -68.90 -9.04 -9.45
C GLY G 697 -68.06 -7.99 -10.21
N GLN G 698 -67.39 -8.37 -11.29
CA GLN G 698 -66.52 -7.48 -12.06
C GLN G 698 -67.32 -6.53 -12.98
N THR G 699 -67.72 -5.38 -12.45
CA THR G 699 -68.53 -4.39 -13.20
C THR G 699 -67.79 -3.70 -14.35
N LYS G 700 -66.46 -3.58 -14.29
CA LYS G 700 -65.66 -2.71 -15.17
C LYS G 700 -65.29 -3.35 -16.51
N GLN G 701 -64.30 -4.25 -16.50
CA GLN G 701 -63.68 -4.92 -17.65
C GLN G 701 -63.04 -6.25 -17.21
N VAL G 702 -62.71 -7.12 -18.17
CA VAL G 702 -62.05 -8.42 -17.91
C VAL G 702 -60.93 -8.66 -18.93
N THR G 703 -59.70 -8.98 -18.50
CA THR G 703 -58.64 -9.41 -19.44
C THR G 703 -57.73 -10.52 -18.88
N VAL G 704 -57.14 -11.33 -19.77
CA VAL G 704 -56.14 -12.34 -19.41
C VAL G 704 -54.97 -12.36 -20.41
N TYR G 705 -53.74 -12.41 -19.92
CA TYR G 705 -52.52 -12.51 -20.73
C TYR G 705 -51.77 -13.80 -20.42
N ARG G 706 -51.16 -14.43 -21.43
CA ARG G 706 -50.13 -15.48 -21.29
C ARG G 706 -48.80 -14.95 -21.77
N LEU G 707 -47.70 -15.11 -21.02
CA LEU G 707 -46.35 -14.79 -21.50
C LEU G 707 -45.59 -16.08 -21.79
N ILE G 708 -45.10 -16.27 -23.02
CA ILE G 708 -44.51 -17.54 -23.46
C ILE G 708 -43.21 -17.32 -24.24
N CYS G 709 -42.19 -18.15 -23.98
CA CYS G 709 -40.95 -18.17 -24.78
C CYS G 709 -41.21 -18.55 -26.24
N LYS G 710 -40.46 -17.96 -27.20
CA LYS G 710 -40.47 -18.31 -28.62
C LYS G 710 -39.90 -19.71 -28.91
N GLY G 711 -40.70 -20.75 -28.71
CA GLY G 711 -40.44 -22.13 -29.18
C GLY G 711 -39.39 -22.93 -28.43
N THR G 712 -38.77 -22.38 -27.38
CA THR G 712 -37.63 -23.01 -26.68
C THR G 712 -38.00 -24.31 -25.98
N ILE G 713 -39.12 -24.29 -25.25
CA ILE G 713 -39.76 -25.44 -24.61
C ILE G 713 -41.22 -25.14 -24.29
N GLU G 714 -41.55 -23.90 -23.90
CA GLU G 714 -42.89 -23.53 -23.44
C GLU G 714 -43.96 -23.63 -24.54
N GLU G 715 -43.57 -23.65 -25.81
CA GLU G 715 -44.47 -24.02 -26.93
C GLU G 715 -45.08 -25.41 -26.74
N ARG G 716 -44.37 -26.39 -26.17
CA ARG G 716 -44.95 -27.72 -25.94
C ARG G 716 -46.19 -27.67 -25.05
N ILE G 717 -46.28 -26.68 -24.15
CA ILE G 717 -47.50 -26.47 -23.35
C ILE G 717 -48.64 -25.98 -24.24
N LEU G 718 -48.45 -24.91 -25.01
CA LEU G 718 -49.55 -24.39 -25.84
C LEU G 718 -49.96 -25.41 -26.93
N GLN G 719 -49.01 -26.19 -27.46
CA GLN G 719 -49.30 -27.34 -28.32
C GLN G 719 -50.21 -28.34 -27.62
N ARG G 720 -49.77 -28.91 -26.49
CA ARG G 720 -50.51 -29.96 -25.79
C ARG G 720 -51.82 -29.46 -25.19
N ALA G 721 -51.92 -28.18 -24.86
CA ALA G 721 -53.17 -27.54 -24.46
C ALA G 721 -54.17 -27.44 -25.61
N LYS G 722 -53.77 -26.91 -26.77
CA LYS G 722 -54.67 -26.86 -27.94
C LYS G 722 -55.03 -28.28 -28.43
N GLU G 723 -54.10 -29.22 -28.39
CA GLU G 723 -54.36 -30.62 -28.73
C GLU G 723 -55.39 -31.27 -27.78
N LYS G 724 -55.18 -31.20 -26.45
CA LYS G 724 -56.12 -31.77 -25.48
C LYS G 724 -57.45 -31.01 -25.39
N SER G 725 -57.50 -29.74 -25.82
CA SER G 725 -58.73 -28.93 -25.77
C SER G 725 -59.92 -29.54 -26.53
N GLU G 726 -59.69 -30.35 -27.58
CA GLU G 726 -60.79 -31.06 -28.27
C GLU G 726 -61.46 -32.10 -27.36
N ILE G 727 -60.66 -32.92 -26.67
CA ILE G 727 -61.15 -33.89 -25.69
C ILE G 727 -61.85 -33.16 -24.56
N GLN G 728 -61.24 -32.08 -24.08
CA GLN G 728 -61.71 -31.31 -22.93
C GLN G 728 -62.98 -30.50 -23.24
N ARG G 729 -63.23 -30.16 -24.50
CA ARG G 729 -64.56 -29.73 -24.98
C ARG G 729 -65.52 -30.92 -25.00
N MET G 730 -65.25 -31.96 -25.79
CA MET G 730 -66.28 -32.94 -26.19
C MET G 730 -66.87 -33.77 -25.04
N VAL G 731 -66.24 -33.79 -23.86
CA VAL G 731 -66.83 -34.37 -22.63
C VAL G 731 -67.93 -33.53 -21.98
N ILE G 732 -68.08 -32.24 -22.34
CA ILE G 732 -69.09 -31.32 -21.77
C ILE G 732 -69.77 -30.39 -22.79
N SER G 733 -69.18 -30.20 -23.99
CA SER G 733 -69.68 -29.34 -25.09
C SER G 733 -69.41 -29.97 -26.45
N LEU H 1 -74.20 -29.65 49.07
CA LEU H 1 -74.49 -31.11 49.06
C LEU H 1 -74.76 -31.60 47.63
N THR H 2 -76.01 -31.56 47.16
CA THR H 2 -76.43 -32.09 45.84
C THR H 2 -75.87 -31.31 44.64
N GLU H 3 -75.55 -30.02 44.83
CA GLU H 3 -75.10 -29.12 43.76
C GLU H 3 -73.75 -29.53 43.15
N GLU H 4 -72.85 -30.14 43.93
CA GLU H 4 -71.49 -30.51 43.50
C GLU H 4 -71.50 -31.55 42.37
N MET H 5 -72.49 -32.45 42.37
CA MET H 5 -72.72 -33.44 41.31
C MET H 5 -72.96 -32.77 39.95
N LEU H 6 -73.61 -31.60 39.95
CA LEU H 6 -73.79 -30.77 38.76
C LEU H 6 -72.60 -29.84 38.52
N LEU H 7 -72.02 -29.22 39.56
CA LEU H 7 -70.88 -28.30 39.44
C LEU H 7 -69.70 -28.97 38.71
N LYS H 8 -69.41 -30.23 39.05
CA LYS H 8 -68.38 -31.06 38.42
C LYS H 8 -68.57 -31.18 36.89
N ARG H 9 -69.79 -31.01 36.38
CA ARG H 9 -70.07 -30.80 34.94
C ARG H 9 -70.05 -29.30 34.59
N GLU H 10 -70.95 -28.49 35.16
CA GLU H 10 -71.26 -27.16 34.63
C GLU H 10 -70.10 -26.16 34.76
N GLU H 11 -69.25 -26.28 35.79
CA GLU H 11 -68.07 -25.44 35.98
C GLU H 11 -67.06 -25.64 34.83
N ARG H 12 -66.99 -26.88 34.33
CA ARG H 12 -66.17 -27.24 33.17
C ARG H 12 -66.88 -26.89 31.87
N ALA H 13 -68.19 -27.11 31.78
CA ALA H 13 -68.99 -26.82 30.59
C ALA H 13 -69.02 -25.34 30.20
N ARG H 14 -69.16 -24.42 31.17
CA ARG H 14 -69.04 -22.97 30.91
C ARG H 14 -67.66 -22.61 30.36
N LYS H 15 -66.59 -23.28 30.84
CA LYS H 15 -65.24 -23.12 30.33
C LYS H 15 -65.08 -23.68 28.91
N ARG H 16 -65.65 -24.86 28.60
CA ARG H 16 -65.68 -25.42 27.23
C ARG H 16 -66.34 -24.46 26.25
N ARG H 17 -67.52 -23.94 26.58
CA ARG H 17 -68.25 -22.97 25.74
C ARG H 17 -67.43 -21.71 25.50
N LEU H 18 -66.79 -21.17 26.53
CA LEU H 18 -65.94 -19.99 26.42
C LEU H 18 -64.70 -20.26 25.56
N GLN H 19 -63.98 -21.35 25.82
CA GLN H 19 -62.80 -21.74 25.03
C GLN H 19 -63.15 -22.01 23.57
N ALA H 20 -64.26 -22.71 23.30
CA ALA H 20 -64.80 -22.88 21.96
C ALA H 20 -65.06 -21.53 21.30
N ALA H 21 -65.67 -20.56 22.01
CA ALA H 21 -65.96 -19.24 21.47
C ALA H 21 -64.68 -18.47 21.11
N ARG H 22 -63.72 -18.33 22.04
CA ARG H 22 -62.49 -17.56 21.78
C ARG H 22 -61.55 -18.21 20.78
N ARG H 23 -61.61 -19.53 20.62
CA ARG H 23 -61.00 -20.24 19.48
C ARG H 23 -61.76 -19.98 18.18
N ALA H 24 -63.06 -20.19 18.16
CA ALA H 24 -63.87 -20.05 16.96
C ALA H 24 -63.82 -18.63 16.37
N GLU H 25 -63.77 -17.57 17.17
CA GLU H 25 -63.68 -16.21 16.61
C GLU H 25 -62.33 -15.90 15.94
N GLU H 26 -61.23 -16.53 16.38
CA GLU H 26 -59.98 -16.55 15.59
C GLU H 26 -60.16 -17.44 14.35
N HIS H 27 -60.70 -18.64 14.55
CA HIS H 27 -60.91 -19.65 13.52
C HIS H 27 -61.90 -19.20 12.43
N LYS H 28 -62.67 -18.13 12.64
CA LYS H 28 -63.58 -17.47 11.68
C LYS H 28 -63.16 -16.02 11.34
N ASN H 29 -61.96 -15.58 11.70
CA ASN H 29 -61.45 -14.26 11.35
C ASN H 29 -59.92 -14.25 11.15
N PRO H 64 -33.10 17.68 25.04
CA PRO H 64 -32.02 17.62 24.03
C PRO H 64 -32.28 18.50 22.80
N MET H 65 -31.28 18.59 21.91
CA MET H 65 -31.28 19.34 20.64
C MET H 65 -31.42 20.86 20.70
N VAL H 66 -30.38 21.56 20.27
CA VAL H 66 -30.40 22.97 19.81
C VAL H 66 -31.16 23.05 18.50
N ARG H 67 -31.87 24.15 18.21
CA ARG H 67 -32.58 24.32 16.93
C ARG H 67 -32.29 25.67 16.28
N TYR H 68 -32.02 25.63 14.99
CA TYR H 68 -31.91 26.79 14.11
C TYR H 68 -33.07 26.79 13.10
N CYS H 69 -33.61 27.96 12.80
CA CYS H 69 -34.68 28.12 11.84
C CYS H 69 -34.44 29.26 10.84
N SER H 70 -35.11 29.16 9.70
CA SER H 70 -35.37 30.27 8.79
C SER H 70 -36.83 30.20 8.38
N GLY H 71 -37.55 31.32 8.37
CA GLY H 71 -38.99 31.34 8.07
C GLY H 71 -39.49 32.70 7.54
N ALA H 72 -40.80 32.81 7.33
CA ALA H 72 -41.43 34.03 6.82
C ALA H 72 -41.28 35.25 7.76
N GLN H 73 -41.00 35.03 9.05
CA GLN H 73 -40.68 36.05 10.05
C GLN H 73 -39.15 36.27 10.22
N GLY H 74 -38.34 35.83 9.26
CA GLY H 74 -36.88 35.83 9.37
C GLY H 74 -36.34 34.58 10.08
N SER H 75 -35.06 34.62 10.47
CA SER H 75 -34.38 33.50 11.13
C SER H 75 -34.55 33.50 12.66
N THR H 76 -34.24 32.38 13.31
CA THR H 76 -34.12 32.29 14.77
C THR H 76 -33.18 31.15 15.16
N LEU H 77 -32.46 31.30 16.28
CA LEU H 77 -31.65 30.26 16.89
C LEU H 77 -32.11 30.02 18.33
N SER H 78 -32.07 28.78 18.79
CA SER H 78 -32.70 28.42 20.07
C SER H 78 -31.97 27.28 20.78
N PHE H 79 -31.89 27.37 22.11
CA PHE H 79 -31.12 26.45 22.94
C PHE H 79 -31.98 25.85 24.05
N PRO H 80 -31.93 24.54 24.34
CA PRO H 80 -32.65 23.94 25.44
C PRO H 80 -32.06 24.41 26.79
N PRO H 81 -32.86 24.46 27.86
CA PRO H 81 -32.37 24.96 29.14
C PRO H 81 -31.23 24.09 29.65
N GLY H 82 -30.11 24.71 30.01
CA GLY H 82 -28.87 24.05 30.39
C GLY H 82 -27.79 23.98 29.31
N VAL H 83 -28.13 24.20 28.03
CA VAL H 83 -27.12 24.50 27.00
C VAL H 83 -26.59 25.94 27.23
N PRO H 84 -25.30 26.23 27.01
CA PRO H 84 -24.58 27.32 27.71
C PRO H 84 -24.97 28.78 27.47
N ALA H 85 -26.09 29.07 26.79
CA ALA H 85 -26.34 30.37 26.14
C ALA H 85 -25.11 30.79 25.31
N PRO H 86 -24.65 29.92 24.39
CA PRO H 86 -23.25 29.86 23.97
C PRO H 86 -22.74 31.09 23.22
N THR H 87 -23.63 31.91 22.68
CA THR H 87 -23.29 33.24 22.16
C THR H 87 -22.96 34.20 23.31
N ALA H 88 -21.81 34.05 23.94
CA ALA H 88 -21.31 35.01 24.92
C ALA H 88 -21.04 36.36 24.24
N VAL H 89 -21.64 37.45 24.74
CA VAL H 89 -21.50 38.79 24.13
C VAL H 89 -20.07 39.30 24.30
N SER H 90 -19.59 40.10 23.35
CA SER H 90 -18.23 40.67 23.36
C SER H 90 -18.27 42.17 23.16
N GLN H 91 -17.47 42.90 23.93
CA GLN H 91 -17.50 44.36 24.01
C GLN H 91 -16.08 44.96 24.04
N ARG H 92 -15.97 46.22 23.62
CA ARG H 92 -14.67 46.85 23.33
C ARG H 92 -13.82 47.13 24.59
N PRO H 93 -12.49 46.94 24.54
CA PRO H 93 -11.61 47.48 25.57
C PRO H 93 -11.58 49.02 25.53
N SER H 94 -11.16 49.63 26.64
CA SER H 94 -11.18 51.08 26.86
C SER H 94 -9.78 51.59 27.27
N PRO H 95 -8.81 51.63 26.33
CA PRO H 95 -7.42 52.01 26.61
C PRO H 95 -7.24 53.50 26.92
N SER H 96 -6.06 53.87 27.42
CA SER H 96 -5.67 55.27 27.69
C SER H 96 -5.61 56.12 26.41
N GLY H 97 -5.86 57.42 26.55
CA GLY H 97 -5.73 58.40 25.47
C GLY H 97 -4.32 58.46 24.87
N PRO H 98 -3.27 58.75 25.65
CA PRO H 98 -1.89 58.63 25.21
C PRO H 98 -1.40 57.17 25.20
N PRO H 99 -0.72 56.71 24.14
CA PRO H 99 0.17 55.55 24.19
C PRO H 99 1.32 55.75 25.20
N PRO H 100 1.96 54.68 25.70
CA PRO H 100 3.07 54.82 26.64
C PRO H 100 4.32 55.41 25.98
N ARG H 101 4.95 56.40 26.62
CA ARG H 101 6.12 57.12 26.10
C ARG H 101 7.42 56.72 26.83
N CYS H 102 8.57 57.10 26.28
CA CYS H 102 9.89 56.85 26.86
C CYS H 102 10.08 57.54 28.23
N SER H 103 10.83 56.94 29.15
CA SER H 103 11.00 57.50 30.51
C SER H 103 11.95 58.69 30.58
N VAL H 104 12.90 58.81 29.65
CA VAL H 104 13.85 59.92 29.63
C VAL H 104 13.09 61.22 29.36
N PRO H 105 13.20 62.26 30.21
CA PRO H 105 12.27 63.39 30.17
C PRO H 105 12.39 64.26 28.91
N GLY H 106 13.55 64.22 28.23
CA GLY H 106 13.76 64.90 26.95
C GLY H 106 13.29 64.12 25.72
N CYS H 107 12.70 62.93 25.87
CA CYS H 107 12.40 62.05 24.74
C CYS H 107 10.89 62.01 24.41
N PRO H 108 10.47 62.36 23.19
CA PRO H 108 9.07 62.33 22.77
C PRO H 108 8.59 60.96 22.27
N HIS H 109 9.49 59.96 22.18
CA HIS H 109 9.25 58.69 21.50
C HIS H 109 8.33 57.73 22.26
N PRO H 110 7.60 56.84 21.55
CA PRO H 110 6.88 55.72 22.17
C PRO H 110 7.81 54.79 22.94
N ARG H 111 7.28 54.06 23.93
CA ARG H 111 7.97 52.91 24.51
C ARG H 111 8.17 51.85 23.44
N ARG H 112 9.42 51.44 23.19
CA ARG H 112 9.76 50.24 22.41
C ARG H 112 9.87 49.02 23.31
N TYR H 113 10.50 49.19 24.47
CA TYR H 113 10.87 48.15 25.42
C TYR H 113 11.22 48.75 26.79
N ALA H 114 11.51 47.95 27.81
CA ALA H 114 11.92 48.45 29.14
C ALA H 114 13.29 47.91 29.57
N CYS H 115 14.00 48.66 30.41
CA CYS H 115 15.30 48.22 30.93
C CYS H 115 15.16 47.05 31.90
N SER H 116 15.98 46.01 31.76
CA SER H 116 15.97 44.88 32.70
C SER H 116 16.66 45.18 34.05
N ARG H 117 17.62 46.11 34.06
CA ARG H 117 18.45 46.46 35.23
C ARG H 117 17.76 47.44 36.18
N THR H 118 16.84 48.27 35.68
CA THR H 118 16.17 49.32 36.47
C THR H 118 14.64 49.41 36.30
N GLY H 119 14.07 48.83 35.23
CA GLY H 119 12.61 48.74 35.03
C GLY H 119 11.95 49.86 34.21
N GLN H 120 12.63 50.97 33.92
CA GLN H 120 12.08 52.09 33.15
C GLN H 120 11.76 51.72 31.68
N ALA H 121 10.67 52.26 31.16
CA ALA H 121 10.34 52.26 29.73
C ALA H 121 11.36 53.07 28.90
N LEU H 122 11.74 52.57 27.72
CA LEU H 122 12.77 53.13 26.84
C LEU H 122 12.41 53.02 25.36
N CYS H 123 13.09 53.80 24.52
CA CYS H 123 12.84 53.86 23.07
C CYS H 123 14.06 53.58 22.18
N SER H 124 15.28 53.55 22.74
CA SER H 124 16.51 53.49 21.94
C SER H 124 17.72 53.20 22.82
N LEU H 125 18.83 52.81 22.20
CA LEU H 125 20.13 52.72 22.88
C LEU H 125 20.59 54.07 23.44
N GLN H 126 20.30 55.19 22.76
CA GLN H 126 20.58 56.53 23.29
C GLN H 126 19.93 56.71 24.66
N CYS H 127 18.63 56.43 24.76
CA CYS H 127 17.93 56.48 26.04
C CYS H 127 18.40 55.38 27.01
N TYR H 128 18.81 54.19 26.56
CA TYR H 128 19.33 53.15 27.45
C TYR H 128 20.60 53.58 28.16
N ARG H 129 21.56 54.19 27.44
CA ARG H 129 22.75 54.80 28.06
C ARG H 129 22.35 55.94 28.99
N ILE H 130 21.55 56.89 28.51
CA ILE H 130 21.19 58.09 29.27
C ILE H 130 20.43 57.74 30.55
N ASN H 131 19.63 56.68 30.57
CA ASN H 131 19.04 56.14 31.79
C ASN H 131 20.11 55.51 32.70
N LEU H 132 20.81 54.48 32.22
CA LEU H 132 21.65 53.66 33.10
C LEU H 132 22.86 54.43 33.67
N GLN H 133 23.30 55.50 33.00
CA GLN H 133 24.33 56.41 33.50
C GLN H 133 23.99 57.11 34.82
N MET H 134 22.71 57.22 35.18
CA MET H 134 22.25 58.04 36.31
C MET H 134 21.38 57.31 37.34
N ARG H 135 21.35 55.96 37.29
CA ARG H 135 20.79 55.10 38.35
C ARG H 135 21.91 54.41 39.12
N LYS I 1 41.36 -27.34 86.87
CA LYS I 1 39.98 -27.77 87.22
C LYS I 1 38.95 -26.80 86.63
N ASP I 2 37.66 -27.06 86.83
CA ASP I 2 36.54 -26.35 86.18
C ASP I 2 36.66 -24.81 86.28
N PRO I 3 36.51 -24.07 85.16
CA PRO I 3 36.50 -22.60 85.15
C PRO I 3 35.46 -21.95 86.08
N ASN I 4 34.38 -22.65 86.45
CA ASN I 4 33.60 -22.41 87.67
C ASN I 4 32.93 -23.73 88.12
N PHE I 5 32.72 -23.91 89.43
CA PHE I 5 32.00 -25.05 90.02
C PHE I 5 30.49 -24.77 90.24
N VAL I 6 30.02 -23.54 90.03
CA VAL I 6 28.60 -23.16 90.12
C VAL I 6 28.25 -22.10 89.07
N HIS I 7 26.99 -22.08 88.60
CA HIS I 7 26.59 -21.36 87.38
C HIS I 7 25.22 -20.70 87.52
N SER I 8 25.01 -19.58 86.84
CA SER I 8 23.76 -18.82 86.88
C SER I 8 22.60 -19.49 86.11
N GLY I 9 21.36 -19.08 86.40
CA GLY I 9 20.15 -19.46 85.65
C GLY I 9 19.78 -18.39 84.62
N HIS I 10 20.36 -18.47 83.42
CA HIS I 10 20.45 -17.32 82.49
C HIS I 10 19.13 -16.92 81.82
N GLY I 11 18.14 -17.80 81.82
CA GLY I 11 16.83 -17.59 81.19
C GLY I 11 16.08 -18.91 80.89
N GLY I 12 16.81 -19.98 80.58
CA GLY I 12 16.26 -21.34 80.54
C GLY I 12 15.87 -21.85 81.95
N ALA I 13 14.79 -22.61 82.06
CA ALA I 13 14.24 -23.09 83.33
C ALA I 13 14.86 -24.41 83.81
N VAL I 14 14.69 -24.74 85.10
CA VAL I 14 14.98 -26.08 85.65
C VAL I 14 13.95 -27.12 85.16
N ALA I 15 12.66 -26.74 85.15
CA ALA I 15 11.53 -27.58 84.78
C ALA I 15 10.35 -26.74 84.25
N GLY I 16 9.41 -27.41 83.58
CA GLY I 16 8.26 -26.80 82.90
C GLY I 16 8.21 -27.15 81.41
N LYS I 17 7.15 -26.69 80.71
CA LYS I 17 6.84 -26.98 79.22
C LYS I 17 7.92 -25.86 78.62
N LYS I 18 8.40 -24.85 79.39
CA LYS I 18 9.41 -23.83 79.01
C LYS I 18 10.81 -24.40 78.64
N ASN I 19 11.53 -23.71 77.78
CA ASN I 19 12.83 -24.12 77.23
C ASN I 19 13.99 -24.17 78.25
N ARG I 20 15.08 -24.83 77.84
CA ARG I 20 16.37 -24.93 78.56
C ARG I 20 17.53 -24.26 77.78
N THR I 21 17.20 -23.25 76.96
CA THR I 21 18.02 -22.86 75.78
C THR I 21 18.17 -21.35 75.58
N TRP I 22 17.33 -20.54 76.22
CA TRP I 22 16.98 -19.17 75.81
C TRP I 22 16.17 -19.12 74.50
N LYS I 23 15.52 -17.96 74.25
CA LYS I 23 14.68 -17.67 73.08
C LYS I 23 15.47 -17.89 71.78
N ASN I 24 14.90 -18.58 70.81
CA ASN I 24 15.54 -18.73 69.50
C ASN I 24 15.45 -17.44 68.68
N LEU I 25 16.30 -17.36 67.65
CA LEU I 25 16.54 -16.14 66.86
C LEU I 25 15.25 -15.49 66.35
N LYS I 26 14.29 -16.29 65.89
CA LYS I 26 13.00 -15.82 65.37
C LYS I 26 12.20 -15.04 66.43
N GLN I 27 12.26 -15.46 67.70
CA GLN I 27 11.66 -14.73 68.82
C GLN I 27 12.47 -13.48 69.20
N ILE I 28 13.80 -13.52 69.04
CA ILE I 28 14.66 -12.37 69.37
C ILE I 28 14.34 -11.19 68.45
N LEU I 29 14.43 -11.36 67.12
CA LEU I 29 14.16 -10.27 66.18
C LEU I 29 12.66 -9.88 66.10
N ALA I 30 11.77 -10.62 66.77
CA ALA I 30 10.42 -10.17 67.05
C ALA I 30 10.37 -9.29 68.31
N SER I 31 10.79 -9.83 69.45
CA SER I 31 10.69 -9.14 70.75
C SER I 31 11.51 -7.86 70.83
N GLU I 32 12.62 -7.78 70.10
CA GLU I 32 13.47 -6.59 70.02
C GLU I 32 12.78 -5.37 69.38
N ARG I 33 11.64 -5.55 68.70
CA ARG I 33 10.90 -4.46 68.01
C ARG I 33 10.25 -3.44 68.95
N ALA I 34 10.01 -3.81 70.21
CA ALA I 34 9.34 -2.95 71.20
C ALA I 34 10.21 -1.78 71.71
N LEU I 35 11.53 -1.85 71.51
CA LEU I 35 12.51 -0.87 71.96
C LEU I 35 12.38 0.47 71.20
N PRO I 36 12.90 1.59 71.77
CA PRO I 36 12.83 2.93 71.18
C PRO I 36 13.82 3.16 70.01
N TRP I 37 13.75 2.32 68.98
CA TRP I 37 14.56 2.43 67.76
C TRP I 37 14.29 3.71 66.96
N GLN I 38 15.28 4.15 66.18
CA GLN I 38 15.25 5.36 65.35
C GLN I 38 15.85 5.12 63.95
N LEU I 39 15.57 6.05 63.02
CA LEU I 39 15.94 5.97 61.60
C LEU I 39 17.45 5.89 61.31
N ASN I 40 18.30 6.27 62.27
CA ASN I 40 19.77 6.28 62.15
C ASN I 40 20.47 5.03 62.74
N ASP I 41 19.72 4.12 63.37
CA ASP I 41 20.31 3.08 64.22
C ASP I 41 20.95 1.91 63.44
N PRO I 42 22.02 1.29 63.97
CA PRO I 42 22.55 -0.04 63.59
C PRO I 42 21.59 -1.23 63.74
N ASN I 43 20.28 -1.03 63.56
CA ASN I 43 19.22 -2.01 63.83
C ASN I 43 19.37 -3.26 62.96
N TYR I 44 19.50 -4.44 63.59
CA TYR I 44 19.70 -5.72 62.92
C TYR I 44 18.58 -6.11 61.92
N PHE I 45 17.37 -5.54 62.03
CA PHE I 45 16.31 -5.75 61.02
C PHE I 45 16.65 -5.13 59.66
N SER I 46 17.51 -4.10 59.63
CA SER I 46 17.73 -3.23 58.46
C SER I 46 18.90 -3.64 57.55
N ILE I 47 19.68 -4.65 57.96
CA ILE I 47 20.95 -5.02 57.32
C ILE I 47 20.77 -6.08 56.22
N ASP I 48 19.67 -6.83 56.21
CA ASP I 48 19.39 -7.77 55.12
C ASP I 48 19.27 -7.06 53.78
N ALA I 49 20.05 -7.52 52.79
CA ALA I 49 20.14 -6.93 51.47
C ALA I 49 18.80 -6.86 50.71
N PRO I 50 18.61 -5.87 49.82
CA PRO I 50 17.41 -5.70 49.02
C PRO I 50 17.19 -6.83 48.01
N PRO I 51 15.99 -6.94 47.43
CA PRO I 51 15.73 -7.89 46.36
C PRO I 51 16.51 -7.54 45.09
N SER I 52 16.79 -8.52 44.23
CA SER I 52 17.48 -8.27 42.95
C SER I 52 16.66 -7.39 42.02
N PHE I 53 17.28 -6.37 41.44
CA PHE I 53 16.58 -5.37 40.63
C PHE I 53 16.36 -5.84 39.18
N LYS I 54 17.31 -6.60 38.63
CA LYS I 54 17.18 -7.28 37.33
C LYS I 54 16.45 -8.62 37.48
N PRO I 55 15.77 -9.12 36.45
CA PRO I 55 15.16 -10.45 36.47
C PRO I 55 16.24 -11.53 36.46
N ALA I 56 16.06 -12.58 37.25
CA ALA I 56 17.06 -13.62 37.44
C ALA I 56 17.29 -14.47 36.18
N LYS I 57 18.55 -14.80 35.88
CA LYS I 57 18.94 -15.73 34.80
C LYS I 57 18.36 -17.13 35.06
N LYS I 58 18.19 -17.92 34.01
CA LYS I 58 17.76 -19.33 34.09
C LYS I 58 18.88 -20.27 33.66
N TYR I 59 19.23 -21.21 34.54
CA TYR I 59 20.21 -22.27 34.27
C TYR I 59 19.55 -23.63 34.44
N SER I 60 19.86 -24.57 33.57
CA SER I 60 19.21 -25.89 33.56
C SER I 60 19.46 -26.64 34.85
N ASP I 61 18.42 -27.27 35.40
CA ASP I 61 18.52 -27.86 36.72
C ASP I 61 19.53 -29.02 36.75
N VAL I 62 19.46 -29.90 35.75
CA VAL I 62 20.18 -31.18 35.71
C VAL I 62 21.67 -31.06 35.41
N SER I 63 22.14 -29.95 34.84
CA SER I 63 23.54 -29.81 34.37
C SER I 63 24.13 -28.40 34.50
N GLY I 64 23.34 -27.38 34.80
CA GLY I 64 23.83 -26.01 34.97
C GLY I 64 24.12 -25.24 33.68
N LEU I 65 24.03 -25.88 32.51
CA LEU I 65 24.12 -25.17 31.23
C LEU I 65 22.96 -24.16 31.09
N LEU I 66 23.10 -23.12 30.27
CA LEU I 66 22.06 -22.10 30.10
C LEU I 66 20.76 -22.73 29.58
N ALA I 67 19.62 -22.44 30.21
CA ALA I 67 18.36 -23.07 29.84
C ALA I 67 17.55 -22.21 28.88
N ASN I 68 17.31 -22.71 27.67
CA ASN I 68 16.39 -22.08 26.73
C ASN I 68 14.92 -22.49 26.97
N TYR I 69 14.67 -23.51 27.79
CA TYR I 69 13.39 -24.24 27.78
C TYR I 69 12.92 -24.66 29.18
N THR I 70 11.62 -24.89 29.32
CA THR I 70 10.99 -25.49 30.51
C THR I 70 9.98 -26.55 30.12
N ASP I 71 10.04 -27.73 30.72
CA ASP I 71 9.16 -28.86 30.41
C ASP I 71 7.72 -28.57 30.89
N PRO I 72 6.68 -28.68 30.06
CA PRO I 72 5.29 -28.53 30.50
C PRO I 72 4.88 -29.47 31.65
N GLN I 73 5.41 -30.69 31.70
CA GLN I 73 5.00 -31.70 32.70
C GLN I 73 5.63 -31.46 34.07
N SER I 74 6.95 -31.59 34.18
CA SER I 74 7.66 -31.45 35.45
C SER I 74 7.94 -30.00 35.86
N LYS I 75 7.90 -29.05 34.91
CA LYS I 75 8.23 -27.64 35.10
C LYS I 75 9.70 -27.35 35.48
N LEU I 76 10.60 -28.33 35.37
CA LEU I 76 12.04 -28.08 35.39
C LEU I 76 12.48 -27.32 34.13
N ARG I 77 13.66 -26.72 34.19
CA ARG I 77 14.29 -25.96 33.09
C ARG I 77 15.50 -26.72 32.55
N PHE I 78 15.63 -26.82 31.23
CA PHE I 78 16.60 -27.70 30.55
C PHE I 78 17.23 -27.04 29.31
N SER I 79 18.36 -27.56 28.84
CA SER I 79 19.20 -26.91 27.83
C SER I 79 19.21 -27.60 26.46
N THR I 80 19.21 -28.93 26.41
CA THR I 80 19.56 -29.69 25.19
C THR I 80 18.58 -30.83 24.88
N ILE I 81 18.67 -31.36 23.66
CA ILE I 81 17.76 -32.43 23.21
C ILE I 81 17.91 -33.72 24.02
N GLU I 82 19.13 -34.15 24.35
CA GLU I 82 19.29 -35.34 25.19
C GLU I 82 18.88 -35.09 26.64
N GLU I 83 19.00 -33.86 27.17
CA GLU I 83 18.46 -33.54 28.49
C GLU I 83 16.94 -33.68 28.56
N PHE I 84 16.20 -33.30 27.51
CA PHE I 84 14.76 -33.54 27.47
C PHE I 84 14.41 -35.04 27.50
N SER I 85 15.20 -35.88 26.79
CA SER I 85 15.01 -37.34 26.86
C SER I 85 15.36 -37.90 28.24
N TYR I 86 16.33 -37.30 28.93
CA TYR I 86 16.79 -37.71 30.24
C TYR I 86 15.77 -37.37 31.33
N ILE I 87 15.30 -36.12 31.39
CA ILE I 87 14.39 -35.70 32.46
C ILE I 87 13.08 -36.51 32.48
N ARG I 88 12.51 -36.84 31.33
CA ARG I 88 11.26 -37.63 31.25
C ARG I 88 11.38 -39.05 31.82
N ARG I 89 12.61 -39.55 32.05
CA ARG I 89 12.85 -40.83 32.73
C ARG I 89 13.05 -40.71 34.25
N LEU I 90 13.23 -39.51 34.80
CA LEU I 90 13.54 -39.33 36.22
C LEU I 90 12.34 -39.63 37.14
N PRO I 91 12.58 -40.17 38.35
CA PRO I 91 11.52 -40.39 39.34
C PRO I 91 11.07 -39.08 39.99
N SER I 92 9.81 -39.02 40.42
CA SER I 92 9.24 -37.83 41.07
C SER I 92 10.04 -37.38 42.29
N ASP I 93 10.66 -38.31 43.00
CA ASP I 93 11.50 -38.04 44.19
C ASP I 93 12.72 -37.16 43.90
N VAL I 94 13.25 -37.14 42.67
CA VAL I 94 14.29 -36.16 42.30
C VAL I 94 13.71 -34.95 41.59
N VAL I 95 12.63 -35.10 40.83
CA VAL I 95 11.91 -33.97 40.20
C VAL I 95 11.47 -32.96 41.25
N THR I 96 10.78 -33.41 42.31
CA THR I 96 10.41 -32.55 43.44
C THR I 96 11.65 -32.01 44.15
N GLY I 97 12.77 -32.74 44.14
CA GLY I 97 14.04 -32.30 44.71
C GLY I 97 14.59 -31.07 44.00
N TYR I 98 14.73 -31.11 42.69
CA TYR I 98 15.18 -29.95 41.90
C TYR I 98 14.24 -28.77 42.05
N LEU I 99 12.93 -28.99 42.06
CA LEU I 99 11.96 -27.92 42.26
C LEU I 99 12.11 -27.26 43.64
N ALA I 100 12.24 -28.07 44.70
CA ALA I 100 12.44 -27.57 46.06
C ALA I 100 13.76 -26.82 46.22
N LEU I 101 14.83 -27.28 45.56
CA LEU I 101 16.14 -26.64 45.56
C LEU I 101 16.11 -25.20 45.00
N ARG I 102 15.01 -24.83 44.31
CA ARG I 102 14.75 -23.50 43.76
C ARG I 102 13.39 -22.92 44.18
N LYS I 103 12.79 -23.44 45.26
CA LYS I 103 11.47 -23.06 45.83
C LYS I 103 10.36 -22.87 44.78
N ALA I 104 10.29 -23.76 43.81
CA ALA I 104 9.47 -23.61 42.60
C ALA I 104 7.94 -23.50 42.84
N THR I 105 7.20 -23.22 41.76
CA THR I 105 5.75 -22.98 41.74
C THR I 105 4.91 -24.11 42.33
N SER I 106 5.38 -25.36 42.25
CA SER I 106 5.06 -26.41 43.24
C SER I 106 6.30 -26.66 44.11
N ILE I 107 6.12 -26.51 45.43
CA ILE I 107 7.20 -26.39 46.42
C ILE I 107 7.92 -27.73 46.64
N PRO J 1 41.04 -40.34 44.48
CA PRO J 1 39.87 -40.47 45.39
C PRO J 1 39.76 -39.30 46.38
N PHE J 2 38.68 -39.24 47.16
CA PHE J 2 38.64 -38.43 48.38
C PHE J 2 39.71 -38.90 49.39
N ARG J 3 40.22 -38.00 50.22
CA ARG J 3 40.83 -38.31 51.52
C ARG J 3 39.72 -38.47 52.58
N ASP J 4 40.07 -38.48 53.86
CA ASP J 4 39.15 -38.23 54.98
C ASP J 4 39.80 -37.28 56.00
N ALA J 5 38.99 -36.67 56.87
CA ALA J 5 39.45 -35.75 57.91
C ALA J 5 40.28 -36.43 59.02
N ARG J 6 40.93 -35.60 59.85
CA ARG J 6 41.76 -36.01 61.00
C ARG J 6 41.49 -35.14 62.23
N ALA J 7 41.73 -35.67 63.41
CA ALA J 7 41.35 -35.07 64.70
C ALA J 7 42.30 -35.50 65.84
N ALA J 8 41.90 -35.22 67.09
CA ALA J 8 42.68 -35.47 68.32
C ALA J 8 44.10 -34.85 68.31
N PRO J 9 44.19 -33.50 68.21
CA PRO J 9 45.46 -32.78 68.32
C PRO J 9 45.98 -32.76 69.77
N ASP J 10 47.18 -32.18 69.97
CA ASP J 10 47.86 -32.07 71.27
C ASP J 10 47.89 -30.65 71.90
N PRO J 11 46.78 -29.89 72.02
CA PRO J 11 46.76 -28.61 72.74
C PRO J 11 46.72 -28.83 74.26
N VAL J 12 47.76 -29.47 74.80
CA VAL J 12 47.92 -29.74 76.24
C VAL J 12 49.04 -28.85 76.79
N LEU J 13 48.75 -28.10 77.86
CA LEU J 13 49.58 -26.99 78.35
C LEU J 13 49.66 -26.96 79.89
N GLU J 14 50.67 -26.26 80.40
CA GLU J 14 50.67 -25.73 81.78
C GLU J 14 49.56 -24.68 81.98
N ALA J 15 49.36 -24.22 83.21
CA ALA J 15 48.26 -23.33 83.59
C ALA J 15 48.25 -21.96 82.88
N GLY J 16 49.37 -21.54 82.28
CA GLY J 16 49.42 -20.38 81.38
C GLY J 16 50.83 -19.82 81.15
N PRO J 17 51.02 -18.94 80.15
CA PRO J 17 52.25 -18.19 79.92
C PRO J 17 52.38 -17.00 80.89
N VAL J 18 53.58 -16.42 80.96
CA VAL J 18 53.87 -15.15 81.65
C VAL J 18 54.75 -14.28 80.75
N ALA J 19 54.49 -12.98 80.70
CA ALA J 19 55.20 -12.02 79.84
C ALA J 19 55.61 -10.75 80.61
N HIS J 20 56.65 -10.06 80.13
CA HIS J 20 57.26 -8.91 80.80
C HIS J 20 56.39 -7.65 80.78
N GLY J 21 56.63 -6.71 81.69
CA GLY J 21 55.70 -5.62 81.97
C GLY J 21 54.49 -6.13 82.78
N PRO J 22 53.24 -5.79 82.40
CA PRO J 22 52.06 -6.38 83.05
C PRO J 22 51.98 -7.88 82.73
N LEU J 23 51.97 -8.72 83.77
CA LEU J 23 52.02 -10.19 83.63
C LEU J 23 50.84 -10.85 82.89
N PRO J 24 49.56 -10.38 82.97
CA PRO J 24 48.46 -11.13 82.39
C PRO J 24 48.39 -11.01 80.86
N VAL J 25 48.88 -12.05 80.18
CA VAL J 25 48.70 -12.26 78.74
C VAL J 25 47.21 -12.46 78.41
N PRO J 26 46.61 -11.67 77.51
CA PRO J 26 45.20 -11.84 77.17
C PRO J 26 44.96 -13.09 76.31
N LEU J 27 43.78 -13.69 76.45
CA LEU J 27 43.30 -14.70 75.49
C LEU J 27 42.65 -14.02 74.29
N VAL J 28 42.88 -14.59 73.13
CA VAL J 28 42.32 -14.17 71.86
C VAL J 28 41.43 -15.30 71.36
N LEU J 29 40.13 -15.05 71.23
CA LEU J 29 39.16 -16.08 70.87
C LEU J 29 38.24 -15.60 69.75
N ASP J 30 38.07 -16.45 68.76
CA ASP J 30 37.10 -16.26 67.70
C ASP J 30 35.97 -17.27 67.91
N ASN J 31 34.74 -16.77 67.96
CA ASN J 31 33.55 -17.56 67.69
C ASN J 31 33.62 -18.12 66.25
N GLY J 32 32.64 -18.94 65.84
CA GLY J 32 32.53 -19.32 64.44
C GLY J 32 31.51 -20.40 64.17
N SER J 33 30.51 -20.09 63.33
CA SER J 33 29.50 -21.06 62.92
C SER J 33 30.10 -22.26 62.16
N PHE J 34 31.20 -22.06 61.43
CA PHE J 34 32.01 -23.17 60.91
C PHE J 34 33.00 -23.68 61.95
N GLN J 35 34.03 -22.90 62.31
CA GLN J 35 35.02 -23.32 63.32
C GLN J 35 35.42 -22.17 64.26
N VAL J 36 35.55 -22.49 65.55
CA VAL J 36 36.16 -21.62 66.57
C VAL J 36 37.67 -21.64 66.39
N ARG J 37 38.34 -20.54 66.71
CA ARG J 37 39.80 -20.43 66.65
C ARG J 37 40.30 -19.60 67.83
N ALA J 38 41.34 -20.04 68.53
CA ALA J 38 41.71 -19.48 69.83
C ALA J 38 43.22 -19.42 70.08
N GLY J 39 43.64 -18.76 71.16
CA GLY J 39 45.02 -18.83 71.67
C GLY J 39 45.34 -17.75 72.70
N TRP J 40 46.39 -17.97 73.48
CA TRP J 40 47.08 -16.90 74.20
C TRP J 40 47.71 -15.93 73.18
N ALA J 41 47.71 -14.62 73.46
CA ALA J 41 48.16 -13.63 72.48
C ALA J 41 49.64 -13.75 72.05
N CYS J 42 50.51 -14.38 72.86
CA CYS J 42 51.97 -14.44 72.65
C CYS J 42 52.61 -13.04 72.40
N PRO J 43 52.43 -12.07 73.33
CA PRO J 43 52.83 -10.69 73.13
C PRO J 43 54.35 -10.53 73.05
N GLY J 44 54.81 -9.43 72.42
CA GLY J 44 56.23 -9.16 72.17
C GLY J 44 56.84 -9.94 70.99
N GLN J 45 56.15 -10.95 70.46
CA GLN J 45 56.52 -11.64 69.22
C GLN J 45 55.57 -11.29 68.07
N ASP J 46 56.11 -10.87 66.94
CA ASP J 46 55.36 -10.67 65.69
C ASP J 46 54.96 -11.99 64.98
N PRO J 47 55.83 -13.01 64.85
CA PRO J 47 55.49 -14.24 64.12
C PRO J 47 54.70 -15.23 64.99
N GLY J 48 53.54 -14.81 65.51
CA GLY J 48 52.71 -15.54 66.49
C GLY J 48 52.53 -17.03 66.14
N PRO J 49 53.22 -17.96 66.84
CA PRO J 49 53.50 -19.27 66.28
C PRO J 49 52.38 -20.29 66.44
N GLU J 50 51.53 -20.16 67.46
CA GLU J 50 50.60 -21.22 67.86
C GLU J 50 49.20 -20.72 68.25
N PRO J 51 48.38 -20.30 67.27
CA PRO J 51 46.93 -20.40 67.41
C PRO J 51 46.58 -21.89 67.67
N ARG J 52 45.60 -22.15 68.54
CA ARG J 52 45.18 -23.49 68.99
C ARG J 52 43.65 -23.60 68.98
N LEU J 53 43.12 -24.81 69.18
CA LEU J 53 41.66 -25.08 69.16
C LEU J 53 40.99 -24.60 67.87
N GLN J 54 41.64 -24.83 66.73
CA GLN J 54 41.15 -24.45 65.41
C GLN J 54 40.09 -25.47 64.95
N PHE J 55 38.93 -25.52 65.62
CA PHE J 55 38.05 -26.69 65.63
C PHE J 55 36.61 -26.40 65.19
N ARG J 56 36.01 -27.35 64.45
CA ARG J 56 34.61 -27.31 64.01
C ARG J 56 33.69 -27.16 65.21
N ALA J 57 33.01 -26.02 65.34
CA ALA J 57 32.23 -25.65 66.52
C ALA J 57 30.86 -26.36 66.56
N VAL J 58 30.89 -27.69 66.65
CA VAL J 58 29.71 -28.55 66.72
C VAL J 58 29.94 -29.62 67.79
N CYS J 59 28.90 -29.93 68.58
CA CYS J 59 29.03 -30.71 69.80
C CYS J 59 27.89 -31.72 69.98
N ALA J 60 28.12 -32.69 70.87
CA ALA J 60 27.14 -33.63 71.40
C ALA J 60 27.50 -33.99 72.86
N ARG J 61 26.87 -35.04 73.42
CA ARG J 61 27.30 -35.70 74.66
C ARG J 61 26.87 -37.16 74.67
N GLY J 62 27.57 -38.00 75.45
CA GLY J 62 27.22 -39.41 75.62
C GLY J 62 26.03 -39.60 76.56
N ARG J 63 24.82 -39.67 76.00
CA ARG J 63 23.53 -39.69 76.73
C ARG J 63 23.36 -40.90 77.67
N GLY J 64 24.14 -41.97 77.50
CA GLY J 64 24.23 -43.10 78.43
C GLY J 64 25.02 -42.80 79.73
N GLY J 65 25.58 -41.59 79.89
CA GLY J 65 26.32 -41.15 81.08
C GLY J 65 27.85 -41.15 80.92
N ALA J 66 28.37 -41.09 79.70
CA ALA J 66 29.81 -41.17 79.40
C ALA J 66 30.57 -39.85 79.60
N ARG J 67 30.57 -38.95 78.60
CA ARG J 67 31.31 -37.67 78.58
C ARG J 67 30.58 -36.59 77.77
N GLY J 68 30.89 -35.32 78.02
CA GLY J 68 30.54 -34.21 77.11
C GLY J 68 31.41 -34.23 75.85
N ALA J 69 30.81 -34.30 74.67
CA ALA J 69 31.51 -34.36 73.38
C ALA J 69 31.60 -32.95 72.76
N SER J 70 32.31 -32.07 73.45
CA SER J 70 32.49 -30.67 73.06
C SER J 70 33.49 -30.49 71.92
N GLY J 71 34.66 -31.12 72.03
CA GLY J 71 35.77 -30.98 71.09
C GLY J 71 35.75 -31.97 69.92
N PRO J 72 36.76 -31.89 69.02
CA PRO J 72 36.96 -32.84 67.93
C PRO J 72 37.46 -34.20 68.47
N GLN J 73 37.13 -35.28 67.76
CA GLN J 73 37.37 -36.67 68.19
C GLN J 73 37.81 -37.56 67.01
N MET J 87 21.61 -35.86 66.58
CA MET J 87 22.96 -36.15 66.02
C MET J 87 23.99 -35.18 66.56
N LEU J 88 23.94 -33.91 66.13
CA LEU J 88 24.91 -32.86 66.47
C LEU J 88 24.18 -31.51 66.62
N ARG J 89 24.73 -30.60 67.41
CA ARG J 89 24.21 -29.23 67.60
C ARG J 89 25.36 -28.22 67.70
N SER J 90 25.09 -26.96 67.46
CA SER J 90 26.08 -25.86 67.45
C SER J 90 25.44 -24.59 68.05
N PRO J 91 26.20 -23.72 68.75
CA PRO J 91 25.59 -22.67 69.57
C PRO J 91 25.12 -21.43 68.77
N PHE J 92 25.33 -21.41 67.46
CA PHE J 92 25.03 -20.28 66.56
C PHE J 92 23.84 -20.56 65.66
N ASP J 93 23.04 -19.53 65.37
CA ASP J 93 22.11 -19.49 64.24
C ASP J 93 22.32 -18.18 63.48
N ARG J 94 22.33 -18.16 62.14
CA ARG J 94 22.57 -16.95 61.33
C ARG J 94 23.76 -16.11 61.83
N ASN J 95 24.88 -16.79 62.10
CA ASN J 95 26.13 -16.26 62.67
C ASN J 95 26.07 -15.59 64.07
N VAL J 96 24.94 -15.55 64.76
CA VAL J 96 24.81 -15.04 66.14
C VAL J 96 24.67 -16.19 67.15
N PRO J 97 25.42 -16.18 68.27
CA PRO J 97 25.25 -17.17 69.32
C PRO J 97 23.90 -16.98 70.03
N VAL J 98 23.17 -18.06 70.22
CA VAL J 98 21.77 -18.07 70.69
C VAL J 98 21.47 -19.31 71.54
N ASN J 99 22.43 -19.66 72.39
CA ASN J 99 22.51 -20.93 73.13
C ASN J 99 23.25 -20.74 74.47
N LEU J 100 22.95 -21.58 75.45
CA LEU J 100 23.68 -21.64 76.72
C LEU J 100 24.21 -23.04 77.01
N GLU J 101 23.35 -24.06 76.91
CA GLU J 101 23.60 -25.43 77.37
C GLU J 101 24.66 -26.19 76.55
N LEU J 102 25.05 -25.64 75.40
CA LEU J 102 26.14 -26.14 74.55
C LEU J 102 27.28 -25.11 74.47
N GLN J 103 26.96 -23.81 74.50
CA GLN J 103 27.93 -22.72 74.59
C GLN J 103 28.82 -22.86 75.83
N GLU J 104 28.24 -23.26 76.97
CA GLU J 104 28.97 -23.57 78.20
C GLU J 104 30.06 -24.63 77.97
N LEU J 105 29.69 -25.82 77.47
CA LEU J 105 30.66 -26.90 77.30
C LEU J 105 31.65 -26.61 76.15
N LEU J 106 31.30 -25.78 75.18
CA LEU J 106 32.25 -25.28 74.18
C LEU J 106 33.32 -24.40 74.84
N LEU J 107 32.89 -23.40 75.61
CA LEU J 107 33.82 -22.51 76.30
C LEU J 107 34.64 -23.26 77.35
N ASP J 108 34.01 -24.10 78.18
CA ASP J 108 34.73 -24.94 79.15
C ASP J 108 35.81 -25.79 78.47
N TYR J 109 35.50 -26.45 77.34
CA TYR J 109 36.47 -27.24 76.61
C TYR J 109 37.64 -26.40 76.11
N SER J 110 37.34 -25.24 75.54
CA SER J 110 38.39 -24.33 75.06
C SER J 110 39.27 -23.86 76.22
N PHE J 111 38.68 -23.50 77.37
CA PHE J 111 39.39 -23.04 78.55
C PHE J 111 40.21 -24.18 79.20
N GLN J 112 39.76 -25.43 79.10
CA GLN J 112 40.53 -26.58 79.59
C GLN J 112 41.86 -26.71 78.83
N HIS J 113 41.81 -26.64 77.49
CA HIS J 113 43.00 -26.78 76.66
C HIS J 113 43.90 -25.54 76.66
N LEU J 114 43.33 -24.33 76.74
CA LEU J 114 44.12 -23.11 76.95
C LEU J 114 44.77 -23.07 78.34
N GLY J 115 44.12 -23.66 79.34
CA GLY J 115 44.52 -23.63 80.74
C GLY J 115 43.85 -22.48 81.52
N VAL J 116 43.58 -22.72 82.80
CA VAL J 116 43.10 -21.72 83.77
C VAL J 116 44.03 -21.77 85.00
N SER J 117 44.39 -20.60 85.53
CA SER J 117 45.59 -20.45 86.36
C SER J 117 45.58 -21.25 87.67
N SER J 118 44.42 -21.41 88.34
CA SER J 118 44.35 -22.19 89.59
C SER J 118 42.95 -22.68 90.00
N GLN J 119 41.87 -21.93 89.74
CA GLN J 119 40.59 -22.12 90.44
C GLN J 119 39.36 -21.79 89.58
N GLY J 120 38.18 -21.80 90.20
CA GLY J 120 36.87 -21.54 89.59
C GLY J 120 36.59 -20.08 89.17
N CYS J 121 37.55 -19.43 88.53
CA CYS J 121 37.37 -18.16 87.80
C CYS J 121 38.35 -18.09 86.62
N VAL J 122 37.95 -17.49 85.50
CA VAL J 122 38.84 -17.26 84.35
C VAL J 122 39.66 -16.00 84.60
N ASP J 123 40.94 -16.20 84.93
CA ASP J 123 41.82 -15.18 85.50
C ASP J 123 42.15 -14.02 84.55
N HIS J 124 42.52 -14.34 83.30
CA HIS J 124 43.07 -13.37 82.33
C HIS J 124 42.00 -12.63 81.52
N PRO J 125 42.27 -11.39 81.06
CA PRO J 125 41.37 -10.65 80.17
C PRO J 125 41.32 -11.27 78.77
N ILE J 126 40.23 -11.04 78.02
CA ILE J 126 40.03 -11.67 76.70
C ILE J 126 39.51 -10.71 75.63
N VAL J 127 39.84 -10.98 74.37
CA VAL J 127 39.18 -10.41 73.18
C VAL J 127 38.37 -11.50 72.46
N LEU J 128 37.11 -11.20 72.14
CA LEU J 128 36.14 -12.15 71.59
C LEU J 128 35.38 -11.57 70.39
N THR J 129 35.22 -12.35 69.31
CA THR J 129 34.48 -11.90 68.12
C THR J 129 32.97 -11.88 68.32
N GLU J 130 32.28 -10.94 67.67
CA GLU J 130 30.80 -10.91 67.55
C GLU J 130 30.35 -10.57 66.14
N ALA J 131 29.09 -10.85 65.82
CA ALA J 131 28.50 -10.60 64.50
C ALA J 131 28.60 -9.12 64.04
N VAL J 132 28.59 -8.92 62.71
CA VAL J 132 28.68 -7.60 62.04
C VAL J 132 27.75 -6.56 62.65
N CYS J 133 26.54 -6.99 62.99
CA CYS J 133 25.76 -6.40 64.07
C CYS J 133 25.27 -7.57 64.91
N ASN J 134 25.29 -7.41 66.24
CA ASN J 134 24.94 -8.45 67.17
C ASN J 134 23.65 -8.03 67.90
N PRO J 135 22.57 -8.81 67.85
CA PRO J 135 21.35 -8.53 68.61
C PRO J 135 21.65 -8.26 70.08
N LEU J 136 21.00 -7.26 70.67
CA LEU J 136 21.34 -6.77 72.00
C LEU J 136 21.24 -7.88 73.05
N TYR J 137 20.17 -8.67 72.98
CA TYR J 137 19.95 -9.81 73.86
C TYR J 137 21.06 -10.84 73.75
N SER J 138 21.59 -11.14 72.56
CA SER J 138 22.68 -12.11 72.44
C SER J 138 23.94 -11.61 73.14
N ARG J 139 24.31 -10.32 72.98
CA ARG J 139 25.43 -9.77 73.76
C ARG J 139 25.14 -9.82 75.26
N GLN J 140 23.89 -9.57 75.65
CA GLN J 140 23.48 -9.69 77.05
C GLN J 140 23.69 -11.13 77.54
N MET J 141 23.21 -12.16 76.83
CA MET J 141 23.43 -13.56 77.24
C MET J 141 24.91 -13.91 77.25
N MET J 142 25.67 -13.51 76.22
CA MET J 142 27.09 -13.80 76.11
C MET J 142 27.88 -13.15 77.24
N SER J 143 27.67 -11.87 77.49
CA SER J 143 28.32 -11.16 78.59
C SER J 143 27.89 -11.74 79.95
N GLU J 144 26.63 -12.15 80.10
CA GLU J 144 26.15 -12.79 81.31
C GLU J 144 26.87 -14.13 81.55
N LEU J 145 27.04 -15.00 80.55
CA LEU J 145 27.92 -16.16 80.69
C LEU J 145 29.36 -15.72 81.04
N LEU J 146 29.88 -14.71 80.35
CA LEU J 146 31.28 -14.29 80.47
C LEU J 146 31.61 -13.67 81.84
N PHE J 147 30.66 -13.05 82.52
CA PHE J 147 30.87 -12.41 83.81
C PHE J 147 30.18 -13.11 84.99
N GLU J 148 29.00 -13.71 84.85
CA GLU J 148 28.38 -14.47 85.95
C GLU J 148 29.09 -15.80 86.18
N CYS J 149 29.27 -16.60 85.12
CA CYS J 149 29.97 -17.88 85.24
C CYS J 149 31.48 -17.69 85.23
N TYR J 150 32.05 -17.09 84.19
CA TYR J 150 33.51 -17.11 83.99
C TYR J 150 34.27 -15.99 84.72
N GLY J 151 33.65 -14.83 84.94
CA GLY J 151 34.19 -13.79 85.84
C GLY J 151 35.44 -13.07 85.34
N ILE J 152 35.62 -12.91 84.02
CA ILE J 152 36.81 -12.27 83.40
C ILE J 152 36.98 -10.83 83.92
N PRO J 153 38.22 -10.33 84.17
CA PRO J 153 38.44 -8.98 84.71
C PRO J 153 38.16 -7.84 83.73
N LYS J 154 38.51 -7.99 82.44
CA LYS J 154 38.08 -7.09 81.36
C LYS J 154 38.00 -7.81 80.01
N VAL J 155 37.11 -7.34 79.14
CA VAL J 155 36.71 -7.98 77.88
C VAL J 155 36.74 -6.99 76.72
N ALA J 156 37.15 -7.43 75.53
CA ALA J 156 37.04 -6.65 74.30
C ALA J 156 36.23 -7.39 73.22
N TYR J 157 35.47 -6.64 72.42
CA TYR J 157 34.65 -7.17 71.32
C TYR J 157 35.04 -6.53 69.98
N GLY J 158 34.85 -7.26 68.88
CA GLY J 158 35.06 -6.78 67.52
C GLY J 158 34.60 -7.80 66.48
N ILE J 159 34.76 -7.46 65.20
CA ILE J 159 34.25 -8.25 64.06
C ILE J 159 35.43 -8.88 63.33
N ASP J 160 35.34 -10.17 62.97
CA ASP J 160 36.39 -10.93 62.28
C ASP J 160 37.01 -10.18 61.08
N SER J 161 36.13 -9.50 60.34
CA SER J 161 36.39 -8.81 59.10
C SER J 161 37.17 -7.54 59.38
N LEU J 162 36.80 -6.80 60.41
CA LEU J 162 37.52 -5.61 60.82
C LEU J 162 38.84 -5.99 61.49
N PHE J 163 38.90 -7.08 62.26
CA PHE J 163 40.17 -7.58 62.78
C PHE J 163 41.10 -8.02 61.63
N SER J 164 40.64 -8.82 60.69
CA SER J 164 41.48 -9.24 59.55
C SER J 164 41.87 -8.05 58.67
N PHE J 165 41.03 -7.02 58.56
CA PHE J 165 41.44 -5.76 57.95
C PHE J 165 42.53 -5.07 58.78
N TYR J 166 42.36 -4.92 60.09
CA TYR J 166 43.35 -4.34 61.01
C TYR J 166 44.70 -5.08 60.91
N HIS J 167 44.70 -6.39 60.67
CA HIS J 167 45.91 -7.16 60.38
C HIS J 167 46.55 -6.77 59.03
N ASN J 168 45.75 -6.60 57.99
CA ASN J 168 46.20 -6.35 56.61
C ASN J 168 46.30 -4.86 56.22
N LYS J 169 45.99 -3.89 57.11
CA LYS J 169 46.12 -2.45 56.82
C LYS J 169 47.55 -2.08 56.39
N PRO J 170 47.73 -1.06 55.54
CA PRO J 170 49.04 -0.47 55.27
C PRO J 170 49.73 0.06 56.54
N LYS J 171 48.95 0.69 57.43
CA LYS J 171 49.40 1.35 58.68
C LYS J 171 48.32 1.27 59.76
N ASN J 172 48.69 1.41 61.02
CA ASN J 172 47.75 1.56 62.14
C ASN J 172 47.14 2.97 62.16
N SER J 173 46.33 3.29 61.16
CA SER J 173 45.79 4.63 60.88
C SER J 173 44.28 4.61 60.55
N MET J 174 43.70 5.80 60.36
CA MET J 174 42.29 6.04 60.00
C MET J 174 41.97 5.63 58.55
N CYS J 175 42.33 4.42 58.15
CA CYS J 175 42.00 3.87 56.84
C CYS J 175 40.49 3.71 56.63
N SER J 176 40.07 3.67 55.36
CA SER J 176 38.69 3.53 54.91
C SER J 176 38.64 2.56 53.73
N GLY J 177 37.45 2.03 53.43
CA GLY J 177 37.31 0.96 52.45
C GLY J 177 35.94 0.29 52.45
N LEU J 178 35.85 -0.80 51.70
CA LEU J 178 34.83 -1.82 51.89
C LEU J 178 35.47 -3.10 52.41
N ILE J 179 34.89 -3.72 53.42
CA ILE J 179 35.23 -5.09 53.74
C ILE J 179 34.15 -6.01 53.18
N ILE J 180 34.56 -7.00 52.42
CA ILE J 180 33.72 -8.06 51.89
C ILE J 180 34.02 -9.31 52.68
N SER J 181 32.98 -9.86 53.31
CA SER J 181 33.10 -10.96 54.28
C SER J 181 32.23 -12.14 53.85
N SER J 182 32.65 -13.37 54.15
CA SER J 182 31.81 -14.55 53.86
C SER J 182 32.02 -15.68 54.88
N GLY J 183 30.97 -16.47 55.11
CA GLY J 183 30.98 -17.55 56.08
C GLY J 183 29.70 -18.39 56.08
N TYR J 184 29.41 -19.10 57.17
CA TYR J 184 28.54 -20.27 57.10
C TYR J 184 27.12 -19.94 56.63
N GLN J 185 26.50 -18.91 57.20
CA GLN J 185 25.13 -18.52 56.89
C GLN J 185 25.00 -17.09 56.34
N CYS J 186 26.13 -16.40 56.08
CA CYS J 186 26.11 -15.01 55.60
C CYS J 186 27.33 -14.62 54.77
N THR J 187 27.13 -13.57 53.97
CA THR J 187 28.19 -12.65 53.55
C THR J 187 27.78 -11.23 53.91
N HIS J 188 28.72 -10.35 54.28
CA HIS J 188 28.41 -8.96 54.61
C HIS J 188 29.33 -8.00 53.86
N VAL J 189 28.77 -6.86 53.48
CA VAL J 189 29.47 -5.73 52.86
C VAL J 189 29.54 -4.60 53.87
N LEU J 190 30.76 -4.24 54.27
CA LEU J 190 31.01 -3.35 55.40
C LEU J 190 31.67 -2.06 54.91
N PRO J 191 30.91 -0.98 54.66
CA PRO J 191 31.48 0.31 54.36
C PRO J 191 32.11 0.89 55.62
N ILE J 192 33.43 1.09 55.59
CA ILE J 192 34.18 1.69 56.70
C ILE J 192 34.75 3.05 56.28
N LEU J 193 34.37 4.10 57.01
CA LEU J 193 34.79 5.48 56.77
C LEU J 193 35.68 5.93 57.93
N GLU J 194 36.94 6.25 57.66
CA GLU J 194 37.94 6.65 58.67
C GLU J 194 37.92 5.76 59.93
N GLY J 195 38.01 4.44 59.74
CA GLY J 195 37.98 3.43 60.81
C GLY J 195 36.60 3.16 61.44
N ARG J 196 35.54 3.86 61.03
CA ARG J 196 34.17 3.74 61.58
C ARG J 196 33.25 3.01 60.60
N LEU J 197 32.64 1.91 61.03
CA LEU J 197 31.66 1.16 60.22
C LEU J 197 30.38 1.99 60.07
N ASP J 198 29.97 2.31 58.84
CA ASP J 198 28.76 3.09 58.56
C ASP J 198 27.48 2.23 58.65
N ALA J 199 27.14 1.80 59.85
CA ALA J 199 26.14 0.76 60.09
C ALA J 199 24.74 1.08 59.53
N LYS J 200 24.43 2.35 59.25
CA LYS J 200 23.17 2.77 58.64
C LYS J 200 22.99 2.24 57.21
N ASN J 201 24.07 1.90 56.51
CA ASN J 201 24.03 1.41 55.13
C ASN J 201 24.96 0.21 54.85
N CYS J 202 25.47 -0.45 55.88
CA CYS J 202 25.99 -1.81 55.77
C CYS J 202 24.89 -2.79 55.31
N LYS J 203 25.24 -3.86 54.58
CA LYS J 203 24.29 -4.88 54.12
C LYS J 203 24.86 -6.30 54.20
N ARG J 204 23.98 -7.31 54.25
CA ARG J 204 24.33 -8.75 54.26
C ARG J 204 23.44 -9.58 53.36
N ILE J 205 23.98 -10.68 52.85
CA ILE J 205 23.24 -11.71 52.12
C ILE J 205 23.26 -12.99 52.96
N ASN J 206 22.09 -13.62 53.14
CA ASN J 206 21.87 -14.78 54.03
C ASN J 206 22.40 -16.12 53.48
N LEU J 207 23.53 -16.10 52.77
CA LEU J 207 24.09 -17.26 52.07
C LEU J 207 25.62 -17.30 52.20
N GLY J 208 26.21 -18.46 51.99
CA GLY J 208 27.66 -18.68 52.12
C GLY J 208 28.01 -20.16 52.27
N GLY J 209 29.06 -20.49 53.03
CA GLY J 209 29.66 -21.82 53.14
C GLY J 209 28.68 -22.98 53.38
N SER J 210 27.77 -22.85 54.34
CA SER J 210 26.79 -23.91 54.63
C SER J 210 25.85 -24.12 53.46
N GLN J 211 25.37 -23.03 52.86
CA GLN J 211 24.46 -23.09 51.73
C GLN J 211 25.15 -23.69 50.51
N ALA J 212 26.38 -23.28 50.20
CA ALA J 212 27.15 -23.86 49.10
C ALA J 212 27.44 -25.36 49.32
N ALA J 213 27.85 -25.76 50.51
CA ALA J 213 28.10 -27.17 50.81
C ALA J 213 26.81 -28.00 50.74
N GLY J 214 25.70 -27.49 51.30
CA GLY J 214 24.39 -28.15 51.25
C GLY J 214 23.84 -28.24 49.83
N TYR J 215 24.08 -27.22 49.01
CA TYR J 215 23.72 -27.21 47.60
C TYR J 215 24.53 -28.24 46.80
N LEU J 216 25.85 -28.26 46.98
CA LEU J 216 26.72 -29.24 46.30
C LEU J 216 26.37 -30.67 46.71
N GLN J 217 26.07 -30.90 47.99
CA GLN J 217 25.48 -32.16 48.43
C GLN J 217 24.20 -32.44 47.65
N ARG J 218 23.22 -31.55 47.65
CA ARG J 218 21.91 -31.83 47.05
C ARG J 218 22.01 -32.09 45.55
N LEU J 219 22.90 -31.40 44.84
CA LEU J 219 23.22 -31.71 43.44
C LEU J 219 23.69 -33.15 43.28
N LEU J 220 24.66 -33.60 44.07
CA LEU J 220 25.19 -34.95 43.94
C LEU J 220 24.20 -36.02 44.43
N GLN J 221 23.36 -35.71 45.43
CA GLN J 221 22.23 -36.56 45.83
C GLN J 221 21.24 -36.76 44.67
N LEU J 222 20.90 -35.71 43.94
CA LEU J 222 19.95 -35.78 42.83
C LEU J 222 20.58 -36.34 41.56
N LYS J 223 21.85 -36.04 41.27
CA LYS J 223 22.54 -36.48 40.04
C LYS J 223 23.07 -37.91 40.11
N TYR J 224 23.49 -38.39 41.28
CA TYR J 224 24.00 -39.76 41.46
C TYR J 224 23.28 -40.54 42.58
N PRO J 225 22.00 -40.95 42.40
CA PRO J 225 21.23 -41.74 43.38
C PRO J 225 21.78 -43.13 43.73
N GLY J 226 22.99 -43.50 43.29
CA GLY J 226 23.66 -44.75 43.66
C GLY J 226 24.46 -44.69 44.98
N HIS J 227 24.73 -43.49 45.51
CA HIS J 227 25.72 -43.27 46.57
C HIS J 227 25.20 -42.39 47.73
N LEU J 228 23.89 -42.41 47.95
CA LEU J 228 23.14 -41.37 48.68
C LEU J 228 23.60 -41.19 50.14
N ALA J 229 24.11 -42.24 50.78
CA ALA J 229 24.68 -42.20 52.13
C ALA J 229 26.21 -42.01 52.16
N ALA J 230 26.91 -42.28 51.05
CA ALA J 230 28.37 -42.19 50.99
C ALA J 230 28.86 -40.74 50.85
N ILE J 231 28.13 -39.92 50.09
CA ILE J 231 28.33 -38.46 50.04
C ILE J 231 27.76 -37.78 51.31
N THR J 232 28.50 -36.82 51.84
CA THR J 232 28.17 -36.09 53.08
C THR J 232 29.01 -34.81 53.14
N LEU J 233 28.64 -33.84 53.97
CA LEU J 233 29.31 -32.52 54.03
C LEU J 233 30.82 -32.65 54.27
N SER J 234 31.25 -33.57 55.14
CA SER J 234 32.67 -33.78 55.41
C SER J 234 33.46 -34.31 54.21
N ARG J 235 32.80 -34.84 53.16
CA ARG J 235 33.42 -35.10 51.85
C ARG J 235 33.21 -33.95 50.86
N MET J 236 32.09 -33.23 50.94
CA MET J 236 31.88 -32.01 50.14
C MET J 236 32.98 -30.98 50.39
N GLU J 237 33.49 -30.86 51.62
CA GLU J 237 34.55 -29.89 51.92
C GLU J 237 35.86 -30.11 51.15
N GLU J 238 36.18 -31.35 50.74
CA GLU J 238 37.32 -31.54 49.84
C GLU J 238 37.05 -30.90 48.49
N ILE J 239 35.96 -31.27 47.82
CA ILE J 239 35.67 -30.71 46.50
C ILE J 239 35.34 -29.22 46.56
N LEU J 240 34.70 -28.74 47.62
CA LEU J 240 34.36 -27.33 47.77
C LEU J 240 35.58 -26.46 48.02
N HIS J 241 36.48 -26.81 48.95
CA HIS J 241 37.66 -25.98 49.23
C HIS J 241 38.90 -26.27 48.34
N GLU J 242 38.94 -27.38 47.60
CA GLU J 242 40.13 -27.76 46.82
C GLU J 242 39.87 -28.03 45.32
N HIS J 243 38.69 -28.51 44.93
CA HIS J 243 38.38 -28.81 43.52
C HIS J 243 37.53 -27.72 42.83
N SER J 244 36.80 -26.89 43.58
CA SER J 244 35.94 -25.83 43.03
C SER J 244 36.69 -24.54 42.72
N TYR J 245 36.16 -23.72 41.82
CA TYR J 245 36.66 -22.36 41.56
C TYR J 245 35.53 -21.43 41.13
N ILE J 246 35.69 -20.14 41.36
CA ILE J 246 34.66 -19.14 41.03
C ILE J 246 34.95 -18.54 39.66
N ALA J 247 33.93 -18.43 38.80
CA ALA J 247 34.13 -18.01 37.41
C ALA J 247 34.60 -16.56 37.33
N GLU J 248 35.44 -16.20 36.36
CA GLU J 248 35.70 -14.79 36.06
C GLU J 248 34.45 -14.08 35.52
N ASP J 249 33.60 -14.79 34.79
CA ASP J 249 32.28 -14.36 34.35
C ASP J 249 31.41 -15.60 34.11
N TYR J 250 30.32 -15.76 34.86
CA TYR J 250 29.70 -17.08 35.01
C TYR J 250 29.16 -17.65 33.69
N VAL J 251 28.41 -16.86 32.93
CA VAL J 251 27.90 -17.32 31.64
C VAL J 251 29.02 -17.63 30.64
N GLU J 252 30.21 -17.06 30.82
CA GLU J 252 31.37 -17.35 29.99
C GLU J 252 32.00 -18.70 30.37
N GLU J 253 32.05 -19.04 31.66
CA GLU J 253 32.53 -20.37 32.07
C GLU J 253 31.53 -21.46 31.71
N LEU J 254 30.25 -21.33 32.09
CA LEU J 254 29.27 -22.37 31.77
C LEU J 254 29.03 -22.48 30.25
N HIS J 255 29.30 -21.44 29.46
CA HIS J 255 29.35 -21.58 28.00
C HIS J 255 30.47 -22.53 27.56
N LYS J 256 31.71 -22.38 28.03
CA LYS J 256 32.79 -23.27 27.57
C LYS J 256 32.67 -24.71 28.11
N TRP J 257 31.98 -24.94 29.21
CA TRP J 257 31.57 -26.30 29.62
C TRP J 257 30.56 -26.97 28.66
N ARG J 258 29.97 -26.25 27.69
CA ARG J 258 28.94 -26.80 26.79
C ARG J 258 29.47 -27.78 25.73
N CYS J 259 30.77 -27.81 25.43
CA CYS J 259 31.32 -28.72 24.42
C CYS J 259 32.10 -29.89 25.07
N PRO J 260 31.79 -31.16 24.73
CA PRO J 260 32.35 -32.32 25.43
C PRO J 260 33.87 -32.41 25.44
N ASP J 261 34.55 -31.91 24.41
CA ASP J 261 36.02 -31.92 24.34
C ASP J 261 36.67 -31.01 25.38
N TYR J 262 36.01 -29.91 25.78
CA TYR J 262 36.41 -29.13 26.95
C TYR J 262 36.05 -29.87 28.23
N TYR J 263 34.82 -30.38 28.31
CA TYR J 263 34.30 -31.01 29.51
C TYR J 263 35.18 -32.17 29.98
N GLU J 264 35.37 -33.17 29.12
CA GLU J 264 36.06 -34.41 29.49
C GLU J 264 37.52 -34.18 29.89
N ASN J 265 38.15 -33.11 29.41
CA ASN J 265 39.51 -32.74 29.79
C ASN J 265 39.57 -31.94 31.10
N ASN J 266 38.58 -31.08 31.39
CA ASN J 266 38.60 -30.19 32.55
C ASN J 266 37.84 -30.73 33.77
N VAL J 267 36.92 -31.68 33.59
CA VAL J 267 36.08 -32.24 34.66
C VAL J 267 36.94 -32.86 35.78
N HIS J 268 36.55 -32.68 37.04
CA HIS J 268 37.19 -33.37 38.18
C HIS J 268 36.43 -34.65 38.52
N LYS J 269 37.18 -35.68 38.96
CA LYS J 269 36.82 -37.10 38.76
C LYS J 269 37.21 -38.02 39.93
N MET J 270 37.25 -37.51 41.15
CA MET J 270 37.75 -38.30 42.29
C MET J 270 36.78 -39.41 42.73
N GLN J 271 37.29 -40.65 42.78
CA GLN J 271 36.55 -41.83 43.25
C GLN J 271 36.06 -41.67 44.68
N LEU J 272 34.84 -42.17 44.95
CA LEU J 272 34.43 -42.57 46.30
C LEU J 272 35.42 -43.59 46.91
N PRO J 273 35.44 -43.75 48.24
CA PRO J 273 36.16 -44.84 48.88
C PRO J 273 35.65 -46.21 48.39
N PHE J 274 36.56 -47.03 47.90
CA PHE J 274 36.29 -48.24 47.12
C PHE J 274 35.85 -49.44 47.99
N SER J 275 35.59 -50.59 47.36
CA SER J 275 35.37 -51.87 48.05
C SER J 275 36.53 -52.25 48.98
N VAL J 427 30.10 -55.15 35.05
CA VAL J 427 30.06 -53.82 35.70
C VAL J 427 31.46 -53.42 36.16
N PHE J 428 32.04 -52.37 35.58
CA PHE J 428 33.43 -51.93 35.84
C PHE J 428 33.61 -51.10 37.13
N ASN J 429 32.97 -51.52 38.23
CA ASN J 429 33.06 -50.99 39.60
C ASN J 429 32.61 -49.54 39.85
N LEU J 430 32.81 -48.61 38.92
CA LEU J 430 32.48 -47.19 39.08
C LEU J 430 30.98 -46.91 39.18
N ALA J 431 30.11 -47.82 38.77
CA ALA J 431 28.67 -47.72 39.06
C ALA J 431 28.36 -47.78 40.58
N ALA J 432 29.28 -48.33 41.40
CA ALA J 432 29.20 -48.37 42.85
C ALA J 432 30.21 -47.42 43.54
N TYR J 433 31.44 -47.33 43.02
CA TYR J 433 32.52 -46.49 43.56
C TYR J 433 32.88 -45.38 42.56
N HIS J 434 31.89 -44.55 42.24
CA HIS J 434 31.94 -43.62 41.12
C HIS J 434 33.01 -42.53 41.26
N GLN J 435 33.48 -42.04 40.12
CA GLN J 435 34.35 -40.87 39.99
C GLN J 435 33.62 -39.54 40.29
N LEU J 436 32.28 -39.56 40.44
CA LEU J 436 31.42 -38.40 40.73
C LEU J 436 31.83 -37.16 39.94
N PHE J 437 31.78 -37.27 38.60
CA PHE J 437 32.21 -36.21 37.70
C PHE J 437 31.55 -34.86 38.04
N VAL J 438 32.36 -33.82 38.21
CA VAL J 438 31.92 -32.44 38.43
C VAL J 438 32.67 -31.47 37.52
N GLY J 439 31.93 -30.58 36.85
CA GLY J 439 32.42 -29.63 35.85
C GLY J 439 31.73 -28.29 35.97
N THR J 440 30.44 -28.20 35.67
CA THR J 440 29.65 -27.02 36.01
C THR J 440 29.34 -26.97 37.50
N GLU J 441 29.19 -28.12 38.15
CA GLU J 441 28.84 -28.24 39.57
C GLU J 441 29.94 -27.66 40.46
N ARG J 442 31.20 -27.85 40.06
CA ARG J 442 32.37 -27.22 40.71
C ARG J 442 32.49 -25.71 40.47
N ILE J 443 31.55 -25.11 39.72
CA ILE J 443 31.35 -23.65 39.60
C ILE J 443 30.07 -23.20 40.33
N ARG J 444 28.97 -23.96 40.24
CA ARG J 444 27.66 -23.56 40.79
C ARG J 444 27.69 -23.29 42.30
N ALA J 445 28.30 -24.16 43.10
CA ALA J 445 28.37 -23.91 44.54
C ALA J 445 29.17 -22.63 44.91
N PRO J 446 30.27 -22.30 44.24
CA PRO J 446 30.87 -20.98 44.33
C PRO J 446 29.96 -19.80 43.97
N GLU J 447 29.23 -19.84 42.86
CA GLU J 447 28.44 -18.70 42.36
C GLU J 447 27.32 -18.23 43.29
N ILE J 448 26.92 -19.02 44.28
CA ILE J 448 25.75 -18.73 45.12
C ILE J 448 25.77 -17.30 45.69
N ILE J 449 26.91 -16.83 46.18
CA ILE J 449 27.02 -15.48 46.76
C ILE J 449 26.93 -14.36 45.70
N PHE J 450 27.20 -14.66 44.43
CA PHE J 450 27.05 -13.72 43.31
C PHE J 450 25.65 -13.74 42.71
N GLN J 451 25.00 -14.89 42.70
CA GLN J 451 23.66 -15.07 42.16
C GLN J 451 22.87 -16.00 43.08
N PRO J 452 22.26 -15.48 44.16
CA PRO J 452 21.58 -16.33 45.13
C PRO J 452 20.35 -17.01 44.53
N SER J 453 19.81 -16.50 43.43
CA SER J 453 18.80 -17.14 42.61
C SER J 453 19.27 -18.43 41.90
N LEU J 454 20.49 -18.92 42.14
CA LEU J 454 20.86 -20.32 41.90
C LEU J 454 20.21 -21.24 42.93
N ILE J 455 20.03 -20.76 44.17
CA ILE J 455 19.08 -21.28 45.15
C ILE J 455 17.70 -20.69 44.82
N GLY J 456 16.64 -21.05 45.55
CA GLY J 456 15.36 -20.39 45.39
C GLY J 456 15.33 -18.92 45.84
N GLU J 457 16.16 -18.56 46.81
CA GLU J 457 15.97 -17.33 47.61
C GLU J 457 16.36 -16.04 46.88
N GLU J 458 15.42 -15.11 46.72
CA GLU J 458 15.68 -13.81 46.10
C GLU J 458 16.32 -12.80 47.06
N GLN J 459 17.56 -12.43 46.78
CA GLN J 459 18.32 -11.31 47.35
C GLN J 459 19.26 -10.76 46.27
N ALA J 460 19.76 -9.55 46.43
CA ALA J 460 20.63 -8.92 45.43
C ALA J 460 21.94 -9.69 45.14
N GLY J 461 22.51 -10.42 46.09
CA GLY J 461 23.86 -11.00 45.93
C GLY J 461 24.98 -9.95 45.98
N ILE J 462 26.24 -10.37 45.96
CA ILE J 462 27.36 -9.45 46.22
C ILE J 462 27.49 -8.33 45.17
N ALA J 463 27.30 -8.60 43.88
CA ALA J 463 27.50 -7.58 42.85
C ALA J 463 26.47 -6.44 42.97
N GLU J 464 25.18 -6.75 43.05
CA GLU J 464 24.15 -5.73 43.19
C GLU J 464 24.15 -5.05 44.56
N THR J 465 24.47 -5.76 45.66
CA THR J 465 24.62 -5.07 46.96
C THR J 465 25.80 -4.10 46.95
N LEU J 466 26.93 -4.50 46.39
CA LEU J 466 28.11 -3.64 46.24
C LEU J 466 27.76 -2.38 45.45
N GLN J 467 27.01 -2.51 44.36
CA GLN J 467 26.51 -1.35 43.63
C GLN J 467 25.50 -0.53 44.44
N TYR J 468 24.58 -1.18 45.13
CA TYR J 468 23.52 -0.50 45.90
C TYR J 468 24.08 0.35 47.03
N ILE J 469 25.06 -0.13 47.79
CA ILE J 469 25.61 0.67 48.88
C ILE J 469 26.43 1.86 48.35
N LEU J 470 27.12 1.71 47.23
CA LEU J 470 27.95 2.78 46.68
C LEU J 470 27.11 3.98 46.21
N ASP J 471 25.97 3.76 45.55
CA ASP J 471 25.14 4.90 45.10
C ASP J 471 24.33 5.57 46.23
N ARG J 472 24.48 5.14 47.50
CA ARG J 472 24.06 5.91 48.69
C ARG J 472 24.91 7.18 48.89
N TYR J 473 26.11 7.22 48.30
CA TYR J 473 27.15 8.18 48.68
C TYR J 473 27.52 9.19 47.58
N PRO J 474 27.92 10.43 47.95
CA PRO J 474 28.59 11.36 47.05
C PRO J 474 29.79 10.76 46.32
N LYS J 475 30.01 11.20 45.07
CA LYS J 475 30.95 10.55 44.14
C LYS J 475 32.41 10.60 44.58
N ASP J 476 32.82 11.61 45.35
CA ASP J 476 34.18 11.70 45.90
C ASP J 476 34.42 10.68 47.02
N ILE J 477 33.49 10.54 47.98
CA ILE J 477 33.67 9.57 49.06
C ILE J 477 33.63 8.12 48.56
N GLN J 478 32.90 7.85 47.47
CA GLN J 478 33.05 6.59 46.75
C GLN J 478 34.49 6.38 46.28
N GLU J 479 35.07 7.31 45.50
CA GLU J 479 36.41 7.10 44.93
C GLU J 479 37.49 6.91 45.99
N MET J 480 37.43 7.65 47.10
CA MET J 480 38.45 7.51 48.15
C MET J 480 38.28 6.24 49.00
N LEU J 481 37.08 5.64 49.10
CA LEU J 481 36.90 4.38 49.83
C LEU J 481 37.07 3.16 48.92
N VAL J 482 36.57 3.17 47.69
CA VAL J 482 36.66 2.01 46.78
C VAL J 482 38.11 1.71 46.35
N GLN J 483 39.04 2.58 46.72
CA GLN J 483 40.48 2.31 46.70
C GLN J 483 40.92 1.11 47.55
N ASN J 484 40.12 0.71 48.56
CA ASN J 484 40.40 -0.44 49.43
C ASN J 484 39.18 -1.36 49.54
N VAL J 485 38.92 -2.18 48.52
CA VAL J 485 37.98 -3.30 48.64
C VAL J 485 38.74 -4.50 49.19
N PHE J 486 38.43 -4.96 50.40
CA PHE J 486 39.14 -6.03 51.08
C PHE J 486 38.31 -7.31 51.13
N LEU J 487 38.89 -8.43 50.70
CA LEU J 487 38.26 -9.76 50.69
C LEU J 487 38.75 -10.61 51.86
N THR J 488 37.84 -11.13 52.68
CA THR J 488 38.16 -11.92 53.87
C THR J 488 37.05 -12.91 54.25
N GLY J 489 37.39 -13.94 55.03
CA GLY J 489 36.48 -14.94 55.55
C GLY J 489 36.06 -15.99 54.53
N GLY J 490 35.90 -17.24 54.98
CA GLY J 490 35.10 -18.27 54.32
C GLY J 490 35.33 -18.44 52.82
N ASN J 491 34.24 -18.32 52.06
CA ASN J 491 34.19 -18.51 50.61
C ASN J 491 35.21 -17.66 49.82
N THR J 492 35.73 -16.56 50.38
CA THR J 492 36.80 -15.82 49.70
C THR J 492 38.08 -16.65 49.48
N MET J 493 38.19 -17.83 50.09
CA MET J 493 39.22 -18.83 49.80
C MET J 493 39.17 -19.41 48.39
N TYR J 494 38.06 -19.33 47.64
CA TYR J 494 38.00 -19.94 46.31
C TYR J 494 39.10 -19.39 45.39
N PRO J 495 39.76 -20.23 44.58
CA PRO J 495 40.69 -19.73 43.56
C PRO J 495 39.91 -18.95 42.51
N GLY J 496 40.49 -17.84 42.04
CA GLY J 496 39.86 -16.92 41.09
C GLY J 496 38.99 -15.82 41.72
N MET J 497 38.84 -15.76 43.05
CA MET J 497 37.92 -14.81 43.69
C MET J 497 38.24 -13.35 43.37
N LYS J 498 39.49 -12.91 43.51
CA LYS J 498 39.88 -11.54 43.14
C LYS J 498 39.58 -11.26 41.68
N ALA J 499 39.94 -12.15 40.77
CA ALA J 499 39.74 -12.00 39.34
C ALA J 499 38.26 -11.87 38.94
N ARG J 500 37.35 -12.53 39.67
CA ARG J 500 35.91 -12.29 39.53
C ARG J 500 35.51 -10.94 40.09
N MET J 501 35.91 -10.66 41.33
CA MET J 501 35.46 -9.47 42.04
C MET J 501 35.87 -8.18 41.32
N GLU J 502 37.13 -8.08 40.87
CA GLU J 502 37.58 -6.87 40.18
C GLU J 502 36.92 -6.68 38.82
N LYS J 503 36.49 -7.75 38.14
CA LYS J 503 35.69 -7.65 36.91
C LYS J 503 34.29 -7.14 37.20
N GLU J 504 33.62 -7.69 38.20
CA GLU J 504 32.29 -7.24 38.60
C GLU J 504 32.29 -5.77 39.04
N LEU J 505 33.41 -5.29 39.59
CA LEU J 505 33.59 -3.91 40.01
C LEU J 505 33.93 -2.96 38.85
N LEU J 506 34.79 -3.39 37.92
CA LEU J 506 35.11 -2.63 36.70
C LEU J 506 33.85 -2.29 35.90
N GLU J 507 32.89 -3.21 35.85
CA GLU J 507 31.60 -3.06 35.16
C GLU J 507 30.66 -2.00 35.77
N MET J 508 31.00 -1.41 36.92
CA MET J 508 30.13 -0.46 37.63
C MET J 508 30.82 0.81 38.14
N ARG J 509 32.14 0.92 37.99
CA ARG J 509 32.89 2.16 38.27
C ARG J 509 32.77 3.20 37.13
N PRO J 510 32.87 4.51 37.42
CA PRO J 510 33.02 5.55 36.41
C PRO J 510 34.20 5.27 35.46
N PHE J 511 34.06 5.58 34.18
CA PHE J 511 34.85 4.99 33.08
C PHE J 511 36.37 4.97 33.25
N ARG J 512 37.02 6.08 33.57
CA ARG J 512 38.49 6.11 33.76
C ARG J 512 38.94 5.80 35.19
N SER J 513 38.03 5.68 36.14
CA SER J 513 38.37 5.75 37.57
C SER J 513 39.17 4.55 38.07
N SER J 514 40.07 4.80 39.00
CA SER J 514 40.92 3.78 39.64
C SER J 514 40.22 3.08 40.80
N PHE J 515 40.56 1.82 41.04
CA PHE J 515 40.18 1.04 42.22
C PHE J 515 41.16 -0.11 42.45
N GLN J 516 41.17 -0.68 43.65
CA GLN J 516 42.07 -1.80 44.00
C GLN J 516 41.37 -2.81 44.91
N VAL J 517 41.56 -4.10 44.63
CA VAL J 517 40.98 -5.22 45.39
C VAL J 517 42.10 -5.97 46.11
N GLN J 518 42.03 -6.03 47.43
CA GLN J 518 43.03 -6.64 48.30
C GLN J 518 42.48 -7.94 48.91
N LEU J 519 43.21 -9.05 48.78
CA LEU J 519 42.82 -10.33 49.39
C LEU J 519 43.67 -10.59 50.63
N ALA J 520 43.04 -10.98 51.73
CA ALA J 520 43.70 -11.22 53.01
C ALA J 520 44.92 -12.16 52.92
N SER J 521 45.93 -11.92 53.74
CA SER J 521 47.16 -12.73 53.80
C SER J 521 46.89 -14.21 54.18
N ASN J 522 45.89 -14.47 55.02
CA ASN J 522 45.26 -15.76 55.20
C ASN J 522 43.75 -15.57 55.47
N PRO J 523 42.88 -15.77 54.47
CA PRO J 523 41.46 -15.43 54.57
C PRO J 523 40.67 -16.14 55.67
N VAL J 524 41.17 -17.24 56.24
CA VAL J 524 40.55 -17.89 57.41
C VAL J 524 41.19 -17.44 58.73
N LEU J 525 42.52 -17.42 58.83
CA LEU J 525 43.20 -17.14 60.11
C LEU J 525 43.33 -15.65 60.47
N ASP J 526 43.29 -14.73 59.50
CA ASP J 526 43.63 -13.32 59.77
C ASP J 526 42.73 -12.60 60.77
N ALA J 527 41.52 -13.08 61.02
CA ALA J 527 40.69 -12.52 62.09
C ALA J 527 41.36 -12.71 63.47
N TRP J 528 41.94 -13.88 63.72
CA TRP J 528 42.61 -14.13 65.00
C TRP J 528 43.87 -13.29 65.09
N TYR J 529 44.73 -13.35 64.07
CA TYR J 529 45.95 -12.55 64.05
C TYR J 529 45.66 -11.05 64.15
N GLY J 530 44.55 -10.59 63.59
CA GLY J 530 44.06 -9.24 63.74
C GLY J 530 43.68 -8.91 65.17
N ALA J 531 42.84 -9.74 65.80
CA ALA J 531 42.47 -9.55 67.20
C ALA J 531 43.68 -9.65 68.14
N ARG J 532 44.65 -10.52 67.81
CA ARG J 532 45.90 -10.70 68.53
C ARG J 532 46.77 -9.44 68.47
N ASP J 533 47.06 -8.96 67.26
CA ASP J 533 47.88 -7.75 67.08
C ASP J 533 47.16 -6.50 67.60
N TRP J 534 45.82 -6.48 67.54
CA TRP J 534 45.01 -5.47 68.22
C TRP J 534 45.24 -5.51 69.73
N ALA J 535 45.05 -6.67 70.38
CA ALA J 535 45.18 -6.78 71.82
C ALA J 535 46.60 -6.47 72.30
N LEU J 536 47.60 -6.84 71.51
CA LEU J 536 49.01 -6.53 71.74
C LEU J 536 49.27 -5.01 71.77
N ASN J 537 48.53 -4.21 71.00
CA ASN J 537 48.67 -2.75 70.96
C ASN J 537 47.74 -2.03 71.95
N HIS J 538 46.49 -2.46 72.07
CA HIS J 538 45.48 -1.83 72.94
C HIS J 538 45.46 -2.40 74.37
N LEU J 539 46.53 -3.09 74.77
CA LEU J 539 46.62 -3.92 75.98
C LEU J 539 46.21 -3.20 77.28
N ASP J 540 46.56 -1.92 77.39
CA ASP J 540 46.29 -1.06 78.54
C ASP J 540 45.48 0.20 78.18
N ASP J 541 44.71 0.17 77.08
CA ASP J 541 43.66 1.15 76.81
C ASP J 541 42.45 0.92 77.73
N ASN J 542 42.60 1.29 79.01
CA ASN J 542 41.63 0.97 80.07
C ASN J 542 40.24 1.61 79.86
N GLU J 543 40.09 2.57 78.96
CA GLU J 543 38.80 3.10 78.55
C GLU J 543 38.10 2.21 77.50
N VAL J 544 38.84 1.44 76.71
CA VAL J 544 38.32 0.67 75.56
C VAL J 544 37.63 -0.63 75.97
N TRP J 545 38.29 -1.45 76.79
CA TRP J 545 37.79 -2.76 77.20
C TRP J 545 36.58 -2.59 78.13
N ILE J 546 35.59 -3.48 78.06
CA ILE J 546 34.52 -3.56 79.05
C ILE J 546 35.09 -4.22 80.31
N THR J 547 35.25 -3.43 81.35
CA THR J 547 35.82 -3.85 82.64
C THR J 547 34.74 -4.53 83.50
N ARG J 548 35.13 -5.48 84.36
CA ARG J 548 34.19 -6.17 85.25
C ARG J 548 33.38 -5.20 86.14
N LYS J 549 33.99 -4.12 86.61
CA LYS J 549 33.30 -3.04 87.36
C LYS J 549 32.31 -2.20 86.54
N GLU J 550 32.42 -2.24 85.21
CA GLU J 550 31.42 -1.65 84.32
C GLU J 550 30.23 -2.60 84.17
N TYR J 551 30.46 -3.90 83.93
CA TYR J 551 29.39 -4.90 83.95
C TYR J 551 28.67 -4.97 85.32
N GLU J 552 29.30 -4.51 86.40
CA GLU J 552 28.64 -4.35 87.70
C GLU J 552 27.51 -3.29 87.70
N GLU J 553 27.41 -2.41 86.69
CA GLU J 553 26.28 -1.49 86.50
C GLU J 553 25.60 -1.57 85.13
N LYS J 554 26.36 -1.85 84.06
CA LYS J 554 25.85 -2.02 82.69
C LYS J 554 25.23 -3.41 82.52
N GLY J 555 24.07 -3.51 81.89
CA GLY J 555 23.24 -4.73 81.90
C GLY J 555 23.74 -5.90 81.05
N GLY J 556 24.78 -5.71 80.24
CA GLY J 556 25.34 -6.74 79.33
C GLY J 556 25.03 -6.51 77.85
N GLU J 557 24.08 -5.64 77.51
CA GLU J 557 23.87 -5.12 76.16
C GLU J 557 24.98 -4.16 75.71
N TYR J 558 25.74 -3.60 76.66
CA TYR J 558 26.67 -2.49 76.46
C TYR J 558 27.90 -2.83 75.61
N LEU J 559 28.42 -1.83 74.90
CA LEU J 559 29.60 -1.90 74.05
C LEU J 559 30.28 -0.51 73.99
N LYS J 560 31.60 -0.47 73.74
CA LYS J 560 32.36 0.78 73.54
C LYS J 560 32.99 0.83 72.15
N GLU J 561 32.78 1.92 71.43
CA GLU J 561 33.00 2.07 69.98
C GLU J 561 34.49 2.29 69.62
N HIS J 562 35.37 1.36 69.98
CA HIS J 562 36.80 1.43 69.65
C HIS J 562 37.09 1.03 68.19
N CYS J 563 38.26 1.38 67.66
CA CYS J 563 38.62 1.12 66.26
C CYS J 563 38.59 -0.38 65.90
N ALA J 564 38.22 -0.68 64.65
CA ALA J 564 38.03 -2.06 64.18
C ALA J 564 36.97 -2.87 64.97
N SER J 565 35.91 -2.22 65.48
CA SER J 565 34.82 -2.86 66.23
C SER J 565 33.43 -2.27 65.93
N ASN J 566 32.39 -3.00 66.33
CA ASN J 566 30.98 -2.68 66.09
C ASN J 566 30.53 -1.34 66.71
N ILE J 567 29.43 -0.77 66.20
CA ILE J 567 28.85 0.50 66.63
C ILE J 567 27.81 0.26 67.73
N TYR J 568 28.09 0.70 68.96
CA TYR J 568 27.07 0.70 70.02
C TYR J 568 25.94 1.69 69.71
N VAL J 569 24.73 1.34 70.13
CA VAL J 569 23.55 2.23 70.13
C VAL J 569 23.05 2.37 71.58
N PRO J 570 23.00 3.59 72.16
CA PRO J 570 22.52 3.79 73.52
C PRO J 570 21.12 3.20 73.75
N ILE J 571 21.04 2.18 74.61
CA ILE J 571 19.85 1.37 74.83
C ILE J 571 19.92 0.63 76.17
N ARG J 572 18.78 0.16 76.71
CA ARG J 572 18.67 -0.60 77.96
C ARG J 572 17.68 -1.75 77.83
N LEU J 573 17.98 -2.93 78.39
CA LEU J 573 17.13 -4.13 78.29
C LEU J 573 16.47 -4.49 79.63
N PRO J 574 15.13 -4.59 79.70
CA PRO J 574 14.42 -5.23 80.81
C PRO J 574 14.74 -6.73 80.89
N LYS J 575 15.18 -7.22 82.06
CA LYS J 575 15.36 -8.65 82.35
C LYS J 575 15.11 -8.93 83.83
N GLN J 576 14.43 -10.05 84.13
CA GLN J 576 14.09 -10.55 85.47
C GLN J 576 14.01 -12.07 85.48
N PRO M 2 -24.92 -11.56 64.82
CA PRO M 2 -25.60 -12.82 64.42
C PRO M 2 -24.76 -13.62 63.39
N GLY M 3 -24.74 -13.20 62.11
CA GLY M 3 -23.81 -13.73 61.10
C GLY M 3 -23.86 -15.25 60.87
N THR M 4 -25.01 -15.90 61.10
CA THR M 4 -25.10 -17.37 61.17
C THR M 4 -26.45 -17.97 60.72
N VAL M 5 -27.50 -17.17 60.53
CA VAL M 5 -28.85 -17.65 60.12
C VAL M 5 -28.88 -18.21 58.69
N ALA M 6 -27.78 -18.09 57.94
CA ALA M 6 -27.48 -18.93 56.77
C ALA M 6 -27.76 -20.43 57.00
N LEU M 7 -27.62 -20.95 58.22
CA LEU M 7 -27.99 -22.32 58.59
C LEU M 7 -29.48 -22.65 58.29
N ARG M 8 -30.37 -21.66 58.25
CA ARG M 8 -31.75 -21.81 57.81
C ARG M 8 -31.87 -21.91 56.28
N GLU M 9 -31.02 -21.21 55.53
CA GLU M 9 -30.91 -21.38 54.07
C GLU M 9 -30.50 -22.80 53.70
N ILE M 10 -29.54 -23.40 54.42
CA ILE M 10 -29.11 -24.79 54.20
C ILE M 10 -30.33 -25.70 54.20
N ARG M 11 -31.13 -25.62 55.26
CA ARG M 11 -32.31 -26.48 55.46
C ARG M 11 -33.38 -26.22 54.41
N ARG M 12 -33.60 -24.96 53.99
CA ARG M 12 -34.54 -24.63 52.90
C ARG M 12 -34.10 -25.21 51.55
N TYR M 13 -32.85 -24.99 51.14
CA TYR M 13 -32.35 -25.50 49.86
C TYR M 13 -32.01 -27.00 49.85
N GLN M 14 -31.90 -27.65 51.01
CA GLN M 14 -31.92 -29.11 51.16
C GLN M 14 -33.35 -29.71 51.17
N LYS M 15 -34.38 -28.99 51.67
CA LYS M 15 -35.80 -29.38 51.49
C LYS M 15 -36.22 -29.33 50.01
N SER M 16 -35.91 -28.22 49.35
CA SER M 16 -36.07 -28.00 47.91
C SER M 16 -35.29 -29.01 47.08
N THR M 17 -35.82 -29.40 45.92
CA THR M 17 -35.16 -30.37 45.01
C THR M 17 -35.21 -29.99 43.52
N GLU M 18 -35.77 -28.84 43.15
CA GLU M 18 -35.75 -28.31 41.79
C GLU M 18 -34.35 -27.83 41.36
N LEU M 19 -34.16 -27.60 40.05
CA LEU M 19 -32.90 -27.07 39.50
C LEU M 19 -32.77 -25.56 39.80
N LEU M 20 -31.55 -25.13 40.12
CA LEU M 20 -31.24 -23.84 40.74
C LEU M 20 -30.68 -22.79 39.77
N ILE M 21 -29.89 -23.18 38.75
CA ILE M 21 -29.38 -22.23 37.75
C ILE M 21 -30.50 -21.85 36.79
N ARG M 22 -30.55 -20.57 36.39
CA ARG M 22 -31.56 -20.04 35.45
C ARG M 22 -31.42 -20.68 34.07
N LYS M 23 -32.53 -21.19 33.54
CA LYS M 23 -32.54 -22.07 32.35
C LYS M 23 -31.95 -21.37 31.13
N LEU M 24 -32.30 -20.11 30.89
CA LEU M 24 -31.80 -19.33 29.76
C LEU M 24 -30.27 -19.16 29.84
N PRO M 25 -29.68 -18.61 30.92
CA PRO M 25 -28.23 -18.58 31.09
C PRO M 25 -27.54 -19.93 30.88
N PHE M 26 -28.09 -21.01 31.45
CA PHE M 26 -27.49 -22.32 31.27
C PHE M 26 -27.58 -22.79 29.81
N GLN M 27 -28.75 -22.63 29.17
CA GLN M 27 -28.92 -22.97 27.77
C GLN M 27 -27.99 -22.14 26.85
N ARG M 28 -27.86 -20.83 27.10
CA ARG M 28 -26.91 -19.98 26.37
C ARG M 28 -25.49 -20.51 26.51
N LEU M 29 -25.05 -20.83 27.72
CA LEU M 29 -23.71 -21.37 27.95
C LEU M 29 -23.49 -22.73 27.28
N VAL M 30 -24.47 -23.64 27.38
CA VAL M 30 -24.43 -24.96 26.72
C VAL M 30 -24.24 -24.79 25.22
N ARG M 31 -25.06 -23.94 24.59
CA ARG M 31 -24.98 -23.65 23.16
C ARG M 31 -23.65 -23.01 22.78
N GLU M 32 -23.19 -22.00 23.51
CA GLU M 32 -21.91 -21.35 23.23
C GLU M 32 -20.74 -22.35 23.28
N ILE M 33 -20.69 -23.22 24.30
CA ILE M 33 -19.66 -24.26 24.42
C ILE M 33 -19.80 -25.32 23.32
N ALA M 34 -21.01 -25.63 22.87
CA ALA M 34 -21.21 -26.55 21.75
C ALA M 34 -20.79 -25.93 20.41
N GLN M 35 -21.13 -24.67 20.16
CA GLN M 35 -20.91 -24.00 18.88
C GLN M 35 -19.45 -23.64 18.60
N ASP M 36 -18.65 -23.28 19.61
CA ASP M 36 -17.20 -23.13 19.40
C ASP M 36 -16.45 -24.48 19.41
N PHE M 37 -17.08 -25.56 19.89
CA PHE M 37 -16.59 -26.93 19.71
C PHE M 37 -16.84 -27.45 18.28
N LYS M 38 -18.09 -27.49 17.78
CA LYS M 38 -18.45 -27.92 16.41
C LYS M 38 -19.67 -27.19 15.82
N THR M 39 -19.76 -27.17 14.48
CA THR M 39 -20.81 -26.47 13.70
C THR M 39 -22.18 -27.18 13.73
N ASP M 40 -23.26 -26.40 13.80
CA ASP M 40 -24.67 -26.86 13.67
C ASP M 40 -25.12 -27.96 14.64
N LEU M 41 -24.46 -28.10 15.79
CA LEU M 41 -25.01 -28.87 16.92
C LEU M 41 -26.15 -28.07 17.58
N ARG M 42 -27.32 -28.68 17.73
CA ARG M 42 -28.51 -28.06 18.36
C ARG M 42 -29.17 -29.03 19.34
N PHE M 43 -29.70 -28.52 20.45
CA PHE M 43 -30.06 -29.36 21.60
C PHE M 43 -31.57 -29.43 21.81
N GLN M 44 -32.12 -30.64 21.92
CA GLN M 44 -33.46 -30.84 22.47
C GLN M 44 -33.48 -30.34 23.93
N SER M 45 -34.60 -29.76 24.35
CA SER M 45 -34.81 -29.29 25.73
C SER M 45 -34.46 -30.35 26.77
N SER M 46 -34.86 -31.60 26.54
CA SER M 46 -34.51 -32.75 27.39
C SER M 46 -33.00 -33.00 27.49
N ALA M 47 -32.23 -32.75 26.43
CA ALA M 47 -30.77 -32.86 26.51
C ALA M 47 -30.17 -31.75 27.38
N VAL M 48 -30.63 -30.50 27.22
CA VAL M 48 -30.19 -29.38 28.07
C VAL M 48 -30.56 -29.63 29.54
N MET M 49 -31.73 -30.18 29.81
CA MET M 49 -32.15 -30.57 31.15
C MET M 49 -31.31 -31.71 31.72
N ALA M 50 -31.03 -32.75 30.93
CA ALA M 50 -30.16 -33.85 31.35
C ALA M 50 -28.74 -33.33 31.67
N LEU M 51 -28.20 -32.42 30.83
CA LEU M 51 -26.97 -31.71 31.13
C LEU M 51 -27.08 -30.95 32.45
N GLN M 52 -28.06 -30.08 32.63
CA GLN M 52 -28.15 -29.24 33.82
C GLN M 52 -28.34 -30.05 35.10
N GLU M 53 -29.15 -31.12 35.08
CA GLU M 53 -29.30 -32.00 36.23
C GLU M 53 -27.97 -32.69 36.58
N ALA M 54 -27.22 -33.18 35.59
CA ALA M 54 -25.91 -33.75 35.83
C ALA M 54 -24.91 -32.71 36.38
N CYS M 55 -24.92 -31.48 35.86
CA CYS M 55 -24.08 -30.38 36.35
C CYS M 55 -24.39 -30.03 37.81
N GLU M 56 -25.65 -29.77 38.14
CA GLU M 56 -26.01 -29.35 39.48
C GLU M 56 -25.82 -30.47 40.51
N ALA M 57 -26.14 -31.73 40.17
CA ALA M 57 -25.79 -32.86 41.03
C ALA M 57 -24.27 -32.97 41.23
N TYR M 58 -23.49 -32.76 40.18
CA TYR M 58 -22.04 -32.79 40.25
C TYR M 58 -21.50 -31.67 41.16
N LEU M 59 -22.03 -30.44 41.04
CA LEU M 59 -21.64 -29.32 41.91
C LEU M 59 -22.10 -29.51 43.36
N VAL M 60 -23.29 -30.07 43.62
CA VAL M 60 -23.69 -30.43 45.00
C VAL M 60 -22.71 -31.44 45.60
N GLY M 61 -22.25 -32.41 44.82
CA GLY M 61 -21.19 -33.32 45.24
C GLY M 61 -19.87 -32.59 45.55
N LEU M 62 -19.44 -31.69 44.67
CA LEU M 62 -18.24 -30.86 44.90
C LEU M 62 -18.35 -30.04 46.19
N PHE M 63 -19.49 -29.39 46.43
CA PHE M 63 -19.69 -28.61 47.65
C PHE M 63 -19.73 -29.48 48.90
N GLU M 64 -20.37 -30.65 48.89
CA GLU M 64 -20.28 -31.62 49.99
C GLU M 64 -18.82 -32.03 50.26
N ASP M 65 -18.06 -32.34 49.22
CA ASP M 65 -16.64 -32.71 49.34
C ASP M 65 -15.80 -31.54 49.88
N THR M 66 -16.07 -30.32 49.41
CA THR M 66 -15.41 -29.10 49.88
C THR M 66 -15.75 -28.82 51.35
N ASN M 67 -17.00 -29.08 51.77
CA ASN M 67 -17.43 -28.95 53.14
C ASN M 67 -16.57 -29.85 54.05
N LEU M 68 -16.42 -31.12 53.67
CA LEU M 68 -15.63 -32.05 54.47
C LEU M 68 -14.14 -31.66 54.49
N CYS M 69 -13.58 -31.15 53.39
CA CYS M 69 -12.22 -30.60 53.39
C CYS M 69 -12.05 -29.43 54.36
N ALA M 70 -12.97 -28.46 54.38
CA ALA M 70 -12.91 -27.33 55.30
C ALA M 70 -13.11 -27.74 56.77
N ILE M 71 -14.09 -28.60 57.03
CA ILE M 71 -14.34 -29.21 58.35
C ILE M 71 -13.08 -29.93 58.83
N HIS M 72 -12.42 -30.69 57.94
CA HIS M 72 -11.17 -31.37 58.25
C HIS M 72 -10.03 -30.40 58.56
N ALA M 73 -9.95 -29.29 57.82
CA ALA M 73 -9.04 -28.17 58.08
C ALA M 73 -9.43 -27.29 59.30
N LYS M 74 -10.41 -27.72 60.12
CA LYS M 74 -10.92 -27.02 61.32
C LYS M 74 -11.52 -25.64 61.02
N ARG M 75 -11.85 -25.35 59.76
CA ARG M 75 -12.53 -24.12 59.31
C ARG M 75 -14.04 -24.20 59.53
N VAL M 76 -14.71 -23.07 59.32
CA VAL M 76 -16.16 -22.92 59.06
C VAL M 76 -16.40 -22.12 57.75
N THR M 77 -15.37 -22.01 56.91
CA THR M 77 -15.33 -21.21 55.67
C THR M 77 -14.68 -22.01 54.55
N ILE M 78 -15.10 -21.81 53.30
CA ILE M 78 -14.43 -22.36 52.12
C ILE M 78 -13.70 -21.28 51.32
N MET M 79 -12.45 -21.58 50.96
CA MET M 79 -11.55 -20.83 50.08
C MET M 79 -11.24 -21.69 48.82
N PRO M 80 -10.86 -21.10 47.68
CA PRO M 80 -10.54 -21.87 46.46
C PRO M 80 -9.55 -23.04 46.67
N LYS M 81 -8.65 -22.95 47.66
CA LYS M 81 -7.74 -24.04 48.03
C LYS M 81 -8.49 -25.29 48.55
N ASP M 82 -9.61 -25.14 49.25
CA ASP M 82 -10.44 -26.27 49.67
C ASP M 82 -11.03 -27.00 48.46
N ILE M 83 -11.42 -26.27 47.40
CA ILE M 83 -11.86 -26.87 46.13
C ILE M 83 -10.69 -27.57 45.42
N GLN M 84 -9.50 -26.97 45.41
CA GLN M 84 -8.32 -27.58 44.78
C GLN M 84 -7.83 -28.84 45.50
N LEU M 85 -7.94 -28.92 46.83
CA LEU M 85 -7.84 -30.22 47.50
C LEU M 85 -8.95 -31.17 47.05
N ALA M 86 -10.22 -30.74 47.09
CA ALA M 86 -11.35 -31.59 46.70
C ALA M 86 -11.22 -32.15 45.27
N ARG M 87 -10.58 -31.43 44.35
CA ARG M 87 -10.20 -31.96 43.04
C ARG M 87 -9.05 -32.95 43.13
N ARG M 88 -7.89 -32.58 43.69
CA ARG M 88 -6.72 -33.48 43.71
C ARG M 88 -6.94 -34.77 44.51
N ILE M 89 -7.70 -34.72 45.60
CA ILE M 89 -8.05 -35.88 46.43
C ILE M 89 -9.03 -36.83 45.71
N ARG M 90 -9.88 -36.31 44.82
CA ARG M 90 -10.72 -37.09 43.90
C ARG M 90 -9.93 -37.59 42.68
N GLY M 91 -8.84 -36.90 42.32
CA GLY M 91 -8.05 -37.13 41.11
C GLY M 91 -8.58 -36.40 39.88
N GLU M 92 -9.27 -35.27 40.08
CA GLU M 92 -10.02 -34.50 39.08
C GLU M 92 -9.19 -33.43 38.34
N LEU N 1 -23.05 -7.35 27.35
CA LEU N 1 -22.73 -8.80 27.32
C LEU N 1 -22.45 -9.33 28.72
N ARG N 2 -22.64 -10.64 28.95
CA ARG N 2 -22.35 -11.34 30.22
C ARG N 2 -21.82 -12.76 30.00
N ASP N 3 -21.26 -13.01 28.81
CA ASP N 3 -20.89 -14.33 28.28
C ASP N 3 -19.66 -14.96 28.96
N ASN N 4 -19.00 -14.24 29.86
CA ASN N 4 -17.77 -14.62 30.57
C ASN N 4 -17.99 -15.71 31.65
N ILE N 5 -19.05 -16.52 31.51
CA ILE N 5 -19.61 -17.47 32.50
C ILE N 5 -20.15 -16.81 33.78
N GLN N 6 -19.97 -15.50 33.96
CA GLN N 6 -20.64 -14.72 35.03
C GLN N 6 -22.17 -14.72 34.93
N GLY N 7 -22.74 -15.09 33.77
CA GLY N 7 -24.17 -15.39 33.63
C GLY N 7 -24.66 -16.54 34.51
N ILE N 8 -23.77 -17.43 34.98
CA ILE N 8 -24.03 -18.31 36.12
C ILE N 8 -23.92 -17.46 37.40
N THR N 9 -25.06 -16.96 37.92
CA THR N 9 -25.04 -15.84 38.87
C THR N 9 -24.53 -16.23 40.26
N LYS N 10 -23.94 -15.25 40.97
CA LYS N 10 -23.43 -15.40 42.34
C LYS N 10 -24.45 -16.10 43.25
N PRO N 11 -25.70 -15.62 43.39
CA PRO N 11 -26.68 -16.25 44.26
C PRO N 11 -27.11 -17.64 43.80
N ALA N 12 -27.07 -17.95 42.49
CA ALA N 12 -27.35 -19.31 42.02
C ALA N 12 -26.24 -20.29 42.44
N ILE N 13 -24.96 -19.91 42.29
CA ILE N 13 -23.83 -20.73 42.77
C ILE N 13 -23.87 -20.86 44.29
N ARG N 14 -24.18 -19.76 45.00
CA ARG N 14 -24.37 -19.78 46.44
C ARG N 14 -25.55 -20.69 46.86
N ARG N 15 -26.66 -20.72 46.13
CA ARG N 15 -27.75 -21.68 46.42
C ARG N 15 -27.31 -23.12 46.22
N LEU N 16 -26.57 -23.44 45.16
CA LEU N 16 -25.97 -24.78 45.01
C LEU N 16 -25.06 -25.10 46.19
N ALA N 17 -24.25 -24.14 46.63
CA ALA N 17 -23.40 -24.27 47.81
C ALA N 17 -24.24 -24.55 49.08
N ARG N 18 -25.35 -23.82 49.27
CA ARG N 18 -26.27 -24.02 50.40
C ARG N 18 -26.93 -25.40 50.37
N ARG N 19 -27.41 -25.89 49.22
CA ARG N 19 -27.89 -27.29 49.10
C ARG N 19 -26.76 -28.27 49.42
N GLY N 20 -25.54 -27.99 48.97
CA GLY N 20 -24.32 -28.72 49.32
C GLY N 20 -23.92 -28.65 50.80
N GLY N 21 -24.56 -27.81 51.61
CA GLY N 21 -24.38 -27.76 53.06
C GLY N 21 -23.22 -26.91 53.56
N VAL N 22 -22.52 -26.16 52.70
CA VAL N 22 -21.38 -25.31 53.13
C VAL N 22 -21.83 -24.01 53.79
N LYS N 23 -21.08 -23.56 54.82
CA LYS N 23 -21.31 -22.32 55.59
C LYS N 23 -20.65 -21.10 54.92
N ARG N 24 -19.65 -20.45 55.50
CA ARG N 24 -19.10 -19.17 54.97
C ARG N 24 -18.41 -19.38 53.61
N ILE N 25 -18.73 -18.58 52.59
CA ILE N 25 -18.22 -18.74 51.21
C ILE N 25 -17.31 -17.57 50.80
N SER N 26 -16.01 -17.78 50.62
CA SER N 26 -15.13 -16.66 50.21
C SER N 26 -15.38 -16.19 48.77
N GLY N 27 -15.25 -14.88 48.49
CA GLY N 27 -15.70 -14.25 47.25
C GLY N 27 -15.03 -14.72 45.94
N LEU N 28 -13.94 -15.48 46.01
CA LEU N 28 -13.32 -16.11 44.83
C LEU N 28 -13.97 -17.46 44.45
N ILE N 29 -14.73 -18.08 45.35
CA ILE N 29 -15.33 -19.42 45.17
C ILE N 29 -16.29 -19.47 43.98
N TYR N 30 -17.08 -18.41 43.76
CA TYR N 30 -18.03 -18.38 42.64
C TYR N 30 -17.28 -18.58 41.31
N GLU N 31 -16.17 -17.86 41.14
CA GLU N 31 -15.37 -17.91 39.92
C GLU N 31 -14.58 -19.22 39.78
N GLU N 32 -14.08 -19.77 40.90
CA GLU N 32 -13.46 -21.10 40.91
C GLU N 32 -14.48 -22.18 40.50
N THR N 33 -15.73 -22.07 40.96
CA THR N 33 -16.82 -22.95 40.58
C THR N 33 -17.16 -22.82 39.09
N ARG N 34 -17.21 -21.61 38.54
CA ARG N 34 -17.42 -21.39 37.10
C ARG N 34 -16.33 -22.06 36.25
N GLY N 35 -15.10 -22.09 36.74
CA GLY N 35 -14.00 -22.86 36.14
C GLY N 35 -14.29 -24.36 36.08
N VAL N 36 -14.72 -24.96 37.19
CA VAL N 36 -15.13 -26.37 37.22
C VAL N 36 -16.31 -26.63 36.29
N LEU N 37 -17.31 -25.74 36.30
CA LEU N 37 -18.54 -25.85 35.51
C LEU N 37 -18.25 -25.89 34.01
N LYS N 38 -17.34 -25.03 33.50
CA LYS N 38 -16.85 -25.14 32.11
C LYS N 38 -16.25 -26.52 31.86
N VAL N 39 -15.29 -26.94 32.69
CA VAL N 39 -14.55 -28.19 32.47
C VAL N 39 -15.49 -29.41 32.49
N PHE N 40 -16.54 -29.40 33.30
CA PHE N 40 -17.54 -30.47 33.28
C PHE N 40 -18.25 -30.56 31.91
N LEU N 41 -18.60 -29.44 31.27
CA LEU N 41 -19.12 -29.46 29.89
C LEU N 41 -18.04 -29.82 28.85
N GLU N 42 -16.79 -29.41 29.04
CA GLU N 42 -15.66 -29.85 28.19
C GLU N 42 -15.40 -31.36 28.26
N ASN N 43 -15.91 -32.06 29.29
CA ASN N 43 -16.06 -33.50 29.28
C ASN N 43 -17.41 -33.92 28.66
N VAL N 44 -18.52 -33.44 29.21
CA VAL N 44 -19.84 -34.02 28.94
C VAL N 44 -20.39 -33.62 27.57
N ILE N 45 -20.43 -32.33 27.20
CA ILE N 45 -20.93 -31.92 25.86
C ILE N 45 -20.05 -32.53 24.78
N ARG N 46 -18.72 -32.46 24.97
CA ARG N 46 -17.75 -33.02 24.02
C ARG N 46 -18.00 -34.50 23.75
N ASP N 47 -18.07 -35.35 24.77
CA ASP N 47 -18.39 -36.77 24.54
C ASP N 47 -19.83 -36.98 24.07
N ALA N 48 -20.82 -36.21 24.54
CA ALA N 48 -22.19 -36.32 24.05
C ALA N 48 -22.25 -36.05 22.55
N VAL N 49 -21.52 -35.04 22.07
CA VAL N 49 -21.35 -34.78 20.64
C VAL N 49 -20.67 -35.96 19.95
N THR N 50 -19.71 -36.67 20.55
CA THR N 50 -19.19 -37.89 19.90
C THR N 50 -20.24 -38.99 19.75
N TYR N 51 -21.27 -39.03 20.60
CA TYR N 51 -22.43 -39.91 20.39
C TYR N 51 -23.42 -39.33 19.38
N THR N 52 -23.64 -38.02 19.35
CA THR N 52 -24.41 -37.36 18.28
C THR N 52 -23.76 -37.61 16.91
N GLU N 53 -22.43 -37.58 16.85
CA GLU N 53 -21.58 -37.87 15.69
C GLU N 53 -21.42 -39.38 15.40
N HIS N 54 -22.04 -40.26 16.20
CA HIS N 54 -22.19 -41.67 15.84
C HIS N 54 -23.25 -41.82 14.75
N ALA N 55 -24.41 -41.18 14.94
CA ALA N 55 -25.47 -41.02 13.94
C ALA N 55 -25.24 -39.84 12.97
N LYS N 56 -24.37 -38.88 13.34
CA LYS N 56 -24.08 -37.61 12.64
C LYS N 56 -25.31 -36.70 12.49
N ARG N 57 -26.18 -36.70 13.51
CA ARG N 57 -27.40 -35.88 13.63
C ARG N 57 -27.07 -34.41 13.88
N LYS N 58 -28.04 -33.52 13.58
CA LYS N 58 -28.04 -32.10 14.02
C LYS N 58 -28.59 -31.93 15.44
N THR N 59 -29.62 -32.71 15.78
CA THR N 59 -30.23 -32.74 17.12
C THR N 59 -29.41 -33.60 18.10
N VAL N 60 -28.98 -33.01 19.21
CA VAL N 60 -28.52 -33.73 20.40
C VAL N 60 -29.74 -34.26 21.15
N THR N 61 -29.81 -35.58 21.35
CA THR N 61 -30.87 -36.21 22.17
C THR N 61 -30.45 -36.37 23.63
N ALA N 62 -31.41 -36.59 24.54
CA ALA N 62 -31.11 -36.98 25.92
C ALA N 62 -30.33 -38.31 25.99
N MET N 63 -30.50 -39.21 25.03
CA MET N 63 -29.72 -40.44 24.92
C MET N 63 -28.23 -40.13 24.72
N ASP N 64 -27.91 -39.19 23.82
CA ASP N 64 -26.52 -38.86 23.46
C ASP N 64 -25.71 -38.45 24.70
N VAL N 65 -26.29 -37.56 25.51
CA VAL N 65 -25.69 -37.13 26.77
C VAL N 65 -25.69 -38.24 27.83
N VAL N 66 -26.75 -39.05 27.94
CA VAL N 66 -26.76 -40.18 28.89
C VAL N 66 -25.67 -41.20 28.57
N TYR N 67 -25.35 -41.45 27.30
CA TYR N 67 -24.23 -42.32 26.93
C TYR N 67 -22.87 -41.73 27.36
N ALA N 68 -22.65 -40.43 27.14
CA ALA N 68 -21.45 -39.75 27.63
C ALA N 68 -21.34 -39.79 29.15
N LEU N 69 -22.43 -39.50 29.86
CA LEU N 69 -22.49 -39.60 31.32
C LEU N 69 -22.25 -41.03 31.82
N LYS N 70 -22.73 -42.05 31.08
CA LYS N 70 -22.47 -43.47 31.39
C LYS N 70 -21.00 -43.83 31.24
N ARG N 71 -20.32 -43.45 30.15
CA ARG N 71 -18.87 -43.71 30.02
C ARG N 71 -18.02 -42.90 31.00
N GLN N 72 -18.50 -41.72 31.41
CA GLN N 72 -17.87 -40.87 32.43
C GLN N 72 -18.30 -41.23 33.87
N GLY N 73 -19.07 -42.30 34.08
CA GLY N 73 -19.34 -42.87 35.41
C GLY N 73 -20.32 -42.07 36.29
N ARG N 74 -21.20 -41.27 35.68
CA ARG N 74 -22.23 -40.45 36.37
C ARG N 74 -23.62 -40.65 35.75
N THR N 75 -24.10 -41.90 35.78
CA THR N 75 -25.37 -42.30 35.15
C THR N 75 -26.58 -41.48 35.65
N LEU N 76 -27.63 -41.36 34.85
CA LEU N 76 -28.78 -40.50 35.12
C LEU N 76 -30.10 -41.21 34.79
N TYR N 77 -31.07 -41.17 35.70
CA TYR N 77 -32.41 -41.74 35.54
C TYR N 77 -33.45 -40.69 35.10
N GLY N 78 -34.62 -41.15 34.65
CA GLY N 78 -35.80 -40.34 34.31
C GLY N 78 -35.93 -40.00 32.83
N PHE N 79 -34.80 -39.81 32.15
CA PHE N 79 -34.71 -39.62 30.70
C PHE N 79 -34.70 -40.95 29.90
N GLY N 80 -34.51 -42.09 30.57
CA GLY N 80 -34.37 -43.42 29.95
C GLY N 80 -32.95 -43.69 29.41
N GLY N 81 -32.83 -44.69 28.53
CA GLY N 81 -31.59 -45.08 27.85
C GLY N 81 -30.58 -45.83 28.72
N ARG O 1 24.62 -40.77 64.28
CA ARG O 1 23.82 -41.65 65.17
C ARG O 1 22.36 -41.13 65.29
N PRO O 2 21.76 -40.76 66.44
CA PRO O 2 20.30 -40.65 66.55
C PRO O 2 19.69 -39.40 65.88
N GLY O 3 18.39 -39.48 65.56
CA GLY O 3 17.53 -38.33 65.28
C GLY O 3 17.84 -37.54 63.99
N THR O 4 18.34 -38.19 62.94
CA THR O 4 18.68 -37.52 61.66
C THR O 4 18.39 -38.37 60.42
N VAL O 5 18.07 -37.69 59.31
CA VAL O 5 17.84 -38.23 57.95
C VAL O 5 16.83 -39.40 57.90
N ALA O 6 15.55 -39.09 58.15
CA ALA O 6 14.43 -40.04 57.95
C ALA O 6 14.31 -40.53 56.49
N LEU O 7 14.85 -39.76 55.52
CA LEU O 7 14.93 -40.14 54.11
C LEU O 7 15.77 -41.41 53.86
N ARG O 8 16.50 -41.94 54.86
CA ARG O 8 17.11 -43.27 54.84
C ARG O 8 16.10 -44.39 54.48
N GLU O 9 14.82 -44.24 54.83
CA GLU O 9 13.74 -45.15 54.45
C GLU O 9 13.26 -44.93 53.00
N ILE O 10 13.02 -43.68 52.61
CA ILE O 10 12.64 -43.28 51.24
C ILE O 10 13.65 -43.81 50.21
N ARG O 11 14.95 -43.72 50.54
CA ARG O 11 16.10 -44.10 49.71
C ARG O 11 16.41 -45.61 49.70
N ARG O 12 15.62 -46.44 50.41
CA ARG O 12 15.82 -47.91 50.52
C ARG O 12 14.65 -48.71 49.93
N TYR O 13 13.41 -48.40 50.32
CA TYR O 13 12.24 -49.22 50.02
C TYR O 13 11.55 -48.92 48.67
N GLN O 14 12.19 -48.18 47.78
CA GLN O 14 11.69 -47.83 46.44
C GLN O 14 12.81 -47.77 45.35
N LYS O 15 13.95 -48.44 45.57
CA LYS O 15 15.04 -48.53 44.57
C LYS O 15 14.80 -49.55 43.44
N SER O 16 13.84 -50.46 43.61
CA SER O 16 13.51 -51.55 42.66
C SER O 16 12.04 -51.98 42.79
N THR O 17 11.61 -52.93 41.94
CA THR O 17 10.26 -53.53 41.92
C THR O 17 9.97 -54.46 43.12
N GLU O 18 10.51 -54.14 44.30
CA GLU O 18 10.35 -54.88 45.55
C GLU O 18 8.93 -54.74 46.16
N LEU O 19 8.53 -55.68 47.04
CA LEU O 19 7.32 -55.60 47.88
C LEU O 19 7.72 -55.60 49.38
N LEU O 20 6.97 -54.87 50.20
CA LEU O 20 7.35 -54.47 51.56
C LEU O 20 6.89 -55.43 52.66
N ILE O 21 5.80 -56.18 52.46
CA ILE O 21 5.33 -57.21 53.39
C ILE O 21 6.03 -58.55 53.07
N ARG O 22 6.46 -59.27 54.11
CA ARG O 22 7.14 -60.57 54.01
C ARG O 22 6.17 -61.68 53.59
N LYS O 23 6.65 -62.70 52.86
CA LYS O 23 5.78 -63.59 52.07
C LYS O 23 5.00 -64.59 52.93
N LEU O 24 5.67 -65.27 53.85
CA LEU O 24 5.05 -66.26 54.74
C LEU O 24 3.89 -65.68 55.58
N PRO O 25 4.02 -64.51 56.26
CA PRO O 25 2.90 -63.96 57.02
C PRO O 25 1.73 -63.53 56.13
N PHE O 26 1.98 -62.99 54.93
CA PHE O 26 0.92 -62.68 53.98
C PHE O 26 0.15 -63.94 53.54
N GLN O 27 0.88 -65.03 53.25
CA GLN O 27 0.25 -66.28 52.81
C GLN O 27 -0.66 -66.89 53.88
N ARG O 28 -0.34 -66.77 55.19
CA ARG O 28 -1.26 -67.20 56.27
C ARG O 28 -2.31 -66.16 56.67
N LEU O 29 -2.18 -64.90 56.25
CA LEU O 29 -3.20 -63.86 56.45
C LEU O 29 -4.43 -64.07 55.56
N VAL O 30 -4.23 -64.23 54.24
CA VAL O 30 -5.35 -64.22 53.28
C VAL O 30 -6.31 -65.40 53.43
N ARG O 31 -5.81 -66.58 53.82
CA ARG O 31 -6.56 -67.85 53.81
C ARG O 31 -7.67 -67.89 54.85
N GLU O 32 -7.39 -67.34 56.05
CA GLU O 32 -8.38 -67.20 57.13
C GLU O 32 -9.52 -66.27 56.72
N ILE O 33 -9.20 -65.17 56.04
CA ILE O 33 -10.17 -64.21 55.53
C ILE O 33 -11.03 -64.81 54.39
N ALA O 34 -10.40 -65.60 53.51
CA ALA O 34 -11.09 -66.25 52.39
C ALA O 34 -12.17 -67.26 52.82
N GLN O 35 -11.84 -68.17 53.75
CA GLN O 35 -12.69 -69.34 54.03
C GLN O 35 -14.05 -69.03 54.67
N ASP O 36 -14.26 -67.83 55.24
CA ASP O 36 -15.54 -67.43 55.85
C ASP O 36 -16.72 -67.41 54.85
N PHE O 37 -16.46 -67.10 53.58
CA PHE O 37 -17.48 -67.17 52.53
C PHE O 37 -17.76 -68.60 52.07
N LYS O 38 -16.69 -69.41 51.94
CA LYS O 38 -16.69 -70.80 51.48
C LYS O 38 -15.38 -71.47 51.88
N THR O 39 -15.44 -72.55 52.66
CA THR O 39 -14.28 -73.28 53.17
C THR O 39 -13.80 -74.42 52.22
N ASP O 40 -12.87 -75.26 52.70
CA ASP O 40 -12.15 -76.30 51.95
C ASP O 40 -11.29 -75.76 50.78
N LEU O 41 -10.86 -74.50 50.89
CA LEU O 41 -10.05 -73.84 49.87
C LEU O 41 -8.63 -74.43 49.79
N ARG O 42 -8.07 -74.42 48.57
CA ARG O 42 -6.64 -74.58 48.25
C ARG O 42 -6.22 -73.39 47.41
N PHE O 43 -4.93 -73.04 47.33
CA PHE O 43 -4.50 -71.81 46.64
C PHE O 43 -3.30 -72.04 45.73
N GLN O 44 -3.34 -71.48 44.52
CA GLN O 44 -2.14 -71.33 43.69
C GLN O 44 -1.20 -70.27 44.26
N SER O 45 0.12 -70.47 44.19
CA SER O 45 1.10 -69.44 44.57
C SER O 45 0.91 -68.14 43.77
N SER O 46 0.63 -68.26 42.47
CA SER O 46 0.32 -67.17 41.56
C SER O 46 -1.01 -66.46 41.84
N ALA O 47 -1.93 -67.09 42.57
CA ALA O 47 -3.14 -66.43 43.05
C ALA O 47 -2.84 -65.52 44.25
N VAL O 48 -2.26 -66.07 45.33
CA VAL O 48 -2.03 -65.30 46.56
C VAL O 48 -1.13 -64.09 46.31
N MET O 49 -0.05 -64.26 45.57
CA MET O 49 0.90 -63.16 45.31
C MET O 49 0.33 -62.08 44.36
N ALA O 50 -0.74 -62.37 43.61
CA ALA O 50 -1.47 -61.33 42.86
C ALA O 50 -2.30 -60.40 43.77
N LEU O 51 -2.64 -60.83 44.99
CA LEU O 51 -3.34 -59.98 45.96
C LEU O 51 -2.40 -58.89 46.51
N GLN O 52 -1.20 -59.26 46.97
CA GLN O 52 -0.26 -58.34 47.64
C GLN O 52 0.14 -57.15 46.76
N GLU O 53 0.36 -57.39 45.46
CA GLU O 53 0.71 -56.34 44.51
C GLU O 53 -0.37 -55.25 44.42
N ALA O 54 -1.65 -55.65 44.37
CA ALA O 54 -2.76 -54.71 44.40
C ALA O 54 -2.87 -53.99 45.75
N CYS O 55 -2.70 -54.73 46.85
CA CYS O 55 -2.78 -54.19 48.21
C CYS O 55 -1.72 -53.11 48.45
N GLU O 56 -0.45 -53.40 48.21
CA GLU O 56 0.62 -52.43 48.45
C GLU O 56 0.49 -51.21 47.52
N ALA O 57 0.14 -51.41 46.25
CA ALA O 57 -0.11 -50.29 45.34
C ALA O 57 -1.26 -49.39 45.80
N TYR O 58 -2.35 -49.97 46.30
CA TYR O 58 -3.48 -49.22 46.84
C TYR O 58 -3.11 -48.44 48.11
N LEU O 59 -2.39 -49.07 49.03
CA LEU O 59 -1.89 -48.44 50.26
C LEU O 59 -0.99 -47.25 49.94
N VAL O 60 -0.04 -47.41 49.02
CA VAL O 60 0.83 -46.33 48.53
C VAL O 60 0.01 -45.21 47.88
N GLY O 61 -0.99 -45.56 47.06
CA GLY O 61 -1.90 -44.59 46.45
C GLY O 61 -2.71 -43.79 47.48
N LEU O 62 -3.14 -44.40 48.58
CA LEU O 62 -3.77 -43.67 49.69
C LEU O 62 -2.79 -42.69 50.33
N PHE O 63 -1.59 -43.15 50.71
CA PHE O 63 -0.64 -42.28 51.40
C PHE O 63 -0.20 -41.08 50.53
N GLU O 64 -0.12 -41.25 49.21
CA GLU O 64 0.13 -40.16 48.27
C GLU O 64 -0.93 -39.05 48.38
N ASP O 65 -2.21 -39.38 48.45
CA ASP O 65 -3.28 -38.40 48.70
C ASP O 65 -3.24 -37.87 50.14
N THR O 66 -2.89 -38.72 51.10
CA THR O 66 -3.04 -38.44 52.54
C THR O 66 -2.14 -37.29 53.01
N ASN O 67 -0.87 -37.21 52.59
CA ASN O 67 0.02 -36.17 53.13
C ASN O 67 -0.39 -34.76 52.68
N LEU O 68 -0.96 -34.60 51.48
CA LEU O 68 -1.52 -33.32 51.04
C LEU O 68 -2.73 -32.92 51.88
N CYS O 69 -3.54 -33.87 52.35
CA CYS O 69 -4.65 -33.59 53.26
C CYS O 69 -4.14 -32.98 54.58
N ALA O 70 -3.07 -33.52 55.15
CA ALA O 70 -2.46 -32.95 56.35
C ALA O 70 -1.94 -31.53 56.11
N ILE O 71 -1.22 -31.32 55.00
CA ILE O 71 -0.67 -30.00 54.63
C ILE O 71 -1.77 -28.95 54.45
N HIS O 72 -2.87 -29.32 53.80
CA HIS O 72 -4.04 -28.45 53.68
C HIS O 72 -4.69 -28.19 55.04
N ALA O 73 -4.82 -29.21 55.88
CA ALA O 73 -5.25 -29.11 57.27
C ALA O 73 -4.14 -28.65 58.25
N LYS O 74 -3.22 -27.79 57.79
CA LYS O 74 -2.25 -27.03 58.60
C LYS O 74 -1.25 -27.89 59.40
N ARG O 75 -0.99 -29.13 58.98
CA ARG O 75 -0.10 -30.10 59.63
C ARG O 75 1.03 -30.57 58.71
N VAL O 76 2.18 -30.89 59.29
CA VAL O 76 3.18 -31.77 58.62
C VAL O 76 2.91 -33.25 58.91
N THR O 77 2.13 -33.54 59.95
CA THR O 77 1.89 -34.88 60.48
C THR O 77 0.60 -35.48 59.93
N ILE O 78 0.66 -36.65 59.27
CA ILE O 78 -0.58 -37.40 58.94
C ILE O 78 -1.16 -38.10 60.17
N MET O 79 -2.49 -38.12 60.27
CA MET O 79 -3.25 -38.62 61.42
C MET O 79 -4.55 -39.30 60.92
N PRO O 80 -5.19 -40.22 61.66
CA PRO O 80 -6.28 -41.06 61.14
C PRO O 80 -7.42 -40.31 60.43
N LYS O 81 -7.76 -39.10 60.89
CA LYS O 81 -8.78 -38.25 60.27
C LYS O 81 -8.45 -37.78 58.83
N ASP O 82 -7.19 -37.81 58.39
CA ASP O 82 -6.86 -37.62 56.97
C ASP O 82 -7.42 -38.75 56.08
N ILE O 83 -7.40 -39.99 56.57
CA ILE O 83 -7.94 -41.13 55.83
C ILE O 83 -9.47 -41.07 55.81
N GLN O 84 -10.10 -40.59 56.90
CA GLN O 84 -11.54 -40.31 56.95
C GLN O 84 -11.97 -39.31 55.87
N LEU O 85 -11.17 -38.28 55.59
CA LEU O 85 -11.41 -37.37 54.48
C LEU O 85 -11.24 -38.10 53.14
N ALA O 86 -10.03 -38.60 52.87
CA ALA O 86 -9.65 -39.10 51.54
C ALA O 86 -10.52 -40.26 51.06
N ARG O 87 -10.66 -41.31 51.88
CA ARG O 87 -11.36 -42.52 51.45
C ARG O 87 -12.86 -42.28 51.26
N ARG O 88 -13.46 -41.30 51.95
CA ARG O 88 -14.86 -40.89 51.71
C ARG O 88 -15.02 -40.02 50.47
N ILE O 89 -14.11 -39.07 50.20
CA ILE O 89 -14.23 -38.23 48.98
C ILE O 89 -13.95 -39.01 47.69
N ARG O 90 -13.09 -40.04 47.72
CA ARG O 90 -13.00 -41.01 46.61
C ARG O 90 -14.25 -41.92 46.47
N GLY O 91 -15.19 -41.84 47.41
CA GLY O 91 -16.45 -42.57 47.42
C GLY O 91 -16.37 -44.00 47.98
N GLU O 92 -15.22 -44.40 48.53
CA GLU O 92 -14.98 -45.78 48.95
C GLU O 92 -15.43 -46.08 50.39
N ARG O 93 -15.25 -45.13 51.32
CA ARG O 93 -15.72 -45.24 52.72
C ARG O 93 -17.17 -44.75 52.82
N ALA O 94 -18.09 -45.57 52.29
CA ALA O 94 -19.54 -45.30 52.23
C ALA O 94 -20.37 -46.61 52.21
N ASN P 4 -4.19 -63.84 61.86
CA ASN P 4 -3.07 -63.20 62.58
C ASN P 4 -2.52 -62.01 61.78
N ILE P 5 -3.14 -60.82 61.91
CA ILE P 5 -2.73 -59.61 61.17
C ILE P 5 -1.34 -59.09 61.58
N GLN P 6 -0.88 -59.34 62.81
CA GLN P 6 0.40 -58.83 63.33
C GLN P 6 1.64 -59.33 62.56
N GLY P 7 1.48 -60.31 61.65
CA GLY P 7 2.51 -60.73 60.70
C GLY P 7 2.85 -59.67 59.64
N ILE P 8 2.00 -58.66 59.42
CA ILE P 8 2.37 -57.47 58.65
C ILE P 8 2.80 -56.38 59.64
N THR P 9 4.05 -55.96 59.52
CA THR P 9 4.83 -55.44 60.66
C THR P 9 4.73 -53.92 60.84
N LYS P 10 5.05 -53.43 62.04
CA LYS P 10 5.09 -51.99 62.34
C LYS P 10 6.00 -51.24 61.37
N PRO P 11 7.25 -51.68 61.10
CA PRO P 11 8.03 -51.07 60.05
C PRO P 11 7.42 -51.28 58.66
N ALA P 12 6.77 -52.41 58.31
CA ALA P 12 6.12 -52.54 57.00
C ALA P 12 5.01 -51.50 56.75
N ILE P 13 4.16 -51.23 57.74
CA ILE P 13 3.10 -50.20 57.59
C ILE P 13 3.74 -48.80 57.46
N ARG P 14 4.83 -48.52 58.19
CA ARG P 14 5.64 -47.31 58.00
C ARG P 14 6.25 -47.26 56.60
N ARG P 15 6.86 -48.36 56.13
CA ARG P 15 7.48 -48.50 54.80
C ARG P 15 6.49 -48.18 53.70
N LEU P 16 5.24 -48.65 53.77
CA LEU P 16 4.23 -48.33 52.76
C LEU P 16 3.96 -46.83 52.70
N ALA P 17 3.80 -46.17 53.85
CA ALA P 17 3.64 -44.72 53.88
C ALA P 17 4.90 -43.98 53.37
N ARG P 18 6.08 -44.47 53.71
CA ARG P 18 7.37 -43.91 53.23
C ARG P 18 7.55 -44.12 51.73
N ARG P 19 7.12 -45.25 51.16
CA ARG P 19 7.03 -45.47 49.70
C ARG P 19 6.01 -44.50 49.05
N GLY P 20 4.94 -44.16 49.77
CA GLY P 20 4.02 -43.06 49.44
C GLY P 20 4.58 -41.64 49.71
N GLY P 21 5.80 -41.52 50.24
CA GLY P 21 6.51 -40.26 50.44
C GLY P 21 6.19 -39.50 51.73
N VAL P 22 5.55 -40.11 52.75
CA VAL P 22 5.14 -39.36 53.94
C VAL P 22 6.32 -38.86 54.78
N LYS P 23 6.18 -37.63 55.30
CA LYS P 23 7.05 -37.04 56.32
C LYS P 23 6.57 -37.47 57.72
N ARG P 24 6.14 -36.53 58.59
CA ARG P 24 5.63 -36.86 59.93
C ARG P 24 4.32 -37.66 59.89
N ILE P 25 4.14 -38.50 60.90
CA ILE P 25 3.01 -39.42 61.11
C ILE P 25 2.59 -39.39 62.58
N SER P 26 1.41 -39.91 62.93
CA SER P 26 1.08 -40.26 64.31
C SER P 26 0.53 -41.69 64.42
N GLY P 27 1.02 -42.47 65.40
CA GLY P 27 1.00 -43.94 65.41
C GLY P 27 -0.36 -44.63 65.34
N LEU P 28 -1.46 -43.94 65.66
CA LEU P 28 -2.83 -44.46 65.45
C LEU P 28 -3.11 -44.73 63.95
N ILE P 29 -2.33 -44.14 63.03
CA ILE P 29 -2.33 -44.49 61.60
C ILE P 29 -2.11 -45.99 61.39
N TYR P 30 -1.27 -46.68 62.18
CA TYR P 30 -0.86 -48.04 61.84
C TYR P 30 -2.02 -49.05 61.88
N GLU P 31 -2.76 -49.11 62.98
CA GLU P 31 -3.86 -50.05 63.13
C GLU P 31 -5.07 -49.67 62.29
N GLU P 32 -5.31 -48.36 62.08
CA GLU P 32 -6.37 -47.88 61.19
C GLU P 32 -6.03 -48.19 59.72
N THR P 33 -4.75 -48.10 59.33
CA THR P 33 -4.24 -48.55 58.03
C THR P 33 -4.36 -50.06 57.86
N ARG P 34 -4.10 -50.87 58.91
CA ARG P 34 -4.44 -52.30 58.89
C ARG P 34 -5.95 -52.52 58.68
N GLY P 35 -6.81 -51.63 59.19
CA GLY P 35 -8.25 -51.61 58.91
C GLY P 35 -8.59 -51.34 57.44
N VAL P 36 -7.98 -50.32 56.82
CA VAL P 36 -8.10 -50.03 55.37
C VAL P 36 -7.65 -51.22 54.53
N LEU P 37 -6.47 -51.75 54.86
CA LEU P 37 -5.89 -52.90 54.18
C LEU P 37 -6.78 -54.14 54.35
N LYS P 38 -7.25 -54.43 55.57
CA LYS P 38 -8.17 -55.55 55.84
C LYS P 38 -9.40 -55.50 54.93
N VAL P 39 -10.09 -54.37 54.83
CA VAL P 39 -11.27 -54.30 53.95
C VAL P 39 -10.91 -54.40 52.46
N PHE P 40 -9.80 -53.77 52.02
CA PHE P 40 -9.36 -53.90 50.62
C PHE P 40 -9.00 -55.34 50.26
N LEU P 41 -8.16 -55.96 51.09
CA LEU P 41 -7.66 -57.32 50.96
C LEU P 41 -8.81 -58.33 51.02
N GLU P 42 -9.75 -58.16 51.95
CA GLU P 42 -10.96 -58.96 52.00
C GLU P 42 -11.80 -58.80 50.74
N ASN P 43 -11.99 -57.58 50.22
CA ASN P 43 -12.75 -57.37 48.99
C ASN P 43 -12.13 -58.11 47.79
N VAL P 44 -10.83 -57.95 47.52
CA VAL P 44 -10.22 -58.65 46.39
C VAL P 44 -10.22 -60.18 46.58
N ILE P 45 -10.09 -60.68 47.82
CA ILE P 45 -10.19 -62.10 48.12
C ILE P 45 -11.61 -62.63 47.86
N ARG P 46 -12.64 -61.98 48.42
CA ARG P 46 -14.03 -62.44 48.32
C ARG P 46 -14.54 -62.36 46.88
N ASP P 47 -14.17 -61.31 46.16
CA ASP P 47 -14.39 -61.23 44.72
C ASP P 47 -13.71 -62.41 44.01
N ALA P 48 -12.43 -62.69 44.29
CA ALA P 48 -11.71 -63.78 43.63
C ALA P 48 -12.33 -65.17 43.93
N VAL P 49 -12.66 -65.48 45.20
CA VAL P 49 -13.31 -66.74 45.56
C VAL P 49 -14.70 -66.87 44.90
N THR P 50 -15.42 -65.74 44.75
CA THR P 50 -16.70 -65.71 44.01
C THR P 50 -16.51 -66.08 42.54
N TYR P 51 -15.45 -65.59 41.88
CA TYR P 51 -15.10 -66.05 40.53
C TYR P 51 -14.60 -67.52 40.51
N THR P 52 -13.80 -67.96 41.49
CA THR P 52 -13.32 -69.35 41.58
C THR P 52 -14.47 -70.35 41.69
N GLU P 53 -15.44 -70.12 42.57
CA GLU P 53 -16.55 -71.07 42.75
C GLU P 53 -17.47 -71.17 41.53
N HIS P 54 -17.48 -70.18 40.63
CA HIS P 54 -18.17 -70.34 39.34
C HIS P 54 -17.47 -71.37 38.44
N ALA P 55 -16.14 -71.48 38.51
CA ALA P 55 -15.33 -72.51 37.84
C ALA P 55 -15.27 -73.86 38.60
N LYS P 56 -16.00 -74.00 39.72
CA LYS P 56 -16.23 -75.23 40.52
C LYS P 56 -15.00 -75.90 41.19
N ARG P 57 -13.77 -75.54 40.83
CA ARG P 57 -12.50 -75.98 41.47
C ARG P 57 -12.39 -75.49 42.93
N LYS P 58 -11.83 -76.30 43.83
CA LYS P 58 -11.49 -75.85 45.21
C LYS P 58 -10.21 -75.01 45.26
N THR P 59 -9.39 -75.11 44.23
CA THR P 59 -8.12 -74.39 44.10
C THR P 59 -8.30 -72.97 43.56
N VAL P 60 -8.24 -71.99 44.45
CA VAL P 60 -8.22 -70.56 44.15
C VAL P 60 -7.03 -70.26 43.21
N THR P 61 -7.34 -69.64 42.08
CA THR P 61 -6.49 -69.66 40.88
C THR P 61 -6.27 -68.26 40.32
N ALA P 62 -5.09 -68.00 39.76
CA ALA P 62 -4.63 -66.64 39.44
C ALA P 62 -5.62 -65.86 38.57
N MET P 63 -6.15 -66.46 37.50
CA MET P 63 -7.09 -65.75 36.64
C MET P 63 -8.43 -65.41 37.33
N ASP P 64 -8.85 -66.18 38.34
CA ASP P 64 -10.03 -65.80 39.13
C ASP P 64 -9.76 -64.51 39.93
N VAL P 65 -8.54 -64.35 40.45
CA VAL P 65 -8.08 -63.10 41.09
C VAL P 65 -7.96 -61.98 40.04
N VAL P 66 -7.52 -62.29 38.83
CA VAL P 66 -7.47 -61.32 37.72
C VAL P 66 -8.88 -60.87 37.35
N TYR P 67 -9.88 -61.75 37.28
CA TYR P 67 -11.25 -61.36 36.98
C TYR P 67 -11.83 -60.45 38.07
N ALA P 68 -11.56 -60.74 39.35
CA ALA P 68 -11.89 -59.86 40.46
C ALA P 68 -11.23 -58.47 40.34
N LEU P 69 -9.91 -58.42 40.12
CA LEU P 69 -9.19 -57.15 39.98
C LEU P 69 -9.63 -56.38 38.73
N LYS P 70 -9.87 -57.06 37.60
CA LYS P 70 -10.38 -56.46 36.35
C LYS P 70 -11.79 -55.89 36.53
N ARG P 71 -12.67 -56.55 37.31
CA ARG P 71 -13.98 -55.99 37.71
C ARG P 71 -13.81 -54.69 38.52
N GLN P 72 -12.84 -54.65 39.43
CA GLN P 72 -12.42 -53.42 40.14
C GLN P 72 -11.61 -52.44 39.25
N GLY P 73 -11.47 -52.71 37.95
CA GLY P 73 -10.82 -51.82 36.97
C GLY P 73 -9.29 -51.94 36.88
N ARG P 74 -8.67 -52.94 37.54
CA ARG P 74 -7.21 -53.09 37.66
C ARG P 74 -6.68 -54.23 36.77
N THR P 75 -5.64 -53.94 35.98
CA THR P 75 -4.98 -54.89 35.05
C THR P 75 -3.59 -55.28 35.55
N LEU P 76 -3.25 -56.57 35.46
CA LEU P 76 -2.02 -57.16 36.01
C LEU P 76 -1.49 -58.29 35.10
N TYR P 77 -0.19 -58.57 35.25
CA TYR P 77 0.62 -59.40 34.34
C TYR P 77 1.64 -60.27 35.09
N GLY P 78 2.25 -61.23 34.40
CA GLY P 78 3.27 -62.14 34.94
C GLY P 78 2.66 -63.39 35.56
N PHE P 79 1.75 -63.23 36.53
CA PHE P 79 0.84 -64.29 36.96
C PHE P 79 -0.33 -64.40 35.97
N GLY P 80 -0.29 -65.41 35.09
CA GLY P 80 -1.34 -65.71 34.11
C GLY P 80 -1.40 -64.78 32.88
N GLY P 81 -1.17 -63.48 33.05
CA GLY P 81 -1.15 -62.45 31.99
C GLY P 81 0.18 -62.33 31.27
N ARG Q 1 -52.69 -76.52 19.34
CA ARG Q 1 -52.41 -75.14 19.82
C ARG Q 1 -53.52 -74.71 20.77
N ALA Q 2 -53.22 -73.86 21.74
CA ALA Q 2 -54.14 -73.47 22.82
C ALA Q 2 -54.18 -71.95 23.04
N LYS Q 3 -55.23 -71.47 23.70
CA LYS Q 3 -55.41 -70.05 24.04
C LYS Q 3 -54.26 -69.55 24.92
N ALA Q 4 -53.58 -68.50 24.49
CA ALA Q 4 -52.31 -68.10 25.09
C ALA Q 4 -52.46 -67.55 26.53
N LYS Q 5 -51.40 -67.72 27.34
CA LYS Q 5 -51.23 -67.10 28.67
C LYS Q 5 -49.75 -66.90 28.95
N THR Q 6 -49.38 -65.95 29.81
CA THR Q 6 -47.96 -65.59 30.04
C THR Q 6 -47.17 -66.73 30.72
N ARG Q 7 -45.94 -67.00 30.26
CA ARG Q 7 -45.02 -67.98 30.87
C ARG Q 7 -44.62 -67.59 32.29
N SER Q 8 -44.57 -66.29 32.58
CA SER Q 8 -44.40 -65.74 33.93
C SER Q 8 -45.42 -66.32 34.93
N SER Q 9 -46.67 -66.56 34.53
CA SER Q 9 -47.71 -67.10 35.44
C SER Q 9 -47.37 -68.51 35.98
N ARG Q 10 -46.77 -69.38 35.16
CA ARG Q 10 -46.31 -70.72 35.58
C ARG Q 10 -45.04 -70.64 36.43
N ALA Q 11 -44.13 -69.72 36.07
CA ALA Q 11 -42.94 -69.42 36.87
C ALA Q 11 -43.25 -68.79 38.25
N GLY Q 12 -44.41 -68.15 38.42
CA GLY Q 12 -44.79 -67.40 39.64
C GLY Q 12 -44.27 -65.95 39.63
N LEU Q 13 -44.23 -65.33 38.46
CA LEU Q 13 -43.52 -64.08 38.16
C LEU Q 13 -44.43 -62.97 37.61
N GLN Q 14 -43.98 -61.73 37.83
CA GLN Q 14 -44.76 -60.51 37.70
C GLN Q 14 -44.33 -59.61 36.53
N PHE Q 15 -43.14 -59.82 35.96
CA PHE Q 15 -42.60 -59.14 34.77
C PHE Q 15 -42.64 -60.04 33.51
N PRO Q 16 -42.49 -59.48 32.30
CA PRO Q 16 -42.64 -60.22 31.04
C PRO Q 16 -41.42 -61.09 30.69
N VAL Q 17 -41.43 -62.37 31.12
CA VAL Q 17 -40.35 -63.34 30.87
C VAL Q 17 -40.06 -63.50 29.37
N GLY Q 18 -41.09 -63.45 28.52
CA GLY Q 18 -40.94 -63.56 27.07
C GLY Q 18 -39.97 -62.54 26.47
N ARG Q 19 -40.17 -61.25 26.74
CA ARG Q 19 -39.26 -60.22 26.22
C ARG Q 19 -37.90 -60.20 26.90
N VAL Q 20 -37.79 -60.71 28.14
CA VAL Q 20 -36.47 -61.00 28.73
C VAL Q 20 -35.74 -62.09 27.93
N HIS Q 21 -36.45 -63.16 27.56
CA HIS Q 21 -35.93 -64.22 26.69
C HIS Q 21 -35.51 -63.68 25.32
N ARG Q 22 -36.24 -62.68 24.79
CA ARG Q 22 -35.87 -61.94 23.58
C ARG Q 22 -34.59 -61.12 23.78
N LEU Q 23 -34.55 -60.26 24.79
CA LEU Q 23 -33.44 -59.35 25.08
C LEU Q 23 -32.11 -60.08 25.31
N LEU Q 24 -32.13 -61.17 26.08
CA LEU Q 24 -30.92 -61.95 26.37
C LEU Q 24 -30.26 -62.58 25.13
N ARG Q 25 -31.03 -62.88 24.07
CA ARG Q 25 -30.52 -63.37 22.78
C ARG Q 25 -30.22 -62.22 21.81
N LYS Q 26 -31.16 -61.27 21.68
CA LYS Q 26 -31.10 -60.14 20.73
C LYS Q 26 -30.01 -59.11 21.06
N GLY Q 27 -29.63 -58.98 22.34
CA GLY Q 27 -28.49 -58.16 22.78
C GLY Q 27 -27.10 -58.77 22.51
N ASN Q 28 -27.02 -59.95 21.86
CA ASN Q 28 -25.79 -60.66 21.50
C ASN Q 28 -24.90 -61.06 22.71
N TYR Q 29 -25.50 -61.25 23.89
CA TYR Q 29 -24.78 -61.64 25.11
C TYR Q 29 -24.24 -63.08 25.07
N SER Q 30 -24.84 -63.95 24.26
CA SER Q 30 -24.45 -65.35 24.01
C SER Q 30 -25.09 -65.93 22.75
N GLU Q 31 -24.59 -67.07 22.28
CA GLU Q 31 -25.20 -67.83 21.17
C GLU Q 31 -26.50 -68.56 21.57
N ARG Q 32 -26.58 -69.03 22.82
CA ARG Q 32 -27.68 -69.80 23.41
C ARG Q 32 -28.12 -69.22 24.75
N VAL Q 33 -29.42 -69.31 25.06
CA VAL Q 33 -30.03 -68.93 26.35
C VAL Q 33 -30.66 -70.16 27.01
N GLY Q 34 -30.19 -70.55 28.20
CA GLY Q 34 -30.76 -71.66 28.97
C GLY Q 34 -32.21 -71.41 29.39
N ALA Q 35 -33.05 -72.45 29.42
CA ALA Q 35 -34.50 -72.31 29.64
C ALA Q 35 -34.89 -71.59 30.93
N GLY Q 36 -34.04 -71.65 31.97
CA GLY Q 36 -34.25 -70.94 33.24
C GLY Q 36 -33.74 -69.49 33.26
N ALA Q 37 -32.78 -69.11 32.42
CA ALA Q 37 -32.12 -67.80 32.52
C ALA Q 37 -33.07 -66.57 32.46
N PRO Q 38 -34.06 -66.48 31.54
CA PRO Q 38 -34.94 -65.31 31.49
C PRO Q 38 -35.93 -65.28 32.66
N VAL Q 39 -36.41 -66.45 33.09
CA VAL Q 39 -37.23 -66.62 34.29
C VAL Q 39 -36.43 -66.15 35.52
N TYR Q 40 -35.18 -66.58 35.64
CA TYR Q 40 -34.30 -66.18 36.73
C TYR Q 40 -34.07 -64.67 36.74
N LEU Q 41 -33.77 -64.07 35.58
CA LEU Q 41 -33.52 -62.63 35.49
C LEU Q 41 -34.78 -61.81 35.79
N ALA Q 42 -35.94 -62.23 35.27
CA ALA Q 42 -37.21 -61.62 35.64
C ALA Q 42 -37.43 -61.68 37.16
N ALA Q 43 -37.21 -62.84 37.78
CA ALA Q 43 -37.31 -63.00 39.22
C ALA Q 43 -36.36 -62.07 40.00
N VAL Q 44 -35.10 -61.95 39.57
CA VAL Q 44 -34.11 -61.05 40.18
C VAL Q 44 -34.55 -59.59 40.07
N LEU Q 45 -34.92 -59.14 38.87
CA LEU Q 45 -35.39 -57.78 38.63
C LEU Q 45 -36.63 -57.48 39.47
N GLU Q 46 -37.61 -58.38 39.49
CA GLU Q 46 -38.80 -58.25 40.33
C GLU Q 46 -38.46 -58.16 41.81
N TYR Q 47 -37.64 -59.08 42.32
CA TYR Q 47 -37.28 -59.13 43.74
C TYR Q 47 -36.67 -57.80 44.17
N LEU Q 48 -35.64 -57.34 43.45
CA LEU Q 48 -34.94 -56.09 43.77
C LEU Q 48 -35.84 -54.86 43.58
N THR Q 49 -36.68 -54.85 42.56
CA THR Q 49 -37.62 -53.73 42.33
C THR Q 49 -38.71 -53.68 43.39
N ALA Q 50 -39.27 -54.82 43.81
CA ALA Q 50 -40.24 -54.86 44.90
C ALA Q 50 -39.63 -54.40 46.24
N GLU Q 51 -38.39 -54.83 46.51
CA GLU Q 51 -37.65 -54.43 47.71
C GLU Q 51 -37.48 -52.89 47.79
N ILE Q 52 -37.07 -52.24 46.69
CA ILE Q 52 -36.98 -50.76 46.65
C ILE Q 52 -38.36 -50.08 46.58
N LEU Q 53 -39.37 -50.68 45.95
CA LEU Q 53 -40.72 -50.11 45.91
C LEU Q 53 -41.35 -50.05 47.30
N GLU Q 54 -41.08 -51.00 48.19
CA GLU Q 54 -41.54 -50.86 49.58
C GLU Q 54 -40.92 -49.62 50.22
N LEU Q 55 -39.61 -49.43 50.07
CA LEU Q 55 -38.92 -48.25 50.59
C LEU Q 55 -39.45 -46.95 49.96
N ALA Q 56 -39.83 -46.96 48.68
CA ALA Q 56 -40.47 -45.81 48.04
C ALA Q 56 -41.82 -45.48 48.69
N GLY Q 57 -42.68 -46.48 48.85
CA GLY Q 57 -43.98 -46.29 49.51
C GLY Q 57 -43.81 -45.88 50.97
N ASN Q 58 -42.86 -46.48 51.68
CA ASN Q 58 -42.52 -46.11 53.05
C ASN Q 58 -41.96 -44.68 53.14
N ALA Q 59 -41.14 -44.24 52.18
CA ALA Q 59 -40.64 -42.86 52.15
C ALA Q 59 -41.78 -41.85 51.95
N ALA Q 60 -42.75 -42.15 51.08
CA ALA Q 60 -43.95 -41.34 50.96
C ALA Q 60 -44.81 -41.37 52.23
N ARG Q 61 -45.00 -42.55 52.84
CA ARG Q 61 -45.71 -42.72 54.12
C ARG Q 61 -45.06 -41.91 55.24
N ASP Q 62 -43.73 -41.90 55.33
CA ASP Q 62 -42.98 -41.10 56.30
C ASP Q 62 -43.26 -39.60 56.14
N ASN Q 63 -43.29 -39.10 54.91
CA ASN Q 63 -43.67 -37.72 54.61
C ASN Q 63 -45.21 -37.51 54.54
N LYS Q 64 -45.99 -38.55 54.88
CA LYS Q 64 -47.46 -38.57 54.95
C LYS Q 64 -48.16 -38.24 53.62
N LYS Q 65 -47.54 -38.64 52.51
CA LYS Q 65 -47.98 -38.45 51.11
C LYS Q 65 -48.55 -39.75 50.50
N THR Q 66 -49.27 -39.62 49.39
CA THR Q 66 -49.95 -40.75 48.70
C THR Q 66 -49.47 -40.96 47.27
N ARG Q 67 -48.89 -39.94 46.60
CA ARG Q 67 -48.39 -40.03 45.22
C ARG Q 67 -46.86 -39.92 45.19
N ILE Q 68 -46.17 -40.95 44.68
CA ILE Q 68 -44.71 -41.00 44.64
C ILE Q 68 -44.14 -39.94 43.69
N ILE Q 69 -43.08 -39.27 44.13
CA ILE Q 69 -42.26 -38.32 43.36
C ILE Q 69 -40.77 -38.67 43.53
N PRO Q 70 -39.86 -38.20 42.66
CA PRO Q 70 -38.43 -38.56 42.72
C PRO Q 70 -37.75 -38.34 44.07
N ARG Q 71 -38.25 -37.39 44.88
CA ARG Q 71 -37.79 -37.19 46.26
C ARG Q 71 -38.00 -38.43 47.15
N HIS Q 72 -39.16 -39.08 47.07
CA HIS Q 72 -39.42 -40.33 47.80
C HIS Q 72 -38.50 -41.45 47.33
N LEU Q 73 -38.15 -41.47 46.04
CA LEU Q 73 -37.22 -42.44 45.48
C LEU Q 73 -35.78 -42.18 45.95
N GLN Q 74 -35.34 -40.92 46.02
CA GLN Q 74 -34.05 -40.58 46.62
C GLN Q 74 -34.01 -40.99 48.11
N LEU Q 75 -35.06 -40.67 48.88
CA LEU Q 75 -35.20 -41.10 50.27
C LEU Q 75 -35.15 -42.63 50.41
N ALA Q 76 -35.78 -43.38 49.49
CA ALA Q 76 -35.69 -44.84 49.47
C ALA Q 76 -34.24 -45.32 49.32
N ILE Q 77 -33.43 -44.69 48.45
CA ILE Q 77 -32.01 -45.03 48.33
C ILE Q 77 -31.27 -44.73 49.64
N ARG Q 78 -31.46 -43.52 50.19
CA ARG Q 78 -30.71 -43.08 51.38
C ARG Q 78 -31.21 -43.66 52.71
N ASN Q 79 -32.26 -44.48 52.67
CA ASN Q 79 -32.71 -45.31 53.79
C ASN Q 79 -32.06 -46.72 53.82
N ASP Q 80 -31.24 -47.12 52.85
CA ASP Q 80 -30.67 -48.48 52.80
C ASP Q 80 -29.25 -48.48 52.20
N GLU Q 81 -28.26 -48.91 52.98
CA GLU Q 81 -26.87 -49.01 52.54
C GLU Q 81 -26.67 -49.90 51.29
N GLU Q 82 -27.50 -50.92 51.06
CA GLU Q 82 -27.41 -51.71 49.83
C GLU Q 82 -27.76 -50.85 48.61
N LEU Q 83 -28.77 -50.00 48.74
CA LEU Q 83 -29.14 -49.07 47.67
C LEU Q 83 -28.15 -47.92 47.57
N ASN Q 84 -27.70 -47.37 48.69
CA ASN Q 84 -26.68 -46.33 48.71
C ASN Q 84 -25.37 -46.79 48.03
N LYS Q 85 -25.02 -48.07 48.13
CA LYS Q 85 -23.94 -48.71 47.35
C LYS Q 85 -24.34 -48.94 45.90
N LEU Q 86 -25.44 -49.65 45.65
CA LEU Q 86 -25.87 -50.04 44.30
C LEU Q 86 -26.10 -48.84 43.38
N LEU Q 87 -26.76 -47.80 43.89
CA LEU Q 87 -27.07 -46.55 43.20
C LEU Q 87 -26.04 -45.44 43.48
N GLY Q 88 -24.87 -45.77 44.01
CA GLY Q 88 -23.79 -44.80 44.28
C GLY Q 88 -23.26 -44.08 43.03
N ARG Q 89 -23.43 -44.69 41.84
CA ARG Q 89 -23.09 -44.11 40.53
C ARG Q 89 -24.33 -43.60 39.75
N VAL Q 90 -25.43 -43.30 40.44
CA VAL Q 90 -26.72 -42.90 39.84
C VAL Q 90 -27.12 -41.48 40.24
N THR Q 91 -27.65 -40.74 39.29
CA THR Q 91 -28.28 -39.42 39.48
C THR Q 91 -29.80 -39.57 39.35
N ILE Q 92 -30.56 -39.06 40.33
CA ILE Q 92 -32.03 -39.09 40.32
C ILE Q 92 -32.56 -37.70 39.98
N ALA Q 93 -33.22 -37.55 38.83
CA ALA Q 93 -33.74 -36.26 38.38
C ALA Q 93 -34.77 -35.70 39.39
N GLN Q 94 -34.60 -34.45 39.80
CA GLN Q 94 -35.36 -33.77 40.87
C GLN Q 94 -35.37 -34.47 42.25
N GLY Q 95 -34.52 -35.47 42.50
CA GLY Q 95 -34.48 -36.17 43.79
C GLY Q 95 -33.84 -35.37 44.93
N GLY Q 96 -32.99 -34.38 44.60
CA GLY Q 96 -32.24 -33.58 45.56
C GLY Q 96 -31.20 -34.39 46.34
N VAL Q 97 -30.83 -33.91 47.52
CA VAL Q 97 -29.86 -34.53 48.45
C VAL Q 97 -30.50 -34.77 49.81
N LEU Q 98 -30.02 -35.77 50.57
CA LEU Q 98 -30.46 -35.99 51.94
C LEU Q 98 -30.11 -34.76 52.81
N PRO Q 99 -31.06 -34.19 53.59
CA PRO Q 99 -30.78 -33.03 54.43
C PRO Q 99 -29.84 -33.43 55.58
N ASN Q 100 -28.70 -32.78 55.69
CA ASN Q 100 -27.65 -33.11 56.65
C ASN Q 100 -26.79 -31.89 57.02
N ILE Q 101 -26.32 -31.86 58.27
CA ILE Q 101 -25.49 -30.80 58.86
C ILE Q 101 -24.31 -31.44 59.62
N GLN Q 102 -23.08 -30.96 59.39
CA GLN Q 102 -21.95 -31.24 60.28
C GLN Q 102 -22.05 -30.37 61.54
N ALA Q 103 -21.84 -30.95 62.73
CA ALA Q 103 -22.14 -30.28 64.01
C ALA Q 103 -21.42 -28.93 64.20
N VAL Q 104 -20.27 -28.74 63.55
CA VAL Q 104 -19.47 -27.50 63.54
C VAL Q 104 -20.28 -26.28 63.07
N LEU Q 105 -21.28 -26.45 62.21
CA LEU Q 105 -22.11 -25.35 61.71
C LEU Q 105 -23.04 -24.74 62.76
N LEU Q 106 -23.38 -25.51 63.81
CA LEU Q 106 -24.42 -25.16 64.79
C LEU Q 106 -23.93 -24.07 65.79
N PRO Q 107 -24.75 -23.07 66.13
CA PRO Q 107 -24.49 -22.15 67.24
C PRO Q 107 -24.27 -22.89 68.58
N LYS Q 108 -23.42 -22.31 69.44
CA LYS Q 108 -22.98 -22.87 70.74
C LYS Q 108 -22.34 -24.26 70.63
N SER R 1 -45.18 -45.99 17.26
CA SER R 1 -44.65 -47.35 17.48
C SER R 1 -44.05 -47.49 18.87
N ARG R 2 -44.20 -48.67 19.51
CA ARG R 2 -43.75 -48.98 20.88
C ARG R 2 -42.23 -48.76 21.10
N LYS R 3 -41.81 -48.43 22.34
CA LYS R 3 -40.44 -47.99 22.68
C LYS R 3 -39.73 -48.78 23.80
N GLU R 4 -40.20 -49.99 24.13
CA GLU R 4 -39.55 -50.92 25.09
C GLU R 4 -39.36 -50.34 26.51
N SER R 5 -40.42 -50.32 27.34
CA SER R 5 -40.36 -49.84 28.73
C SER R 5 -41.42 -50.48 29.66
N TYR R 6 -41.27 -50.33 30.98
CA TYR R 6 -41.94 -51.13 32.01
C TYR R 6 -43.06 -50.41 32.79
N SER R 7 -43.58 -49.29 32.29
CA SER R 7 -44.46 -48.38 33.04
C SER R 7 -45.66 -49.06 33.72
N ILE R 8 -46.42 -49.85 32.98
CA ILE R 8 -47.58 -50.58 33.55
C ILE R 8 -47.14 -51.70 34.49
N TYR R 9 -46.02 -52.36 34.20
CA TYR R 9 -45.51 -53.49 34.98
C TYR R 9 -45.00 -53.07 36.35
N VAL R 10 -44.28 -51.96 36.48
CA VAL R 10 -43.87 -51.48 37.82
C VAL R 10 -45.08 -51.04 38.64
N TYR R 11 -46.09 -50.43 38.02
CA TYR R 11 -47.33 -50.06 38.71
C TYR R 11 -48.20 -51.27 39.08
N LYS R 12 -48.14 -52.36 38.31
CA LYS R 12 -48.68 -53.68 38.67
C LYS R 12 -47.97 -54.24 39.91
N VAL R 13 -46.64 -54.21 39.94
CA VAL R 13 -45.84 -54.71 41.08
C VAL R 13 -46.02 -53.87 42.34
N LEU R 14 -46.32 -52.56 42.24
CA LEU R 14 -46.58 -51.71 43.42
C LEU R 14 -47.64 -52.28 44.37
N LYS R 15 -48.65 -52.98 43.83
CA LYS R 15 -49.74 -53.58 44.62
C LYS R 15 -49.26 -54.72 45.54
N GLN R 16 -48.04 -55.21 45.36
CA GLN R 16 -47.37 -56.12 46.29
C GLN R 16 -47.15 -55.49 47.68
N VAL R 17 -46.99 -54.16 47.75
CA VAL R 17 -46.51 -53.44 48.95
C VAL R 17 -47.37 -52.25 49.35
N HIS R 18 -47.87 -51.45 48.40
CA HIS R 18 -48.63 -50.22 48.69
C HIS R 18 -49.80 -49.99 47.70
N PRO R 19 -50.88 -50.81 47.77
CA PRO R 19 -52.09 -50.60 46.96
C PRO R 19 -52.73 -49.21 47.10
N ASP R 20 -52.48 -48.51 48.21
CA ASP R 20 -52.97 -47.14 48.48
C ASP R 20 -52.26 -46.04 47.67
N THR R 21 -51.15 -46.36 47.00
CA THR R 21 -50.16 -45.38 46.52
C THR R 21 -50.24 -45.13 45.01
N GLY R 22 -50.21 -43.86 44.61
CA GLY R 22 -50.08 -43.42 43.21
C GLY R 22 -48.62 -43.15 42.79
N ILE R 23 -48.34 -43.03 41.49
CA ILE R 23 -47.00 -42.77 40.94
C ILE R 23 -47.02 -41.56 39.99
N SER R 24 -46.25 -40.50 40.28
CA SER R 24 -46.06 -39.39 39.33
C SER R 24 -45.36 -39.85 38.06
N SER R 25 -45.67 -39.24 36.91
CA SER R 25 -45.02 -39.53 35.63
C SER R 25 -43.49 -39.48 35.72
N LYS R 26 -42.94 -38.52 36.47
CA LYS R 26 -41.49 -38.41 36.71
C LYS R 26 -40.96 -39.63 37.46
N ALA R 27 -41.61 -40.01 38.55
CA ALA R 27 -41.24 -41.19 39.34
C ALA R 27 -41.36 -42.50 38.53
N MET R 28 -42.35 -42.59 37.65
CA MET R 28 -42.49 -43.73 36.74
C MET R 28 -41.25 -43.85 35.83
N GLY R 29 -40.77 -42.73 35.30
CA GLY R 29 -39.53 -42.66 34.52
C GLY R 29 -38.29 -43.08 35.31
N ILE R 30 -38.17 -42.67 36.59
CA ILE R 30 -37.07 -43.11 37.45
C ILE R 30 -37.09 -44.63 37.60
N MET R 31 -38.24 -45.24 37.94
CA MET R 31 -38.31 -46.70 38.12
C MET R 31 -38.15 -47.47 36.80
N ASN R 32 -38.64 -46.93 35.69
CA ASN R 32 -38.33 -47.46 34.36
C ASN R 32 -36.81 -47.45 34.10
N SER R 33 -36.10 -46.42 34.56
CA SER R 33 -34.65 -46.33 34.43
C SER R 33 -33.92 -47.34 35.33
N PHE R 34 -34.44 -47.56 36.54
CA PHE R 34 -33.85 -48.51 37.48
C PHE R 34 -33.82 -49.92 36.89
N VAL R 35 -34.98 -50.44 36.46
CA VAL R 35 -35.05 -51.85 36.03
C VAL R 35 -34.17 -52.13 34.79
N ASN R 36 -34.02 -51.18 33.86
CA ASN R 36 -33.15 -51.38 32.71
C ASN R 36 -31.66 -51.17 33.03
N ASP R 37 -31.30 -50.32 33.99
CA ASP R 37 -29.92 -50.23 34.48
C ASP R 37 -29.48 -51.58 35.10
N ILE R 38 -30.29 -52.16 35.98
CA ILE R 38 -29.97 -53.47 36.56
C ILE R 38 -29.88 -54.56 35.47
N PHE R 39 -30.70 -54.50 34.42
CA PHE R 39 -30.53 -55.37 33.25
C PHE R 39 -29.17 -55.16 32.57
N GLU R 40 -28.76 -53.93 32.25
CA GLU R 40 -27.46 -53.67 31.62
C GLU R 40 -26.28 -54.14 32.48
N ARG R 41 -26.37 -54.00 33.80
CA ARG R 41 -25.36 -54.53 34.73
C ARG R 41 -25.30 -56.06 34.68
N ILE R 42 -26.43 -56.73 34.89
CA ILE R 42 -26.45 -58.20 34.98
C ILE R 42 -26.16 -58.86 33.64
N ALA R 43 -26.72 -58.38 32.53
CA ALA R 43 -26.49 -58.98 31.21
C ALA R 43 -25.02 -58.85 30.77
N GLY R 44 -24.39 -57.71 31.06
CA GLY R 44 -22.95 -57.53 30.85
C GLY R 44 -22.10 -58.43 31.74
N GLU R 45 -22.37 -58.47 33.05
CA GLU R 45 -21.63 -59.30 34.00
C GLU R 45 -21.75 -60.80 33.66
N ALA R 46 -22.97 -61.30 33.42
CA ALA R 46 -23.20 -62.68 33.03
C ALA R 46 -22.53 -63.02 31.68
N SER R 47 -22.55 -62.11 30.70
CA SER R 47 -21.86 -62.32 29.43
C SER R 47 -20.33 -62.35 29.60
N ARG R 48 -19.75 -61.49 30.44
CA ARG R 48 -18.32 -61.52 30.75
C ARG R 48 -17.91 -62.79 31.51
N LEU R 49 -18.73 -63.24 32.45
CA LEU R 49 -18.59 -64.57 33.08
C LEU R 49 -18.62 -65.70 32.04
N ALA R 50 -19.59 -65.67 31.12
CA ALA R 50 -19.71 -66.66 30.04
C ALA R 50 -18.51 -66.63 29.08
N HIS R 51 -17.99 -65.43 28.77
CA HIS R 51 -16.76 -65.23 27.98
C HIS R 51 -15.53 -65.83 28.66
N TYR R 52 -15.36 -65.60 29.98
CA TYR R 52 -14.26 -66.21 30.75
C TYR R 52 -14.35 -67.75 30.81
N ASN R 53 -15.56 -68.31 30.67
CA ASN R 53 -15.80 -69.75 30.57
C ASN R 53 -15.89 -70.26 29.10
N LYS R 54 -15.74 -69.36 28.11
CA LYS R 54 -15.91 -69.56 26.65
C LYS R 54 -17.21 -70.23 26.19
N ARG R 55 -18.23 -70.33 27.04
CA ARG R 55 -19.46 -71.09 26.76
C ARG R 55 -20.38 -70.38 25.76
N SER R 56 -21.06 -71.16 24.91
CA SER R 56 -22.15 -70.70 24.04
C SER R 56 -23.42 -70.34 24.81
N THR R 57 -23.65 -70.91 26.00
CA THR R 57 -24.89 -70.80 26.78
C THR R 57 -24.76 -69.83 27.96
N ILE R 58 -25.71 -68.89 28.11
CA ILE R 58 -26.04 -68.38 29.45
C ILE R 58 -27.02 -69.33 30.14
N THR R 59 -27.09 -69.25 31.47
CA THR R 59 -27.65 -70.27 32.37
C THR R 59 -28.09 -69.58 33.67
N SER R 60 -28.86 -70.27 34.50
CA SER R 60 -29.13 -69.84 35.88
C SER R 60 -27.84 -69.57 36.69
N ARG R 61 -26.76 -70.34 36.48
CA ARG R 61 -25.51 -70.14 37.24
C ARG R 61 -24.67 -68.94 36.78
N GLU R 62 -24.77 -68.50 35.51
CA GLU R 62 -24.15 -67.22 35.12
C GLU R 62 -24.77 -66.06 35.90
N ILE R 63 -26.10 -65.97 35.92
CA ILE R 63 -26.81 -64.89 36.63
C ILE R 63 -26.71 -65.01 38.16
N GLN R 64 -26.79 -66.22 38.71
CA GLN R 64 -26.55 -66.46 40.14
C GLN R 64 -25.20 -65.89 40.60
N THR R 65 -24.16 -66.05 39.77
CA THR R 65 -22.85 -65.46 40.02
C THR R 65 -22.85 -63.94 39.78
N ALA R 66 -23.43 -63.46 38.67
CA ALA R 66 -23.48 -62.03 38.37
C ALA R 66 -24.19 -61.19 39.45
N VAL R 67 -25.30 -61.68 40.01
CA VAL R 67 -26.01 -61.03 41.13
C VAL R 67 -25.11 -60.88 42.35
N ARG R 68 -24.23 -61.84 42.62
CA ARG R 68 -23.28 -61.76 43.74
C ARG R 68 -22.20 -60.69 43.54
N LEU R 69 -21.93 -60.27 42.31
CA LEU R 69 -21.09 -59.10 42.00
C LEU R 69 -21.89 -57.79 41.85
N LEU R 70 -23.22 -57.87 41.67
CA LEU R 70 -24.11 -56.70 41.71
C LEU R 70 -24.24 -56.14 43.15
N LEU R 71 -24.48 -57.02 44.14
CA LEU R 71 -24.79 -56.65 45.52
C LEU R 71 -23.94 -57.45 46.53
N PRO R 72 -23.36 -56.79 47.55
CA PRO R 72 -22.65 -57.48 48.64
C PRO R 72 -23.57 -58.07 49.72
N GLY R 73 -24.70 -57.42 50.04
CA GLY R 73 -25.63 -57.85 51.10
C GLY R 73 -26.53 -59.02 50.71
N GLU R 74 -27.24 -59.57 51.70
CA GLU R 74 -28.03 -60.80 51.56
C GLU R 74 -29.24 -60.68 50.62
N LEU R 75 -29.60 -59.45 50.20
CA LEU R 75 -30.54 -59.25 49.09
C LEU R 75 -30.09 -60.00 47.82
N ALA R 76 -28.77 -60.19 47.63
CA ALA R 76 -28.24 -61.06 46.59
C ALA R 76 -28.68 -62.51 46.76
N LYS R 77 -28.49 -63.13 47.93
CA LYS R 77 -28.92 -64.52 48.18
C LYS R 77 -30.45 -64.68 48.16
N HIS R 78 -31.20 -63.67 48.58
CA HIS R 78 -32.66 -63.70 48.50
C HIS R 78 -33.14 -63.62 47.05
N ALA R 79 -32.56 -62.73 46.22
CA ALA R 79 -32.85 -62.68 44.78
C ALA R 79 -32.45 -63.99 44.06
N VAL R 80 -31.29 -64.56 44.40
CA VAL R 80 -30.83 -65.89 43.95
C VAL R 80 -31.79 -67.01 44.35
N SER R 81 -32.31 -66.95 45.58
CA SER R 81 -33.35 -67.87 46.05
C SER R 81 -34.64 -67.69 45.23
N GLU R 82 -35.05 -66.45 44.95
CA GLU R 82 -36.24 -66.19 44.14
C GLU R 82 -36.10 -66.66 42.69
N GLY R 83 -34.92 -66.50 42.08
CA GLY R 83 -34.61 -67.04 40.76
C GLY R 83 -34.67 -68.57 40.71
N THR R 84 -34.03 -69.25 41.67
CA THR R 84 -34.06 -70.72 41.75
C THR R 84 -35.47 -71.26 42.02
N LYS R 85 -36.29 -70.61 42.87
CA LYS R 85 -37.72 -70.93 43.00
C LYS R 85 -38.44 -70.84 41.66
N ALA R 86 -38.32 -69.70 40.98
CA ALA R 86 -39.08 -69.43 39.76
C ALA R 86 -38.73 -70.41 38.63
N VAL R 87 -37.44 -70.66 38.40
CA VAL R 87 -36.98 -71.64 37.41
C VAL R 87 -37.48 -73.04 37.75
N THR R 88 -37.45 -73.42 39.04
CA THR R 88 -37.99 -74.70 39.49
C THR R 88 -39.49 -74.80 39.17
N LYS R 89 -40.29 -73.83 39.62
CA LYS R 89 -41.76 -73.84 39.43
C LYS R 89 -42.17 -73.73 37.96
N TYR R 90 -41.37 -73.06 37.13
CA TYR R 90 -41.58 -73.00 35.68
C TYR R 90 -41.37 -74.37 35.00
N THR R 91 -40.35 -75.12 35.42
CA THR R 91 -39.95 -76.38 34.77
C THR R 91 -40.66 -77.62 35.33
N SER R 92 -41.28 -77.54 36.52
CA SER R 92 -42.12 -78.60 37.13
C SER R 92 -43.53 -78.66 36.53
PG ATP S . 41.64 4.72 -24.62
O1G ATP S . 40.90 3.51 -25.04
O2G ATP S . 40.71 5.63 -23.92
O3G ATP S . 42.21 5.42 -25.81
PB ATP S . 44.04 3.60 -24.10
O1B ATP S . 43.87 2.81 -25.34
O2B ATP S . 45.15 4.60 -24.26
O3B ATP S . 42.75 4.32 -23.60
PA ATP S . 45.56 2.38 -22.25
O1A ATP S . 45.95 3.53 -21.38
O2A ATP S . 46.57 2.05 -23.29
O3A ATP S . 44.16 2.64 -22.87
O5' ATP S . 45.17 1.09 -21.36
C5' ATP S . 45.09 -0.21 -21.95
C4' ATP S . 46.29 -1.09 -21.55
O4' ATP S . 47.51 -0.36 -21.66
C3' ATP S . 46.21 -1.53 -20.08
O3' ATP S . 46.05 -2.95 -20.01
C2' ATP S . 47.56 -1.14 -19.48
O2' ATP S . 48.09 -2.22 -18.70
C1' ATP S . 48.44 -0.83 -20.69
N9 ATP S . 49.40 0.22 -20.47
C8 ATP S . 49.40 1.44 -21.13
N7 ATP S . 50.54 2.12 -20.97
C5 ATP S . 51.24 1.29 -20.17
C6 ATP S . 52.54 1.45 -19.72
N6 ATP S . 53.30 2.48 -20.10
N1 ATP S . 53.15 0.55 -18.97
C2 ATP S . 52.40 -0.52 -18.68
N3 ATP S . 51.15 -0.77 -19.07
C4 ATP S . 50.60 0.16 -19.84
PB ADP T . -5.10 -7.79 -46.30
O1B ADP T . -5.11 -6.66 -45.35
O2B ADP T . -4.26 -7.33 -47.43
O3B ADP T . -4.38 -8.97 -45.77
PA ADP T . -7.80 -8.41 -45.90
O1A ADP T . -7.65 -9.47 -44.87
O2A ADP T . -8.40 -7.17 -45.35
O3A ADP T . -6.54 -8.19 -46.83
O5' ADP T . -8.83 -8.91 -47.04
C5' ADP T . -9.52 -7.96 -47.88
C4' ADP T . -11.08 -7.98 -47.68
O4' ADP T . -11.65 -9.13 -48.35
C3' ADP T . -11.64 -8.08 -46.24
O3' ADP T . -12.99 -7.60 -46.21
C2' ADP T . -11.63 -9.59 -46.02
O2' ADP T . -12.47 -10.04 -44.95
C1' ADP T . -12.04 -10.14 -47.40
N9 ADP T . -11.38 -11.38 -47.72
C8 ADP T . -10.13 -11.55 -48.30
N7 ADP T . -9.80 -12.85 -48.44
C5 ADP T . -10.91 -13.47 -47.95
C6 ADP T . -11.17 -14.81 -47.85
N6 ADP T . -10.31 -15.76 -48.26
N1 ADP T . -12.31 -15.29 -47.38
C2 ADP T . -13.16 -14.35 -46.95
N3 ADP T . -13.00 -13.03 -46.98
C4 ADP T . -11.85 -12.62 -47.50
PB ADP U . 10.85 44.91 -40.01
O1B ADP U . 10.03 44.03 -39.15
O2B ADP U . 10.15 45.32 -41.26
O3B ADP U . 12.00 44.08 -40.48
PA ADP U . 10.52 47.12 -38.40
O1A ADP U . 10.74 46.97 -36.94
O2A ADP U . 9.07 47.09 -38.72
O3A ADP U . 11.42 46.16 -39.26
O5' ADP U . 11.21 48.50 -38.87
C5' ADP U . 12.60 48.75 -38.59
C4' ADP U . 12.84 50.09 -37.84
O4' ADP U . 12.41 51.21 -38.66
C3' ADP U . 12.10 50.24 -36.51
O3' ADP U . 12.87 51.08 -35.64
C2' ADP U . 10.82 50.96 -36.93
O2' ADP U . 10.20 51.66 -35.86
C1' ADP U . 11.30 51.89 -38.05
N9 ADP U . 10.29 52.11 -39.05
C8 ADP U . 9.90 51.21 -40.04
N7 ADP U . 8.92 51.69 -40.82
C5 ADP U . 8.77 52.94 -40.32
C6 ADP U . 7.95 53.95 -40.80
N6 ADP U . 7.22 53.81 -41.90
N1 ADP U . 7.94 55.16 -40.27
C2 ADP U . 8.75 55.33 -39.22
N3 ADP U . 9.59 54.42 -38.69
C4 ADP U . 9.56 53.23 -39.28
PB ADP V . 22.17 -17.28 -33.94
O1B ADP V . 23.23 -16.80 -34.88
O2B ADP V . 20.87 -16.87 -34.50
O3B ADP V . 22.37 -16.64 -32.61
PA ADP V . 21.82 -19.69 -32.67
O1A ADP V . 22.83 -19.72 -31.57
O2A ADP V . 20.45 -19.40 -32.20
O3A ADP V . 22.28 -18.84 -33.92
O5' ADP V . 21.83 -21.11 -33.42
C5' ADP V . 20.67 -21.58 -34.14
C4' ADP V . 19.77 -22.55 -33.31
O4' ADP V . 20.16 -23.91 -33.58
C3' ADP V . 19.84 -22.41 -31.80
O3' ADP V . 18.99 -21.38 -31.34
C2' ADP V . 19.47 -23.80 -31.33
O2' ADP V . 18.07 -24.01 -31.45
C1' ADP V . 20.22 -24.65 -32.35
N9 ADP V . 21.63 -24.86 -32.03
C8 ADP V . 22.71 -24.16 -32.56
N7 ADP V . 23.89 -24.68 -32.19
C5 ADP V . 23.50 -25.78 -31.49
C6 ADP V . 24.29 -26.76 -30.93
N6 ADP V . 25.62 -26.72 -30.93
N1 ADP V . 23.79 -27.83 -30.34
C2 ADP V . 22.45 -27.86 -30.29
N3 ADP V . 21.60 -26.96 -30.79
C4 ADP V . 22.17 -25.92 -31.39
PB ADP W . -11.00 23.43 -50.52
O1B ADP W . -11.20 22.73 -49.23
O2B ADP W . -11.34 22.49 -51.62
O3B ADP W . -9.55 23.72 -50.70
PA ADP W . -12.80 25.36 -49.64
O1A ADP W . -13.77 24.46 -48.97
O2A ADP W . -12.05 26.22 -48.69
O3A ADP W . -11.88 24.71 -50.74
O5' ADP W . -13.64 26.29 -50.65
C5' ADP W . -13.11 27.55 -51.09
C4' ADP W . -14.02 28.73 -50.65
O4' ADP W . -15.17 28.79 -51.51
C3' ADP W . -14.59 28.65 -49.22
O3' ADP W . -14.84 29.97 -48.73
C2' ADP W . -15.92 27.90 -49.44
O2' ADP W . -16.87 28.23 -48.43
C1' ADP W . -16.36 28.31 -50.85
N9 ADP W . -16.92 27.23 -51.66
C8 ADP W . -16.24 26.28 -52.40
N7 ADP W . -17.06 25.48 -53.11
C5 ADP W . -18.28 25.99 -52.81
C6 ADP W . -19.53 25.61 -53.26
N6 ADP W . -19.73 24.60 -54.11
N1 ADP W . -20.64 26.24 -52.94
C2 ADP W . -20.48 27.28 -52.13
N3 ADP W . -19.32 27.73 -51.61
C4 ADP W . -18.23 27.04 -51.97
PB ADP X . 38.72 34.56 -27.94
O1B ADP X . 37.56 33.98 -27.24
O2B ADP X . 39.03 33.59 -29.01
O3B ADP X . 38.39 35.82 -28.64
PA ADP X . 39.88 35.24 -25.56
O1A ADP X . 39.59 34.18 -24.57
O2A ADP X . 39.01 36.42 -25.37
O3A ADP X . 39.99 34.73 -27.04
O5' ADP X . 41.42 35.68 -25.38
C5' ADP X . 42.49 34.71 -25.38
C4' ADP X . 43.43 34.84 -24.15
O4' ADP X . 44.15 36.10 -24.19
C3' ADP X . 42.73 34.82 -22.79
O3' ADP X . 43.62 34.30 -21.79
C2' ADP X . 42.48 36.30 -22.53
O2' ADP X . 42.27 36.58 -21.15
C1' ADP X . 43.72 36.99 -23.14
N9 ADP X . 43.45 38.28 -23.74
C8 ADP X . 42.94 38.49 -25.01
N7 ADP X . 42.97 39.77 -25.39
C5 ADP X . 43.61 40.36 -24.35
C6 ADP X . 44.02 41.68 -24.20
N6 ADP X . 43.75 42.62 -25.13
N1 ADP X . 44.73 42.11 -23.19
C2 ADP X . 45.02 41.16 -22.28
N3 ADP X . 44.63 39.88 -22.29
C4 ADP X . 43.92 39.50 -23.36
PB ADP Y . -69.20 -18.34 -6.65
O1B ADP Y . -68.10 -19.22 -6.22
O2B ADP Y . -70.08 -19.11 -7.57
O3B ADP Y . -68.62 -17.24 -7.45
PA ADP Y . -69.86 -16.42 -4.74
O1A ADP Y . -70.57 -16.33 -3.44
O2A ADP Y . -68.45 -16.00 -4.50
O3A ADP Y . -70.03 -17.84 -5.40
O5' ADP Y . -70.60 -15.50 -5.82
C5' ADP Y . -70.37 -14.09 -5.77
C4' ADP Y . -71.56 -13.36 -6.42
O4' ADP Y . -72.77 -13.64 -5.69
C3' ADP Y . -71.41 -11.82 -6.33
O3' ADP Y . -71.07 -11.25 -7.59
C2' ADP Y . -72.79 -11.33 -5.87
O2' ADP Y . -73.27 -10.21 -6.64
C1' ADP Y . -73.69 -12.58 -5.98
N9 ADP Y . -74.79 -12.62 -5.01
C8 ADP Y . -74.98 -13.55 -3.98
N7 ADP Y . -75.88 -13.13 -3.07
C5 ADP Y . -76.26 -11.92 -3.58
C6 ADP Y . -77.13 -10.98 -3.06
N6 ADP Y . -77.75 -11.13 -1.87
N1 ADP Y . -77.42 -9.85 -3.66
C2 ADP Y . -76.79 -9.66 -4.84
N3 ADP Y . -75.90 -10.48 -5.42
C4 ADP Y . -75.66 -11.61 -4.75
ZN ZN Z . 17.26 62.10 19.16
PB ADP AA . 32.95 -14.92 63.66
O1B ADP AA . 31.81 -15.83 63.38
O2B ADP AA . 32.91 -14.59 65.11
O3B ADP AA . 32.67 -13.65 62.94
PA ADP AA . 34.68 -16.43 62.04
O1A ADP AA . 33.98 -17.74 61.96
O2A ADP AA . 36.13 -16.76 61.98
O3A ADP AA . 34.36 -15.51 63.28
O5' ADP AA . 34.37 -15.43 60.81
C5' ADP AA . 33.09 -15.36 60.18
C4' ADP AA . 32.85 -16.60 59.28
O4' ADP AA . 34.07 -17.29 58.94
C3' ADP AA . 31.90 -17.70 59.87
O3' ADP AA . 30.55 -17.50 59.43
C2' ADP AA . 32.55 -18.99 59.33
O2' ADP AA . 31.67 -19.91 58.70
C1' ADP AA . 33.58 -18.47 58.33
N9 ADP AA . 34.62 -19.41 57.97
C8 ADP AA . 36.01 -19.30 58.12
N7 ADP AA . 36.67 -20.18 57.33
C5 ADP AA . 35.66 -20.85 56.71
C6 ADP AA . 35.70 -21.82 55.72
N6 ADP AA . 36.86 -22.28 55.18
N1 ADP AA . 34.62 -22.30 55.14
C2 ADP AA . 33.46 -21.84 55.62
N3 ADP AA . 33.29 -20.89 56.56
C4 ADP AA . 34.43 -20.42 57.08
#